data_9CM9
#
_entry.id   9CM9
#
_cell.length_a   1.00
_cell.length_b   1.00
_cell.length_c   1.00
_cell.angle_alpha   90.00
_cell.angle_beta   90.00
_cell.angle_gamma   90.00
#
_symmetry.space_group_name_H-M   'P 1'
#
loop_
_entity.id
_entity.type
_entity.pdbx_description
1 polymer 'Hexon protein'
2 polymer 'Coagulation factor X'
3 non-polymer 'CALCIUM ION'
#
loop_
_entity_poly.entity_id
_entity_poly.type
_entity_poly.pdbx_seq_one_letter_code
_entity_poly.pdbx_strand_id
1 'polypeptide(L)'
;MATPSMMPQWSYMHISGQDASEYLSPGLVQFARATETYFSLNNKFRNPTVAPTHDVTTDRSQRLTLRFIPVDREDTAYSY
KARFTLAVGDNRVLDMASTYFDIRGVLDRGPTFKPYSGTAYNALAPKGAPNSCEWDEDDTQVQVAAEDDQDDDEEEEQLP
QQRNGKKTHVYAQAPFAGEAINKNGLQIGTNGAATEGNKEIYADKTYQPEPQIGESQWNEAESSVAGGRVLKKTTPMKPC
YGSYARPTNSNGGQGVMVEQNGKLESQVEMQFFSTSVNAMNEANAIQPKLLLYSEDVNMETPDTHLSYKPGKSDDNSKAM
LGQQSMPNRPNYIAFRDNFIGLMYYNSTGNMGVLAGQASQLNAVVDLQDRNTELSYQLLLDSIGDRTRYFSMWNQAVDSY
DPDVRIIENHGTEDELPNYCFPLGGIGVTDTYQAIKATNGNGGATTWAQDNTFAERNEIGVGNNFAMEINLNANLWRNFL
YSNIALYLPDKLKYNPTNVEISDNPNTYDYMNKRVVAPGLVDCYINLGARWSLDYMDNVNPFNHHRNAGLRYRSMLLGNG
RYVPFHIQVPQKFFAIKNLLLLPGSYTYEWNFRKDVNMVLQSSLGNDLRVDGASIKFDSICLYATFFPMAHNTASTLEAM
LRNDTNDQSFNDYLSAANMLYPIPANATNVPISIPSRNWAAFRGWAFTRLKTKETPSLGSGYDPYYTYSGSIPYLDGTFY
LNHTFKKVAITFDSSVSWPGNDRLLTPNEFEIKRSVDGEGYNVAQCNMTKDWFLVQMLANYNIGYQGFYIPESYKDRMYS
FFRNFQPMSRQVVDDTKYKDYQQVGIIHQHNNSGFVGYLAPTMREGQAYPANVPYPLIGKTAVDSITQKKFLCDRTLWRI
PFSSNFMSMGALTDLGQNLLYANSAHALDMTFEVDPMDEPTLLYVLFEVFDVVRVHQPHRGVIETVYLRTPFSAGNATT
;
J,K,L
2 'polypeptide(L)'
;MGRPLHLVLLSASLAGLLLLGESLFIRREQANNILARVTRANSFL(CGU)(CGU)MKKGHL(CGU)R(CGU)CM(CGU)
(CGU)TCSY(CGU)(CGU)AR(CGU)VF(CGU)DSDKTN(CGU)FWNKYKDGDQCETSPCQNQGKCKDGLGEYTCTCLEG
FEGKNCELFTRKLCSLDNGDCDQFCHEEQNSVVCSCARGYTLADNGKACIPTGPYPCGKQTLERRKRSVAQATSSSGEAP
DSITWKPYDAADLDPTENPFDLLDFNQTQPERGDNNLTRIVGGQECKDGECPWQALLINEENEGFCGGTILSEFYILTAA
HCLYQAKRFKVRVGDRNTEQEEGGEAVHEVEVVIKHNRFTKETYDFDIAVLRLKTPITFRMNVAPACLPERDWAESTLMT
QKTGIVSGFGRTHEKGRQSTRLKMLEVPYVDRNSCKLSSSFIITQNMFCAGYDTKQEDACQGDSGGPHVTRFKDTYFVTG
IVSWGEGCARKGKYGIYTKVTAFLKWIDRSMKTRGLPKAKSHAPEVITSSPLK
;
Z
#
loop_
_chem_comp.id
_chem_comp.type
_chem_comp.name
_chem_comp.formula
CA non-polymer 'CALCIUM ION' 'Ca 2'
#
# COMPACT_ATOMS: atom_id res chain seq x y z
N MET A 6 -17.40 -52.21 46.44
CA MET A 6 -18.76 -52.38 45.95
C MET A 6 -18.77 -52.54 44.43
N MET A 7 -18.26 -53.68 43.97
CA MET A 7 -18.28 -53.96 42.54
C MET A 7 -19.67 -53.97 41.92
N PRO A 8 -20.71 -54.59 42.51
CA PRO A 8 -21.98 -54.74 41.76
C PRO A 8 -22.54 -53.45 41.21
N GLN A 9 -22.52 -52.36 41.99
CA GLN A 9 -22.90 -51.06 41.45
C GLN A 9 -22.03 -50.72 40.26
N TRP A 10 -20.71 -50.85 40.41
CA TRP A 10 -19.80 -50.42 39.36
C TRP A 10 -19.81 -51.33 38.16
N SER A 11 -20.55 -52.43 38.22
CA SER A 11 -20.78 -53.20 37.01
C SER A 11 -22.14 -52.87 36.39
N TYR A 12 -23.13 -52.57 37.24
CA TYR A 12 -24.45 -52.26 36.69
C TYR A 12 -24.44 -50.95 35.90
N MET A 13 -23.51 -50.04 36.20
CA MET A 13 -23.38 -48.80 35.46
C MET A 13 -22.22 -48.81 34.47
N HIS A 14 -21.63 -49.97 34.22
CA HIS A 14 -20.50 -50.09 33.29
C HIS A 14 -19.36 -49.15 33.66
N ILE A 15 -19.18 -48.87 34.95
CA ILE A 15 -18.00 -48.12 35.36
C ILE A 15 -16.75 -48.96 35.25
N SER A 16 -16.86 -50.27 35.49
CA SER A 16 -15.72 -51.18 35.35
C SER A 16 -16.23 -52.59 35.17
N GLY A 17 -15.71 -53.28 34.16
CA GLY A 17 -16.13 -54.63 33.90
C GLY A 17 -16.03 -55.02 32.43
N GLN A 18 -17.07 -55.67 31.92
CA GLN A 18 -17.05 -56.10 30.54
C GLN A 18 -17.07 -54.90 29.60
N ASP A 19 -16.57 -55.12 28.40
CA ASP A 19 -16.53 -54.08 27.37
C ASP A 19 -17.88 -53.98 26.69
N ALA A 20 -17.92 -53.25 25.57
CA ALA A 20 -19.18 -53.10 24.85
C ALA A 20 -19.52 -54.38 24.09
N SER A 21 -18.56 -54.98 23.43
CA SER A 21 -18.86 -56.09 22.53
C SER A 21 -19.06 -57.40 23.25
N GLU A 22 -19.26 -57.38 24.57
CA GLU A 22 -19.55 -58.58 25.32
C GLU A 22 -20.95 -58.57 25.91
N TYR A 23 -21.30 -57.57 26.72
CA TYR A 23 -22.56 -57.63 27.45
C TYR A 23 -23.77 -57.56 26.54
N LEU A 24 -23.60 -57.16 25.28
CA LEU A 24 -24.74 -57.06 24.39
C LEU A 24 -25.06 -58.41 23.78
N SER A 25 -26.33 -58.61 23.46
CA SER A 25 -26.71 -59.81 22.76
C SER A 25 -26.02 -59.87 21.41
N PRO A 26 -25.58 -61.05 20.96
CA PRO A 26 -24.78 -61.10 19.73
C PRO A 26 -25.50 -60.56 18.52
N GLY A 27 -26.82 -60.74 18.44
CA GLY A 27 -27.54 -60.26 17.28
C GLY A 27 -27.40 -58.76 17.09
N LEU A 28 -27.50 -58.02 18.18
CA LEU A 28 -27.38 -56.57 18.07
C LEU A 28 -25.99 -56.16 17.63
N VAL A 29 -24.95 -56.85 18.10
CA VAL A 29 -23.60 -56.48 17.69
C VAL A 29 -23.40 -56.79 16.21
N GLN A 30 -23.95 -57.88 15.72
CA GLN A 30 -23.86 -58.13 14.29
C GLN A 30 -24.60 -57.05 13.50
N PHE A 31 -25.78 -56.67 13.99
CA PHE A 31 -26.53 -55.57 13.41
C PHE A 31 -25.66 -54.32 13.31
N ALA A 32 -25.01 -53.96 14.41
CA ALA A 32 -24.19 -52.75 14.43
C ALA A 32 -23.04 -52.86 13.45
N ARG A 33 -22.32 -53.97 13.47
CA ARG A 33 -21.22 -54.13 12.53
C ARG A 33 -21.71 -54.15 11.08
N ALA A 34 -23.00 -54.35 10.86
CA ALA A 34 -23.51 -54.41 9.50
C ALA A 34 -23.80 -53.04 8.90
N THR A 35 -24.60 -52.23 9.60
CA THR A 35 -25.12 -50.97 9.07
C THR A 35 -24.32 -49.78 9.53
N GLU A 36 -23.00 -49.91 9.61
CA GLU A 36 -22.19 -48.85 10.18
C GLU A 36 -22.27 -47.56 9.38
N THR A 37 -22.17 -47.65 8.05
CA THR A 37 -21.98 -46.45 7.24
C THR A 37 -23.17 -45.50 7.35
N TYR A 38 -24.38 -46.02 7.24
CA TYR A 38 -25.56 -45.20 7.08
C TYR A 38 -26.46 -45.21 8.31
N PHE A 39 -25.89 -45.50 9.47
CA PHE A 39 -26.63 -45.36 10.72
C PHE A 39 -25.67 -45.48 11.88
N SER A 40 -25.80 -44.61 12.86
CA SER A 40 -24.89 -44.56 13.98
C SER A 40 -25.47 -45.36 15.13
N LEU A 41 -24.63 -46.18 15.76
CA LEU A 41 -24.98 -46.77 17.03
C LEU A 41 -23.81 -46.86 17.99
N ASN A 42 -22.65 -46.34 17.64
CA ASN A 42 -21.42 -46.63 18.36
C ASN A 42 -21.15 -45.68 19.51
N ASN A 43 -22.04 -44.73 19.80
CA ASN A 43 -21.82 -43.80 20.90
C ASN A 43 -22.97 -43.82 21.89
N LYS A 44 -23.81 -44.84 21.88
CA LYS A 44 -24.89 -44.96 22.84
C LYS A 44 -24.55 -45.88 24.00
N PHE A 45 -23.36 -46.47 24.03
CA PHE A 45 -22.96 -47.34 25.13
C PHE A 45 -21.52 -47.07 25.49
N ARG A 46 -21.23 -46.94 26.78
CA ARG A 46 -19.89 -46.61 27.23
C ARG A 46 -19.21 -47.86 27.78
N ASN A 47 -18.02 -48.16 27.25
CA ASN A 47 -17.25 -49.33 27.65
C ASN A 47 -16.03 -48.89 28.42
N PRO A 48 -15.93 -49.21 29.70
CA PRO A 48 -15.01 -48.50 30.58
C PRO A 48 -13.58 -48.97 30.41
N THR A 49 -12.69 -48.31 31.12
CA THR A 49 -11.28 -48.66 31.20
C THR A 49 -10.82 -48.54 32.64
N VAL A 50 -9.79 -49.32 32.98
CA VAL A 50 -9.27 -49.37 34.33
C VAL A 50 -7.75 -49.42 34.25
N ALA A 51 -7.09 -48.69 35.13
CA ALA A 51 -5.64 -48.67 35.16
C ALA A 51 -5.10 -49.86 35.95
N PRO A 52 -3.84 -50.24 35.72
CA PRO A 52 -3.25 -51.34 36.48
C PRO A 52 -3.06 -50.95 37.93
N THR A 53 -3.73 -51.67 38.83
CA THR A 53 -3.77 -51.25 40.23
C THR A 53 -2.40 -51.30 40.88
N HIS A 54 -1.62 -52.34 40.60
CA HIS A 54 -0.37 -52.53 41.33
C HIS A 54 0.74 -52.95 40.38
N ASP A 55 1.95 -52.99 40.92
CA ASP A 55 3.16 -53.47 40.25
C ASP A 55 3.67 -52.51 39.20
N VAL A 56 3.42 -51.20 39.38
CA VAL A 56 4.08 -50.20 38.57
C VAL A 56 4.76 -49.18 39.47
N THR A 57 3.98 -48.50 40.29
CA THR A 57 4.50 -47.46 41.16
C THR A 57 4.99 -48.06 42.47
N THR A 58 6.03 -47.48 43.02
CA THR A 58 6.55 -47.95 44.29
C THR A 58 5.71 -47.38 45.42
N ASP A 59 6.16 -47.61 46.64
CA ASP A 59 5.50 -47.07 47.82
C ASP A 59 6.47 -46.47 48.82
N ARG A 60 7.76 -46.73 48.71
CA ARG A 60 8.72 -46.13 49.62
C ARG A 60 9.29 -44.87 49.02
N SER A 61 9.63 -43.92 49.88
CA SER A 61 9.91 -42.55 49.46
C SER A 61 11.10 -42.51 48.51
N GLN A 62 10.86 -42.01 47.30
CA GLN A 62 11.91 -41.88 46.29
C GLN A 62 11.62 -40.65 45.45
N ARG A 63 12.67 -39.93 45.09
CA ARG A 63 12.52 -38.64 44.41
C ARG A 63 12.35 -38.80 42.91
N LEU A 64 11.65 -37.83 42.32
CA LEU A 64 11.39 -37.80 40.88
C LEU A 64 12.49 -37.07 40.11
N THR A 65 12.92 -35.91 40.59
CA THR A 65 13.90 -35.09 39.91
C THR A 65 15.18 -35.04 40.73
N LEU A 66 16.33 -35.14 40.07
CA LEU A 66 17.59 -35.07 40.77
C LEU A 66 18.49 -34.03 40.14
N ARG A 67 19.19 -33.29 41.00
CA ARG A 67 20.08 -32.21 40.61
C ARG A 67 21.47 -32.52 41.11
N PHE A 68 22.45 -32.47 40.23
CA PHE A 68 23.81 -32.85 40.55
C PHE A 68 24.75 -31.67 40.35
N ILE A 69 25.58 -31.43 41.37
CA ILE A 69 26.55 -30.35 41.41
C ILE A 69 27.82 -30.82 40.70
N PRO A 70 28.59 -29.94 40.08
CA PRO A 70 29.91 -30.34 39.63
C PRO A 70 30.81 -30.60 40.82
N VAL A 71 31.79 -31.48 40.61
CA VAL A 71 32.85 -31.69 41.57
C VAL A 71 34.15 -31.06 41.14
N ASP A 72 34.25 -30.63 39.88
CA ASP A 72 35.45 -29.93 39.43
C ASP A 72 35.10 -29.03 38.26
N ARG A 73 35.54 -27.79 38.35
CA ARG A 73 35.43 -26.79 37.29
C ARG A 73 36.80 -26.22 37.01
N GLU A 74 37.21 -26.20 35.75
CA GLU A 74 38.45 -25.52 35.37
C GLU A 74 38.15 -24.54 34.25
N ASP A 75 38.89 -23.43 34.23
CA ASP A 75 38.60 -22.30 33.37
C ASP A 75 39.80 -21.95 32.51
N THR A 76 39.55 -21.67 31.23
CA THR A 76 40.53 -21.09 30.32
C THR A 76 39.83 -20.09 29.43
N ALA A 77 40.60 -19.11 28.95
CA ALA A 77 40.04 -17.94 28.29
C ALA A 77 39.10 -18.29 27.14
N TYR A 78 39.09 -19.51 26.66
CA TYR A 78 38.27 -19.86 25.52
C TYR A 78 37.45 -21.12 25.71
N SER A 79 37.53 -21.77 26.88
CA SER A 79 36.72 -22.93 27.17
C SER A 79 36.90 -23.29 28.63
N TYR A 80 35.88 -23.91 29.20
CA TYR A 80 35.98 -24.38 30.57
C TYR A 80 35.44 -25.80 30.66
N LYS A 81 36.06 -26.60 31.53
CA LYS A 81 35.82 -28.02 31.61
C LYS A 81 35.12 -28.34 32.93
N ALA A 82 33.99 -29.05 32.85
CA ALA A 82 33.18 -29.36 34.00
C ALA A 82 33.01 -30.86 34.12
N ARG A 83 33.20 -31.39 35.34
CA ARG A 83 33.09 -32.82 35.58
C ARG A 83 31.91 -33.11 36.50
N PHE A 84 31.34 -34.30 36.37
CA PHE A 84 30.27 -34.73 37.24
C PHE A 84 30.44 -36.20 37.56
N THR A 85 30.01 -36.58 38.75
CA THR A 85 29.93 -37.98 39.16
C THR A 85 28.45 -38.32 39.29
N LEU A 86 27.88 -38.76 38.18
CA LEU A 86 26.50 -39.20 38.18
C LEU A 86 26.37 -40.51 38.93
N ALA A 87 25.28 -40.67 39.67
CA ALA A 87 25.08 -41.87 40.47
C ALA A 87 23.65 -42.35 40.30
N VAL A 88 23.49 -43.55 39.77
CA VAL A 88 22.19 -44.20 39.71
C VAL A 88 22.24 -45.40 40.65
N GLY A 89 21.38 -45.40 41.65
CA GLY A 89 21.35 -46.49 42.58
C GLY A 89 20.69 -47.72 42.01
N ASP A 90 20.61 -48.76 42.84
CA ASP A 90 19.95 -49.97 42.42
C ASP A 90 18.45 -49.74 42.33
N ASN A 91 17.77 -50.66 41.66
CA ASN A 91 16.32 -50.64 41.52
C ASN A 91 15.83 -49.35 40.86
N ARG A 92 16.57 -48.88 39.88
CA ARG A 92 16.16 -47.71 39.11
C ARG A 92 16.62 -47.88 37.67
N VAL A 93 15.94 -47.19 36.77
CA VAL A 93 16.39 -47.10 35.39
C VAL A 93 16.28 -45.66 34.95
N LEU A 94 17.39 -45.08 34.51
CA LEU A 94 17.41 -43.71 34.03
C LEU A 94 17.53 -43.73 32.52
N ASP A 95 16.60 -43.05 31.85
CA ASP A 95 16.68 -42.87 30.42
C ASP A 95 17.36 -41.54 30.17
N MET A 96 18.34 -41.53 29.27
CA MET A 96 19.17 -40.36 29.10
C MET A 96 18.46 -39.21 28.42
N ALA A 97 17.26 -39.43 27.87
CA ALA A 97 16.58 -38.35 27.16
C ALA A 97 16.23 -37.20 28.09
N SER A 98 16.24 -37.41 29.40
CA SER A 98 15.83 -36.39 30.35
C SER A 98 16.99 -35.82 31.13
N THR A 99 18.16 -35.65 30.51
CA THR A 99 19.29 -35.00 31.17
C THR A 99 19.79 -33.87 30.28
N TYR A 100 19.80 -32.67 30.84
CA TYR A 100 20.24 -31.48 30.15
C TYR A 100 21.07 -30.65 31.11
N PHE A 101 21.90 -29.79 30.57
CA PHE A 101 22.63 -28.90 31.45
C PHE A 101 21.80 -27.63 31.69
N ASP A 102 22.22 -26.85 32.67
CA ASP A 102 21.42 -25.69 33.09
C ASP A 102 22.37 -24.60 33.55
N ILE A 103 22.56 -23.57 32.72
CA ILE A 103 23.65 -22.61 32.90
C ILE A 103 23.09 -21.23 33.19
N ARG A 104 23.89 -20.42 33.89
CA ARG A 104 23.54 -19.05 34.21
C ARG A 104 24.74 -18.14 34.07
N GLY A 105 24.50 -16.95 33.51
CA GLY A 105 25.59 -16.03 33.29
C GLY A 105 25.09 -14.64 32.98
N VAL A 106 26.03 -13.79 32.57
CA VAL A 106 25.74 -12.39 32.24
C VAL A 106 26.24 -12.12 30.83
N LEU A 107 25.39 -11.48 30.02
CA LEU A 107 25.64 -11.28 28.61
C LEU A 107 25.58 -9.80 28.28
N ASP A 108 26.50 -9.35 27.43
CA ASP A 108 26.58 -7.96 26.99
C ASP A 108 26.77 -7.94 25.49
N ARG A 109 25.79 -7.39 24.77
CA ARG A 109 25.75 -7.43 23.32
C ARG A 109 26.47 -6.26 22.67
N GLY A 110 27.43 -5.64 23.35
CA GLY A 110 28.19 -4.57 22.77
C GLY A 110 27.38 -3.29 22.64
N PRO A 111 27.94 -2.30 21.94
CA PRO A 111 27.19 -1.07 21.67
C PRO A 111 26.43 -1.08 20.36
N THR A 112 26.68 -2.05 19.49
CA THR A 112 25.99 -2.10 18.20
C THR A 112 24.77 -3.00 18.26
N PHE A 113 23.91 -2.79 19.23
CA PHE A 113 22.69 -3.57 19.37
C PHE A 113 21.51 -2.62 19.23
N LYS A 114 20.68 -2.86 18.23
CA LYS A 114 19.56 -1.96 18.00
C LYS A 114 18.42 -2.74 17.39
N PRO A 115 17.35 -3.00 18.14
CA PRO A 115 16.29 -3.91 17.68
C PRO A 115 15.11 -3.25 16.99
N TYR A 116 15.14 -1.97 16.66
CA TYR A 116 14.00 -1.34 16.03
C TYR A 116 14.41 -0.56 14.80
N SER A 117 13.49 -0.48 13.85
CA SER A 117 13.70 0.34 12.66
C SER A 117 13.15 1.73 12.89
N GLY A 118 13.89 2.73 12.46
CA GLY A 118 13.56 4.07 12.83
C GLY A 118 14.03 4.36 14.24
N THR A 119 13.48 5.43 14.83
CA THR A 119 13.88 5.83 16.16
C THR A 119 12.66 6.09 17.00
N ALA A 120 12.90 6.53 18.24
CA ALA A 120 11.84 6.81 19.20
C ALA A 120 11.85 8.25 19.69
N TYR A 121 12.74 9.08 19.19
CA TYR A 121 12.90 10.43 19.69
C TYR A 121 12.40 11.40 18.64
N ASN A 122 11.26 12.03 18.91
CA ASN A 122 10.65 12.97 17.97
C ASN A 122 10.56 12.35 16.57
N ALA A 123 9.80 11.27 16.48
CA ALA A 123 9.72 10.56 15.22
C ALA A 123 8.91 11.33 14.18
N LEU A 124 7.92 12.10 14.60
CA LEU A 124 7.08 12.82 13.66
C LEU A 124 7.74 14.04 13.06
N ALA A 125 8.69 14.64 13.77
CA ALA A 125 9.19 15.95 13.39
C ALA A 125 9.80 15.89 11.99
N PRO A 126 9.60 16.92 11.17
CA PRO A 126 10.17 16.91 9.83
C PRO A 126 11.68 16.83 9.91
N LYS A 127 12.27 16.09 8.98
CA LYS A 127 13.68 15.74 9.10
C LYS A 127 14.57 16.96 9.03
N GLY A 128 14.28 17.89 8.13
CA GLY A 128 15.17 19.04 7.95
C GLY A 128 15.20 19.96 9.15
N ALA A 129 14.06 20.15 9.80
CA ALA A 129 13.90 21.25 10.74
C ALA A 129 14.90 21.18 11.88
N PRO A 130 15.50 22.29 12.26
CA PRO A 130 16.26 22.33 13.51
C PRO A 130 15.37 22.82 14.64
N ASN A 131 15.84 22.61 15.85
CA ASN A 131 15.16 23.16 17.02
C ASN A 131 15.69 24.55 17.30
N SER A 132 15.11 25.22 18.29
CA SER A 132 15.52 26.57 18.60
C SER A 132 17.01 26.63 18.90
N CYS A 133 17.70 27.60 18.33
CA CYS A 133 19.13 27.76 18.55
C CYS A 133 19.52 29.20 18.29
N GLU A 134 20.78 29.51 18.59
CA GLU A 134 21.30 30.84 18.31
C GLU A 134 22.80 30.74 18.15
N TRP A 135 23.32 31.25 17.05
CA TRP A 135 24.72 31.07 16.72
C TRP A 135 25.39 32.43 16.52
N ASP A 136 26.67 32.38 16.16
CA ASP A 136 27.48 33.58 16.05
C ASP A 136 27.92 33.83 14.63
N GLU A 137 28.11 35.11 14.31
CA GLU A 137 28.64 35.53 13.02
C GLU A 137 29.58 36.69 13.26
N ASP A 138 30.45 36.92 12.29
CA ASP A 138 31.38 38.04 12.34
C ASP A 138 30.86 39.14 11.43
N ASP A 139 30.59 40.30 12.02
CA ASP A 139 30.19 41.46 11.23
C ASP A 139 31.44 42.09 10.65
N THR A 140 31.52 42.15 9.32
CA THR A 140 32.67 42.77 8.67
C THR A 140 32.60 44.28 8.64
N GLN A 141 31.44 44.86 8.96
CA GLN A 141 31.29 46.31 9.00
C GLN A 141 31.89 46.93 10.26
N VAL A 142 32.40 46.12 11.19
CA VAL A 142 33.00 46.64 12.42
C VAL A 142 34.42 47.15 12.13
N ASN A 164 37.26 42.24 14.05
CA ASN A 164 35.83 42.53 14.04
C ASN A 164 35.14 41.94 15.25
N GLY A 165 33.95 42.47 15.57
CA GLY A 165 33.17 41.97 16.69
C GLY A 165 32.11 40.99 16.23
N LYS A 166 31.92 39.95 17.04
CA LYS A 166 30.93 38.93 16.71
C LYS A 166 29.56 39.31 17.25
N LYS A 167 28.53 38.92 16.51
CA LYS A 167 27.16 39.16 16.92
C LYS A 167 26.32 37.90 16.73
N THR A 168 25.28 37.80 17.53
CA THR A 168 24.46 36.60 17.64
C THR A 168 23.25 36.70 16.72
N HIS A 169 23.01 35.65 15.95
CA HIS A 169 21.76 35.47 15.24
C HIS A 169 20.94 34.42 15.98
N VAL A 170 19.62 34.57 15.96
CA VAL A 170 18.73 33.74 16.74
C VAL A 170 17.71 33.10 15.81
N TYR A 171 17.18 31.95 16.23
CA TYR A 171 16.11 31.29 15.50
C TYR A 171 15.34 30.47 16.51
N ALA A 172 14.04 30.73 16.65
CA ALA A 172 13.28 30.16 17.74
C ALA A 172 11.81 30.18 17.40
N GLN A 173 10.98 29.91 18.39
CA GLN A 173 9.54 29.91 18.24
C GLN A 173 8.93 29.95 19.63
N ALA A 174 8.13 30.98 19.92
CA ALA A 174 7.63 31.17 21.29
C ALA A 174 6.15 30.81 21.35
N PRO A 175 5.81 29.64 21.81
CA PRO A 175 4.41 29.21 21.76
C PRO A 175 3.52 29.73 22.88
N PHE A 176 4.04 29.84 24.09
CA PHE A 176 3.19 30.00 25.26
C PHE A 176 2.69 31.43 25.35
N ALA A 177 1.37 31.60 25.32
CA ALA A 177 0.77 32.92 25.34
C ALA A 177 0.48 33.31 26.77
N GLY A 178 1.28 34.21 27.32
CA GLY A 178 1.08 34.71 28.67
C GLY A 178 0.04 35.80 28.70
N GLU A 179 0.16 36.68 29.68
CA GLU A 179 -0.72 37.84 29.77
C GLU A 179 0.00 39.15 30.08
N ALA A 180 1.21 39.12 30.61
CA ALA A 180 1.92 40.35 30.92
C ALA A 180 3.41 40.06 31.02
N ILE A 181 4.22 41.08 30.82
CA ILE A 181 5.67 40.96 30.81
C ILE A 181 6.28 42.05 31.67
N ASN A 182 7.35 41.73 32.39
CA ASN A 182 8.19 42.77 32.98
C ASN A 182 9.54 42.14 33.31
N LYS A 183 10.40 42.93 33.96
CA LYS A 183 11.77 42.47 34.21
C LYS A 183 11.81 41.24 35.09
N ASN A 184 10.76 40.97 35.87
CA ASN A 184 10.69 39.71 36.59
C ASN A 184 10.57 38.54 35.63
N GLY A 185 9.64 38.62 34.69
CA GLY A 185 9.47 37.53 33.75
C GLY A 185 8.13 37.65 33.03
N LEU A 186 7.60 36.49 32.64
CA LEU A 186 6.35 36.38 31.90
C LEU A 186 5.27 35.96 32.88
N GLN A 187 4.45 36.91 33.31
CA GLN A 187 3.43 36.62 34.30
C GLN A 187 2.38 35.68 33.74
N ILE A 188 2.08 34.62 34.48
CA ILE A 188 1.07 33.65 34.06
C ILE A 188 0.00 33.41 35.10
N GLY A 189 0.23 33.69 36.36
CA GLY A 189 -0.76 33.45 37.39
C GLY A 189 -1.00 34.70 38.21
N THR A 190 -2.27 34.96 38.49
CA THR A 190 -2.69 36.13 39.25
C THR A 190 -3.39 35.64 40.51
N ASN A 191 -2.62 35.48 41.57
CA ASN A 191 -3.15 35.09 42.87
C ASN A 191 -3.52 36.36 43.63
N GLY A 192 -4.82 36.63 43.72
CA GLY A 192 -5.27 37.80 44.46
C GLY A 192 -5.21 37.65 45.97
N ALA A 193 -5.20 36.41 46.47
CA ALA A 193 -5.15 36.18 47.90
C ALA A 193 -3.81 36.56 48.51
N ALA A 194 -2.81 36.84 47.69
CA ALA A 194 -1.52 37.30 48.19
C ALA A 194 -1.67 38.65 48.86
N THR A 195 -0.82 38.89 49.87
CA THR A 195 -1.05 40.01 50.77
C THR A 195 -0.87 41.35 50.08
N GLU A 196 0.25 41.55 49.39
CA GLU A 196 0.72 42.88 49.01
C GLU A 196 0.20 43.24 47.63
N GLY A 197 -0.93 43.95 47.61
CA GLY A 197 -1.52 44.34 46.34
C GLY A 197 -1.90 43.14 45.51
N ASN A 198 -1.81 43.30 44.19
CA ASN A 198 -2.07 42.19 43.27
C ASN A 198 -0.79 41.48 42.88
N LYS A 199 -0.05 40.96 43.86
CA LYS A 199 1.18 40.25 43.55
C LYS A 199 0.87 39.00 42.74
N GLU A 200 1.61 38.82 41.66
CA GLU A 200 1.29 37.81 40.66
C GLU A 200 2.32 36.68 40.71
N ILE A 201 2.19 35.76 39.78
CA ILE A 201 3.04 34.57 39.71
C ILE A 201 3.85 34.64 38.43
N TYR A 202 5.18 34.59 38.57
CA TYR A 202 6.07 34.62 37.43
C TYR A 202 6.63 33.23 37.18
N ALA A 203 6.92 32.94 35.91
CA ALA A 203 7.25 31.59 35.50
C ALA A 203 8.45 31.06 36.29
N ASP A 204 8.32 29.84 36.79
CA ASP A 204 9.43 29.15 37.40
C ASP A 204 10.44 28.82 36.31
N LYS A 205 11.63 29.39 36.41
CA LYS A 205 12.56 29.35 35.29
C LYS A 205 13.23 28.00 35.11
N THR A 206 13.12 27.10 36.08
CA THR A 206 13.73 25.78 35.91
C THR A 206 12.96 24.94 34.92
N TYR A 207 11.63 24.92 35.02
CA TYR A 207 10.84 24.00 34.22
C TYR A 207 9.64 24.60 33.53
N GLN A 208 9.38 25.90 33.69
CA GLN A 208 8.27 26.51 33.00
C GLN A 208 8.77 27.55 32.02
N PRO A 209 8.07 27.78 30.89
CA PRO A 209 6.87 27.09 30.43
C PRO A 209 7.18 25.78 29.70
N GLU A 210 6.19 24.89 29.68
CA GLU A 210 6.40 23.56 29.12
C GLU A 210 6.46 23.63 27.60
N PRO A 211 7.44 23.06 26.98
CA PRO A 211 7.61 23.20 25.54
C PRO A 211 6.62 22.39 24.71
N GLN A 212 5.56 21.86 25.33
CA GLN A 212 4.48 21.27 24.54
C GLN A 212 3.15 21.98 24.71
N ILE A 213 2.99 22.84 25.71
CA ILE A 213 1.78 23.65 25.78
C ILE A 213 1.78 24.62 24.61
N GLY A 214 0.62 24.87 24.04
CA GLY A 214 0.51 25.75 22.89
C GLY A 214 -0.85 26.41 22.78
N GLU A 215 -1.23 26.74 21.55
CA GLU A 215 -2.50 27.41 21.31
C GLU A 215 -3.63 26.39 21.22
N SER A 216 -4.74 26.70 21.87
CA SER A 216 -5.81 25.72 22.01
C SER A 216 -6.50 25.47 20.67
N GLN A 217 -7.13 26.48 20.10
CA GLN A 217 -7.86 26.34 18.85
C GLN A 217 -7.16 27.15 17.77
N TRP A 218 -7.32 26.71 16.52
CA TRP A 218 -6.42 27.17 15.47
C TRP A 218 -6.54 28.68 15.26
N ASN A 219 -7.75 29.23 15.32
CA ASN A 219 -7.91 30.66 15.14
C ASN A 219 -7.95 31.41 16.47
N GLU A 220 -7.18 30.95 17.44
CA GLU A 220 -7.10 31.65 18.71
C GLU A 220 -6.63 33.07 18.48
N ALA A 221 -7.21 34.01 19.21
CA ALA A 221 -6.87 35.41 19.05
C ALA A 221 -5.42 35.67 19.40
N GLU A 222 -4.75 36.50 18.61
CA GLU A 222 -3.32 36.73 18.77
C GLU A 222 -3.04 37.43 20.09
N SER A 223 -2.33 36.74 20.98
CA SER A 223 -2.05 37.27 22.31
C SER A 223 -1.08 38.44 22.21
N SER A 224 -1.11 39.27 23.26
CA SER A 224 -0.21 40.42 23.30
C SER A 224 1.24 39.97 23.42
N VAL A 225 1.52 39.08 24.37
CA VAL A 225 2.88 38.71 24.72
C VAL A 225 3.00 37.20 24.72
N ALA A 226 4.23 36.72 24.58
CA ALA A 226 4.48 35.29 24.55
C ALA A 226 5.92 35.02 24.95
N GLY A 227 6.15 33.79 25.43
CA GLY A 227 7.48 33.40 25.86
C GLY A 227 7.75 31.94 25.54
N GLY A 228 9.02 31.63 25.35
CA GLY A 228 9.42 30.30 24.94
C GLY A 228 10.79 29.87 25.43
N ARG A 229 11.35 28.80 24.85
CA ARG A 229 12.65 28.28 25.26
C ARG A 229 13.59 28.16 24.07
N VAL A 230 14.90 28.25 24.35
CA VAL A 230 15.91 28.27 23.31
C VAL A 230 17.24 27.86 23.92
N LEU A 231 18.13 27.36 23.07
CA LEU A 231 19.39 26.84 23.56
C LEU A 231 20.63 27.70 23.37
N LYS A 232 21.27 28.13 24.44
CA LYS A 232 22.39 29.02 24.34
C LYS A 232 23.40 28.49 23.38
N LYS A 233 24.18 29.36 22.79
CA LYS A 233 25.14 28.97 21.77
C LYS A 233 26.06 27.85 22.17
N THR A 234 26.44 27.82 23.42
CA THR A 234 27.42 26.85 23.82
C THR A 234 27.24 25.51 23.15
N THR A 235 26.14 24.81 23.39
CA THR A 235 25.93 23.45 22.85
C THR A 235 26.18 23.26 21.39
N PRO A 236 25.91 22.08 20.86
CA PRO A 236 26.06 22.01 19.42
C PRO A 236 24.72 22.03 18.77
N MET A 237 24.63 21.76 17.47
CA MET A 237 23.36 21.81 16.76
C MET A 237 23.09 20.53 16.05
N LYS A 238 21.97 19.88 16.37
CA LYS A 238 21.58 18.63 15.72
C LYS A 238 20.12 18.68 15.49
N PRO A 239 19.69 18.20 14.36
CA PRO A 239 18.28 18.37 13.98
C PRO A 239 17.35 17.72 14.98
N CYS A 240 16.07 18.09 14.88
CA CYS A 240 15.09 17.60 15.82
C CYS A 240 14.85 16.10 15.69
N TYR A 241 15.24 15.49 14.57
CA TYR A 241 14.93 14.09 14.32
C TYR A 241 15.80 13.22 15.22
N GLY A 242 15.37 13.08 16.46
CA GLY A 242 16.06 12.18 17.36
C GLY A 242 17.05 12.86 18.26
N SER A 243 16.62 13.90 18.96
CA SER A 243 17.47 14.60 19.90
C SER A 243 16.98 14.31 21.31
N TYR A 244 17.90 13.95 22.19
CA TYR A 244 17.57 13.57 23.56
C TYR A 244 18.46 14.34 24.52
N ALA A 245 17.88 14.66 25.68
CA ALA A 245 18.64 15.29 26.76
C ALA A 245 18.04 14.83 28.07
N ARG A 246 18.86 14.21 28.92
CA ARG A 246 18.34 13.57 30.11
C ARG A 246 17.77 14.61 31.07
N PRO A 247 16.65 14.33 31.70
CA PRO A 247 16.13 15.24 32.72
C PRO A 247 17.13 15.39 33.86
N THR A 248 17.13 16.57 34.48
CA THR A 248 17.94 16.79 35.66
C THR A 248 17.13 17.17 36.88
N ASN A 249 16.23 18.15 36.74
CA ASN A 249 15.34 18.44 37.85
C ASN A 249 14.19 17.44 37.87
N SER A 250 13.45 17.42 38.96
CA SER A 250 12.40 16.43 39.14
C SER A 250 11.07 16.86 38.52
N ASN A 251 11.01 18.01 37.86
CA ASN A 251 9.77 18.47 37.24
C ASN A 251 9.76 18.33 35.74
N GLY A 252 10.90 18.05 35.11
CA GLY A 252 10.87 17.72 33.69
C GLY A 252 11.60 18.67 32.75
N GLY A 253 12.70 19.26 33.18
CA GLY A 253 13.44 20.15 32.32
C GLY A 253 14.91 19.78 32.21
N GLN A 254 15.55 20.13 31.10
CA GLN A 254 16.91 19.69 30.83
C GLN A 254 17.95 20.74 31.17
N GLY A 255 17.72 21.54 32.20
CA GLY A 255 18.69 22.56 32.57
C GLY A 255 19.96 21.92 33.12
N VAL A 256 21.11 22.31 32.56
CA VAL A 256 22.37 21.82 33.07
C VAL A 256 22.66 22.47 34.41
N MET A 257 22.92 21.66 35.42
CA MET A 257 23.28 22.15 36.73
C MET A 257 24.79 22.36 36.81
N VAL A 258 25.21 23.26 37.69
CA VAL A 258 26.63 23.52 37.86
C VAL A 258 26.88 23.96 39.29
N GLU A 259 28.02 23.56 39.83
CA GLU A 259 28.34 23.82 41.22
C GLU A 259 28.90 25.22 41.41
N GLN A 260 28.34 25.95 42.37
CA GLN A 260 28.82 27.26 42.75
C GLN A 260 28.46 27.50 44.21
N ASN A 261 29.31 28.26 44.91
CA ASN A 261 29.05 28.72 46.27
C ASN A 261 28.73 27.58 47.22
N GLY A 262 29.16 26.36 46.92
CA GLY A 262 28.89 25.23 47.80
C GLY A 262 27.59 24.52 47.56
N LYS A 263 26.84 24.86 46.51
CA LYS A 263 25.64 24.15 46.14
C LYS A 263 25.64 23.98 44.63
N LEU A 264 24.51 23.55 44.09
CA LEU A 264 24.30 23.44 42.65
C LEU A 264 23.22 24.42 42.23
N GLU A 265 23.46 25.12 41.12
CA GLU A 265 22.52 26.10 40.61
C GLU A 265 22.31 25.88 39.12
N SER A 266 21.27 26.50 38.60
CA SER A 266 20.97 26.44 37.18
C SER A 266 21.61 27.60 36.43
N GLN A 267 21.63 27.48 35.10
CA GLN A 267 22.20 28.51 34.24
C GLN A 267 21.18 29.11 33.29
N VAL A 268 19.90 29.06 33.64
CA VAL A 268 18.88 29.67 32.81
C VAL A 268 19.07 31.18 32.81
N GLU A 269 19.05 31.78 31.61
CA GLU A 269 19.04 33.23 31.47
C GLU A 269 17.79 33.65 30.72
N MET A 270 17.47 34.92 30.81
CA MET A 270 16.34 35.49 30.09
C MET A 270 16.83 36.36 28.94
N GLN A 271 16.05 36.43 27.88
CA GLN A 271 16.34 37.30 26.75
C GLN A 271 15.04 37.93 26.28
N PHE A 272 15.08 39.21 25.98
CA PHE A 272 13.87 39.94 25.61
C PHE A 272 13.92 40.38 24.15
N PHE A 273 12.76 40.65 23.58
CA PHE A 273 12.71 41.04 22.18
C PHE A 273 11.51 41.93 21.89
N SER A 274 11.67 42.76 20.85
CA SER A 274 10.60 43.57 20.28
C SER A 274 10.88 43.77 18.80
N THR A 275 9.83 44.03 18.04
CA THR A 275 9.97 44.05 16.59
C THR A 275 10.67 45.34 16.14
N SER A 276 10.98 45.36 14.86
CA SER A 276 11.69 46.48 14.33
C SER A 276 10.77 47.46 13.63
N VAL A 277 9.46 47.26 13.71
CA VAL A 277 8.55 48.26 13.13
C VAL A 277 8.76 49.48 13.95
N ASN A 278 9.25 49.25 15.15
CA ASN A 278 9.55 50.34 16.02
C ASN A 278 10.92 50.82 15.65
N ALA A 279 11.50 50.25 14.60
CA ALA A 279 12.78 50.76 14.13
C ALA A 279 12.54 51.97 13.26
N MET A 280 11.62 52.86 13.66
CA MET A 280 11.34 54.10 12.93
C MET A 280 10.16 54.80 13.58
N ASN A 281 10.05 54.72 14.90
CA ASN A 281 8.91 55.33 15.62
C ASN A 281 9.23 55.66 17.08
N GLU A 282 8.20 55.82 17.89
CA GLU A 282 8.32 56.48 19.19
C GLU A 282 9.34 55.83 20.10
N ALA A 283 10.27 56.61 20.66
CA ALA A 283 11.33 55.98 21.45
C ALA A 283 10.78 55.11 22.57
N ASN A 284 10.09 55.70 23.53
CA ASN A 284 9.57 54.88 24.63
C ASN A 284 8.38 54.05 24.20
N ALA A 285 8.00 54.11 22.93
CA ALA A 285 7.19 53.07 22.34
C ALA A 285 7.98 51.79 22.11
N ILE A 286 9.20 51.72 22.64
CA ILE A 286 9.97 50.49 22.71
C ILE A 286 9.51 49.74 23.95
N GLN A 287 8.91 48.57 23.75
CA GLN A 287 8.36 47.77 24.82
C GLN A 287 8.72 46.30 24.64
N PRO A 288 8.89 45.58 25.74
CA PRO A 288 9.09 44.13 25.65
C PRO A 288 7.83 43.45 25.14
N LYS A 289 7.90 42.88 23.95
CA LYS A 289 6.79 42.13 23.38
C LYS A 289 6.99 40.63 23.45
N LEU A 290 8.21 40.14 23.33
CA LEU A 290 8.46 38.70 23.29
C LEU A 290 9.55 38.33 24.28
N LEU A 291 9.44 37.13 24.85
CA LEU A 291 10.37 36.69 25.88
C LEU A 291 10.87 35.29 25.58
N LEU A 292 12.18 35.09 25.65
CA LEU A 292 12.79 33.78 25.46
C LEU A 292 13.60 33.41 26.69
N TYR A 293 13.65 32.11 26.96
CA TYR A 293 14.45 31.60 28.06
C TYR A 293 15.53 30.74 27.42
N SER A 294 16.73 30.72 27.98
CA SER A 294 17.82 30.00 27.37
C SER A 294 18.40 28.96 28.31
N GLU A 295 19.07 27.94 27.77
CA GLU A 295 19.70 26.93 28.61
C GLU A 295 20.57 25.98 27.84
N ASP A 296 21.58 25.40 28.47
CA ASP A 296 22.38 24.40 27.79
C ASP A 296 21.96 23.01 28.21
N VAL A 297 21.78 22.11 27.27
CA VAL A 297 21.29 20.81 27.60
C VAL A 297 22.13 19.71 26.98
N ASN A 298 22.78 18.92 27.82
CA ASN A 298 23.58 17.80 27.33
C ASN A 298 22.78 17.08 26.28
N MET A 299 23.19 17.17 25.02
CA MET A 299 22.41 16.58 23.94
C MET A 299 23.16 15.50 23.27
N GLU A 300 22.46 14.44 22.95
CA GLU A 300 23.05 13.32 22.25
C GLU A 300 21.99 12.68 21.37
N THR A 301 22.45 11.97 20.34
CA THR A 301 21.56 11.32 19.37
C THR A 301 21.90 9.85 19.34
N PRO A 302 21.34 9.07 20.26
CA PRO A 302 21.74 7.66 20.37
C PRO A 302 21.49 6.86 19.11
N ASP A 303 20.44 7.18 18.36
CA ASP A 303 20.11 6.44 17.14
C ASP A 303 19.86 7.42 16.00
N THR A 304 20.94 7.91 15.38
CA THR A 304 20.94 8.50 14.06
C THR A 304 22.35 8.93 13.71
N HIS A 305 22.59 9.09 12.42
CA HIS A 305 23.83 9.64 11.90
C HIS A 305 23.50 10.67 10.83
N LEU A 306 24.29 11.73 10.76
CA LEU A 306 23.98 12.83 9.87
C LEU A 306 24.11 12.38 8.42
N SER A 307 23.00 12.41 7.69
CA SER A 307 22.98 11.97 6.30
C SER A 307 23.31 13.08 5.32
N TYR A 308 23.53 14.31 5.79
CA TYR A 308 23.97 15.41 4.93
C TYR A 308 24.58 16.50 5.80
N LYS A 309 25.86 16.78 5.59
CA LYS A 309 26.56 17.79 6.36
C LYS A 309 27.18 18.82 5.43
N PRO A 310 26.54 19.97 5.24
CA PRO A 310 27.02 20.93 4.23
C PRO A 310 28.42 21.44 4.48
N GLY A 311 28.79 21.67 5.74
CA GLY A 311 30.06 22.26 6.07
C GLY A 311 31.09 21.22 6.51
N LYS A 312 32.22 21.73 6.98
CA LYS A 312 33.28 20.88 7.53
C LYS A 312 33.43 21.06 9.02
N SER A 313 33.68 22.27 9.48
CA SER A 313 33.73 22.51 10.91
C SER A 313 32.34 22.42 11.50
N ASP A 314 32.24 21.78 12.66
CA ASP A 314 30.94 21.59 13.29
C ASP A 314 30.43 22.83 13.99
N ASP A 315 31.19 23.93 13.94
CA ASP A 315 30.79 25.14 14.64
C ASP A 315 29.42 25.60 14.18
N ASN A 316 28.65 26.16 15.11
CA ASN A 316 27.34 26.67 14.75
C ASN A 316 27.48 27.77 13.71
N SER A 317 26.67 27.67 12.66
CA SER A 317 26.72 28.63 11.57
C SER A 317 25.33 28.75 10.97
N LYS A 318 25.17 29.74 10.09
CA LYS A 318 23.86 29.93 9.46
C LYS A 318 23.50 28.75 8.59
N ALA A 319 24.48 28.21 7.86
CA ALA A 319 24.19 27.09 6.97
C ALA A 319 23.73 25.86 7.74
N MET A 320 24.29 25.66 8.93
CA MET A 320 24.07 24.42 9.66
C MET A 320 22.61 24.25 10.08
N LEU A 321 21.79 25.26 9.83
CA LEU A 321 20.37 25.07 10.05
C LEU A 321 19.75 24.13 9.04
N GLY A 322 20.53 23.58 8.11
CA GLY A 322 20.02 22.67 7.11
C GLY A 322 20.45 21.23 7.23
N GLN A 323 21.23 20.87 8.24
CA GLN A 323 21.63 19.48 8.40
C GLN A 323 20.42 18.64 8.77
N GLN A 324 20.53 17.33 8.54
CA GLN A 324 19.40 16.42 8.70
C GLN A 324 19.91 15.11 9.28
N SER A 325 19.06 14.08 9.27
CA SER A 325 19.39 12.84 9.96
C SER A 325 18.76 11.67 9.24
N MET A 326 19.09 10.47 9.72
CA MET A 326 18.59 9.19 9.22
C MET A 326 18.86 8.11 10.26
N PRO A 327 17.88 7.28 10.59
CA PRO A 327 18.08 6.27 11.64
C PRO A 327 19.01 5.16 11.18
N ASN A 328 19.78 4.64 12.15
CA ASN A 328 20.69 3.55 11.85
C ASN A 328 19.92 2.27 11.55
N ARG A 329 20.52 1.41 10.76
CA ARG A 329 19.86 0.15 10.41
C ARG A 329 19.73 -0.72 11.65
N PRO A 330 18.67 -1.50 11.76
CA PRO A 330 18.53 -2.39 12.91
C PRO A 330 19.34 -3.66 12.72
N ASN A 331 19.86 -4.16 13.84
CA ASN A 331 20.47 -5.49 13.85
C ASN A 331 20.18 -6.12 15.20
N TYR A 332 19.56 -7.28 15.21
CA TYR A 332 19.34 -7.99 16.45
C TYR A 332 20.51 -8.92 16.74
N ILE A 333 20.62 -9.33 18.00
CA ILE A 333 21.68 -10.26 18.40
C ILE A 333 21.10 -11.19 19.46
N ALA A 334 21.42 -12.47 19.36
CA ALA A 334 20.84 -13.43 20.30
C ALA A 334 21.65 -14.71 20.32
N PHE A 335 21.09 -15.72 20.98
CA PHE A 335 21.63 -17.07 21.04
C PHE A 335 21.12 -17.88 19.87
N ARG A 336 22.00 -18.69 19.28
CA ARG A 336 21.64 -19.38 18.05
C ARG A 336 20.48 -20.35 18.29
N ASP A 337 20.00 -20.91 17.20
CA ASP A 337 18.99 -21.96 17.28
C ASP A 337 19.60 -23.20 17.92
N ASN A 338 18.86 -23.82 18.84
CA ASN A 338 19.29 -25.02 19.54
C ASN A 338 20.67 -24.85 20.16
N PHE A 339 21.09 -23.60 20.38
CA PHE A 339 22.37 -23.30 21.01
C PHE A 339 23.54 -23.88 20.22
N ILE A 340 23.34 -24.05 18.91
CA ILE A 340 24.37 -24.62 18.06
C ILE A 340 25.71 -23.98 18.35
N GLY A 341 26.70 -24.80 18.63
CA GLY A 341 28.04 -24.33 18.91
C GLY A 341 28.33 -24.10 20.38
N LEU A 342 27.29 -23.95 21.20
CA LEU A 342 27.54 -23.75 22.62
C LEU A 342 28.29 -24.94 23.23
N MET A 343 28.11 -26.12 22.68
CA MET A 343 28.78 -27.32 23.18
C MET A 343 29.73 -27.85 22.12
N TYR A 344 30.97 -28.09 22.52
CA TYR A 344 31.94 -28.74 21.64
C TYR A 344 31.39 -30.05 21.10
N TYR A 345 31.86 -30.43 19.92
CA TYR A 345 31.63 -31.76 19.36
C TYR A 345 32.75 -32.03 18.38
N ASN A 346 32.75 -33.23 17.81
CA ASN A 346 33.37 -33.51 16.52
C ASN A 346 34.81 -33.05 16.42
N SER A 347 35.45 -32.73 17.54
CA SER A 347 36.82 -32.24 17.52
C SER A 347 37.68 -33.07 18.45
N THR A 348 38.79 -33.57 17.93
CA THR A 348 39.67 -34.40 18.74
C THR A 348 40.28 -33.64 19.90
N GLY A 349 40.26 -32.31 19.85
CA GLY A 349 40.92 -31.54 20.89
C GLY A 349 40.27 -31.67 22.25
N ASN A 350 38.94 -31.60 22.32
CA ASN A 350 38.24 -31.44 23.58
C ASN A 350 37.11 -32.45 23.72
N MET A 351 37.42 -33.71 23.45
CA MET A 351 36.40 -34.76 23.52
C MET A 351 35.83 -34.88 24.93
N GLY A 352 34.51 -35.02 25.02
CA GLY A 352 33.84 -35.24 26.27
C GLY A 352 33.97 -36.68 26.73
N VAL A 353 33.47 -36.96 27.94
CA VAL A 353 33.71 -38.27 28.54
C VAL A 353 32.48 -38.73 29.30
N LEU A 354 31.99 -39.93 28.99
CA LEU A 354 31.06 -40.66 29.84
C LEU A 354 31.62 -42.06 30.03
N ALA A 355 31.85 -42.44 31.28
CA ALA A 355 32.53 -43.69 31.56
C ALA A 355 32.09 -44.27 32.88
N GLY A 356 32.33 -45.55 33.06
CA GLY A 356 32.15 -46.16 34.36
C GLY A 356 33.26 -45.77 35.32
N GLN A 357 32.90 -45.62 36.58
CA GLN A 357 33.85 -45.12 37.57
C GLN A 357 34.77 -46.19 38.11
N ALA A 358 34.92 -47.31 37.40
CA ALA A 358 35.80 -48.38 37.83
C ALA A 358 37.00 -48.57 36.93
N SER A 359 36.91 -48.20 35.65
CA SER A 359 37.98 -48.55 34.72
C SER A 359 38.35 -47.42 33.77
N GLN A 360 38.08 -46.17 34.11
CA GLN A 360 38.57 -45.01 33.37
C GLN A 360 38.19 -45.03 31.90
N LEU A 361 37.37 -45.99 31.46
CA LEU A 361 37.24 -46.27 30.04
C LEU A 361 36.04 -45.53 29.47
N ASN A 362 36.30 -44.49 28.69
CA ASN A 362 35.22 -43.67 28.16
C ASN A 362 34.43 -44.42 27.10
N ALA A 363 33.14 -44.13 27.05
CA ALA A 363 32.25 -44.73 26.07
C ALA A 363 32.12 -43.90 24.81
N VAL A 364 32.70 -42.71 24.76
CA VAL A 364 32.51 -41.79 23.64
C VAL A 364 33.82 -41.63 22.90
N VAL A 365 33.84 -42.09 21.66
CA VAL A 365 34.95 -41.84 20.75
C VAL A 365 34.38 -41.12 19.54
N ASP A 366 35.10 -40.08 19.08
CA ASP A 366 34.57 -39.23 18.03
C ASP A 366 35.64 -38.95 16.99
N LEU A 367 35.19 -38.69 15.77
CA LEU A 367 36.06 -38.36 14.65
C LEU A 367 35.82 -36.90 14.25
N GLN A 368 36.57 -36.45 13.25
CA GLN A 368 36.30 -35.13 12.71
C GLN A 368 35.14 -35.17 11.73
N ASP A 369 35.19 -36.09 10.77
CA ASP A 369 34.27 -36.06 9.65
C ASP A 369 32.82 -36.21 10.07
N ARG A 370 32.56 -36.76 11.25
CA ARG A 370 31.19 -36.99 11.68
C ARG A 370 30.60 -35.68 12.15
N ASN A 371 29.95 -34.96 11.25
CA ASN A 371 29.27 -33.73 11.58
C ASN A 371 28.04 -34.03 12.42
N THR A 372 27.70 -33.22 13.41
CA THR A 372 26.57 -33.58 14.28
C THR A 372 25.44 -32.58 14.38
N GLU A 373 25.72 -31.32 14.11
CA GLU A 373 24.71 -30.32 14.29
C GLU A 373 23.77 -30.38 13.12
N LEU A 374 24.34 -30.57 11.95
CA LEU A 374 23.51 -30.65 10.78
C LEU A 374 22.56 -31.74 11.09
N SER A 375 23.05 -32.74 11.79
CA SER A 375 22.25 -33.90 12.11
C SER A 375 21.10 -33.61 13.03
N TYR A 376 21.31 -33.07 14.20
CA TYR A 376 20.15 -32.90 15.05
C TYR A 376 19.12 -32.25 14.21
N GLN A 377 19.53 -31.41 13.29
CA GLN A 377 18.57 -30.63 12.52
C GLN A 377 17.70 -31.41 11.59
N LEU A 378 18.29 -32.09 10.64
CA LEU A 378 17.46 -32.76 9.70
C LEU A 378 16.54 -33.62 10.51
N LEU A 379 16.99 -33.98 11.70
CA LEU A 379 16.20 -34.90 12.51
C LEU A 379 14.97 -34.30 13.13
N LEU A 380 15.13 -33.22 13.88
CA LEU A 380 13.97 -32.63 14.41
C LEU A 380 13.09 -32.59 13.22
N ASP A 381 13.64 -32.16 12.10
CA ASP A 381 12.77 -32.01 10.94
C ASP A 381 11.91 -33.19 10.78
N SER A 382 12.49 -34.24 10.24
CA SER A 382 11.75 -35.47 10.04
C SER A 382 10.78 -35.86 11.13
N ILE A 383 11.26 -36.00 12.36
CA ILE A 383 10.36 -36.54 13.38
C ILE A 383 9.01 -35.85 13.49
N GLY A 384 8.92 -34.57 13.21
CA GLY A 384 7.66 -33.88 13.37
C GLY A 384 7.55 -32.54 12.68
N ASP A 385 6.65 -31.70 13.15
CA ASP A 385 6.48 -30.35 12.61
C ASP A 385 7.60 -29.45 13.09
N ARG A 386 7.87 -28.40 12.32
CA ARG A 386 8.98 -27.50 12.63
C ARG A 386 8.61 -26.04 12.74
N THR A 387 7.50 -25.60 12.15
CA THR A 387 7.20 -24.17 12.15
C THR A 387 6.97 -23.65 13.56
N ARG A 388 6.28 -24.41 14.40
CA ARG A 388 5.99 -23.92 15.74
C ARG A 388 7.29 -23.74 16.52
N TYR A 389 7.31 -22.72 17.38
CA TYR A 389 8.47 -22.42 18.20
C TYR A 389 8.29 -23.02 19.58
N PHE A 390 9.38 -23.54 20.15
CA PHE A 390 9.37 -24.07 21.50
C PHE A 390 10.37 -23.26 22.33
N SER A 391 9.91 -22.71 23.44
CA SER A 391 10.73 -21.77 24.20
C SER A 391 11.88 -22.47 24.88
N MET A 392 11.60 -23.58 25.57
CA MET A 392 12.55 -24.12 26.54
C MET A 392 13.87 -24.50 25.88
N TRP A 393 13.81 -25.16 24.74
CA TRP A 393 15.03 -25.47 24.02
C TRP A 393 15.55 -24.32 23.20
N ASN A 394 14.81 -23.21 23.14
CA ASN A 394 15.14 -22.11 22.25
C ASN A 394 15.22 -22.62 20.82
N GLN A 395 14.28 -23.46 20.47
CA GLN A 395 14.24 -24.12 19.18
C GLN A 395 13.21 -23.41 18.33
N ALA A 396 13.69 -22.66 17.34
CA ALA A 396 12.80 -21.88 16.47
C ALA A 396 13.56 -21.64 15.17
N VAL A 397 13.13 -22.32 14.10
CA VAL A 397 13.85 -22.25 12.84
C VAL A 397 13.81 -20.83 12.30
N ASP A 398 14.84 -20.47 11.54
CA ASP A 398 14.96 -19.13 10.97
C ASP A 398 14.75 -19.19 9.47
N SER A 399 14.10 -18.16 8.94
CA SER A 399 13.75 -18.09 7.52
C SER A 399 13.71 -16.65 7.07
N TYR A 400 13.81 -16.46 5.76
CA TYR A 400 13.60 -15.14 5.19
C TYR A 400 12.11 -14.86 5.09
N ASP A 401 11.78 -13.69 4.62
CA ASP A 401 10.40 -13.43 4.26
C ASP A 401 10.10 -14.08 2.90
N PRO A 402 8.87 -14.51 2.68
CA PRO A 402 8.55 -15.09 1.36
C PRO A 402 8.73 -14.10 0.23
N ASP A 403 8.51 -12.81 0.47
CA ASP A 403 8.46 -11.83 -0.60
C ASP A 403 9.70 -10.94 -0.70
N VAL A 404 10.60 -11.01 0.28
CA VAL A 404 11.83 -10.22 0.17
C VAL A 404 12.75 -10.82 -0.88
N ARG A 405 12.94 -12.13 -0.84
CA ARG A 405 13.85 -12.78 -1.79
C ARG A 405 13.33 -12.63 -3.21
N ILE A 406 12.05 -12.89 -3.42
CA ILE A 406 11.45 -12.91 -4.74
C ILE A 406 10.42 -11.79 -4.79
N ILE A 407 10.49 -10.98 -5.83
CA ILE A 407 9.69 -9.76 -5.95
C ILE A 407 8.49 -10.04 -6.84
N GLU A 408 7.30 -9.92 -6.27
CA GLU A 408 6.07 -9.98 -7.06
C GLU A 408 5.57 -8.55 -7.20
N ASN A 409 6.14 -7.85 -8.16
CA ASN A 409 5.91 -6.42 -8.36
C ASN A 409 4.81 -6.21 -9.39
N HIS A 410 3.70 -5.68 -8.94
CA HIS A 410 2.61 -5.34 -9.84
C HIS A 410 2.09 -3.94 -9.56
N GLY A 411 2.98 -3.03 -9.17
CA GLY A 411 2.59 -1.66 -8.97
C GLY A 411 1.66 -1.50 -7.78
N THR A 412 0.77 -0.51 -7.89
CA THR A 412 -0.19 -0.23 -6.83
C THR A 412 -1.44 0.38 -7.45
N GLU A 413 -2.54 0.28 -6.72
CA GLU A 413 -3.82 0.84 -7.15
C GLU A 413 -3.88 2.29 -6.70
N ASP A 414 -3.81 3.22 -7.65
CA ASP A 414 -3.71 4.63 -7.34
C ASP A 414 -4.64 5.44 -8.24
N GLU A 415 -5.90 5.02 -8.33
CA GLU A 415 -6.84 5.72 -9.19
C GLU A 415 -7.27 7.06 -8.63
N LEU A 416 -7.58 7.12 -7.35
CA LEU A 416 -8.04 8.37 -6.76
C LEU A 416 -6.88 9.13 -6.16
N PRO A 417 -6.63 10.36 -6.58
CA PRO A 417 -5.61 11.17 -5.91
C PRO A 417 -6.02 11.50 -4.48
N ASN A 418 -5.10 11.66 -3.56
CA ASN A 418 -5.55 11.94 -2.23
C ASN A 418 -5.11 13.33 -1.86
N TYR A 419 -5.96 14.13 -1.23
CA TYR A 419 -5.61 15.53 -0.99
C TYR A 419 -5.55 15.93 0.46
N CYS A 420 -4.78 16.97 0.78
CA CYS A 420 -4.60 17.38 2.15
C CYS A 420 -5.06 18.79 2.36
N PHE A 421 -6.24 18.98 2.92
CA PHE A 421 -6.81 20.31 3.05
C PHE A 421 -6.31 21.09 4.25
N PRO A 422 -6.64 22.37 4.35
CA PRO A 422 -6.09 23.20 5.43
C PRO A 422 -6.83 23.16 6.73
N LEU A 423 -6.18 23.50 7.83
CA LEU A 423 -6.77 23.34 9.15
C LEU A 423 -8.08 24.02 9.41
N GLY A 424 -8.88 24.26 8.39
CA GLY A 424 -10.11 24.98 8.56
C GLY A 424 -10.80 24.86 7.25
N GLY A 425 -10.03 24.55 6.23
CA GLY A 425 -10.65 24.34 4.95
C GLY A 425 -11.43 25.51 4.42
N ILE A 426 -10.78 26.61 4.08
CA ILE A 426 -11.41 27.76 3.46
C ILE A 426 -10.25 28.63 3.51
N GLY A 427 -9.08 28.05 3.45
CA GLY A 427 -7.89 28.82 3.61
C GLY A 427 -7.90 30.10 2.82
N VAL A 428 -7.05 31.04 3.17
CA VAL A 428 -6.94 32.29 2.41
C VAL A 428 -8.25 32.86 1.92
N THR A 429 -8.89 33.66 2.73
CA THR A 429 -10.13 34.29 2.31
C THR A 429 -9.95 35.78 2.02
N ASP A 430 -11.05 36.48 1.72
CA ASP A 430 -11.00 37.91 1.38
C ASP A 430 -12.23 38.72 1.80
N THR A 431 -12.08 39.67 2.71
CA THR A 431 -13.22 40.45 3.23
C THR A 431 -14.31 40.89 2.30
N TYR A 432 -15.45 41.27 2.86
CA TYR A 432 -16.53 41.79 2.03
C TYR A 432 -17.49 42.68 2.82
N GLN A 433 -18.34 43.44 2.14
CA GLN A 433 -19.26 44.36 2.79
C GLN A 433 -20.60 43.73 2.83
N ALA A 434 -21.63 44.44 2.44
CA ALA A 434 -22.94 43.82 2.38
C ALA A 434 -23.99 44.77 1.92
N ILE A 435 -24.35 44.70 0.67
CA ILE A 435 -25.30 45.65 0.15
C ILE A 435 -26.64 45.09 -0.08
N LYS A 436 -27.65 45.84 0.22
CA LYS A 436 -28.99 45.38 -0.13
C LYS A 436 -29.48 46.23 -1.28
N ALA A 437 -30.57 45.78 -1.90
CA ALA A 437 -31.13 46.42 -3.07
C ALA A 437 -32.17 47.46 -2.64
N THR A 438 -32.23 48.56 -3.40
CA THR A 438 -33.19 49.62 -3.17
C THR A 438 -33.76 50.06 -4.51
N ASN A 439 -35.07 50.28 -4.53
CA ASN A 439 -35.81 50.48 -5.78
C ASN A 439 -35.76 51.95 -6.17
N GLY A 440 -34.92 52.27 -7.16
CA GLY A 440 -34.98 53.58 -7.76
C GLY A 440 -36.26 53.75 -8.56
N ASN A 441 -36.86 54.93 -8.44
CA ASN A 441 -38.15 55.21 -9.07
C ASN A 441 -37.95 55.36 -10.57
N GLY A 442 -38.18 54.28 -11.31
CA GLY A 442 -38.06 54.27 -12.75
C GLY A 442 -36.64 54.09 -13.26
N GLY A 443 -35.64 54.50 -12.50
CA GLY A 443 -34.26 54.29 -12.89
C GLY A 443 -33.80 52.88 -12.59
N ALA A 444 -32.58 52.59 -13.01
CA ALA A 444 -31.99 51.29 -12.75
C ALA A 444 -31.84 51.08 -11.24
N THR A 445 -31.90 49.81 -10.83
CA THR A 445 -31.92 49.50 -9.42
C THR A 445 -30.68 50.01 -8.71
N THR A 446 -30.85 50.48 -7.49
CA THR A 446 -29.74 51.00 -6.70
C THR A 446 -29.35 50.01 -5.62
N TRP A 447 -28.16 50.20 -5.07
CA TRP A 447 -27.65 49.31 -4.04
C TRP A 447 -27.05 50.13 -2.91
N ALA A 448 -27.41 49.80 -1.68
CA ALA A 448 -27.01 50.60 -0.54
C ALA A 448 -26.46 49.72 0.57
N GLN A 449 -25.48 50.26 1.30
CA GLN A 449 -24.90 49.54 2.41
C GLN A 449 -25.97 49.28 3.48
N ASP A 450 -25.90 48.12 4.10
CA ASP A 450 -26.82 47.72 5.14
C ASP A 450 -26.17 47.83 6.51
N ASN A 451 -27.00 47.97 7.55
CA ASN A 451 -26.52 48.16 8.90
C ASN A 451 -26.77 46.95 9.78
N THR A 452 -27.17 45.81 9.21
CA THR A 452 -27.42 44.60 9.98
C THR A 452 -26.26 43.64 9.92
N PHE A 453 -25.11 44.10 9.54
CA PHE A 453 -24.00 43.21 9.49
C PHE A 453 -22.83 44.02 9.87
N ALA A 454 -21.79 43.38 10.33
CA ALA A 454 -20.63 44.14 10.59
C ALA A 454 -20.14 44.55 9.25
N GLU A 455 -18.97 45.16 9.20
CA GLU A 455 -18.52 45.70 7.94
C GLU A 455 -17.57 44.81 7.19
N ARG A 456 -16.97 43.85 7.89
CA ARG A 456 -15.98 43.02 7.24
C ARG A 456 -16.21 41.52 7.41
N ASN A 457 -17.40 41.07 7.08
CA ASN A 457 -17.66 39.67 7.15
C ASN A 457 -16.69 39.04 6.21
N GLU A 458 -16.30 37.81 6.49
CA GLU A 458 -15.36 37.11 5.62
C GLU A 458 -16.06 36.21 4.66
N ILE A 459 -15.30 35.65 3.74
CA ILE A 459 -15.86 34.76 2.77
C ILE A 459 -14.69 34.51 1.87
N GLY A 460 -14.76 33.48 1.07
CA GLY A 460 -13.71 33.23 0.11
C GLY A 460 -14.35 32.86 -1.21
N VAL A 461 -13.56 32.61 -2.25
CA VAL A 461 -14.17 32.31 -3.54
C VAL A 461 -13.41 31.16 -4.18
N GLY A 462 -14.14 30.18 -4.70
CA GLY A 462 -13.54 29.03 -5.34
C GLY A 462 -13.24 27.91 -4.37
N ASN A 463 -12.65 26.85 -4.91
CA ASN A 463 -12.28 25.71 -4.09
C ASN A 463 -11.27 26.15 -3.02
N ASN A 464 -11.20 25.37 -1.96
CA ASN A 464 -10.22 25.61 -0.93
C ASN A 464 -8.82 25.31 -1.44
N PHE A 465 -7.85 26.07 -0.94
CA PHE A 465 -6.47 25.72 -1.20
C PHE A 465 -6.18 24.35 -0.62
N ALA A 466 -5.52 23.50 -1.38
CA ALA A 466 -5.35 22.11 -0.96
C ALA A 466 -4.12 21.53 -1.65
N MET A 467 -3.19 21.01 -0.87
CA MET A 467 -2.08 20.33 -1.50
C MET A 467 -2.47 18.87 -1.74
N GLU A 468 -1.60 18.13 -2.42
CA GLU A 468 -2.01 16.82 -2.89
C GLU A 468 -0.87 15.82 -2.77
N ILE A 469 -1.22 14.58 -2.39
CA ILE A 469 -0.27 13.49 -2.23
C ILE A 469 -0.82 12.24 -2.90
N ASN A 470 0.12 11.39 -3.33
CA ASN A 470 -0.16 10.03 -3.76
C ASN A 470 0.45 9.09 -2.75
N LEU A 471 -0.33 8.12 -2.28
CA LEU A 471 0.03 7.34 -1.09
C LEU A 471 0.63 5.98 -1.43
N ASN A 472 -0.10 5.16 -2.17
CA ASN A 472 0.30 3.76 -2.33
C ASN A 472 1.71 3.65 -2.90
N ALA A 473 2.03 4.46 -3.90
CA ALA A 473 3.37 4.44 -4.45
C ALA A 473 4.40 4.82 -3.40
N ASN A 474 4.06 5.77 -2.53
CA ASN A 474 4.98 6.13 -1.47
C ASN A 474 5.22 4.98 -0.51
N LEU A 475 4.16 4.29 -0.11
CA LEU A 475 4.33 3.13 0.78
C LEU A 475 5.19 2.07 0.13
N TRP A 476 4.89 1.72 -1.12
CA TRP A 476 5.64 0.65 -1.78
C TRP A 476 7.10 1.05 -1.98
N ARG A 477 7.36 2.30 -2.34
CA ARG A 477 8.74 2.74 -2.51
C ARG A 477 9.48 2.76 -1.18
N ASN A 478 8.81 3.22 -0.13
CA ASN A 478 9.37 3.14 1.21
C ASN A 478 9.80 1.72 1.53
N PHE A 479 8.90 0.76 1.30
CA PHE A 479 9.18 -0.64 1.62
C PHE A 479 10.36 -1.15 0.80
N LEU A 480 10.34 -0.94 -0.51
CA LEU A 480 11.40 -1.48 -1.34
C LEU A 480 12.75 -0.89 -0.98
N TYR A 481 12.81 0.42 -0.71
CA TYR A 481 14.08 0.96 -0.29
C TYR A 481 14.49 0.43 1.07
N SER A 482 13.53 0.14 1.94
CA SER A 482 13.89 -0.31 3.27
C SER A 482 14.48 -1.70 3.26
N ASN A 483 13.91 -2.62 2.48
CA ASN A 483 14.21 -4.03 2.69
C ASN A 483 15.03 -4.66 1.58
N ILE A 484 15.38 -3.95 0.52
CA ILE A 484 16.22 -4.55 -0.50
C ILE A 484 17.45 -3.69 -0.79
N ALA A 485 17.23 -2.38 -0.95
CA ALA A 485 18.33 -1.53 -1.39
C ALA A 485 19.49 -1.53 -0.41
N LEU A 486 19.19 -1.50 0.89
CA LEU A 486 20.26 -1.45 1.87
C LEU A 486 21.10 -2.71 1.93
N TYR A 487 20.66 -3.81 1.32
CA TYR A 487 21.34 -5.09 1.44
C TYR A 487 22.10 -5.47 0.17
N LEU A 488 22.32 -4.53 -0.73
CA LEU A 488 23.03 -4.86 -1.96
C LEU A 488 24.52 -5.06 -1.67
N PRO A 489 25.24 -5.71 -2.57
CA PRO A 489 26.67 -5.94 -2.35
C PRO A 489 27.43 -4.62 -2.27
N ASP A 490 28.54 -4.66 -1.54
CA ASP A 490 29.30 -3.44 -1.30
C ASP A 490 29.85 -2.83 -2.59
N LYS A 491 30.04 -3.62 -3.63
CA LYS A 491 30.62 -3.03 -4.83
C LYS A 491 29.68 -2.09 -5.55
N LEU A 492 28.51 -1.77 -5.02
CA LEU A 492 27.56 -0.88 -5.68
C LEU A 492 27.19 0.29 -4.78
N LYS A 493 28.14 0.80 -4.01
CA LYS A 493 27.88 1.95 -3.14
C LYS A 493 29.05 2.91 -3.24
N TYR A 494 28.87 4.10 -2.68
CA TYR A 494 29.92 5.11 -2.66
C TYR A 494 30.06 5.71 -1.27
N ASN A 495 31.24 6.24 -1.00
CA ASN A 495 31.56 6.78 0.31
C ASN A 495 30.69 8.00 0.61
N PRO A 496 30.51 8.33 1.87
CA PRO A 496 29.76 9.53 2.23
C PRO A 496 30.60 10.76 1.94
N THR A 497 30.06 11.92 2.30
CA THR A 497 30.76 13.19 2.15
C THR A 497 30.78 13.88 3.51
N ASN A 498 31.95 14.30 3.95
CA ASN A 498 32.12 15.09 5.16
C ASN A 498 31.65 14.36 6.40
N VAL A 499 31.67 13.03 6.40
CA VAL A 499 31.36 12.24 7.59
C VAL A 499 32.44 11.18 7.75
N GLU A 500 33.01 11.11 8.95
CA GLU A 500 34.07 10.16 9.22
C GLU A 500 33.56 8.73 9.10
N ILE A 501 34.45 7.83 8.72
CA ILE A 501 34.09 6.44 8.50
C ILE A 501 35.28 5.56 8.82
N SER A 502 35.00 4.39 9.40
CA SER A 502 36.08 3.49 9.80
C SER A 502 36.62 2.71 8.60
N ASP A 503 37.93 2.44 8.65
CA ASP A 503 38.57 1.72 7.56
C ASP A 503 38.19 0.25 7.53
N ASN A 504 38.06 -0.37 8.70
CA ASN A 504 37.82 -1.80 8.79
C ASN A 504 36.45 -2.12 8.22
N PRO A 505 36.36 -2.93 7.16
CA PRO A 505 35.09 -3.09 6.45
C PRO A 505 34.11 -4.08 7.08
N ASN A 506 34.31 -4.48 8.33
CA ASN A 506 33.41 -5.43 8.94
C ASN A 506 32.54 -4.85 10.04
N THR A 507 32.99 -3.79 10.71
CA THR A 507 32.29 -3.31 11.89
C THR A 507 30.94 -2.68 11.52
N TYR A 508 30.24 -2.18 12.53
CA TYR A 508 28.90 -1.65 12.31
C TYR A 508 28.94 -0.39 11.48
N ASP A 509 29.76 0.59 11.87
CA ASP A 509 29.65 1.91 11.26
C ASP A 509 29.88 1.87 9.77
N TYR A 510 30.79 1.01 9.30
CA TYR A 510 31.00 0.92 7.87
C TYR A 510 29.75 0.43 7.17
N MET A 511 29.06 -0.53 7.75
CA MET A 511 27.79 -0.96 7.17
C MET A 511 26.69 0.06 7.38
N ASN A 512 26.89 1.04 8.25
CA ASN A 512 25.85 2.00 8.58
C ASN A 512 25.97 3.30 7.80
N LYS A 513 27.15 3.64 7.31
CA LYS A 513 27.39 4.94 6.72
C LYS A 513 27.72 4.90 5.24
N ARG A 514 27.94 3.73 4.66
CA ARG A 514 28.03 3.65 3.21
C ARG A 514 26.64 3.83 2.64
N VAL A 515 26.47 4.84 1.79
CA VAL A 515 25.16 5.22 1.28
C VAL A 515 25.01 4.68 -0.13
N VAL A 516 23.79 4.34 -0.50
CA VAL A 516 23.49 3.77 -1.81
C VAL A 516 22.33 4.54 -2.43
N ALA A 517 22.42 4.77 -3.72
CA ALA A 517 21.41 5.56 -4.41
C ALA A 517 20.05 4.86 -4.39
N PRO A 518 18.97 5.55 -4.04
CA PRO A 518 17.65 4.93 -4.14
C PRO A 518 17.30 4.50 -5.54
N GLY A 519 17.80 5.21 -6.55
CA GLY A 519 17.38 4.95 -7.91
C GLY A 519 17.68 3.54 -8.39
N LEU A 520 18.66 2.87 -7.79
CA LEU A 520 19.00 1.52 -8.22
C LEU A 520 17.80 0.59 -8.14
N VAL A 521 16.90 0.83 -7.20
CA VAL A 521 15.67 0.05 -7.07
C VAL A 521 14.52 1.01 -6.81
N ASP A 522 13.48 0.93 -7.62
CA ASP A 522 12.33 1.79 -7.41
C ASP A 522 11.12 1.17 -8.08
N CYS A 523 9.97 1.80 -7.88
CA CYS A 523 8.69 1.19 -8.24
C CYS A 523 8.56 0.97 -9.74
N TYR A 524 9.60 1.27 -10.52
CA TYR A 524 9.61 1.00 -11.94
C TYR A 524 10.63 -0.09 -12.29
N ILE A 525 10.84 -1.04 -11.39
CA ILE A 525 11.86 -2.08 -11.58
C ILE A 525 11.19 -3.35 -12.08
N ASN A 526 11.71 -3.90 -13.18
CA ASN A 526 11.34 -5.21 -13.70
C ASN A 526 9.85 -5.47 -13.55
N LEU A 527 9.06 -4.53 -14.04
CA LEU A 527 7.65 -4.52 -13.71
C LEU A 527 6.95 -5.78 -14.20
N GLY A 528 5.87 -6.13 -13.52
CA GLY A 528 5.02 -7.23 -13.91
C GLY A 528 5.61 -8.61 -13.75
N ALA A 529 6.93 -8.72 -13.59
CA ALA A 529 7.63 -9.99 -13.66
C ALA A 529 8.04 -10.42 -12.27
N ARG A 530 7.46 -11.52 -11.80
CA ARG A 530 7.90 -12.16 -10.57
C ARG A 530 9.34 -12.63 -10.75
N TRP A 531 10.27 -11.99 -10.05
CA TRP A 531 11.66 -12.15 -10.44
C TRP A 531 12.57 -11.60 -9.35
N SER A 532 13.78 -12.13 -9.28
CA SER A 532 14.76 -11.76 -8.27
C SER A 532 15.94 -11.04 -8.91
N LEU A 533 16.48 -10.07 -8.20
CA LEU A 533 17.60 -9.28 -8.72
C LEU A 533 18.86 -10.12 -8.77
N ASP A 534 19.59 -10.03 -9.88
CA ASP A 534 20.76 -10.88 -10.07
C ASP A 534 21.80 -10.63 -8.99
N TYR A 535 21.91 -9.39 -8.52
CA TYR A 535 22.84 -9.14 -7.43
C TYR A 535 22.43 -9.80 -6.14
N MET A 536 21.20 -10.30 -6.04
CA MET A 536 20.68 -10.86 -4.80
C MET A 536 20.50 -12.37 -4.84
N ASP A 537 20.95 -13.03 -5.90
CA ASP A 537 20.95 -14.48 -5.93
C ASP A 537 22.21 -15.07 -5.32
N ASN A 538 23.14 -14.24 -4.88
CA ASN A 538 24.36 -14.73 -4.25
C ASN A 538 24.64 -13.99 -2.95
N VAL A 539 23.62 -13.41 -2.33
CA VAL A 539 23.76 -12.75 -1.05
C VAL A 539 22.89 -13.50 -0.07
N ASN A 540 23.49 -13.98 1.01
CA ASN A 540 22.84 -14.82 1.99
C ASN A 540 21.50 -14.23 2.41
N PRO A 541 20.38 -14.83 2.02
CA PRO A 541 19.08 -14.29 2.36
C PRO A 541 18.64 -14.57 3.79
N PHE A 542 19.54 -15.02 4.65
CA PHE A 542 19.18 -15.22 6.04
C PHE A 542 19.82 -14.20 6.97
N ASN A 543 20.87 -13.51 6.54
CA ASN A 543 21.42 -12.43 7.35
C ASN A 543 20.60 -11.18 7.14
N HIS A 544 19.29 -11.29 7.30
CA HIS A 544 18.37 -10.26 6.84
C HIS A 544 17.39 -9.95 7.95
N HIS A 545 17.17 -8.66 8.19
CA HIS A 545 16.49 -8.26 9.41
C HIS A 545 15.03 -8.70 9.46
N ARG A 546 14.42 -9.03 8.33
CA ARG A 546 13.02 -9.45 8.35
C ARG A 546 12.82 -10.78 9.04
N ASN A 547 13.91 -11.50 9.29
CA ASN A 547 13.83 -12.90 9.72
C ASN A 547 13.01 -13.06 10.99
N ALA A 548 11.99 -13.92 10.92
CA ALA A 548 11.10 -14.06 12.06
C ALA A 548 11.74 -14.82 13.20
N GLY A 549 12.44 -15.92 12.89
CA GLY A 549 13.04 -16.70 13.94
C GLY A 549 14.12 -15.95 14.68
N LEU A 550 15.00 -15.26 13.95
CA LEU A 550 16.03 -14.48 14.60
C LEU A 550 15.42 -13.39 15.45
N ARG A 551 14.36 -12.76 14.94
CA ARG A 551 13.67 -11.74 15.71
C ARG A 551 13.13 -12.28 17.01
N TYR A 552 12.44 -13.42 16.95
CA TYR A 552 11.84 -14.00 18.15
C TYR A 552 12.91 -14.37 19.16
N ARG A 553 13.98 -15.01 18.69
CA ARG A 553 15.06 -15.38 19.60
C ARG A 553 15.66 -14.15 20.25
N SER A 554 15.88 -13.08 19.48
CA SER A 554 16.53 -11.90 20.03
C SER A 554 15.63 -11.16 21.01
N MET A 555 14.33 -11.13 20.73
CA MET A 555 13.43 -10.54 21.71
C MET A 555 13.45 -11.35 23.00
N LEU A 556 13.53 -12.68 22.88
CA LEU A 556 13.32 -13.51 24.06
C LEU A 556 14.37 -13.30 25.13
N LEU A 557 15.57 -12.87 24.76
CA LEU A 557 16.58 -12.62 25.78
C LEU A 557 16.31 -11.36 26.58
N GLY A 558 15.56 -10.41 26.03
CA GLY A 558 15.43 -9.10 26.62
C GLY A 558 15.86 -8.05 25.62
N ASN A 559 15.27 -6.86 25.68
CA ASN A 559 15.50 -5.86 24.65
C ASN A 559 16.53 -4.82 25.05
N GLY A 560 17.24 -5.03 26.15
CA GLY A 560 18.27 -4.11 26.57
C GLY A 560 19.62 -4.45 25.99
N ARG A 561 20.65 -3.88 26.60
CA ARG A 561 22.03 -4.19 26.26
C ARG A 561 22.69 -5.11 27.26
N TYR A 562 22.29 -5.05 28.53
CA TYR A 562 22.84 -5.89 29.58
C TYR A 562 21.79 -6.89 29.99
N VAL A 563 22.11 -8.18 29.91
CA VAL A 563 21.12 -9.18 30.26
C VAL A 563 21.71 -10.30 31.11
N PRO A 564 21.19 -10.57 32.29
CA PRO A 564 21.49 -11.83 32.96
C PRO A 564 20.60 -12.93 32.39
N PHE A 565 21.18 -14.09 32.15
CA PHE A 565 20.46 -15.16 31.47
C PHE A 565 20.63 -16.48 32.19
N HIS A 566 19.66 -17.36 31.97
CA HIS A 566 19.47 -18.57 32.76
C HIS A 566 18.72 -19.57 31.86
N ILE A 567 19.44 -20.53 31.30
CA ILE A 567 18.90 -21.37 30.24
C ILE A 567 19.23 -22.83 30.47
N GLN A 568 18.61 -23.69 29.67
CA GLN A 568 18.75 -25.14 29.72
C GLN A 568 19.15 -25.66 28.35
N VAL A 569 20.17 -26.51 28.30
CA VAL A 569 20.82 -26.92 27.07
C VAL A 569 20.65 -28.43 26.92
N PRO A 570 20.22 -28.93 25.77
CA PRO A 570 20.07 -30.37 25.58
C PRO A 570 21.40 -31.00 25.16
N GLN A 571 21.39 -32.33 25.15
CA GLN A 571 22.55 -33.13 24.77
C GLN A 571 22.23 -33.84 23.47
N LYS A 572 23.16 -33.77 22.51
CA LYS A 572 22.82 -34.09 21.13
C LYS A 572 23.43 -35.38 20.61
N PHE A 573 24.50 -35.87 21.20
CA PHE A 573 25.24 -36.94 20.55
C PHE A 573 24.39 -38.19 20.42
N PHE A 574 24.33 -38.73 19.20
CA PHE A 574 23.44 -39.86 18.93
C PHE A 574 23.80 -41.07 19.77
N ALA A 575 25.07 -41.23 20.10
CA ALA A 575 25.48 -42.42 20.83
C ALA A 575 24.79 -42.51 22.18
N ILE A 576 24.66 -41.38 22.89
CA ILE A 576 24.16 -41.46 24.24
C ILE A 576 22.99 -40.50 24.48
N LYS A 577 22.24 -40.19 23.44
CA LYS A 577 21.03 -39.40 23.63
C LYS A 577 19.79 -40.26 23.82
N ASN A 578 19.92 -41.57 23.69
CA ASN A 578 18.80 -42.46 24.00
C ASN A 578 19.24 -43.69 24.79
N LEU A 579 20.44 -43.68 25.36
CA LEU A 579 20.92 -44.81 26.12
C LEU A 579 20.03 -45.06 27.32
N LEU A 580 19.95 -46.31 27.74
CA LEU A 580 19.16 -46.70 28.91
C LEU A 580 20.14 -47.08 30.02
N LEU A 581 20.48 -46.11 30.86
CA LEU A 581 21.53 -46.33 31.82
C LEU A 581 21.09 -47.27 32.93
N LEU A 582 22.01 -48.12 33.37
CA LEU A 582 21.75 -49.14 34.36
C LEU A 582 22.61 -48.91 35.59
N PRO A 583 22.15 -49.34 36.77
CA PRO A 583 22.66 -48.79 38.03
C PRO A 583 24.17 -48.85 38.14
N GLY A 584 24.74 -47.77 38.67
CA GLY A 584 26.18 -47.66 38.81
C GLY A 584 26.56 -46.24 39.14
N SER A 585 27.83 -45.92 38.92
CA SER A 585 28.35 -44.57 39.15
C SER A 585 29.27 -44.23 38.00
N TYR A 586 29.01 -43.10 37.35
CA TYR A 586 29.67 -42.78 36.10
C TYR A 586 30.28 -41.39 36.14
N THR A 587 31.39 -41.26 35.42
CA THR A 587 32.05 -39.98 35.22
C THR A 587 31.54 -39.35 33.94
N TYR A 588 30.97 -38.15 34.06
CA TYR A 588 30.29 -37.46 32.96
C TYR A 588 30.84 -36.04 32.92
N GLU A 589 31.67 -35.74 31.94
CA GLU A 589 32.29 -34.43 31.90
C GLU A 589 32.33 -33.90 30.48
N TRP A 590 32.36 -32.58 30.38
CA TRP A 590 32.10 -31.92 29.10
C TRP A 590 32.70 -30.52 29.11
N ASN A 591 32.81 -29.94 27.92
CA ASN A 591 33.39 -28.62 27.69
C ASN A 591 32.40 -27.72 26.97
N PHE A 592 32.74 -26.43 26.89
CA PHE A 592 31.90 -25.46 26.21
C PHE A 592 32.78 -24.38 25.58
N ARG A 593 32.14 -23.35 25.03
CA ARG A 593 32.82 -22.31 24.28
C ARG A 593 32.61 -20.95 24.93
N LYS A 594 33.62 -20.10 24.83
CA LYS A 594 33.50 -18.70 25.23
C LYS A 594 33.73 -17.73 24.07
N ASP A 595 34.17 -18.22 22.91
CA ASP A 595 34.32 -17.37 21.76
C ASP A 595 32.98 -16.78 21.36
N VAL A 596 32.96 -15.47 21.09
CA VAL A 596 31.70 -14.77 20.90
C VAL A 596 31.18 -14.81 19.49
N ASN A 597 31.98 -15.27 18.53
CA ASN A 597 31.49 -15.39 17.17
C ASN A 597 30.68 -16.65 16.94
N MET A 598 30.88 -17.68 17.75
CA MET A 598 30.12 -18.91 17.57
C MET A 598 28.79 -18.88 18.33
N VAL A 599 28.82 -18.60 19.62
CA VAL A 599 27.59 -18.75 20.40
C VAL A 599 26.59 -17.64 20.13
N LEU A 600 27.02 -16.47 19.71
CA LEU A 600 26.12 -15.36 19.43
C LEU A 600 25.85 -15.26 17.94
N GLN A 601 24.66 -14.76 17.59
CA GLN A 601 24.32 -14.52 16.19
C GLN A 601 23.77 -13.12 16.02
N SER A 602 24.20 -12.45 14.96
CA SER A 602 23.83 -11.08 14.66
C SER A 602 23.09 -11.01 13.34
N SER A 603 22.19 -10.03 13.23
CA SER A 603 21.37 -9.94 12.03
C SER A 603 22.21 -9.57 10.81
N LEU A 604 23.31 -8.87 11.00
CA LEU A 604 24.09 -8.35 9.87
C LEU A 604 25.39 -9.11 9.66
N GLY A 605 26.22 -9.21 10.69
CA GLY A 605 27.48 -9.90 10.53
C GLY A 605 28.69 -9.07 10.89
N ASN A 606 28.51 -8.10 11.77
CA ASN A 606 29.65 -7.31 12.21
C ASN A 606 30.47 -8.15 13.19
N ASP A 607 31.77 -8.26 12.90
CA ASP A 607 32.69 -8.96 13.78
C ASP A 607 32.48 -8.49 15.20
N LEU A 608 32.01 -9.39 16.04
CA LEU A 608 31.62 -9.02 17.39
C LEU A 608 32.77 -9.02 18.37
N ARG A 609 33.93 -9.56 18.00
CA ARG A 609 35.08 -9.44 18.88
C ARG A 609 35.49 -7.99 19.07
N VAL A 610 35.44 -7.21 17.98
CA VAL A 610 35.95 -5.84 18.02
C VAL A 610 35.04 -4.96 18.85
N ASP A 611 33.72 -5.10 18.68
CA ASP A 611 32.79 -4.09 19.17
C ASP A 611 32.72 -4.07 20.69
N GLY A 612 32.82 -5.22 21.34
CA GLY A 612 32.80 -5.22 22.78
C GLY A 612 31.72 -6.09 23.41
N ALA A 613 31.29 -7.12 22.71
CA ALA A 613 30.41 -8.12 23.34
C ALA A 613 31.20 -8.94 24.34
N SER A 614 30.53 -9.39 25.39
CA SER A 614 31.17 -10.24 26.37
C SER A 614 30.14 -11.16 26.99
N ILE A 615 30.60 -12.31 27.47
CA ILE A 615 29.68 -13.32 28.00
C ILE A 615 30.38 -14.10 29.10
N LYS A 616 29.81 -14.07 30.30
CA LYS A 616 30.45 -14.66 31.46
C LYS A 616 29.55 -15.72 32.07
N PHE A 617 30.16 -16.84 32.47
CA PHE A 617 29.45 -17.96 33.07
C PHE A 617 29.73 -18.00 34.57
N ASP A 618 28.69 -18.24 35.37
CA ASP A 618 28.85 -18.21 36.82
C ASP A 618 28.63 -19.57 37.46
N SER A 619 27.46 -20.18 37.24
CA SER A 619 27.13 -21.45 37.88
C SER A 619 26.57 -22.40 36.84
N ILE A 620 26.67 -23.69 37.13
CA ILE A 620 26.19 -24.72 36.21
C ILE A 620 25.86 -25.97 37.01
N CYS A 621 24.67 -26.52 36.77
CA CYS A 621 24.19 -27.70 37.48
C CYS A 621 23.56 -28.64 36.46
N LEU A 622 23.44 -29.91 36.83
CA LEU A 622 22.95 -30.95 35.92
C LEU A 622 21.66 -31.57 36.43
N TYR A 623 20.76 -31.93 35.53
CA TYR A 623 19.44 -32.39 35.91
C TYR A 623 19.11 -33.77 35.34
N ALA A 624 18.29 -34.53 36.07
CA ALA A 624 17.86 -35.84 35.62
C ALA A 624 16.51 -36.16 36.24
N THR A 625 15.81 -37.12 35.63
CA THR A 625 14.49 -37.52 36.09
C THR A 625 14.38 -39.04 36.06
N PHE A 626 13.66 -39.59 37.03
CA PHE A 626 13.51 -41.03 37.16
C PHE A 626 12.03 -41.41 37.17
N PHE A 627 11.69 -42.47 36.45
CA PHE A 627 10.36 -43.04 36.57
C PHE A 627 10.31 -43.89 37.82
N PRO A 628 9.53 -43.55 38.82
CA PRO A 628 9.55 -44.32 40.07
C PRO A 628 8.98 -45.72 39.88
N MET A 629 9.65 -46.51 39.07
CA MET A 629 9.16 -47.85 38.76
C MET A 629 9.24 -48.74 39.99
N ALA A 630 8.24 -49.61 40.13
CA ALA A 630 8.21 -50.53 41.26
C ALA A 630 9.44 -51.42 41.27
N HIS A 631 9.97 -51.70 42.46
CA HIS A 631 11.31 -52.27 42.58
C HIS A 631 11.41 -53.61 41.88
N ASN A 632 10.39 -54.45 42.00
CA ASN A 632 10.47 -55.77 41.39
C ASN A 632 10.60 -55.68 39.88
N THR A 633 9.78 -54.84 39.25
CA THR A 633 9.84 -54.72 37.80
C THR A 633 11.17 -54.12 37.37
N ALA A 634 11.67 -53.14 38.12
CA ALA A 634 12.96 -52.55 37.77
C ALA A 634 14.08 -53.58 37.88
N SER A 635 14.04 -54.43 38.90
CA SER A 635 15.08 -55.43 39.05
C SER A 635 14.98 -56.49 37.97
N THR A 636 13.76 -56.83 37.56
CA THR A 636 13.60 -57.71 36.41
C THR A 636 14.22 -57.11 35.16
N LEU A 637 14.00 -55.82 34.93
CA LEU A 637 14.60 -55.17 33.77
C LEU A 637 16.11 -55.17 33.86
N GLU A 638 16.64 -54.88 35.05
CA GLU A 638 18.08 -54.87 35.21
C GLU A 638 18.69 -56.23 34.93
N ALA A 639 18.05 -57.29 35.42
CA ALA A 639 18.55 -58.62 35.14
C ALA A 639 18.44 -58.96 33.66
N MET A 640 17.36 -58.56 33.01
CA MET A 640 17.18 -58.95 31.62
C MET A 640 18.12 -58.21 30.70
N LEU A 641 18.48 -56.98 31.03
CA LEU A 641 19.19 -56.13 30.08
C LEU A 641 20.70 -56.24 30.13
N ARG A 642 21.25 -57.14 30.94
CA ARG A 642 22.68 -57.34 30.94
C ARG A 642 23.10 -58.56 30.12
N ASN A 643 22.15 -59.29 29.53
CA ASN A 643 22.49 -60.47 28.76
C ASN A 643 23.09 -60.06 27.43
N ASP A 644 24.21 -60.66 27.09
CA ASP A 644 25.00 -60.19 25.96
C ASP A 644 24.33 -60.39 24.64
N THR A 645 23.07 -60.80 24.58
CA THR A 645 22.34 -60.83 23.32
C THR A 645 21.16 -59.87 23.32
N ASN A 646 21.10 -58.96 24.28
CA ASN A 646 20.12 -57.90 24.30
C ASN A 646 20.80 -56.53 24.32
N ASP A 647 21.89 -56.40 23.58
CA ASP A 647 22.65 -55.17 23.63
C ASP A 647 21.89 -54.06 22.92
N GLN A 648 22.50 -52.88 22.89
CA GLN A 648 21.88 -51.70 22.32
C GLN A 648 22.45 -51.39 20.95
N SER A 649 21.57 -51.11 20.00
CA SER A 649 21.96 -50.60 18.69
C SER A 649 21.66 -49.12 18.63
N PHE A 650 22.29 -48.31 17.80
CA PHE A 650 21.87 -46.91 17.69
C PHE A 650 22.42 -46.32 16.41
N ASN A 651 21.62 -45.58 15.65
CA ASN A 651 22.08 -45.05 14.38
C ASN A 651 22.39 -43.59 14.53
N ASP A 652 22.62 -42.86 13.45
CA ASP A 652 22.81 -41.41 13.56
C ASP A 652 22.31 -40.73 12.31
N TYR A 653 21.03 -40.37 12.29
CA TYR A 653 20.41 -39.83 11.08
C TYR A 653 21.38 -39.43 10.04
N LEU A 654 21.72 -38.17 9.98
CA LEU A 654 22.58 -37.71 8.90
C LEU A 654 23.37 -38.85 8.38
N SER A 655 24.14 -39.43 9.26
CA SER A 655 24.94 -40.56 8.91
C SER A 655 25.69 -40.42 7.63
N ALA A 656 26.93 -39.99 7.73
CA ALA A 656 27.78 -39.95 6.56
C ALA A 656 29.01 -39.22 6.92
N ALA A 657 29.97 -39.22 6.03
CA ALA A 657 31.23 -38.60 6.33
C ALA A 657 31.37 -37.42 5.44
N ASN A 658 32.06 -36.35 5.84
CA ASN A 658 32.13 -35.12 5.02
C ASN A 658 33.50 -34.69 4.45
N MET A 659 33.51 -33.84 3.44
CA MET A 659 34.75 -33.32 2.86
C MET A 659 34.51 -31.90 2.40
N LEU A 660 35.51 -31.02 2.49
CA LEU A 660 35.36 -29.66 2.07
C LEU A 660 36.58 -29.37 1.29
N TYR A 661 36.53 -29.61 -0.01
CA TYR A 661 37.67 -29.30 -0.87
C TYR A 661 37.68 -27.82 -1.16
N PRO A 662 38.77 -27.30 -1.72
CA PRO A 662 38.79 -25.85 -1.87
C PRO A 662 38.61 -25.35 -3.30
N ILE A 663 37.94 -24.22 -3.51
CA ILE A 663 37.78 -23.60 -4.86
C ILE A 663 38.15 -22.15 -4.90
N PRO A 664 39.10 -21.77 -5.73
CA PRO A 664 39.62 -20.41 -5.87
C PRO A 664 38.62 -19.55 -6.61
N ALA A 665 38.65 -18.25 -6.34
CA ALA A 665 37.72 -17.34 -6.99
C ALA A 665 37.95 -17.35 -8.49
N ASN A 666 36.85 -17.24 -9.24
CA ASN A 666 36.88 -17.26 -10.70
C ASN A 666 37.49 -18.56 -11.23
N ALA A 667 36.79 -19.66 -10.94
CA ALA A 667 37.20 -20.97 -11.42
C ALA A 667 35.96 -21.79 -11.71
N THR A 668 36.09 -22.70 -12.67
CA THR A 668 34.96 -23.52 -13.09
C THR A 668 35.21 -25.01 -13.10
N ASN A 669 36.44 -25.46 -12.83
CA ASN A 669 36.75 -26.88 -12.79
C ASN A 669 37.14 -27.29 -11.38
N VAL A 670 36.46 -28.29 -10.85
CA VAL A 670 36.83 -28.88 -9.57
C VAL A 670 36.89 -30.38 -9.74
N PRO A 671 38.07 -30.94 -10.00
CA PRO A 671 38.21 -32.40 -10.01
C PRO A 671 38.74 -32.93 -8.68
N ILE A 672 38.19 -34.06 -8.25
CA ILE A 672 38.65 -34.74 -7.05
C ILE A 672 38.96 -36.19 -7.39
N SER A 673 40.03 -36.70 -6.80
CA SER A 673 40.46 -38.07 -6.97
C SER A 673 40.38 -38.78 -5.63
N ILE A 674 39.88 -40.00 -5.63
CA ILE A 674 39.84 -40.87 -4.46
C ILE A 674 40.64 -42.12 -4.77
N PRO A 675 41.74 -42.37 -4.06
CA PRO A 675 42.59 -43.51 -4.40
C PRO A 675 41.90 -44.82 -4.08
N SER A 676 42.39 -45.89 -4.70
CA SER A 676 41.65 -47.14 -4.76
C SER A 676 41.43 -47.73 -3.37
N ARG A 677 40.25 -48.32 -3.18
CA ARG A 677 39.86 -48.93 -1.92
C ARG A 677 38.58 -49.71 -2.16
N ASN A 678 38.02 -50.26 -1.08
CA ASN A 678 36.76 -50.99 -1.15
C ASN A 678 35.58 -50.03 -1.22
N TRP A 679 34.45 -50.53 -1.70
CA TRP A 679 33.26 -49.71 -1.91
C TRP A 679 31.99 -50.33 -1.37
N ALA A 680 32.07 -51.47 -0.67
CA ALA A 680 30.86 -52.20 -0.30
C ALA A 680 29.99 -51.38 0.66
N ALA A 681 28.68 -51.56 0.53
CA ALA A 681 27.69 -50.90 1.38
C ALA A 681 27.80 -49.38 1.29
N PHE A 682 27.53 -48.87 0.10
CA PHE A 682 27.46 -47.44 -0.16
C PHE A 682 26.01 -46.99 -0.08
N ARG A 683 25.81 -45.69 -0.12
CA ARG A 683 24.43 -45.23 -0.34
C ARG A 683 24.32 -44.20 -1.45
N GLY A 684 25.26 -43.28 -1.56
CA GLY A 684 25.23 -42.30 -2.62
C GLY A 684 25.89 -41.00 -2.21
N TRP A 685 25.69 -39.99 -3.05
CA TRP A 685 26.29 -38.68 -2.90
C TRP A 685 25.24 -37.65 -2.53
N ALA A 686 25.64 -36.68 -1.71
CA ALA A 686 24.88 -35.45 -1.56
C ALA A 686 25.88 -34.30 -1.56
N PHE A 687 25.49 -33.16 -2.13
CA PHE A 687 26.47 -32.07 -2.13
C PHE A 687 25.80 -30.71 -2.29
N THR A 688 26.60 -29.68 -2.05
CA THR A 688 26.25 -28.27 -2.27
C THR A 688 27.55 -27.44 -2.20
N ARG A 689 27.41 -26.13 -2.11
CA ARG A 689 28.54 -25.21 -2.19
C ARG A 689 28.46 -24.16 -1.10
N LEU A 690 29.62 -23.73 -0.58
CA LEU A 690 29.65 -22.84 0.58
C LEU A 690 30.60 -21.67 0.35
N LYS A 691 30.44 -20.65 1.20
CA LYS A 691 31.27 -19.45 1.16
C LYS A 691 32.40 -19.55 2.17
N THR A 692 33.63 -19.36 1.70
CA THR A 692 34.78 -19.54 2.58
C THR A 692 34.74 -18.56 3.75
N LYS A 693 34.34 -17.33 3.49
CA LYS A 693 34.41 -16.28 4.50
C LYS A 693 33.61 -16.64 5.74
N GLU A 694 32.63 -17.53 5.62
CA GLU A 694 31.72 -17.80 6.72
C GLU A 694 31.97 -19.11 7.44
N THR A 695 32.34 -20.16 6.74
CA THR A 695 32.46 -21.47 7.38
C THR A 695 33.65 -21.49 8.33
N PRO A 696 33.46 -21.89 9.58
CA PRO A 696 34.57 -21.86 10.53
C PRO A 696 35.60 -22.93 10.21
N SER A 697 36.81 -22.72 10.70
CA SER A 697 37.79 -23.78 10.66
C SER A 697 37.38 -24.90 11.61
N LEU A 698 37.77 -26.12 11.27
CA LEU A 698 37.26 -27.31 11.94
C LEU A 698 38.25 -27.80 12.99
N GLY A 699 37.75 -28.11 14.18
CA GLY A 699 38.50 -28.84 15.17
C GLY A 699 39.36 -28.00 16.09
N SER A 700 39.91 -26.90 15.61
CA SER A 700 40.79 -26.10 16.45
C SER A 700 40.02 -25.55 17.65
N GLY A 701 40.72 -25.44 18.77
CA GLY A 701 40.08 -24.90 19.96
C GLY A 701 39.62 -23.48 19.77
N TYR A 702 40.47 -22.65 19.16
CA TYR A 702 40.18 -21.24 19.00
C TYR A 702 40.70 -20.78 17.65
N ASP A 703 39.84 -20.18 16.85
CA ASP A 703 40.29 -19.64 15.58
C ASP A 703 40.41 -18.13 15.71
N PRO A 704 41.62 -17.58 15.75
CA PRO A 704 41.76 -16.13 15.91
C PRO A 704 41.28 -15.35 14.70
N TYR A 705 41.26 -15.96 13.51
CA TYR A 705 40.99 -15.23 12.28
C TYR A 705 39.58 -15.48 11.77
N TYR A 706 38.65 -15.78 12.66
CA TYR A 706 37.25 -15.95 12.32
C TYR A 706 36.51 -14.68 12.68
N THR A 707 35.93 -14.01 11.68
CA THR A 707 35.52 -12.62 11.79
C THR A 707 34.11 -12.42 11.23
N TYR A 708 33.16 -13.24 11.66
CA TYR A 708 31.82 -13.15 11.11
C TYR A 708 30.81 -13.70 12.10
N SER A 709 29.60 -13.16 12.08
CA SER A 709 28.61 -13.51 13.10
C SER A 709 27.22 -13.62 12.52
N GLY A 710 27.07 -14.27 11.36
CA GLY A 710 25.77 -14.55 10.82
C GLY A 710 25.43 -16.02 10.89
N SER A 711 24.37 -16.40 10.20
CA SER A 711 24.01 -17.81 10.14
C SER A 711 25.09 -18.58 9.44
N ILE A 712 25.42 -19.76 9.97
CA ILE A 712 26.47 -20.60 9.42
C ILE A 712 25.79 -21.75 8.67
N PRO A 713 25.84 -21.77 7.35
CA PRO A 713 25.18 -22.86 6.62
C PRO A 713 25.73 -24.23 6.95
N TYR A 714 27.04 -24.33 7.19
CA TYR A 714 27.65 -25.63 7.42
C TYR A 714 27.22 -26.25 8.73
N LEU A 715 26.69 -25.47 9.66
CA LEU A 715 26.29 -26.01 10.95
C LEU A 715 24.82 -25.82 11.28
N ASP A 716 24.01 -25.23 10.39
CA ASP A 716 22.58 -25.26 10.63
C ASP A 716 21.77 -25.47 9.36
N GLY A 717 22.38 -25.87 8.26
CA GLY A 717 21.62 -26.27 7.09
C GLY A 717 20.79 -25.18 6.45
N THR A 718 21.44 -24.08 6.07
CA THR A 718 20.79 -22.99 5.33
C THR A 718 21.69 -22.69 4.14
N PHE A 719 21.44 -23.35 3.02
CA PHE A 719 22.25 -23.21 1.83
C PHE A 719 21.50 -22.43 0.76
N TYR A 720 22.25 -21.66 -0.01
CA TYR A 720 21.67 -20.85 -1.07
C TYR A 720 22.36 -20.98 -2.42
N LEU A 721 23.60 -21.44 -2.46
CA LEU A 721 24.35 -21.51 -3.71
C LEU A 721 23.96 -22.71 -4.55
N ASN A 722 22.81 -23.33 -4.28
CA ASN A 722 22.45 -24.56 -4.96
C ASN A 722 22.24 -24.38 -6.45
N HIS A 723 22.14 -23.15 -6.94
CA HIS A 723 21.79 -22.90 -8.32
C HIS A 723 22.98 -22.57 -9.19
N THR A 724 24.19 -22.79 -8.71
CA THR A 724 25.38 -22.37 -9.44
C THR A 724 26.19 -23.55 -9.99
N PHE A 725 25.56 -24.69 -10.18
CA PHE A 725 26.21 -25.86 -10.74
C PHE A 725 25.88 -25.99 -12.22
N LYS A 726 26.80 -26.58 -12.97
CA LYS A 726 26.54 -26.87 -14.37
C LYS A 726 26.48 -28.36 -14.64
N LYS A 727 27.55 -29.11 -14.35
CA LYS A 727 27.50 -30.53 -14.66
C LYS A 727 28.57 -31.28 -13.88
N VAL A 728 28.43 -32.61 -13.86
CA VAL A 728 29.21 -33.50 -13.01
C VAL A 728 29.47 -34.80 -13.75
N ALA A 729 30.71 -35.28 -13.66
CA ALA A 729 31.10 -36.54 -14.28
C ALA A 729 31.79 -37.44 -13.27
N ILE A 730 31.44 -38.73 -13.30
CA ILE A 730 31.88 -39.71 -12.31
C ILE A 730 32.46 -40.92 -13.04
N THR A 731 33.61 -41.41 -12.56
CA THR A 731 34.22 -42.55 -13.22
C THR A 731 35.07 -43.37 -12.27
N PHE A 732 34.87 -44.69 -12.28
CA PHE A 732 35.74 -45.62 -11.58
C PHE A 732 36.88 -46.02 -12.50
N ASP A 733 38.10 -46.05 -11.94
CA ASP A 733 39.30 -46.53 -12.62
C ASP A 733 39.57 -45.82 -13.93
N SER A 734 39.03 -44.62 -14.12
CA SER A 734 39.29 -43.81 -15.31
C SER A 734 39.04 -44.59 -16.59
N SER A 735 38.13 -45.55 -16.55
CA SER A 735 37.91 -46.39 -17.72
C SER A 735 36.45 -46.63 -18.04
N VAL A 736 35.53 -46.50 -17.09
CA VAL A 736 34.12 -46.74 -17.35
C VAL A 736 33.32 -45.62 -16.73
N SER A 737 32.54 -44.94 -17.54
CA SER A 737 31.63 -43.93 -17.02
C SER A 737 30.55 -44.59 -16.17
N TRP A 738 30.09 -43.86 -15.18
CA TRP A 738 28.97 -44.39 -14.41
C TRP A 738 27.71 -44.24 -15.26
N PRO A 739 26.52 -44.47 -14.72
CA PRO A 739 25.64 -45.51 -15.27
C PRO A 739 25.85 -45.79 -16.74
N GLY A 740 25.86 -44.76 -17.57
CA GLY A 740 26.08 -45.01 -18.98
C GLY A 740 25.03 -45.96 -19.53
N ASN A 741 25.47 -46.86 -20.40
CA ASN A 741 24.57 -47.81 -21.05
C ASN A 741 23.34 -47.10 -21.62
N ASP A 742 23.53 -45.84 -22.00
CA ASP A 742 22.44 -45.00 -22.48
C ASP A 742 21.29 -44.98 -21.48
N ARG A 743 21.62 -45.01 -20.20
CA ARG A 743 20.59 -44.82 -19.19
C ARG A 743 19.91 -43.48 -19.36
N LEU A 744 20.69 -42.42 -19.50
CA LEU A 744 20.18 -41.06 -19.49
C LEU A 744 20.14 -40.48 -20.89
N LEU A 745 19.49 -39.32 -21.01
CA LEU A 745 19.34 -38.69 -22.32
C LEU A 745 20.66 -38.21 -22.87
N THR A 746 21.59 -37.82 -22.01
CA THR A 746 22.97 -37.54 -22.40
C THR A 746 23.84 -38.50 -21.61
N PRO A 747 24.19 -39.65 -22.19
CA PRO A 747 24.68 -40.77 -21.38
C PRO A 747 25.94 -40.48 -20.60
N ASN A 748 26.85 -39.67 -21.16
CA ASN A 748 28.20 -39.62 -20.64
C ASN A 748 28.25 -39.06 -19.22
N GLU A 749 27.44 -38.06 -18.92
CA GLU A 749 27.58 -37.36 -17.66
C GLU A 749 26.28 -36.63 -17.32
N PHE A 750 26.01 -36.53 -16.01
CA PHE A 750 24.85 -35.76 -15.57
C PHE A 750 24.99 -34.32 -16.02
N GLU A 751 23.88 -33.72 -16.43
CA GLU A 751 23.88 -32.38 -17.01
C GLU A 751 22.72 -31.60 -16.40
N ILE A 752 23.04 -30.74 -15.43
CA ILE A 752 21.99 -30.15 -14.60
C ILE A 752 21.22 -29.10 -15.39
N LYS A 753 21.89 -28.04 -15.81
CA LYS A 753 21.23 -26.97 -16.56
C LYS A 753 22.01 -26.68 -17.83
N ARG A 754 21.30 -26.70 -18.96
CA ARG A 754 21.86 -26.18 -20.18
C ARG A 754 21.50 -24.71 -20.29
N SER A 755 22.32 -23.96 -21.01
CA SER A 755 21.98 -22.58 -21.34
C SER A 755 20.91 -22.63 -22.42
N VAL A 756 20.60 -21.48 -23.03
CA VAL A 756 19.50 -21.43 -23.97
C VAL A 756 19.71 -22.43 -25.11
N ASP A 757 20.96 -22.63 -25.52
CA ASP A 757 21.26 -23.45 -26.69
C ASP A 757 20.56 -24.81 -26.61
N GLY A 758 20.66 -25.47 -25.48
CA GLY A 758 20.06 -26.78 -25.34
C GLY A 758 18.62 -26.71 -24.88
N GLU A 759 17.82 -25.85 -25.51
CA GLU A 759 16.43 -25.74 -25.10
C GLU A 759 15.60 -26.98 -25.46
N GLY A 760 16.09 -27.83 -26.36
CA GLY A 760 15.36 -29.03 -26.73
C GLY A 760 15.09 -29.96 -25.56
N TYR A 761 15.81 -29.79 -24.45
CA TYR A 761 15.71 -30.68 -23.31
C TYR A 761 15.19 -30.02 -22.03
N ASN A 762 15.28 -28.70 -21.90
CA ASN A 762 14.80 -28.05 -20.69
C ASN A 762 13.31 -28.33 -20.49
N VAL A 763 12.84 -28.09 -19.28
CA VAL A 763 11.49 -28.49 -18.90
C VAL A 763 11.03 -27.63 -17.74
N ALA A 764 9.71 -27.62 -17.52
CA ALA A 764 9.08 -26.84 -16.46
C ALA A 764 9.32 -25.34 -16.65
N GLN A 765 9.28 -24.89 -17.90
CA GLN A 765 9.38 -23.47 -18.23
C GLN A 765 10.60 -22.83 -17.59
N CYS A 766 11.69 -23.57 -17.48
CA CYS A 766 12.88 -23.15 -16.75
C CYS A 766 14.11 -23.56 -17.54
N ASN A 767 15.29 -23.54 -16.92
CA ASN A 767 16.47 -24.15 -17.54
C ASN A 767 17.03 -25.19 -16.56
N MET A 768 16.46 -26.40 -16.62
CA MET A 768 16.95 -27.53 -15.87
C MET A 768 16.63 -28.78 -16.67
N THR A 769 17.65 -29.56 -17.02
CA THR A 769 17.46 -30.66 -17.94
C THR A 769 16.51 -31.69 -17.36
N LYS A 770 15.81 -32.39 -18.24
CA LYS A 770 14.84 -33.38 -17.78
C LYS A 770 15.51 -34.42 -16.88
N ASP A 771 16.75 -34.79 -17.22
CA ASP A 771 17.41 -35.84 -16.47
C ASP A 771 17.57 -35.46 -15.01
N TRP A 772 17.97 -34.23 -14.72
CA TRP A 772 18.16 -33.88 -13.33
C TRP A 772 16.83 -33.85 -12.60
N PHE A 773 15.77 -33.44 -13.27
CA PHE A 773 14.47 -33.43 -12.62
C PHE A 773 14.03 -34.85 -12.30
N LEU A 774 14.21 -35.78 -13.23
CA LEU A 774 13.86 -37.17 -12.98
C LEU A 774 14.65 -37.71 -11.81
N VAL A 775 15.96 -37.47 -11.82
CA VAL A 775 16.82 -38.00 -10.76
C VAL A 775 16.39 -37.47 -9.41
N GLN A 776 16.14 -36.17 -9.31
CA GLN A 776 15.75 -35.60 -8.03
C GLN A 776 14.42 -36.17 -7.56
N MET A 777 13.44 -36.24 -8.45
CA MET A 777 12.13 -36.72 -8.02
C MET A 777 12.18 -38.16 -7.56
N LEU A 778 12.91 -39.01 -8.28
CA LEU A 778 13.02 -40.40 -7.84
C LEU A 778 13.75 -40.50 -6.52
N ALA A 779 14.94 -39.90 -6.43
CA ALA A 779 15.72 -40.03 -5.21
C ALA A 779 15.01 -39.44 -4.00
N ASN A 780 14.06 -38.54 -4.20
CA ASN A 780 13.39 -38.00 -3.02
C ASN A 780 12.10 -38.73 -2.69
N TYR A 781 11.26 -39.03 -3.68
CA TYR A 781 9.93 -39.57 -3.37
C TYR A 781 9.53 -40.78 -4.21
N ASN A 782 10.42 -41.28 -5.07
CA ASN A 782 10.09 -42.41 -5.93
C ASN A 782 8.85 -42.13 -6.77
N ILE A 783 8.73 -40.89 -7.24
CA ILE A 783 7.72 -40.52 -8.23
C ILE A 783 8.45 -40.16 -9.51
N GLY A 784 7.98 -40.67 -10.63
CA GLY A 784 8.69 -40.44 -11.86
C GLY A 784 8.63 -41.55 -12.88
N TYR A 785 8.08 -42.70 -12.52
CA TYR A 785 7.82 -43.75 -13.48
C TYR A 785 6.35 -43.93 -13.76
N GLN A 786 5.50 -43.07 -13.20
CA GLN A 786 4.06 -43.15 -13.39
C GLN A 786 3.48 -41.79 -13.72
N GLY A 787 4.30 -40.91 -14.29
CA GLY A 787 3.87 -39.57 -14.59
C GLY A 787 3.91 -38.70 -13.35
N PHE A 788 4.43 -37.49 -13.49
CA PHE A 788 4.69 -36.67 -12.31
C PHE A 788 3.40 -36.09 -11.76
N TYR A 789 3.45 -35.73 -10.48
CA TYR A 789 2.36 -35.04 -9.81
C TYR A 789 2.88 -34.56 -8.47
N ILE A 790 2.08 -33.75 -7.80
CA ILE A 790 2.52 -33.11 -6.56
C ILE A 790 2.62 -34.15 -5.47
N PRO A 791 3.79 -34.38 -4.89
CA PRO A 791 3.92 -35.36 -3.81
C PRO A 791 3.10 -34.95 -2.59
N GLU A 792 2.64 -35.97 -1.86
CA GLU A 792 1.73 -35.74 -0.74
C GLU A 792 2.45 -34.98 0.37
N SER A 793 1.64 -34.51 1.33
CA SER A 793 2.15 -33.57 2.33
C SER A 793 3.24 -34.18 3.18
N TYR A 794 2.90 -35.20 3.97
CA TYR A 794 3.81 -35.64 5.02
C TYR A 794 5.14 -36.13 4.48
N LYS A 795 5.19 -36.55 3.22
CA LYS A 795 6.46 -36.94 2.62
C LYS A 795 7.27 -35.74 2.16
N ASP A 796 6.73 -34.53 2.31
CA ASP A 796 7.36 -33.31 1.85
C ASP A 796 7.44 -32.35 3.03
N ARG A 797 8.57 -32.37 3.73
CA ARG A 797 8.75 -31.56 4.91
C ARG A 797 9.51 -30.29 4.53
N MET A 798 9.96 -29.55 5.55
CA MET A 798 10.56 -28.24 5.31
C MET A 798 11.79 -28.33 4.41
N TYR A 799 12.73 -29.18 4.77
CA TYR A 799 13.99 -29.28 4.05
C TYR A 799 13.89 -30.09 2.79
N SER A 800 12.70 -30.27 2.25
CA SER A 800 12.51 -31.18 1.12
C SER A 800 13.00 -30.50 -0.16
N PHE A 801 12.66 -31.07 -1.30
CA PHE A 801 13.00 -30.48 -2.59
C PHE A 801 11.84 -29.69 -3.16
N PHE A 802 10.68 -30.32 -3.31
CA PHE A 802 9.57 -29.69 -3.98
C PHE A 802 9.00 -28.53 -3.18
N ARG A 803 9.33 -28.43 -1.89
CA ARG A 803 8.94 -27.25 -1.12
C ARG A 803 9.94 -26.12 -1.26
N ASN A 804 11.03 -26.33 -2.01
CA ASN A 804 12.08 -25.34 -2.17
C ASN A 804 12.52 -25.24 -3.61
N PHE A 805 11.58 -25.12 -4.54
CA PHE A 805 11.91 -25.09 -5.96
C PHE A 805 11.08 -24.01 -6.64
N GLN A 806 11.74 -22.98 -7.18
CA GLN A 806 11.00 -21.89 -7.81
C GLN A 806 11.58 -21.47 -9.14
N PRO A 807 10.85 -21.60 -10.24
CA PRO A 807 11.33 -21.10 -11.53
C PRO A 807 10.82 -19.69 -11.82
N MET A 808 11.61 -18.94 -12.58
CA MET A 808 11.31 -17.55 -12.87
C MET A 808 11.85 -17.21 -14.25
N SER A 809 11.24 -16.21 -14.88
CA SER A 809 11.65 -15.76 -16.20
C SER A 809 11.15 -14.34 -16.46
N ARG A 810 11.89 -13.61 -17.29
CA ARG A 810 11.55 -12.24 -17.63
C ARG A 810 12.01 -11.96 -19.05
N GLN A 811 11.71 -10.76 -19.53
CA GLN A 811 12.28 -10.26 -20.79
C GLN A 811 12.88 -8.89 -20.56
N VAL A 812 13.95 -8.61 -21.29
CA VAL A 812 14.60 -7.32 -21.26
C VAL A 812 14.79 -6.85 -22.70
N VAL A 813 15.19 -5.59 -22.82
CA VAL A 813 15.29 -4.96 -24.13
C VAL A 813 16.57 -5.41 -24.81
N ASP A 814 16.43 -5.95 -26.01
CA ASP A 814 17.58 -6.39 -26.79
C ASP A 814 18.46 -5.19 -27.11
N ASP A 815 19.76 -5.45 -27.28
CA ASP A 815 20.70 -4.37 -27.53
C ASP A 815 21.26 -4.36 -28.94
N THR A 816 20.73 -5.17 -29.85
CA THR A 816 21.23 -5.19 -31.22
C THR A 816 20.14 -5.13 -32.27
N LYS A 817 18.88 -5.04 -31.89
CA LYS A 817 17.82 -4.93 -32.87
C LYS A 817 16.99 -3.66 -32.71
N TYR A 818 16.76 -3.21 -31.49
CA TYR A 818 16.11 -1.93 -31.28
C TYR A 818 17.01 -0.86 -31.86
N LYS A 819 16.68 -0.34 -33.03
CA LYS A 819 17.62 0.47 -33.79
C LYS A 819 18.07 1.68 -33.00
N ASP A 820 17.20 2.20 -32.13
CA ASP A 820 17.49 3.38 -31.35
C ASP A 820 17.90 3.04 -29.92
N TYR A 821 18.56 1.91 -29.73
CA TYR A 821 19.11 1.63 -28.42
C TYR A 821 20.19 2.65 -28.09
N GLN A 822 20.18 3.11 -26.85
CA GLN A 822 21.19 4.04 -26.36
C GLN A 822 21.48 3.70 -24.91
N GLN A 823 22.62 3.07 -24.67
CA GLN A 823 23.00 2.73 -23.30
C GLN A 823 23.07 3.99 -22.45
N VAL A 824 22.52 3.92 -21.25
CA VAL A 824 22.47 5.06 -20.36
C VAL A 824 23.01 4.66 -19.00
N GLY A 825 23.99 5.41 -18.51
CA GLY A 825 24.53 5.17 -17.19
C GLY A 825 23.54 5.51 -16.10
N ILE A 826 23.95 5.26 -14.87
CA ILE A 826 23.08 5.55 -13.73
C ILE A 826 22.98 7.05 -13.51
N ILE A 827 24.09 7.77 -13.64
CA ILE A 827 24.15 9.17 -13.22
C ILE A 827 23.17 10.01 -14.03
N HIS A 828 23.01 9.70 -15.31
CA HIS A 828 22.17 10.51 -16.20
C HIS A 828 20.77 9.92 -16.34
N GLN A 829 20.28 9.20 -15.34
CA GLN A 829 18.94 8.63 -15.37
C GLN A 829 18.03 9.46 -14.48
N HIS A 830 16.92 9.92 -15.06
CA HIS A 830 15.99 10.75 -14.32
C HIS A 830 14.57 10.29 -14.56
N ASN A 831 13.91 9.84 -13.50
CA ASN A 831 12.48 9.64 -13.50
C ASN A 831 11.96 10.13 -12.15
N ASN A 832 10.72 10.60 -12.15
CA ASN A 832 10.14 11.26 -10.99
C ASN A 832 11.01 12.45 -10.57
N SER A 833 11.71 13.04 -11.53
CA SER A 833 12.53 14.20 -11.22
C SER A 833 11.68 15.29 -10.61
N GLY A 834 12.33 16.20 -9.90
CA GLY A 834 11.60 17.26 -9.25
C GLY A 834 10.65 16.79 -8.18
N PHE A 835 10.70 15.52 -7.80
CA PHE A 835 9.93 15.04 -6.68
C PHE A 835 10.68 14.04 -5.81
N VAL A 836 11.95 13.76 -6.10
CA VAL A 836 12.76 12.86 -5.31
C VAL A 836 14.18 13.42 -5.25
N GLY A 837 15.04 12.73 -4.52
CA GLY A 837 16.41 13.16 -4.36
C GLY A 837 17.26 12.83 -5.57
N TYR A 838 18.55 13.14 -5.45
CA TYR A 838 19.52 12.82 -6.49
C TYR A 838 20.60 11.94 -5.86
N LEU A 839 20.50 10.64 -6.12
CA LEU A 839 21.50 9.64 -5.71
C LEU A 839 21.65 9.55 -4.20
N ALA A 840 20.59 9.78 -3.45
CA ALA A 840 20.66 9.73 -2.01
C ALA A 840 19.25 9.86 -1.45
N PRO A 841 19.05 9.51 -0.20
CA PRO A 841 17.78 9.80 0.48
C PRO A 841 17.80 11.14 1.21
N THR A 842 17.72 12.23 0.46
CA THR A 842 17.60 13.54 1.08
C THR A 842 16.52 14.38 0.42
N MET A 843 16.45 15.66 0.79
CA MET A 843 15.34 16.52 0.40
C MET A 843 15.22 16.58 -1.13
N ARG A 844 13.99 16.71 -1.59
CA ARG A 844 13.72 16.65 -3.02
C ARG A 844 14.41 17.78 -3.75
N GLU A 845 14.75 17.52 -5.02
CA GLU A 845 15.50 18.45 -5.82
C GLU A 845 15.07 18.32 -7.27
N GLY A 846 15.32 19.38 -8.04
CA GLY A 846 15.09 19.33 -9.47
C GLY A 846 13.71 19.79 -9.89
N GLN A 847 13.47 19.68 -11.19
CA GLN A 847 12.26 20.17 -11.83
C GLN A 847 11.56 19.04 -12.57
N ALA A 848 10.30 19.28 -12.90
CA ALA A 848 9.51 18.31 -13.65
C ALA A 848 10.03 18.19 -15.08
N TYR A 849 9.90 17.00 -15.63
CA TYR A 849 10.30 16.72 -17.01
C TYR A 849 9.88 15.29 -17.35
N PRO A 850 9.55 14.99 -18.61
CA PRO A 850 9.34 13.59 -18.98
C PRO A 850 10.56 12.74 -18.68
N ALA A 851 10.31 11.51 -18.24
CA ALA A 851 11.37 10.63 -17.79
C ALA A 851 12.08 9.98 -18.96
N ASN A 852 13.37 9.66 -18.76
CA ASN A 852 14.19 9.18 -19.85
C ASN A 852 14.18 7.67 -20.01
N VAL A 853 14.25 6.90 -18.93
CA VAL A 853 14.52 5.48 -19.15
C VAL A 853 14.14 4.52 -18.01
N PRO A 854 12.89 4.18 -17.84
CA PRO A 854 12.53 2.75 -17.83
C PRO A 854 11.98 2.39 -19.20
N TYR A 855 12.54 1.42 -19.90
CA TYR A 855 12.10 1.23 -21.28
C TYR A 855 10.70 0.64 -21.31
N PRO A 856 9.98 0.81 -22.40
CA PRO A 856 8.65 0.22 -22.50
C PRO A 856 8.72 -1.19 -23.06
N LEU A 857 7.78 -2.01 -22.61
CA LEU A 857 7.71 -3.40 -23.04
C LEU A 857 6.32 -3.83 -23.44
N ILE A 858 5.32 -2.95 -23.33
CA ILE A 858 3.94 -3.30 -23.60
C ILE A 858 3.33 -2.21 -24.48
N GLY A 859 2.21 -2.55 -25.11
CA GLY A 859 1.42 -1.59 -25.84
C GLY A 859 1.67 -1.61 -27.33
N LYS A 860 1.25 -0.52 -27.97
CA LYS A 860 1.46 -0.35 -29.40
C LYS A 860 2.89 -0.03 -29.74
N THR A 861 3.73 0.27 -28.76
CA THR A 861 5.08 0.77 -28.97
C THR A 861 6.09 -0.10 -28.25
N ALA A 862 5.98 -1.41 -28.42
CA ALA A 862 6.94 -2.31 -27.80
C ALA A 862 8.31 -2.15 -28.44
N VAL A 863 9.28 -2.84 -27.87
CA VAL A 863 10.65 -2.84 -28.37
C VAL A 863 11.09 -4.28 -28.55
N ASP A 864 12.12 -4.47 -29.37
CA ASP A 864 12.66 -5.81 -29.57
C ASP A 864 13.29 -6.31 -28.28
N SER A 865 12.89 -7.49 -27.84
CA SER A 865 13.23 -7.96 -26.52
C SER A 865 13.68 -9.41 -26.57
N ILE A 866 14.49 -9.80 -25.60
CA ILE A 866 14.88 -11.18 -25.43
C ILE A 866 14.45 -11.63 -24.05
N THR A 867 14.54 -12.94 -23.82
CA THR A 867 13.97 -13.55 -22.63
C THR A 867 15.03 -14.35 -21.88
N GLN A 868 15.00 -14.25 -20.56
CA GLN A 868 15.93 -14.93 -19.69
C GLN A 868 15.16 -15.75 -18.65
N LYS A 869 15.74 -16.88 -18.26
CA LYS A 869 15.10 -17.83 -17.37
C LYS A 869 16.10 -18.38 -16.36
N LYS A 870 15.65 -18.55 -15.12
CA LYS A 870 16.50 -19.09 -14.07
C LYS A 870 15.60 -19.62 -12.97
N PHE A 871 16.20 -20.12 -11.89
CA PHE A 871 15.42 -20.68 -10.79
C PHE A 871 16.13 -20.46 -9.47
N LEU A 872 15.47 -20.88 -8.41
CA LEU A 872 16.01 -20.75 -7.06
C LEU A 872 15.57 -21.94 -6.22
N CYS A 873 16.56 -22.62 -5.64
CA CYS A 873 16.37 -23.86 -4.92
C CYS A 873 17.18 -23.88 -3.65
N ASP A 874 17.15 -22.78 -2.90
CA ASP A 874 17.92 -22.70 -1.67
C ASP A 874 17.46 -23.76 -0.68
N ARG A 875 18.28 -23.97 0.35
CA ARG A 875 17.85 -24.70 1.55
C ARG A 875 17.62 -26.19 1.30
N THR A 876 18.52 -26.82 0.55
CA THR A 876 18.47 -28.27 0.37
C THR A 876 19.77 -28.73 -0.26
N LEU A 877 19.94 -30.05 -0.31
CA LEU A 877 21.13 -30.67 -0.86
C LEU A 877 20.78 -31.33 -2.18
N TRP A 878 21.70 -31.27 -3.13
CA TRP A 878 21.49 -32.06 -4.35
C TRP A 878 21.89 -33.49 -4.04
N ARG A 879 21.04 -34.44 -4.43
CA ARG A 879 21.26 -35.84 -4.13
C ARG A 879 21.55 -36.65 -5.39
N ILE A 880 22.23 -37.77 -5.19
CA ILE A 880 22.33 -38.83 -6.19
C ILE A 880 22.34 -40.16 -5.45
N PRO A 881 21.39 -41.05 -5.70
CA PRO A 881 21.40 -42.33 -5.02
C PRO A 881 22.31 -43.31 -5.72
N PHE A 882 22.89 -44.21 -4.94
CA PHE A 882 23.76 -45.26 -5.49
C PHE A 882 22.98 -46.52 -5.78
N SER A 883 21.87 -46.39 -6.49
CA SER A 883 21.02 -47.51 -6.84
C SER A 883 21.20 -47.87 -8.29
N SER A 884 20.65 -49.02 -8.67
CA SER A 884 20.74 -49.41 -10.07
C SER A 884 19.76 -48.62 -10.92
N ASN A 885 18.65 -48.18 -10.35
CA ASN A 885 17.66 -47.46 -11.12
C ASN A 885 17.08 -46.27 -10.34
N PHE A 886 17.89 -45.67 -9.48
CA PHE A 886 17.55 -44.45 -8.75
C PHE A 886 16.19 -44.56 -8.08
N MET A 887 16.07 -45.49 -7.14
CA MET A 887 14.88 -45.57 -6.32
C MET A 887 15.30 -45.81 -4.88
N SER A 888 14.36 -45.62 -3.97
CA SER A 888 14.63 -45.87 -2.56
C SER A 888 13.89 -47.17 -2.21
N MET A 889 14.56 -48.29 -2.45
CA MET A 889 13.99 -49.60 -2.26
C MET A 889 14.37 -50.23 -0.93
N GLY A 890 15.30 -49.66 -0.20
CA GLY A 890 15.66 -50.19 1.10
C GLY A 890 16.76 -49.36 1.72
N ALA A 891 16.82 -49.44 3.05
CA ALA A 891 17.80 -48.63 3.79
C ALA A 891 19.21 -48.90 3.30
N LEU A 892 19.50 -50.13 2.90
CA LEU A 892 20.73 -50.46 2.19
C LEU A 892 20.39 -50.68 0.73
N THR A 893 21.10 -49.99 -0.15
CA THR A 893 20.78 -50.12 -1.56
C THR A 893 21.23 -51.46 -2.08
N ASP A 894 20.75 -51.80 -3.28
CA ASP A 894 21.10 -53.10 -3.84
C ASP A 894 22.52 -53.11 -4.37
N LEU A 895 22.93 -52.05 -5.07
CA LEU A 895 24.24 -52.07 -5.71
C LEU A 895 25.37 -52.16 -4.68
N GLY A 896 25.15 -51.66 -3.47
CA GLY A 896 26.15 -51.83 -2.43
C GLY A 896 26.41 -53.27 -2.09
N GLN A 897 25.49 -54.17 -2.42
CA GLN A 897 25.67 -55.60 -2.23
C GLN A 897 26.21 -56.29 -3.46
N ASN A 898 26.26 -55.60 -4.60
CA ASN A 898 26.74 -56.23 -5.82
C ASN A 898 28.17 -56.72 -5.62
N LEU A 899 28.45 -57.92 -6.11
CA LEU A 899 29.68 -58.60 -5.74
C LEU A 899 30.90 -57.81 -6.20
N LEU A 900 30.89 -57.30 -7.42
CA LEU A 900 32.07 -56.64 -7.97
C LEU A 900 32.50 -55.45 -7.12
N TYR A 901 31.60 -54.87 -6.35
CA TYR A 901 31.96 -53.75 -5.51
C TYR A 901 32.34 -54.17 -4.11
N ALA A 902 32.22 -55.45 -3.77
CA ALA A 902 32.48 -55.92 -2.42
C ALA A 902 33.55 -57.00 -2.38
N ASN A 903 34.31 -57.16 -3.44
CA ASN A 903 35.33 -58.19 -3.46
C ASN A 903 36.63 -57.71 -4.09
N SER A 904 36.80 -56.40 -4.24
CA SER A 904 37.98 -55.86 -4.89
C SER A 904 38.08 -54.39 -4.51
N ALA A 905 38.93 -53.65 -5.21
CA ALA A 905 39.11 -52.22 -4.95
C ALA A 905 39.05 -51.46 -6.26
N HIS A 906 38.72 -50.17 -6.16
CA HIS A 906 38.60 -49.31 -7.32
C HIS A 906 38.87 -47.87 -6.90
N ALA A 907 39.35 -47.08 -7.86
CA ALA A 907 39.62 -45.67 -7.63
C ALA A 907 38.52 -44.83 -8.25
N LEU A 908 38.22 -43.70 -7.62
CA LEU A 908 37.11 -42.85 -8.02
C LEU A 908 37.63 -41.51 -8.55
N ASP A 909 36.98 -40.98 -9.57
CA ASP A 909 37.34 -39.66 -10.08
C ASP A 909 36.08 -38.88 -10.43
N MET A 910 35.92 -37.71 -9.82
CA MET A 910 34.79 -36.84 -10.06
C MET A 910 35.26 -35.52 -10.65
N THR A 911 34.41 -34.93 -11.48
CA THR A 911 34.68 -33.64 -12.09
C THR A 911 33.43 -32.77 -12.02
N PHE A 912 33.57 -31.55 -11.50
CA PHE A 912 32.48 -30.60 -11.41
C PHE A 912 32.78 -29.37 -12.24
N GLU A 913 31.79 -28.92 -13.01
CA GLU A 913 31.81 -27.60 -13.64
C GLU A 913 30.66 -26.80 -13.07
N VAL A 914 30.99 -25.62 -12.51
CA VAL A 914 30.04 -24.81 -11.76
C VAL A 914 30.11 -23.37 -12.26
N ASP A 915 29.11 -22.58 -11.86
CA ASP A 915 29.08 -21.17 -12.21
C ASP A 915 30.23 -20.43 -11.53
N PRO A 916 30.86 -19.48 -12.21
CA PRO A 916 32.00 -18.78 -11.61
C PRO A 916 31.56 -17.67 -10.68
N MET A 917 32.39 -17.44 -9.66
CA MET A 917 32.16 -16.38 -8.71
C MET A 917 33.51 -15.83 -8.27
N ASP A 918 33.48 -14.60 -7.73
CA ASP A 918 34.69 -13.82 -7.57
C ASP A 918 35.19 -13.76 -6.13
N GLU A 919 34.70 -14.62 -5.24
CA GLU A 919 35.28 -14.68 -3.90
C GLU A 919 35.38 -16.13 -3.49
N PRO A 920 36.47 -16.52 -2.82
CA PRO A 920 36.79 -17.94 -2.69
C PRO A 920 35.69 -18.73 -2.00
N THR A 921 35.45 -19.95 -2.47
CA THR A 921 34.35 -20.76 -1.96
C THR A 921 34.83 -22.18 -1.71
N LEU A 922 33.91 -23.04 -1.30
CA LEU A 922 34.20 -24.43 -1.01
C LEU A 922 33.16 -25.32 -1.67
N LEU A 923 33.60 -26.49 -2.12
CA LEU A 923 32.69 -27.55 -2.56
C LEU A 923 32.48 -28.51 -1.42
N TYR A 924 31.22 -28.78 -1.09
CA TYR A 924 30.86 -29.51 0.11
C TYR A 924 30.20 -30.82 -0.31
N VAL A 925 30.86 -31.94 0.01
CA VAL A 925 30.42 -33.26 -0.44
C VAL A 925 30.18 -34.14 0.79
N LEU A 926 29.01 -34.75 0.84
CA LEU A 926 28.64 -35.72 1.85
C LEU A 926 28.54 -37.09 1.18
N PHE A 927 29.46 -37.99 1.52
CA PHE A 927 29.34 -39.39 1.13
C PHE A 927 28.42 -40.06 2.14
N GLU A 928 27.25 -40.51 1.69
CA GLU A 928 26.34 -41.22 2.59
C GLU A 928 26.88 -42.61 2.84
N VAL A 929 27.00 -42.99 4.11
CA VAL A 929 27.49 -44.30 4.50
C VAL A 929 26.64 -44.82 5.66
N PHE A 930 27.03 -45.97 6.19
CA PHE A 930 26.41 -46.54 7.38
C PHE A 930 27.26 -46.22 8.60
N ASP A 931 26.61 -45.74 9.65
CA ASP A 931 27.27 -45.46 10.91
C ASP A 931 26.42 -46.05 12.04
N VAL A 932 26.99 -46.95 12.82
CA VAL A 932 26.26 -47.60 13.89
C VAL A 932 27.17 -47.79 15.09
N VAL A 933 26.53 -47.94 16.24
CA VAL A 933 27.24 -48.21 17.48
C VAL A 933 26.46 -49.23 18.28
N ARG A 934 27.17 -50.20 18.85
CA ARG A 934 26.57 -51.22 19.70
C ARG A 934 27.10 -51.08 21.11
N VAL A 935 26.19 -51.15 22.08
CA VAL A 935 26.48 -50.84 23.47
C VAL A 935 26.18 -52.07 24.33
N HIS A 936 27.05 -52.32 25.29
CA HIS A 936 26.99 -53.55 26.08
C HIS A 936 27.28 -53.20 27.54
N GLN A 937 26.47 -53.74 28.45
CA GLN A 937 26.61 -53.47 29.88
C GLN A 937 26.57 -54.78 30.65
N PRO A 938 27.66 -55.51 30.69
CA PRO A 938 27.63 -56.84 31.28
C PRO A 938 27.39 -56.83 32.78
N HIS A 939 28.20 -56.11 33.53
CA HIS A 939 28.08 -56.08 34.98
C HIS A 939 27.56 -54.72 35.42
N ARG A 940 27.55 -54.51 36.73
CA ARG A 940 27.14 -53.24 37.29
C ARG A 940 28.28 -52.24 37.19
N GLY A 941 27.98 -51.03 36.75
CA GLY A 941 28.98 -50.01 36.71
C GLY A 941 30.07 -50.23 35.69
N VAL A 942 29.80 -51.00 34.64
CA VAL A 942 30.73 -51.19 33.54
C VAL A 942 29.96 -51.03 32.24
N ILE A 943 30.53 -50.26 31.32
CA ILE A 943 29.90 -50.00 30.03
C ILE A 943 30.95 -50.11 28.95
N GLU A 944 30.62 -50.80 27.87
CA GLU A 944 31.52 -50.96 26.75
C GLU A 944 30.77 -50.71 25.46
N THR A 945 31.50 -50.32 24.43
CA THR A 945 30.89 -49.99 23.15
C THR A 945 31.78 -50.48 22.02
N VAL A 946 31.16 -50.64 20.86
CA VAL A 946 31.88 -50.84 19.61
C VAL A 946 31.26 -49.90 18.58
N TYR A 947 32.07 -49.01 18.04
CA TYR A 947 31.66 -48.14 16.94
C TYR A 947 32.08 -48.77 15.62
N LEU A 948 31.14 -48.89 14.69
CA LEU A 948 31.47 -49.29 13.34
C LEU A 948 30.87 -48.27 12.39
N ARG A 949 31.73 -47.69 11.55
CA ARG A 949 31.28 -46.83 10.48
C ARG A 949 31.88 -47.37 9.19
N THR A 950 31.04 -47.72 8.23
CA THR A 950 31.52 -48.30 6.99
C THR A 950 30.69 -47.81 5.82
N PRO A 951 31.29 -47.62 4.65
CA PRO A 951 32.71 -47.73 4.33
C PRO A 951 33.51 -46.56 4.89
N PHE A 952 34.69 -46.29 4.36
CA PHE A 952 35.51 -45.20 4.85
C PHE A 952 35.74 -45.36 6.35
N SER A 953 36.02 -46.60 6.76
CA SER A 953 36.07 -46.92 8.18
C SER A 953 37.24 -46.21 8.85
N ALA A 954 37.08 -46.00 10.16
CA ALA A 954 38.09 -45.29 10.95
C ALA A 954 39.46 -45.88 10.68
N GLY A 955 40.33 -45.05 10.11
CA GLY A 955 41.57 -45.53 9.57
C GLY A 955 41.64 -45.49 8.05
N ASN A 956 40.86 -44.64 7.40
CA ASN A 956 40.94 -44.48 5.96
C ASN A 956 40.61 -43.03 5.61
N ALA A 957 41.17 -42.57 4.49
CA ALA A 957 41.03 -41.18 4.06
C ALA A 957 39.59 -40.81 3.73
N PRO B 4 33.15 -59.81 16.82
CA PRO B 4 33.88 -59.63 15.55
C PRO B 4 34.52 -60.90 15.05
N SER B 5 34.38 -61.99 15.80
CA SER B 5 34.87 -63.31 15.39
C SER B 5 33.81 -64.39 15.48
N MET B 6 32.93 -64.33 16.48
CA MET B 6 31.87 -65.33 16.60
C MET B 6 30.77 -65.12 15.58
N MET B 7 30.44 -63.86 15.28
CA MET B 7 29.44 -63.50 14.29
C MET B 7 30.03 -62.40 13.44
N PRO B 8 29.73 -62.37 12.14
CA PRO B 8 30.44 -61.45 11.25
C PRO B 8 30.02 -60.00 11.46
N GLN B 9 30.76 -59.11 10.78
CA GLN B 9 30.64 -57.68 11.00
C GLN B 9 29.22 -57.19 10.76
N TRP B 10 28.72 -57.31 9.54
CA TRP B 10 27.43 -56.70 9.21
C TRP B 10 26.34 -57.25 10.12
N SER B 11 26.27 -58.56 10.26
CA SER B 11 25.19 -59.15 11.03
C SER B 11 25.36 -58.90 12.52
N TYR B 12 26.47 -58.30 12.94
CA TYR B 12 26.67 -57.99 14.35
C TYR B 12 25.84 -56.79 14.77
N MET B 13 26.09 -55.64 14.15
CA MET B 13 25.41 -54.41 14.53
C MET B 13 24.05 -54.28 13.88
N HIS B 14 23.47 -55.39 13.44
CA HIS B 14 22.13 -55.40 12.88
C HIS B 14 22.05 -54.51 11.64
N ILE B 15 23.11 -54.50 10.84
CA ILE B 15 23.02 -53.88 9.53
C ILE B 15 22.13 -54.71 8.62
N SER B 16 22.18 -56.03 8.74
CA SER B 16 21.30 -56.91 8.00
C SER B 16 21.07 -58.17 8.82
N GLY B 17 20.00 -58.88 8.50
CA GLY B 17 19.69 -60.07 9.26
C GLY B 17 18.26 -60.11 9.77
N GLN B 18 18.09 -60.10 11.08
CA GLN B 18 16.78 -60.31 11.67
C GLN B 18 16.42 -59.18 12.60
N ASP B 19 15.13 -58.82 12.61
CA ASP B 19 14.65 -57.70 13.39
C ASP B 19 14.65 -58.03 14.87
N ALA B 20 14.44 -57.02 15.69
CA ALA B 20 14.42 -57.22 17.14
C ALA B 20 13.28 -58.09 17.60
N SER B 21 12.29 -58.35 16.74
CA SER B 21 11.21 -59.25 17.11
C SER B 21 11.68 -60.68 17.23
N GLU B 22 12.93 -60.97 16.90
CA GLU B 22 13.43 -62.32 16.91
C GLU B 22 14.60 -62.52 17.86
N TYR B 23 15.63 -61.68 17.80
CA TYR B 23 16.88 -61.97 18.47
C TYR B 23 16.90 -61.55 19.94
N LEU B 24 15.75 -61.38 20.56
CA LEU B 24 15.69 -60.98 21.95
C LEU B 24 15.13 -62.11 22.80
N SER B 25 15.63 -62.20 24.03
CA SER B 25 15.15 -63.23 24.95
C SER B 25 13.66 -63.05 25.17
N PRO B 26 12.84 -63.95 24.66
CA PRO B 26 11.40 -63.67 24.50
C PRO B 26 10.71 -63.11 25.73
N GLY B 27 11.33 -63.26 26.89
CA GLY B 27 10.87 -62.50 28.03
C GLY B 27 10.88 -61.01 27.78
N LEU B 28 11.95 -60.52 27.15
CA LEU B 28 12.03 -59.09 26.88
C LEU B 28 10.98 -58.65 25.87
N VAL B 29 10.70 -59.47 24.86
CA VAL B 29 9.63 -59.13 23.94
C VAL B 29 8.30 -59.07 24.67
N GLN B 30 8.06 -60.04 25.55
CA GLN B 30 6.86 -60.02 26.38
C GLN B 30 6.76 -58.70 27.13
N PHE B 31 7.87 -58.29 27.73
CA PHE B 31 7.84 -57.06 28.53
C PHE B 31 7.57 -55.85 27.65
N ALA B 32 8.29 -55.73 26.54
CA ALA B 32 8.10 -54.57 25.68
C ALA B 32 6.69 -54.49 25.16
N ARG B 33 6.02 -55.62 24.99
CA ARG B 33 4.61 -55.57 24.64
C ARG B 33 3.71 -55.38 25.85
N ALA B 34 4.26 -55.44 27.06
CA ALA B 34 3.43 -55.29 28.24
C ALA B 34 3.26 -53.84 28.69
N THR B 35 4.27 -52.99 28.52
CA THR B 35 4.24 -51.62 28.99
C THR B 35 4.46 -50.64 27.85
N GLU B 36 3.84 -50.89 26.71
CA GLU B 36 4.06 -50.03 25.55
C GLU B 36 3.47 -48.64 25.77
N THR B 37 2.31 -48.56 26.41
CA THR B 37 1.58 -47.30 26.41
C THR B 37 2.22 -46.24 27.30
N TYR B 38 2.94 -46.64 28.35
CA TYR B 38 3.47 -45.64 29.28
C TYR B 38 4.98 -45.70 29.47
N PHE B 39 5.69 -46.54 28.73
CA PHE B 39 7.15 -46.52 28.78
C PHE B 39 7.64 -47.10 27.46
N SER B 40 8.01 -46.23 26.53
CA SER B 40 8.34 -46.67 25.18
C SER B 40 9.73 -47.28 25.16
N LEU B 41 9.89 -48.33 24.38
CA LEU B 41 11.18 -48.96 24.21
C LEU B 41 11.59 -49.18 22.77
N ASN B 42 10.63 -49.17 21.83
CA ASN B 42 10.89 -49.66 20.49
C ASN B 42 11.94 -48.84 19.76
N ASN B 43 12.27 -47.64 20.23
CA ASN B 43 13.27 -46.83 19.57
C ASN B 43 14.68 -47.12 20.02
N LYS B 44 14.90 -48.24 20.71
CA LYS B 44 16.22 -48.59 21.22
C LYS B 44 16.83 -49.81 20.52
N PHE B 45 16.29 -50.21 19.38
CA PHE B 45 16.81 -51.38 18.68
C PHE B 45 16.62 -51.20 17.19
N ARG B 46 17.67 -51.46 16.40
CA ARG B 46 17.54 -51.40 14.96
C ARG B 46 16.69 -52.55 14.46
N ASN B 47 16.27 -52.45 13.21
CA ASN B 47 15.45 -53.48 12.56
C ASN B 47 15.78 -53.50 11.09
N PRO B 48 16.96 -53.98 10.73
CA PRO B 48 17.52 -53.69 9.41
C PRO B 48 16.61 -54.11 8.27
N THR B 49 16.61 -53.30 7.22
CA THR B 49 15.89 -53.57 5.99
C THR B 49 16.89 -53.66 4.86
N VAL B 50 16.48 -54.32 3.77
CA VAL B 50 17.32 -54.49 2.60
C VAL B 50 16.43 -54.76 1.40
N ALA B 51 16.77 -54.16 0.31
CA ALA B 51 16.02 -54.28 -0.92
C ALA B 51 16.46 -55.51 -1.70
N PRO B 52 15.60 -56.03 -2.57
CA PRO B 52 15.98 -57.23 -3.33
C PRO B 52 17.22 -56.97 -4.16
N THR B 53 17.93 -58.04 -4.48
CA THR B 53 19.17 -57.91 -5.22
C THR B 53 19.18 -58.69 -6.53
N HIS B 54 18.10 -59.38 -6.89
CA HIS B 54 18.03 -59.97 -8.21
C HIS B 54 16.57 -60.13 -8.61
N ASP B 55 16.36 -60.20 -9.92
CA ASP B 55 15.03 -60.29 -10.53
C ASP B 55 14.14 -59.10 -10.15
N VAL B 56 14.70 -57.90 -10.25
CA VAL B 56 13.89 -56.69 -10.25
C VAL B 56 14.25 -55.84 -11.46
N THR B 57 15.53 -55.51 -11.59
CA THR B 57 16.01 -54.63 -12.63
C THR B 57 16.83 -55.42 -13.63
N THR B 58 17.18 -54.76 -14.72
CA THR B 58 18.10 -55.36 -15.67
C THR B 58 19.50 -54.82 -15.40
N ASP B 59 20.45 -55.26 -16.22
CA ASP B 59 21.78 -54.66 -16.25
C ASP B 59 22.30 -54.60 -17.67
N ARG B 60 21.41 -54.50 -18.64
CA ARG B 60 21.79 -54.41 -20.04
C ARG B 60 21.69 -52.97 -20.52
N SER B 61 21.88 -52.76 -21.82
CA SER B 61 21.85 -51.44 -22.41
C SER B 61 20.41 -51.04 -22.71
N GLN B 62 19.72 -50.52 -21.70
CA GLN B 62 18.39 -49.97 -21.89
C GLN B 62 18.41 -48.46 -21.75
N ARG B 63 17.35 -47.83 -22.23
CA ARG B 63 17.21 -46.38 -22.20
C ARG B 63 16.08 -46.00 -21.25
N LEU B 64 16.37 -45.09 -20.32
CA LEU B 64 15.34 -44.67 -19.38
C LEU B 64 14.30 -43.77 -20.02
N THR B 65 14.68 -43.03 -21.05
CA THR B 65 13.77 -42.07 -21.68
C THR B 65 13.99 -42.07 -23.18
N LEU B 66 12.91 -41.89 -23.93
CA LEU B 66 12.99 -41.79 -25.39
C LEU B 66 12.33 -40.52 -25.87
N ARG B 67 12.82 -40.00 -26.98
CA ARG B 67 12.25 -38.83 -27.64
C ARG B 67 12.01 -39.16 -29.10
N PHE B 68 10.76 -39.08 -29.53
CA PHE B 68 10.35 -39.41 -30.87
C PHE B 68 10.05 -38.13 -31.65
N ILE B 69 10.61 -38.06 -32.86
CA ILE B 69 10.28 -37.05 -33.86
C ILE B 69 8.94 -37.43 -34.48
N PRO B 70 8.08 -36.49 -34.83
CA PRO B 70 6.92 -36.82 -35.65
C PRO B 70 7.36 -37.29 -37.02
N VAL B 71 6.56 -38.19 -37.59
CA VAL B 71 6.82 -38.69 -38.94
C VAL B 71 5.93 -38.03 -39.98
N ASP B 72 4.77 -37.54 -39.61
CA ASP B 72 4.00 -36.70 -40.51
C ASP B 72 3.25 -35.65 -39.71
N ARG B 73 2.99 -34.54 -40.38
CA ARG B 73 2.60 -33.30 -39.72
C ARG B 73 1.83 -32.48 -40.72
N GLU B 74 0.53 -32.31 -40.50
CA GLU B 74 -0.31 -31.57 -41.42
C GLU B 74 -0.75 -30.25 -40.79
N ASP B 75 -0.84 -29.22 -41.62
CA ASP B 75 -1.06 -27.86 -41.17
C ASP B 75 -2.24 -27.27 -41.91
N THR B 76 -3.08 -26.53 -41.18
CA THR B 76 -4.21 -25.82 -41.75
C THR B 76 -4.38 -24.51 -41.01
N ALA B 77 -5.40 -23.75 -41.41
CA ALA B 77 -5.59 -22.42 -40.85
C ALA B 77 -5.94 -22.49 -39.36
N TYR B 78 -6.83 -23.41 -39.00
CA TYR B 78 -7.37 -23.44 -37.65
C TYR B 78 -6.83 -24.56 -36.77
N SER B 79 -6.47 -25.70 -37.35
CA SER B 79 -6.02 -26.84 -36.59
C SER B 79 -4.67 -27.31 -37.10
N TYR B 80 -4.08 -28.26 -36.38
CA TYR B 80 -2.70 -28.63 -36.65
C TYR B 80 -2.45 -30.03 -36.10
N LYS B 81 -2.11 -30.97 -36.98
CA LYS B 81 -2.20 -32.40 -36.67
C LYS B 81 -0.84 -33.09 -36.76
N ALA B 82 -0.54 -33.93 -35.77
CA ALA B 82 0.74 -34.62 -35.72
C ALA B 82 0.53 -36.12 -35.54
N ARG B 83 1.43 -36.91 -36.16
CA ARG B 83 1.34 -38.37 -36.09
C ARG B 83 2.69 -38.97 -35.77
N PHE B 84 2.71 -39.98 -34.89
CA PHE B 84 3.94 -40.64 -34.49
C PHE B 84 3.80 -42.15 -34.59
N THR B 85 4.94 -42.81 -34.82
CA THR B 85 5.07 -44.26 -34.70
C THR B 85 5.70 -44.55 -33.34
N LEU B 86 4.90 -45.05 -32.41
CA LEU B 86 5.39 -45.36 -31.08
C LEU B 86 5.81 -46.82 -31.05
N ALA B 87 7.04 -47.07 -30.62
CA ALA B 87 7.62 -48.41 -30.72
C ALA B 87 8.01 -48.87 -29.32
N VAL B 88 7.26 -49.83 -28.78
CA VAL B 88 7.60 -50.45 -27.51
C VAL B 88 8.26 -51.78 -27.86
N GLY B 89 9.59 -51.81 -27.82
CA GLY B 89 10.32 -52.99 -28.19
C GLY B 89 10.05 -54.13 -27.23
N ASP B 90 10.61 -55.30 -27.51
CA ASP B 90 10.35 -56.46 -26.68
C ASP B 90 10.88 -56.24 -25.26
N ASN B 91 10.27 -56.95 -24.32
CA ASN B 91 10.76 -57.08 -22.95
C ASN B 91 10.68 -55.79 -22.17
N ARG B 92 9.66 -54.97 -22.41
CA ARG B 92 9.41 -53.80 -21.58
C ARG B 92 7.91 -53.67 -21.36
N VAL B 93 7.53 -52.65 -20.61
CA VAL B 93 6.12 -52.26 -20.48
C VAL B 93 6.02 -50.75 -20.40
N LEU B 94 5.52 -50.12 -21.44
CA LEU B 94 5.29 -48.69 -21.41
C LEU B 94 4.02 -48.41 -20.63
N ASP B 95 4.10 -47.48 -19.68
CA ASP B 95 2.94 -47.01 -18.96
C ASP B 95 2.60 -45.63 -19.49
N MET B 96 1.41 -45.47 -20.06
CA MET B 96 1.07 -44.22 -20.72
C MET B 96 0.72 -43.12 -19.73
N ALA B 97 0.90 -43.33 -18.44
CA ALA B 97 0.84 -42.21 -17.53
C ALA B 97 2.02 -41.28 -17.74
N SER B 98 3.16 -41.83 -18.14
CA SER B 98 4.40 -41.07 -18.23
C SER B 98 4.78 -40.74 -19.66
N THR B 99 3.79 -40.42 -20.48
CA THR B 99 4.05 -39.77 -21.76
C THR B 99 3.38 -38.40 -21.75
N TYR B 100 3.94 -37.48 -22.52
CA TYR B 100 3.38 -36.15 -22.62
C TYR B 100 3.87 -35.50 -23.90
N PHE B 101 3.17 -34.44 -24.31
CA PHE B 101 3.49 -33.75 -25.54
C PHE B 101 4.34 -32.52 -25.24
N ASP B 102 5.34 -32.29 -26.08
CA ASP B 102 6.33 -31.25 -25.80
C ASP B 102 6.38 -30.28 -26.98
N ILE B 103 5.98 -29.03 -26.73
CA ILE B 103 5.74 -28.06 -27.78
C ILE B 103 6.66 -26.86 -27.63
N ARG B 104 7.14 -26.34 -28.75
CA ARG B 104 7.94 -25.12 -28.78
C ARG B 104 7.33 -24.15 -29.78
N GLY B 105 7.29 -22.87 -29.42
CA GLY B 105 6.66 -21.94 -30.32
C GLY B 105 6.92 -20.49 -29.95
N VAL B 106 6.18 -19.60 -30.62
CA VAL B 106 6.31 -18.16 -30.45
C VAL B 106 4.92 -17.55 -30.26
N LEU B 107 4.76 -16.79 -29.20
CA LEU B 107 3.50 -16.14 -28.86
C LEU B 107 3.69 -14.63 -28.87
N ASP B 108 2.69 -13.92 -29.37
CA ASP B 108 2.61 -12.46 -29.30
C ASP B 108 1.27 -12.10 -28.69
N ARG B 109 1.30 -11.33 -27.60
CA ARG B 109 0.11 -11.02 -26.84
C ARG B 109 -0.60 -9.75 -27.29
N GLY B 110 -0.14 -9.11 -28.36
CA GLY B 110 -0.84 -7.98 -28.92
C GLY B 110 -0.47 -6.65 -28.29
N PRO B 111 -1.33 -5.65 -28.48
CA PRO B 111 -1.05 -4.33 -27.90
C PRO B 111 -1.78 -4.08 -26.60
N THR B 112 -2.72 -4.95 -26.23
CA THR B 112 -3.67 -4.65 -25.19
C THR B 112 -3.31 -5.29 -23.85
N PHE B 113 -2.06 -5.63 -23.65
CA PHE B 113 -1.66 -6.39 -22.48
C PHE B 113 -0.94 -5.48 -21.51
N LYS B 114 -1.56 -5.20 -20.37
CA LYS B 114 -0.92 -4.44 -19.30
C LYS B 114 -0.96 -5.23 -18.00
N PRO B 115 0.18 -5.69 -17.50
CA PRO B 115 0.21 -6.58 -16.33
C PRO B 115 0.32 -5.92 -14.97
N TYR B 116 0.15 -4.62 -14.82
CA TYR B 116 0.32 -4.02 -13.50
C TYR B 116 -0.71 -2.94 -13.24
N SER B 117 -1.05 -2.77 -11.98
CA SER B 117 -1.97 -1.73 -11.54
C SER B 117 -1.20 -0.44 -11.32
N GLY B 118 -1.70 0.64 -11.87
CA GLY B 118 -0.96 1.88 -11.85
C GLY B 118 -0.07 2.02 -13.06
N THR B 119 0.70 3.10 -13.07
CA THR B 119 1.64 3.35 -14.14
C THR B 119 3.05 3.42 -13.59
N ALA B 120 3.99 3.70 -14.47
CA ALA B 120 5.40 3.56 -14.14
C ALA B 120 6.18 4.86 -14.12
N TYR B 121 5.80 5.84 -14.94
CA TYR B 121 6.62 7.01 -15.17
C TYR B 121 6.11 8.18 -14.34
N ASN B 122 7.01 8.81 -13.59
CA ASN B 122 6.71 10.04 -12.85
C ASN B 122 5.42 9.90 -12.06
N ALA B 123 5.24 8.74 -11.44
CA ALA B 123 3.97 8.46 -10.79
C ALA B 123 3.76 9.28 -9.54
N LEU B 124 4.82 9.87 -8.99
CA LEU B 124 4.65 10.68 -7.79
C LEU B 124 4.08 12.06 -8.11
N ALA B 125 4.32 12.57 -9.32
CA ALA B 125 3.92 13.93 -9.64
C ALA B 125 2.41 14.06 -9.63
N PRO B 126 1.89 15.21 -9.23
CA PRO B 126 0.44 15.37 -9.09
C PRO B 126 -0.27 15.12 -10.40
N LYS B 127 -1.49 14.62 -10.29
CA LYS B 127 -2.24 14.20 -11.46
C LYS B 127 -2.85 15.34 -12.24
N GLY B 128 -2.41 16.58 -11.99
CA GLY B 128 -2.86 17.70 -12.78
C GLY B 128 -1.74 18.65 -13.10
N ALA B 129 -0.53 18.33 -12.67
CA ALA B 129 0.60 19.22 -12.86
C ALA B 129 1.20 19.03 -14.25
N PRO B 130 1.33 20.08 -15.05
CA PRO B 130 1.95 19.96 -16.36
C PRO B 130 3.43 20.30 -16.32
N ASN B 131 4.13 19.83 -17.33
CA ASN B 131 5.55 20.08 -17.43
C ASN B 131 5.83 21.46 -17.99
N SER B 132 7.11 21.84 -17.94
CA SER B 132 7.54 23.10 -18.52
C SER B 132 7.22 23.13 -20.00
N CYS B 133 6.62 24.22 -20.47
CA CYS B 133 6.20 24.30 -21.86
C CYS B 133 5.94 25.74 -22.22
N GLU B 134 5.55 25.95 -23.48
CA GLU B 134 5.23 27.28 -23.98
C GLU B 134 4.29 27.14 -25.15
N TRP B 135 3.32 28.04 -25.23
CA TRP B 135 2.29 27.95 -26.25
C TRP B 135 2.05 29.32 -26.86
N ASP B 136 1.15 29.38 -27.84
CA ASP B 136 0.94 30.58 -28.63
C ASP B 136 -0.42 31.19 -28.36
N GLU B 137 -0.45 32.52 -28.31
CA GLU B 137 -1.67 33.28 -28.11
C GLU B 137 -1.84 34.29 -29.22
N ASP B 138 -3.09 34.51 -29.61
CA ASP B 138 -3.41 35.49 -30.62
C ASP B 138 -2.89 36.85 -30.20
N ASP B 139 -2.28 37.56 -31.13
CA ASP B 139 -1.68 38.85 -30.83
C ASP B 139 -2.72 39.81 -30.28
N THR B 140 -2.33 40.55 -29.25
CA THR B 140 -3.25 41.41 -28.53
C THR B 140 -2.60 42.72 -28.13
N ARG B 163 0.17 41.09 -40.26
CA ARG B 163 -1.11 40.95 -39.57
C ARG B 163 -0.94 41.18 -38.08
N ASN B 164 -1.53 40.29 -37.29
CA ASN B 164 -1.40 40.32 -35.84
C ASN B 164 -0.33 39.32 -35.43
N GLY B 165 0.72 39.81 -34.78
CA GLY B 165 1.90 39.04 -34.48
C GLY B 165 1.77 38.15 -33.25
N LYS B 166 1.13 36.99 -33.42
CA LYS B 166 0.91 36.03 -32.34
C LYS B 166 2.11 35.95 -31.41
N LYS B 167 1.84 36.03 -30.12
CA LYS B 167 2.89 36.00 -29.12
C LYS B 167 2.95 34.61 -28.48
N THR B 168 3.96 34.40 -27.66
CA THR B 168 4.20 33.09 -27.06
C THR B 168 4.41 33.23 -25.57
N HIS B 169 3.69 32.43 -24.79
CA HIS B 169 3.75 32.46 -23.34
C HIS B 169 4.45 31.20 -22.83
N VAL B 170 5.14 31.35 -21.70
CA VAL B 170 6.02 30.32 -21.16
C VAL B 170 5.62 30.01 -19.73
N TYR B 171 5.51 28.72 -19.42
CA TYR B 171 5.26 28.26 -18.05
C TYR B 171 6.32 27.22 -17.71
N ALA B 172 7.21 27.55 -16.78
CA ALA B 172 8.34 26.69 -16.47
C ALA B 172 9.02 27.21 -15.22
N GLN B 173 10.13 26.58 -14.86
CA GLN B 173 10.97 27.09 -13.79
C GLN B 173 12.40 26.60 -14.00
N ALA B 174 13.34 27.31 -13.39
CA ALA B 174 14.77 27.06 -13.57
C ALA B 174 15.38 26.65 -12.25
N PRO B 175 15.61 25.37 -12.01
CA PRO B 175 16.09 24.94 -10.71
C PRO B 175 17.59 25.08 -10.51
N PHE B 176 18.38 24.87 -11.56
CA PHE B 176 19.82 24.82 -11.37
C PHE B 176 20.38 26.21 -11.10
N ALA B 177 21.45 26.25 -10.31
CA ALA B 177 22.12 27.50 -9.95
C ALA B 177 23.53 27.51 -10.52
N GLY B 178 23.89 28.60 -11.18
CA GLY B 178 25.18 28.68 -11.83
C GLY B 178 26.05 29.83 -11.36
N GLU B 179 26.86 30.38 -12.28
CA GLU B 179 27.78 31.47 -11.94
C GLU B 179 27.43 32.76 -12.65
N ALA B 180 27.39 32.76 -13.98
CA ALA B 180 27.18 33.98 -14.73
C ALA B 180 26.69 33.62 -16.12
N ILE B 181 26.15 34.62 -16.81
CA ILE B 181 25.51 34.43 -18.10
C ILE B 181 26.14 35.38 -19.10
N ASN B 182 26.51 34.85 -20.26
CA ASN B 182 26.88 35.70 -21.38
C ASN B 182 26.29 35.10 -22.64
N LYS B 183 26.66 35.67 -23.79
CA LYS B 183 26.05 35.26 -25.04
C LYS B 183 26.39 33.82 -25.41
N ASN B 184 27.39 33.23 -24.76
CA ASN B 184 27.64 31.80 -24.96
C ASN B 184 26.63 30.95 -24.21
N GLY B 185 26.24 31.38 -23.03
CA GLY B 185 25.34 30.60 -22.20
C GLY B 185 25.63 30.86 -20.74
N LEU B 186 25.40 29.83 -19.94
CA LEU B 186 25.59 29.89 -18.49
C LEU B 186 26.88 29.15 -18.14
N GLN B 187 27.74 29.76 -17.35
CA GLN B 187 29.02 29.18 -17.00
C GLN B 187 28.91 28.43 -15.67
N ILE B 188 29.41 27.20 -15.64
CA ILE B 188 29.34 26.38 -14.43
C ILE B 188 30.69 25.91 -13.95
N GLY B 189 31.75 26.01 -14.76
CA GLY B 189 33.05 25.51 -14.39
C GLY B 189 34.09 26.62 -14.32
N THR B 190 35.27 26.23 -13.83
CA THR B 190 36.43 27.13 -13.85
C THR B 190 37.68 26.26 -13.97
N ASN B 191 38.14 26.06 -15.20
CA ASN B 191 39.40 25.33 -15.41
C ASN B 191 40.53 26.27 -15.02
N GLY B 192 41.07 26.07 -13.82
CA GLY B 192 42.07 26.99 -13.30
C GLY B 192 43.36 27.01 -14.09
N ALA B 193 43.77 25.86 -14.65
CA ALA B 193 45.01 25.76 -15.40
C ALA B 193 44.78 25.82 -16.91
N ALA B 194 43.81 26.63 -17.33
CA ALA B 194 43.53 26.75 -18.75
C ALA B 194 44.59 27.61 -19.43
N THR B 195 44.68 27.44 -20.76
CA THR B 195 45.68 28.16 -21.53
C THR B 195 45.40 29.66 -21.57
N GLU B 196 44.13 30.03 -21.60
CA GLU B 196 43.75 31.45 -21.54
C GLU B 196 43.50 31.89 -20.10
N GLY B 197 44.46 31.61 -19.23
CA GLY B 197 44.27 31.90 -17.82
C GLY B 197 43.19 31.01 -17.23
N ASN B 198 42.22 31.65 -16.57
CA ASN B 198 41.08 30.94 -15.99
C ASN B 198 39.90 30.98 -16.96
N LYS B 199 40.02 30.18 -18.01
CA LYS B 199 38.95 30.11 -19.00
C LYS B 199 37.71 29.51 -18.38
N GLU B 200 36.55 29.94 -18.87
CA GLU B 200 35.29 29.47 -18.32
C GLU B 200 34.85 28.20 -19.01
N ILE B 201 33.92 27.50 -18.37
CA ILE B 201 33.38 26.24 -18.87
C ILE B 201 31.87 26.36 -18.89
N TYR B 202 31.30 26.44 -20.08
CA TYR B 202 29.86 26.56 -20.24
C TYR B 202 29.23 25.18 -20.34
N ALA B 203 28.00 25.10 -19.85
CA ALA B 203 27.29 23.82 -19.85
C ALA B 203 27.04 23.35 -21.28
N ASP B 204 27.17 22.04 -21.49
CA ASP B 204 26.86 21.48 -22.79
C ASP B 204 25.37 21.56 -23.05
N LYS B 205 25.01 21.92 -24.27
CA LYS B 205 23.60 22.14 -24.59
C LYS B 205 22.86 20.85 -24.87
N THR B 206 23.54 19.71 -24.93
CA THR B 206 22.86 18.48 -25.29
C THR B 206 22.25 17.76 -24.10
N TYR B 207 22.92 17.77 -22.95
CA TYR B 207 22.32 17.15 -21.79
C TYR B 207 22.35 18.05 -20.55
N GLN B 208 23.36 18.90 -20.43
CA GLN B 208 23.34 19.86 -19.35
C GLN B 208 22.23 20.88 -19.60
N PRO B 209 21.62 21.43 -18.54
CA PRO B 209 21.80 20.98 -17.17
C PRO B 209 20.90 19.78 -16.93
N GLU B 210 21.23 18.96 -15.96
CA GLU B 210 20.40 17.78 -15.69
C GLU B 210 19.03 18.24 -15.22
N PRO B 211 17.96 17.62 -15.68
CA PRO B 211 16.62 18.03 -15.22
C PRO B 211 16.45 17.90 -13.72
N GLN B 212 17.06 16.90 -13.10
CA GLN B 212 16.73 16.59 -11.72
C GLN B 212 17.69 17.17 -10.69
N ILE B 213 18.81 17.75 -11.10
CA ILE B 213 19.70 18.36 -10.13
C ILE B 213 19.05 19.62 -9.57
N GLY B 214 19.08 19.77 -8.25
CA GLY B 214 18.45 20.91 -7.62
C GLY B 214 19.30 21.62 -6.59
N GLU B 215 18.70 21.94 -5.44
CA GLU B 215 19.40 22.58 -4.34
C GLU B 215 19.73 21.55 -3.26
N SER B 216 20.42 22.02 -2.22
CA SER B 216 20.80 21.14 -1.13
C SER B 216 19.93 21.30 0.10
N GLN B 217 19.87 22.49 0.67
CA GLN B 217 19.27 22.71 1.97
C GLN B 217 17.93 23.42 1.84
N TRP B 218 17.11 23.28 2.86
CA TRP B 218 15.77 23.85 2.78
C TRP B 218 15.79 25.35 2.65
N ASN B 219 16.79 26.02 3.23
CA ASN B 219 16.86 27.47 3.04
C ASN B 219 17.57 27.82 1.73
N GLU B 220 18.88 27.56 1.65
CA GLU B 220 19.66 27.78 0.43
C GLU B 220 19.31 29.09 -0.27
N ALA B 221 19.64 30.22 0.35
CA ALA B 221 19.24 31.52 -0.17
C ALA B 221 19.60 31.64 -1.65
N GLU B 222 18.80 32.44 -2.36
CA GLU B 222 18.84 32.46 -3.83
C GLU B 222 20.18 32.92 -4.35
N SER B 223 20.58 32.35 -5.48
CA SER B 223 21.83 32.72 -6.15
C SER B 223 21.61 33.96 -7.01
N SER B 224 22.57 34.25 -7.87
CA SER B 224 22.41 35.36 -8.80
C SER B 224 21.60 34.94 -10.02
N VAL B 225 22.05 33.90 -10.71
CA VAL B 225 21.47 33.46 -11.96
C VAL B 225 21.03 32.00 -11.82
N ALA B 226 20.36 31.52 -12.85
CA ALA B 226 19.82 30.16 -12.81
C ALA B 226 19.46 29.72 -14.22
N GLY B 227 19.30 28.40 -14.39
CA GLY B 227 18.98 27.85 -15.68
C GLY B 227 18.02 26.68 -15.54
N GLY B 228 17.45 26.28 -16.68
CA GLY B 228 16.49 25.19 -16.67
C GLY B 228 16.26 24.63 -18.06
N ARG B 229 15.34 23.66 -18.13
CA ARG B 229 14.96 23.05 -19.40
C ARG B 229 13.49 23.28 -19.69
N VAL B 230 13.16 23.41 -20.97
CA VAL B 230 11.81 23.75 -21.39
C VAL B 230 11.55 23.15 -22.78
N LEU B 231 10.36 22.59 -22.95
CA LEU B 231 9.93 22.06 -24.23
C LEU B 231 9.73 23.18 -25.24
N LYS B 232 9.34 22.82 -26.46
CA LYS B 232 9.01 23.81 -27.47
C LYS B 232 7.52 23.78 -27.78
N LYS B 233 7.06 24.81 -28.48
CA LYS B 233 5.66 24.93 -28.81
C LYS B 233 5.20 23.90 -29.82
N THR B 234 6.12 23.23 -30.49
CA THR B 234 5.72 22.31 -31.56
C THR B 234 5.03 21.06 -31.00
N THR B 235 5.64 20.43 -29.99
CA THR B 235 5.14 19.16 -29.50
C THR B 235 3.85 19.36 -28.70
N PRO B 236 3.03 18.31 -28.57
CA PRO B 236 1.83 18.41 -27.74
C PRO B 236 2.20 18.65 -26.28
N MET B 237 1.17 18.86 -25.47
CA MET B 237 1.32 19.00 -24.03
C MET B 237 0.61 17.85 -23.35
N LYS B 238 1.30 17.19 -22.42
CA LYS B 238 0.73 16.14 -21.61
C LYS B 238 1.16 16.34 -20.17
N PRO B 239 0.33 15.96 -19.21
CA PRO B 239 0.72 16.09 -17.80
C PRO B 239 1.93 15.23 -17.49
N CYS B 240 2.66 15.63 -16.44
CA CYS B 240 3.87 14.91 -16.08
C CYS B 240 3.59 13.48 -15.68
N TYR B 241 2.37 13.20 -15.22
CA TYR B 241 1.99 11.86 -14.78
C TYR B 241 1.78 10.98 -15.99
N GLY B 242 2.79 10.19 -16.33
CA GLY B 242 2.68 9.29 -17.46
C GLY B 242 3.26 9.89 -18.72
N SER B 243 4.51 10.34 -18.65
CA SER B 243 5.15 11.00 -19.78
C SER B 243 6.50 10.35 -20.03
N TYR B 244 6.74 9.94 -21.27
CA TYR B 244 7.99 9.27 -21.61
C TYR B 244 8.51 9.79 -22.94
N ALA B 245 9.83 9.75 -23.09
CA ALA B 245 10.47 10.16 -24.35
C ALA B 245 11.85 9.52 -24.41
N ARG B 246 12.06 8.66 -25.38
CA ARG B 246 13.27 7.83 -25.37
C ARG B 246 14.51 8.71 -25.49
N PRO B 247 15.60 8.34 -24.85
CA PRO B 247 16.83 9.12 -24.96
C PRO B 247 17.45 8.97 -26.33
N THR B 248 18.35 9.89 -26.64
CA THR B 248 18.92 9.93 -27.98
C THR B 248 20.41 10.19 -28.01
N ASN B 249 21.10 10.10 -26.88
CA ASN B 249 22.55 10.11 -26.87
C ASN B 249 23.03 9.40 -25.61
N SER B 250 24.32 9.06 -25.60
CA SER B 250 24.85 8.24 -24.53
C SER B 250 24.67 8.87 -23.16
N ASN B 251 24.48 10.18 -23.09
CA ASN B 251 24.41 10.87 -21.81
C ASN B 251 22.99 11.19 -21.38
N GLY B 252 21.98 10.69 -22.09
CA GLY B 252 20.62 10.90 -21.68
C GLY B 252 19.89 12.02 -22.39
N GLY B 253 20.43 12.53 -23.49
CA GLY B 253 19.78 13.63 -24.18
C GLY B 253 18.49 13.19 -24.83
N GLN B 254 17.49 14.08 -24.81
CA GLN B 254 16.19 13.81 -25.39
C GLN B 254 15.90 14.65 -26.61
N GLY B 255 16.79 15.57 -26.98
CA GLY B 255 16.59 16.40 -28.14
C GLY B 255 16.55 15.61 -29.43
N VAL B 256 15.51 15.82 -30.24
CA VAL B 256 15.39 15.12 -31.51
C VAL B 256 16.61 15.42 -32.37
N MET B 257 16.89 14.52 -33.31
CA MET B 257 18.02 14.68 -34.22
C MET B 257 17.52 14.93 -35.64
N VAL B 258 18.33 15.62 -36.43
CA VAL B 258 17.98 15.99 -37.79
C VAL B 258 19.19 15.79 -38.69
N GLU B 259 18.96 15.25 -39.89
CA GLU B 259 20.05 14.91 -40.81
C GLU B 259 20.39 16.11 -41.69
N GLN B 260 21.56 16.69 -41.46
CA GLN B 260 22.13 17.72 -42.31
C GLN B 260 23.45 17.23 -42.84
N ASN B 261 23.67 17.38 -44.15
CA ASN B 261 24.90 16.95 -44.81
C ASN B 261 25.14 15.46 -44.65
N GLY B 262 24.09 14.69 -44.36
CA GLY B 262 24.21 13.27 -44.11
C GLY B 262 24.55 12.90 -42.69
N LYS B 263 24.69 13.87 -41.78
CA LYS B 263 25.05 13.63 -40.41
C LYS B 263 23.97 14.17 -39.49
N LEU B 264 23.75 13.47 -38.37
CA LEU B 264 22.73 13.87 -37.42
C LEU B 264 23.24 15.01 -36.57
N GLU B 265 22.41 16.02 -36.36
CA GLU B 265 22.73 17.18 -35.55
C GLU B 265 21.54 17.52 -34.68
N SER B 266 21.82 18.31 -33.63
CA SER B 266 20.80 18.68 -32.67
C SER B 266 20.11 19.97 -33.08
N GLN B 267 19.13 20.41 -32.28
CA GLN B 267 18.41 21.63 -32.56
C GLN B 267 18.14 22.49 -31.34
N VAL B 268 18.65 22.12 -30.15
CA VAL B 268 18.35 22.86 -28.94
C VAL B 268 18.81 24.30 -29.07
N GLU B 269 18.07 25.28 -28.55
CA GLU B 269 18.46 26.70 -28.74
C GLU B 269 18.09 27.56 -27.55
N MET B 270 19.05 28.31 -27.03
CA MET B 270 18.81 29.09 -25.84
C MET B 270 17.59 29.95 -25.89
N GLN B 271 17.25 30.56 -24.77
CA GLN B 271 16.15 31.51 -24.71
C GLN B 271 16.40 32.48 -23.56
N PHE B 272 17.37 33.38 -23.67
CA PHE B 272 17.71 34.23 -22.52
C PHE B 272 16.52 34.93 -21.96
N PHE B 273 16.63 35.39 -20.73
CA PHE B 273 15.47 35.99 -20.07
C PHE B 273 15.88 36.98 -19.02
N SER B 274 14.94 37.73 -18.45
CA SER B 274 15.35 38.76 -17.50
C SER B 274 14.22 39.37 -16.72
N THR B 275 14.53 40.12 -15.66
CA THR B 275 13.49 40.66 -14.78
C THR B 275 12.41 41.34 -15.50
N SER B 276 11.31 41.52 -14.82
CA SER B 276 10.20 42.21 -15.42
C SER B 276 10.15 43.56 -14.81
N VAL B 277 10.81 43.68 -13.66
CA VAL B 277 10.89 44.99 -13.04
C VAL B 277 11.48 45.87 -14.09
N ASN B 278 12.04 45.26 -15.13
CA ASN B 278 12.53 46.02 -16.23
C ASN B 278 11.63 47.19 -16.29
N ALA B 279 10.33 46.93 -16.21
CA ALA B 279 9.33 47.98 -16.30
C ALA B 279 9.50 49.24 -15.38
N MET B 280 10.60 49.39 -14.66
CA MET B 280 10.75 50.53 -13.74
C MET B 280 12.13 51.17 -13.65
N ASN B 281 12.37 52.25 -14.38
CA ASN B 281 13.66 52.98 -14.33
C ASN B 281 14.87 52.25 -14.88
N GLU B 282 16.02 52.93 -14.90
CA GLU B 282 17.27 52.32 -15.41
C GLU B 282 17.21 51.94 -16.90
N ALA B 283 18.32 51.48 -17.47
CA ALA B 283 18.36 51.17 -18.92
C ALA B 283 19.21 49.97 -19.32
N ASN B 284 20.10 50.19 -20.28
CA ASN B 284 20.98 49.08 -20.66
C ASN B 284 21.49 48.31 -19.45
N ALA B 285 21.30 48.87 -18.25
CA ALA B 285 21.53 48.16 -17.00
C ALA B 285 20.81 46.82 -16.99
N ILE B 286 20.04 46.58 -18.05
CA ILE B 286 19.36 45.31 -18.18
C ILE B 286 20.39 44.27 -18.32
N GLN B 287 20.43 43.37 -17.34
CA GLN B 287 21.39 42.29 -17.37
C GLN B 287 20.60 41.02 -17.40
N PRO B 288 21.27 39.93 -17.68
CA PRO B 288 20.43 38.75 -17.76
C PRO B 288 20.31 38.07 -16.41
N LYS B 289 19.28 37.26 -16.20
CA LYS B 289 19.07 36.58 -14.92
C LYS B 289 18.24 35.29 -14.97
N LEU B 290 18.46 34.39 -15.93
CA LEU B 290 17.74 33.10 -16.01
C LEU B 290 17.71 32.55 -17.40
N LEU B 291 18.68 31.73 -17.77
CA LEU B 291 18.72 31.15 -19.10
C LEU B 291 17.94 29.87 -19.11
N LEU B 292 16.96 29.72 -19.98
CA LEU B 292 16.25 28.45 -20.06
C LEU B 292 16.69 27.81 -21.33
N TYR B 293 17.02 26.54 -21.31
CA TYR B 293 17.39 25.85 -22.52
C TYR B 293 16.12 25.22 -23.01
N SER B 294 15.91 25.17 -24.32
CA SER B 294 14.65 24.67 -24.83
C SER B 294 14.83 23.72 -25.97
N GLU B 295 14.08 22.63 -26.00
CA GLU B 295 14.30 21.62 -27.04
C GLU B 295 13.10 20.92 -27.52
N ASP B 296 13.28 19.68 -27.91
CA ASP B 296 12.15 19.00 -28.50
C ASP B 296 12.27 17.49 -28.27
N VAL B 297 11.15 16.85 -27.98
CA VAL B 297 11.14 15.42 -27.64
C VAL B 297 10.19 14.67 -28.56
N ASN B 298 10.06 13.36 -28.35
CA ASN B 298 9.09 12.57 -29.08
C ASN B 298 8.10 11.94 -28.11
N MET B 299 7.58 12.78 -27.21
CA MET B 299 6.76 12.36 -26.09
C MET B 299 5.77 11.26 -26.43
N GLU B 300 5.73 10.24 -25.56
CA GLU B 300 4.75 9.16 -25.64
C GLU B 300 4.11 8.97 -24.28
N THR B 301 2.89 8.45 -24.29
CA THR B 301 2.14 8.14 -23.07
C THR B 301 1.62 6.72 -23.18
N PRO B 302 2.46 5.72 -22.88
CA PRO B 302 2.13 4.36 -23.27
C PRO B 302 0.97 3.74 -22.52
N ASP B 303 0.73 4.11 -21.26
CA ASP B 303 -0.19 3.34 -20.44
C ASP B 303 -1.11 4.24 -19.60
N THR B 304 -1.41 5.44 -20.08
CA THR B 304 -2.28 6.36 -19.37
C THR B 304 -3.16 7.06 -20.38
N HIS B 305 -4.24 7.66 -19.89
CA HIS B 305 -5.13 8.35 -20.81
C HIS B 305 -5.80 9.51 -20.10
N LEU B 306 -6.34 10.41 -20.90
CA LEU B 306 -6.86 11.67 -20.39
C LEU B 306 -8.19 11.45 -19.68
N SER B 307 -8.34 12.08 -18.53
CA SER B 307 -9.55 11.97 -17.75
C SER B 307 -10.30 13.28 -17.58
N TYR B 308 -9.71 14.40 -18.00
CA TYR B 308 -10.45 15.66 -18.11
C TYR B 308 -9.76 16.52 -19.14
N LYS B 309 -10.33 16.54 -20.36
CA LYS B 309 -9.84 17.40 -21.43
C LYS B 309 -10.84 18.53 -21.64
N PRO B 310 -10.46 19.78 -21.43
CA PRO B 310 -11.48 20.84 -21.41
C PRO B 310 -12.00 21.22 -22.77
N GLY B 311 -11.15 21.23 -23.79
CA GLY B 311 -11.53 21.72 -25.11
C GLY B 311 -11.50 20.62 -26.15
N LYS B 312 -12.33 20.78 -27.18
CA LYS B 312 -12.31 19.84 -28.29
C LYS B 312 -11.04 19.97 -29.11
N SER B 313 -10.66 21.21 -29.44
CA SER B 313 -9.46 21.43 -30.23
C SER B 313 -8.23 21.06 -29.42
N ASP B 314 -7.11 20.88 -30.13
CA ASP B 314 -5.89 20.40 -29.52
C ASP B 314 -4.78 21.44 -29.48
N ASP B 315 -4.94 22.57 -30.15
CA ASP B 315 -3.91 23.60 -30.09
C ASP B 315 -3.69 24.02 -28.66
N ASN B 316 -2.42 24.09 -28.26
CA ASN B 316 -2.05 24.22 -26.86
C ASN B 316 -2.56 25.55 -26.32
N SER B 317 -3.62 25.50 -25.53
CA SER B 317 -4.25 26.70 -25.01
C SER B 317 -3.55 27.17 -23.74
N LYS B 318 -4.15 28.15 -23.07
CA LYS B 318 -3.78 28.40 -21.69
C LYS B 318 -4.36 27.35 -20.76
N ALA B 319 -5.63 26.99 -20.97
CA ALA B 319 -6.31 26.08 -20.07
C ALA B 319 -5.76 24.67 -20.15
N MET B 320 -5.14 24.29 -21.26
CA MET B 320 -4.64 22.92 -21.39
C MET B 320 -3.58 22.61 -20.36
N LEU B 321 -3.02 23.64 -19.71
CA LEU B 321 -2.10 23.43 -18.60
C LEU B 321 -2.78 22.79 -17.39
N GLY B 322 -4.04 22.40 -17.49
CA GLY B 322 -4.71 21.80 -16.36
C GLY B 322 -5.40 20.49 -16.71
N GLN B 323 -4.92 19.83 -17.75
CA GLN B 323 -5.47 18.53 -18.09
C GLN B 323 -4.94 17.48 -17.12
N GLN B 324 -5.73 16.42 -16.94
CA GLN B 324 -5.39 15.35 -16.00
C GLN B 324 -5.41 14.02 -16.71
N SER B 325 -4.59 13.09 -16.23
CA SER B 325 -4.55 11.75 -16.81
C SER B 325 -4.58 10.71 -15.71
N MET B 326 -5.10 9.54 -16.04
CA MET B 326 -5.17 8.42 -15.11
C MET B 326 -4.77 7.15 -15.85
N PRO B 327 -4.30 6.13 -15.13
CA PRO B 327 -3.83 4.91 -15.78
C PRO B 327 -4.99 4.00 -16.17
N ASN B 328 -4.65 2.99 -16.98
CA ASN B 328 -5.61 2.06 -17.54
C ASN B 328 -5.64 0.77 -16.74
N ARG B 329 -6.81 0.14 -16.68
CA ARG B 329 -7.00 -1.00 -15.81
C ARG B 329 -6.02 -2.11 -16.19
N PRO B 330 -5.41 -2.76 -15.21
CA PRO B 330 -4.48 -3.85 -15.52
C PRO B 330 -5.21 -5.01 -16.14
N ASN B 331 -4.49 -5.75 -16.98
CA ASN B 331 -5.15 -6.75 -17.80
C ASN B 331 -4.12 -7.82 -18.17
N TYR B 332 -4.16 -8.96 -17.46
CA TYR B 332 -3.26 -10.08 -17.73
C TYR B 332 -3.84 -11.00 -18.79
N ILE B 333 -2.96 -11.58 -19.58
CA ILE B 333 -3.34 -12.61 -20.54
C ILE B 333 -2.34 -13.74 -20.46
N ALA B 334 -2.83 -14.98 -20.41
CA ALA B 334 -1.93 -16.11 -20.22
C ALA B 334 -2.59 -17.39 -20.73
N PHE B 335 -1.93 -18.52 -20.46
CA PHE B 335 -2.46 -19.83 -20.79
C PHE B 335 -3.43 -20.30 -19.71
N ARG B 336 -4.45 -21.03 -20.14
CA ARG B 336 -5.48 -21.46 -19.21
C ARG B 336 -4.92 -22.48 -18.22
N ASP B 337 -5.79 -22.88 -17.29
CA ASP B 337 -5.43 -23.93 -16.35
C ASP B 337 -5.30 -25.26 -17.07
N ASN B 338 -4.28 -26.03 -16.71
CA ASN B 338 -4.07 -27.36 -17.29
C ASN B 338 -4.11 -27.35 -18.82
N PHE B 339 -3.85 -26.19 -19.41
CA PHE B 339 -3.77 -26.04 -20.85
C PHE B 339 -5.07 -26.43 -21.55
N ILE B 340 -6.19 -26.22 -20.86
CA ILE B 340 -7.50 -26.53 -21.45
C ILE B 340 -7.60 -25.92 -22.83
N GLY B 341 -8.29 -26.62 -23.73
CA GLY B 341 -8.53 -26.15 -25.07
C GLY B 341 -7.42 -26.44 -26.05
N LEU B 342 -6.24 -26.81 -25.56
CA LEU B 342 -5.10 -27.00 -26.46
C LEU B 342 -5.24 -28.27 -27.27
N MET B 343 -5.94 -29.28 -26.77
CA MET B 343 -6.12 -30.54 -27.47
C MET B 343 -7.59 -30.76 -27.75
N TYR B 344 -7.90 -31.16 -28.99
CA TYR B 344 -9.29 -31.40 -29.37
C TYR B 344 -9.78 -32.69 -28.72
N TYR B 345 -10.74 -32.58 -27.81
CA TYR B 345 -11.48 -33.74 -27.34
C TYR B 345 -12.93 -33.62 -27.75
N ASN B 346 -13.63 -34.75 -27.71
CA ASN B 346 -15.07 -34.81 -27.90
C ASN B 346 -15.52 -34.19 -29.22
N SER B 347 -14.63 -34.09 -30.19
CA SER B 347 -14.96 -33.49 -31.48
C SER B 347 -14.98 -34.58 -32.53
N THR B 348 -16.18 -34.95 -32.99
CA THR B 348 -16.29 -36.00 -33.99
C THR B 348 -15.54 -35.67 -35.27
N GLY B 349 -15.32 -34.38 -35.53
CA GLY B 349 -14.60 -34.01 -36.74
C GLY B 349 -13.13 -34.39 -36.70
N ASN B 350 -12.50 -34.28 -35.54
CA ASN B 350 -11.05 -34.37 -35.45
C ASN B 350 -10.64 -35.27 -34.30
N MET B 351 -11.26 -36.45 -34.23
CA MET B 351 -10.96 -37.40 -33.16
C MET B 351 -9.51 -37.88 -33.26
N GLY B 352 -8.90 -38.09 -32.11
CA GLY B 352 -7.54 -38.59 -32.07
C GLY B 352 -7.47 -40.05 -32.49
N VAL B 353 -6.28 -40.63 -32.39
CA VAL B 353 -6.15 -42.05 -32.71
C VAL B 353 -4.94 -42.63 -31.99
N LEU B 354 -5.13 -43.84 -31.45
CA LEU B 354 -4.06 -44.68 -30.91
C LEU B 354 -4.43 -46.11 -31.27
N ALA B 355 -3.75 -46.68 -32.26
CA ALA B 355 -4.14 -47.99 -32.75
C ALA B 355 -2.92 -48.80 -33.10
N GLY B 356 -3.12 -50.11 -33.26
CA GLY B 356 -2.04 -50.97 -33.69
C GLY B 356 -1.71 -50.66 -35.13
N GLN B 357 -0.42 -50.47 -35.41
CA GLN B 357 -0.01 -49.96 -36.71
C GLN B 357 -0.58 -50.79 -37.84
N ALA B 358 -0.36 -52.09 -37.80
CA ALA B 358 -0.81 -52.93 -38.89
C ALA B 358 -2.32 -53.14 -38.90
N SER B 359 -3.01 -52.78 -37.82
CA SER B 359 -4.41 -53.13 -37.69
C SER B 359 -5.26 -52.48 -38.77
N GLN B 360 -4.99 -51.21 -39.07
CA GLN B 360 -5.89 -50.39 -39.88
C GLN B 360 -7.30 -50.48 -39.33
N LEU B 361 -7.40 -50.31 -38.00
CA LEU B 361 -8.66 -50.30 -37.27
C LEU B 361 -8.45 -49.50 -36.00
N ASN B 362 -9.41 -48.64 -35.67
CA ASN B 362 -9.25 -47.67 -34.60
C ASN B 362 -9.41 -48.32 -33.23
N ALA B 363 -8.97 -47.59 -32.20
CA ALA B 363 -9.11 -48.06 -30.83
C ALA B 363 -9.48 -46.96 -29.85
N VAL B 364 -9.96 -45.81 -30.33
CA VAL B 364 -10.45 -44.74 -29.46
C VAL B 364 -11.74 -44.19 -30.04
N VAL B 365 -12.78 -44.12 -29.22
CA VAL B 365 -14.08 -43.68 -29.68
C VAL B 365 -14.53 -42.52 -28.81
N ASP B 366 -15.40 -41.67 -29.35
CA ASP B 366 -15.77 -40.47 -28.62
C ASP B 366 -17.09 -39.92 -29.12
N LEU B 367 -17.82 -39.28 -28.22
CA LEU B 367 -19.08 -38.61 -28.53
C LEU B 367 -18.99 -37.16 -28.10
N GLN B 368 -19.98 -36.37 -28.51
CA GLN B 368 -19.96 -34.96 -28.18
C GLN B 368 -20.41 -34.67 -26.76
N ASP B 369 -20.84 -35.68 -26.02
CA ASP B 369 -21.35 -35.41 -24.67
C ASP B 369 -20.34 -35.76 -23.59
N ARG B 370 -19.40 -36.65 -23.86
CA ARG B 370 -18.42 -36.98 -22.84
C ARG B 370 -17.56 -35.74 -22.60
N ASN B 371 -17.82 -35.05 -21.49
CA ASN B 371 -17.20 -33.76 -21.21
C ASN B 371 -15.90 -34.00 -20.46
N THR B 372 -14.81 -34.15 -21.22
CA THR B 372 -13.57 -34.62 -20.60
C THR B 372 -13.00 -33.60 -19.62
N GLU B 373 -12.88 -32.35 -20.03
CA GLU B 373 -12.03 -31.42 -19.30
C GLU B 373 -12.52 -31.18 -17.89
N LEU B 374 -13.83 -30.99 -17.73
CA LEU B 374 -14.37 -30.83 -16.39
C LEU B 374 -14.10 -32.06 -15.54
N SER B 375 -14.18 -33.25 -16.15
CA SER B 375 -13.94 -34.48 -15.40
C SER B 375 -12.51 -34.55 -14.90
N TYR B 376 -11.55 -34.19 -15.74
CA TYR B 376 -10.17 -34.15 -15.26
C TYR B 376 -10.01 -33.13 -14.15
N GLN B 377 -10.68 -31.98 -14.27
CA GLN B 377 -10.61 -31.01 -13.19
C GLN B 377 -11.04 -31.66 -11.88
N LEU B 378 -12.21 -32.28 -11.88
CA LEU B 378 -12.72 -32.86 -10.63
C LEU B 378 -11.81 -33.97 -10.12
N LEU B 379 -11.34 -34.83 -11.02
CA LEU B 379 -10.45 -35.91 -10.58
C LEU B 379 -9.21 -35.34 -9.92
N LEU B 380 -8.58 -34.34 -10.54
CA LEU B 380 -7.40 -33.74 -9.92
C LEU B 380 -7.75 -33.12 -8.59
N ASP B 381 -9.00 -32.69 -8.43
CA ASP B 381 -9.40 -32.21 -7.12
C ASP B 381 -9.42 -33.33 -6.10
N SER B 382 -9.91 -34.51 -6.50
CA SER B 382 -10.20 -35.55 -5.52
C SER B 382 -8.94 -36.13 -4.91
N ILE B 383 -7.95 -36.46 -5.73
CA ILE B 383 -6.83 -37.27 -5.26
C ILE B 383 -5.67 -36.39 -4.80
N GLY B 384 -5.92 -35.11 -4.58
CA GLY B 384 -4.84 -34.26 -4.13
C GLY B 384 -5.36 -32.90 -3.72
N ASP B 385 -4.46 -32.11 -3.16
CA ASP B 385 -4.78 -30.73 -2.81
C ASP B 385 -4.69 -29.83 -4.03
N ARG B 386 -5.22 -28.62 -3.89
CA ARG B 386 -5.18 -27.66 -4.99
C ARG B 386 -4.52 -26.34 -4.66
N THR B 387 -4.40 -25.98 -3.39
CA THR B 387 -3.92 -24.65 -3.07
C THR B 387 -2.42 -24.54 -3.21
N ARG B 388 -1.79 -25.44 -3.95
CA ARG B 388 -0.39 -25.32 -4.30
C ARG B 388 -0.24 -25.51 -5.80
N TYR B 389 0.79 -24.92 -6.37
CA TYR B 389 0.92 -24.82 -7.81
C TYR B 389 2.06 -25.70 -8.31
N PHE B 390 1.86 -26.30 -9.48
CA PHE B 390 2.87 -27.13 -10.13
C PHE B 390 3.13 -26.56 -11.51
N SER B 391 4.38 -26.22 -11.78
CA SER B 391 4.69 -25.47 -12.99
C SER B 391 4.57 -26.32 -14.25
N MET B 392 4.72 -27.64 -14.14
CA MET B 392 4.79 -28.47 -15.33
C MET B 392 3.49 -28.41 -16.13
N TRP B 393 2.35 -28.48 -15.46
CA TRP B 393 1.06 -28.53 -16.14
C TRP B 393 0.24 -27.28 -15.88
N ASN B 394 0.86 -26.20 -15.42
CA ASN B 394 0.15 -24.96 -15.12
C ASN B 394 -0.96 -25.17 -14.09
N GLN B 395 -0.79 -26.14 -13.20
CA GLN B 395 -1.84 -26.43 -12.24
C GLN B 395 -1.93 -25.26 -11.26
N ALA B 396 -2.88 -24.37 -11.50
CA ALA B 396 -3.15 -23.29 -10.58
C ALA B 396 -4.60 -22.90 -10.75
N VAL B 397 -5.48 -23.41 -9.88
CA VAL B 397 -6.88 -23.10 -10.03
C VAL B 397 -7.10 -21.63 -9.69
N ASP B 398 -8.16 -21.05 -10.25
CA ASP B 398 -8.36 -19.61 -10.24
C ASP B 398 -9.25 -19.22 -9.08
N SER B 399 -8.66 -18.57 -8.08
CA SER B 399 -9.40 -18.17 -6.89
C SER B 399 -9.94 -16.75 -7.07
N TYR B 400 -10.41 -16.17 -5.97
CA TYR B 400 -10.75 -14.76 -5.89
C TYR B 400 -10.76 -14.39 -4.42
N ASP B 401 -10.33 -13.17 -4.13
CA ASP B 401 -10.18 -12.79 -2.74
C ASP B 401 -11.53 -12.84 -2.04
N PRO B 402 -11.60 -13.43 -0.85
CA PRO B 402 -12.89 -13.55 -0.17
C PRO B 402 -13.48 -12.24 0.29
N ASP B 403 -12.71 -11.16 0.29
CA ASP B 403 -13.24 -9.87 0.73
C ASP B 403 -13.67 -8.98 -0.42
N VAL B 404 -13.20 -9.24 -1.63
CA VAL B 404 -13.68 -8.47 -2.76
C VAL B 404 -15.11 -8.84 -3.10
N ARG B 405 -15.41 -10.14 -3.12
CA ARG B 405 -16.76 -10.60 -3.41
C ARG B 405 -17.72 -10.21 -2.29
N ILE B 406 -17.30 -10.33 -1.05
CA ILE B 406 -18.14 -10.07 0.10
C ILE B 406 -17.47 -9.02 0.97
N ILE B 407 -18.20 -7.96 1.28
CA ILE B 407 -17.62 -6.76 1.88
C ILE B 407 -17.81 -6.81 3.39
N GLU B 408 -16.70 -6.84 4.13
CA GLU B 408 -16.75 -6.70 5.58
C GLU B 408 -16.38 -5.26 5.91
N ASN B 409 -17.30 -4.35 5.62
CA ASN B 409 -17.05 -2.92 5.76
C ASN B 409 -17.44 -2.47 7.16
N HIS B 410 -16.46 -2.02 7.92
CA HIS B 410 -16.72 -1.40 9.22
C HIS B 410 -15.84 -0.18 9.43
N GLY B 411 -15.70 0.64 8.40
CA GLY B 411 -14.98 1.90 8.58
C GLY B 411 -13.51 1.67 8.86
N THR B 412 -12.91 2.66 9.52
CA THR B 412 -11.49 2.63 9.84
C THR B 412 -11.23 3.26 11.19
N GLU B 413 -10.02 3.06 11.69
CA GLU B 413 -9.60 3.53 13.01
C GLU B 413 -8.86 4.85 12.83
N ASP B 414 -9.51 5.96 13.16
CA ASP B 414 -8.93 7.26 12.94
C ASP B 414 -9.21 8.21 14.10
N GLU B 415 -9.02 7.74 15.33
CA GLU B 415 -9.20 8.64 16.46
C GLU B 415 -8.15 9.74 16.48
N LEU B 416 -7.01 9.52 15.87
CA LEU B 416 -6.05 10.59 15.85
C LEU B 416 -6.10 11.34 14.52
N PRO B 417 -5.84 12.64 14.52
CA PRO B 417 -5.65 13.36 13.27
C PRO B 417 -4.19 13.31 12.84
N ASN B 418 -3.99 13.48 11.55
CA ASN B 418 -2.65 13.45 11.05
C ASN B 418 -2.30 14.85 10.64
N TYR B 419 -1.04 15.17 10.45
CA TYR B 419 -0.68 16.54 10.18
C TYR B 419 0.66 16.68 9.53
N CYS B 420 0.74 17.32 8.38
CA CYS B 420 2.05 17.59 7.78
C CYS B 420 2.70 18.75 8.49
N PHE B 421 3.78 19.28 7.94
CA PHE B 421 4.48 20.36 8.60
C PHE B 421 5.39 21.11 7.64
N PRO B 422 5.96 22.23 8.06
CA PRO B 422 6.76 23.03 7.16
C PRO B 422 8.15 22.50 6.98
N LEU B 423 8.55 22.21 5.77
CA LEU B 423 9.83 21.57 5.53
C LEU B 423 10.89 21.95 6.54
N GLY B 424 10.94 23.19 6.93
CA GLY B 424 11.90 23.62 7.92
C GLY B 424 11.36 23.75 9.32
N GLY B 425 10.10 23.38 9.56
CA GLY B 425 9.60 23.41 10.91
C GLY B 425 8.65 24.55 11.23
N ILE B 426 9.01 25.79 10.91
CA ILE B 426 8.18 26.92 11.29
C ILE B 426 7.92 27.65 10.01
N GLY B 427 6.68 28.00 9.77
CA GLY B 427 6.35 28.60 8.48
C GLY B 427 6.41 30.10 8.25
N VAL B 428 5.75 30.88 9.09
CA VAL B 428 5.81 32.30 8.93
C VAL B 428 6.97 32.81 9.74
N THR B 429 6.82 34.00 10.30
CA THR B 429 7.88 34.59 11.09
C THR B 429 7.54 36.02 11.44
N ASP B 430 8.54 36.86 11.68
CA ASP B 430 8.29 38.22 12.12
C ASP B 430 9.56 38.77 12.69
N THR B 431 10.30 39.58 11.96
CA THR B 431 11.57 40.03 12.48
C THR B 431 11.43 40.52 13.88
N TYR B 432 12.52 40.53 14.63
CA TYR B 432 12.44 41.11 15.97
C TYR B 432 13.74 41.77 16.33
N GLN B 433 13.76 42.52 17.42
CA GLN B 433 14.93 43.28 17.80
C GLN B 433 15.31 43.02 19.20
N ALA B 434 16.57 42.72 19.45
CA ALA B 434 16.91 42.57 20.87
C ALA B 434 16.78 43.89 21.60
N ILE B 435 16.29 43.83 22.83
CA ILE B 435 16.16 45.01 23.67
C ILE B 435 16.72 44.64 25.04
N LYS B 436 17.99 44.93 25.27
CA LYS B 436 18.55 44.69 26.59
C LYS B 436 17.85 45.58 27.61
N ALA B 437 17.79 45.09 28.84
CA ALA B 437 17.01 45.75 29.87
C ALA B 437 17.85 46.81 30.57
N THR B 438 18.09 47.91 29.86
CA THR B 438 18.70 49.08 30.48
C THR B 438 17.62 49.69 31.36
N ASN B 439 17.57 49.20 32.59
CA ASN B 439 16.43 49.45 33.45
C ASN B 439 16.37 50.92 33.86
N GLY B 440 15.24 51.30 34.44
CA GLY B 440 14.99 52.68 34.79
C GLY B 440 15.89 53.16 35.90
N ASN B 441 15.81 54.46 36.15
CA ASN B 441 16.63 55.14 37.14
C ASN B 441 15.71 55.70 38.21
N GLY B 442 15.74 55.07 39.40
CA GLY B 442 14.91 55.48 40.50
C GLY B 442 13.53 54.84 40.45
N GLY B 443 12.69 55.32 39.53
CA GLY B 443 11.33 54.83 39.43
C GLY B 443 11.04 54.05 38.16
N ALA B 444 10.41 54.72 37.20
CA ALA B 444 9.90 54.05 36.01
C ALA B 444 11.00 53.30 35.27
N THR B 445 10.68 52.08 34.84
CA THR B 445 11.65 51.23 34.16
C THR B 445 11.69 51.60 32.69
N THR B 446 12.83 52.09 32.22
CA THR B 446 13.00 52.43 30.82
C THR B 446 13.65 51.25 30.09
N TRP B 447 13.83 51.41 28.78
CA TRP B 447 14.42 50.38 27.95
C TRP B 447 15.40 51.00 26.98
N ALA B 448 16.06 50.15 26.20
CA ALA B 448 17.05 50.59 25.24
C ALA B 448 17.25 49.48 24.23
N GLN B 449 18.30 49.60 23.43
CA GLN B 449 18.69 48.58 22.47
C GLN B 449 20.05 48.02 22.84
N ASP B 450 20.34 46.83 22.34
CA ASP B 450 21.61 46.17 22.52
C ASP B 450 22.31 45.97 21.18
N ASN B 451 23.64 45.97 21.22
CA ASN B 451 24.45 45.71 20.03
C ASN B 451 25.12 44.35 20.06
N THR B 452 24.98 43.58 21.14
CA THR B 452 25.58 42.26 21.17
C THR B 452 24.93 41.34 20.13
N PHE B 453 23.61 41.38 20.04
CA PHE B 453 22.88 40.49 19.15
C PHE B 453 22.95 41.01 17.72
N ALA B 454 22.16 40.41 16.84
CA ALA B 454 21.97 40.93 15.50
C ALA B 454 20.93 42.04 15.57
N GLU B 455 20.43 42.48 14.43
CA GLU B 455 19.41 43.51 14.39
C GLU B 455 18.08 43.03 13.82
N ARG B 456 18.09 42.04 12.94
CA ARG B 456 16.88 41.55 12.28
C ARG B 456 16.83 40.04 12.46
N ASN B 457 15.92 39.56 13.32
CA ASN B 457 15.85 38.16 13.68
C ASN B 457 14.56 37.53 13.21
N GLU B 458 14.63 36.24 12.85
CA GLU B 458 13.47 35.45 12.50
C GLU B 458 12.91 34.82 13.77
N ILE B 459 11.63 35.03 14.03
CA ILE B 459 10.97 34.39 15.16
C ILE B 459 9.50 34.19 14.82
N GLY B 460 8.94 33.03 15.20
CA GLY B 460 7.54 32.78 15.06
C GLY B 460 6.77 33.00 16.35
N VAL B 461 5.45 32.84 16.27
CA VAL B 461 4.57 32.93 17.43
C VAL B 461 3.48 31.90 17.28
N GLY B 462 3.22 31.14 18.34
CA GLY B 462 2.13 30.19 18.36
C GLY B 462 2.45 28.89 17.65
N ASN B 463 1.42 28.07 17.52
CA ASN B 463 1.56 26.81 16.79
C ASN B 463 2.02 27.09 15.37
N ASN B 464 2.97 26.29 14.90
CA ASN B 464 3.46 26.47 13.55
C ASN B 464 2.38 26.12 12.54
N PHE B 465 2.39 26.82 11.42
CA PHE B 465 1.42 26.58 10.36
C PHE B 465 1.50 25.13 9.90
N ALA B 466 0.34 24.51 9.70
CA ALA B 466 0.28 23.08 9.46
C ALA B 466 -0.92 22.73 8.60
N MET B 467 -0.72 21.77 7.70
CA MET B 467 -1.80 21.21 6.89
C MET B 467 -2.35 19.99 7.59
N GLU B 468 -3.22 19.22 6.92
CA GLU B 468 -3.90 18.14 7.64
C GLU B 468 -4.60 17.22 6.66
N ILE B 469 -4.60 15.92 6.97
CA ILE B 469 -5.15 14.88 6.10
C ILE B 469 -5.65 13.74 6.96
N ASN B 470 -6.75 13.12 6.55
CA ASN B 470 -7.25 11.91 7.19
C ASN B 470 -6.69 10.71 6.45
N LEU B 471 -5.88 9.92 7.14
CA LEU B 471 -5.06 8.93 6.45
C LEU B 471 -5.85 7.67 6.09
N ASN B 472 -6.36 6.97 7.10
CA ASN B 472 -6.91 5.64 6.86
C ASN B 472 -8.07 5.66 5.88
N ALA B 473 -9.05 6.53 6.13
CA ALA B 473 -10.22 6.55 5.27
C ALA B 473 -9.82 6.77 3.82
N ASN B 474 -8.76 7.52 3.58
CA ASN B 474 -8.29 7.69 2.21
C ASN B 474 -7.83 6.36 1.62
N LEU B 475 -7.08 5.56 2.38
CA LEU B 475 -6.63 4.28 1.86
C LEU B 475 -7.80 3.34 1.61
N TRP B 476 -8.73 3.26 2.57
CA TRP B 476 -9.89 2.40 2.39
C TRP B 476 -10.70 2.83 1.18
N ARG B 477 -10.87 4.14 1.00
CA ARG B 477 -11.65 4.64 -0.12
C ARG B 477 -10.98 4.35 -1.44
N ASN B 478 -9.67 4.57 -1.52
CA ASN B 478 -8.94 4.24 -2.72
C ASN B 478 -9.14 2.78 -3.08
N PHE B 479 -8.95 1.88 -2.10
CA PHE B 479 -9.10 0.46 -2.38
C PHE B 479 -10.52 0.12 -2.80
N LEU B 480 -11.50 0.66 -2.10
CA LEU B 480 -12.88 0.30 -2.38
C LEU B 480 -13.30 0.76 -3.76
N TYR B 481 -12.85 1.93 -4.19
CA TYR B 481 -13.11 2.30 -5.58
C TYR B 481 -12.39 1.36 -6.53
N SER B 482 -11.08 1.20 -6.34
CA SER B 482 -10.25 0.63 -7.39
C SER B 482 -10.50 -0.86 -7.58
N ASN B 483 -10.93 -1.57 -6.55
CA ASN B 483 -11.06 -3.02 -6.66
C ASN B 483 -12.49 -3.50 -6.82
N ILE B 484 -13.47 -2.59 -6.81
CA ILE B 484 -14.84 -3.01 -7.07
C ILE B 484 -15.50 -2.16 -8.15
N ALA B 485 -15.42 -0.83 -8.03
CA ALA B 485 -16.29 0.03 -8.81
C ALA B 485 -16.03 -0.11 -10.30
N LEU B 486 -14.78 -0.31 -10.69
CA LEU B 486 -14.46 -0.40 -12.11
C LEU B 486 -15.10 -1.60 -12.79
N TYR B 487 -15.61 -2.56 -12.04
CA TYR B 487 -16.14 -3.78 -12.63
C TYR B 487 -17.66 -3.84 -12.59
N LEU B 488 -18.32 -2.74 -12.27
CA LEU B 488 -19.77 -2.73 -12.19
C LEU B 488 -20.37 -2.99 -13.56
N PRO B 489 -21.62 -3.46 -13.62
CA PRO B 489 -22.22 -3.77 -14.91
C PRO B 489 -22.25 -2.54 -15.80
N ASP B 490 -22.02 -2.76 -17.10
CA ASP B 490 -21.80 -1.65 -18.00
C ASP B 490 -22.95 -0.64 -17.98
N LYS B 491 -24.15 -1.07 -17.69
CA LYS B 491 -25.25 -0.13 -17.83
C LYS B 491 -25.28 0.91 -16.74
N LEU B 492 -24.28 1.02 -15.91
CA LEU B 492 -24.33 2.09 -14.96
C LEU B 492 -23.19 3.04 -15.16
N LYS B 493 -22.66 3.13 -16.37
CA LYS B 493 -21.57 4.04 -16.67
C LYS B 493 -21.94 5.02 -17.80
N TYR B 494 -21.27 6.16 -17.91
CA TYR B 494 -21.64 7.16 -18.91
C TYR B 494 -20.49 7.59 -19.80
N ASN B 495 -20.70 7.68 -21.11
CA ASN B 495 -19.62 8.01 -22.05
C ASN B 495 -18.83 9.20 -21.62
N PRO B 496 -17.67 9.40 -22.20
CA PRO B 496 -16.82 10.50 -21.74
C PRO B 496 -17.10 11.81 -22.48
N THR B 497 -16.27 12.84 -22.32
CA THR B 497 -16.42 14.04 -23.13
C THR B 497 -15.10 14.37 -23.81
N ASN B 498 -15.15 14.63 -25.12
CA ASN B 498 -14.03 15.12 -25.91
C ASN B 498 -12.93 14.09 -26.11
N VAL B 499 -13.24 12.79 -26.00
CA VAL B 499 -12.29 11.73 -26.33
C VAL B 499 -12.99 10.71 -27.20
N GLU B 500 -12.32 10.24 -28.25
CA GLU B 500 -12.93 9.27 -29.14
C GLU B 500 -12.83 7.88 -28.54
N ILE B 501 -13.96 7.18 -28.52
CA ILE B 501 -14.10 5.89 -27.87
C ILE B 501 -14.69 4.93 -28.88
N SER B 502 -14.16 3.71 -28.93
CA SER B 502 -14.52 2.77 -29.98
C SER B 502 -16.01 2.44 -29.93
N ASP B 503 -16.58 2.21 -31.11
CA ASP B 503 -17.98 1.88 -31.24
C ASP B 503 -18.22 0.39 -31.15
N ASN B 504 -17.20 -0.38 -30.81
CA ASN B 504 -17.30 -1.83 -30.69
C ASN B 504 -17.30 -2.20 -29.21
N PRO B 505 -18.43 -2.66 -28.66
CA PRO B 505 -18.57 -2.75 -27.21
C PRO B 505 -17.83 -3.90 -26.56
N ASN B 506 -16.91 -4.55 -27.26
CA ASN B 506 -16.14 -5.64 -26.67
C ASN B 506 -14.66 -5.36 -26.55
N THR B 507 -14.10 -4.51 -27.41
CA THR B 507 -12.67 -4.33 -27.45
C THR B 507 -12.15 -3.71 -26.16
N TYR B 508 -10.82 -3.59 -26.08
CA TYR B 508 -10.21 -3.10 -24.86
C TYR B 508 -10.50 -1.63 -24.61
N ASP B 509 -10.48 -0.81 -25.68
CA ASP B 509 -10.65 0.63 -25.51
C ASP B 509 -11.97 0.96 -24.84
N TYR B 510 -13.05 0.35 -25.30
CA TYR B 510 -14.36 0.63 -24.73
C TYR B 510 -14.35 0.40 -23.24
N MET B 511 -13.84 -0.75 -22.81
CA MET B 511 -13.79 -1.03 -21.38
C MET B 511 -12.84 -0.10 -20.65
N ASN B 512 -11.85 0.42 -21.35
CA ASN B 512 -10.86 1.27 -20.69
C ASN B 512 -11.40 2.68 -20.43
N LYS B 513 -12.20 3.21 -21.35
CA LYS B 513 -12.45 4.64 -21.39
C LYS B 513 -13.81 5.08 -20.88
N ARG B 514 -14.72 4.17 -20.57
CA ARG B 514 -15.95 4.63 -19.98
C ARG B 514 -15.67 5.22 -18.61
N VAL B 515 -16.66 5.92 -18.06
CA VAL B 515 -16.49 6.63 -16.79
C VAL B 515 -17.55 6.14 -15.82
N VAL B 516 -17.14 5.84 -14.60
CA VAL B 516 -17.99 5.24 -13.59
C VAL B 516 -17.98 6.12 -12.35
N ALA B 517 -19.15 6.50 -11.90
CA ALA B 517 -19.27 7.51 -10.85
C ALA B 517 -18.78 6.97 -9.52
N PRO B 518 -17.76 7.58 -8.91
CA PRO B 518 -17.27 7.10 -7.62
C PRO B 518 -18.28 7.23 -6.51
N GLY B 519 -19.32 8.04 -6.69
CA GLY B 519 -20.32 8.19 -5.64
C GLY B 519 -21.13 6.94 -5.40
N LEU B 520 -21.10 5.98 -6.33
CA LEU B 520 -21.85 4.74 -6.15
C LEU B 520 -21.35 3.96 -4.95
N VAL B 521 -20.04 3.77 -4.84
CA VAL B 521 -19.43 2.96 -3.79
C VAL B 521 -18.44 3.82 -3.05
N ASP B 522 -18.57 3.88 -1.73
CA ASP B 522 -17.68 4.70 -0.91
C ASP B 522 -17.82 4.26 0.54
N CYS B 523 -17.21 5.03 1.45
CA CYS B 523 -17.12 4.61 2.83
C CYS B 523 -18.48 4.37 3.47
N TYR B 524 -19.54 4.95 2.93
CA TYR B 524 -20.82 4.90 3.63
C TYR B 524 -21.68 3.71 3.23
N ILE B 525 -21.32 2.95 2.20
CA ILE B 525 -22.26 1.97 1.65
C ILE B 525 -22.38 0.78 2.57
N ASN B 526 -23.62 0.38 2.84
CA ASN B 526 -23.93 -0.80 3.64
C ASN B 526 -23.05 -0.87 4.88
N LEU B 527 -22.95 0.25 5.57
CA LEU B 527 -21.96 0.39 6.63
C LEU B 527 -22.21 -0.61 7.73
N GLY B 528 -21.14 -1.29 8.15
CA GLY B 528 -21.23 -2.19 9.27
C GLY B 528 -21.98 -3.47 9.01
N ALA B 529 -22.18 -3.84 7.75
CA ALA B 529 -22.89 -5.06 7.42
C ALA B 529 -22.06 -5.90 6.48
N ARG B 530 -22.31 -7.19 6.51
CA ARG B 530 -21.58 -8.16 5.72
C ARG B 530 -22.46 -8.50 4.52
N TRP B 531 -22.05 -8.04 3.33
CA TRP B 531 -22.98 -8.08 2.22
C TRP B 531 -22.24 -8.02 0.91
N SER B 532 -22.94 -8.41 -0.16
CA SER B 532 -22.46 -8.27 -1.52
C SER B 532 -23.55 -7.62 -2.37
N LEU B 533 -23.15 -6.71 -3.25
CA LEU B 533 -24.10 -5.89 -3.99
C LEU B 533 -24.87 -6.71 -5.02
N ASP B 534 -26.16 -6.41 -5.16
CA ASP B 534 -26.99 -7.15 -6.09
C ASP B 534 -26.58 -6.90 -7.53
N TYR B 535 -26.00 -5.74 -7.83
CA TYR B 535 -25.45 -5.52 -9.16
C TYR B 535 -24.31 -6.47 -9.43
N MET B 536 -23.52 -6.78 -8.41
CA MET B 536 -22.30 -7.55 -8.56
C MET B 536 -22.50 -9.05 -8.39
N ASP B 537 -23.73 -9.53 -8.22
CA ASP B 537 -23.93 -10.96 -8.02
C ASP B 537 -23.69 -11.74 -9.30
N ASN B 538 -24.18 -11.23 -10.43
CA ASN B 538 -24.11 -11.99 -11.67
C ASN B 538 -22.89 -11.66 -12.50
N VAL B 539 -21.97 -10.84 -11.99
CA VAL B 539 -20.73 -10.57 -12.69
C VAL B 539 -19.78 -11.72 -12.42
N ASN B 540 -19.33 -12.39 -13.46
CA ASN B 540 -18.46 -13.54 -13.35
C ASN B 540 -17.22 -13.14 -12.57
N PRO B 541 -17.10 -13.55 -11.31
CA PRO B 541 -16.08 -12.96 -10.44
C PRO B 541 -14.70 -13.57 -10.60
N PHE B 542 -14.55 -14.59 -11.43
CA PHE B 542 -13.22 -15.09 -11.72
C PHE B 542 -12.51 -14.27 -12.78
N ASN B 543 -13.24 -13.41 -13.49
CA ASN B 543 -12.63 -12.43 -14.38
C ASN B 543 -12.33 -11.20 -13.54
N HIS B 544 -11.06 -11.01 -13.25
CA HIS B 544 -10.62 -10.04 -12.24
C HIS B 544 -9.12 -9.85 -12.42
N HIS B 545 -8.48 -9.19 -11.48
CA HIS B 545 -7.04 -9.05 -11.52
C HIS B 545 -6.36 -9.39 -10.21
N ARG B 546 -7.11 -9.80 -9.20
CA ARG B 546 -6.53 -10.37 -7.99
C ARG B 546 -6.66 -11.88 -7.96
N ASN B 547 -7.11 -12.47 -9.06
CA ASN B 547 -7.24 -13.92 -9.17
C ASN B 547 -5.85 -14.51 -9.18
N ALA B 548 -5.41 -14.98 -8.00
CA ALA B 548 -3.99 -15.23 -7.78
C ALA B 548 -3.42 -16.23 -8.78
N GLY B 549 -4.21 -17.22 -9.17
CA GLY B 549 -3.74 -18.15 -10.17
C GLY B 549 -3.42 -17.48 -11.48
N LEU B 550 -4.26 -16.52 -11.89
CA LEU B 550 -3.98 -15.82 -13.14
C LEU B 550 -2.70 -15.01 -13.04
N ARG B 551 -2.49 -14.33 -11.91
CA ARG B 551 -1.26 -13.58 -11.72
C ARG B 551 -0.05 -14.50 -11.81
N TYR B 552 -0.11 -15.64 -11.12
CA TYR B 552 1.01 -16.58 -11.15
C TYR B 552 1.29 -17.05 -12.56
N ARG B 553 0.25 -17.46 -13.28
CA ARG B 553 0.47 -18.00 -14.62
C ARG B 553 1.01 -16.93 -15.55
N SER B 554 0.48 -15.71 -15.48
CA SER B 554 0.97 -14.66 -16.37
C SER B 554 2.40 -14.28 -16.05
N MET B 555 2.79 -14.36 -14.78
CA MET B 555 4.17 -14.08 -14.44
C MET B 555 5.10 -15.23 -14.82
N LEU B 556 4.57 -16.45 -14.99
CA LEU B 556 5.43 -17.56 -15.40
C LEU B 556 6.07 -17.29 -16.75
N LEU B 557 5.30 -16.78 -17.70
CA LEU B 557 5.81 -16.53 -19.04
C LEU B 557 6.69 -15.29 -19.11
N GLY B 558 6.40 -14.27 -18.30
CA GLY B 558 7.10 -13.01 -18.36
C GLY B 558 6.16 -11.85 -18.61
N ASN B 559 6.70 -10.65 -18.42
CA ASN B 559 5.91 -9.43 -18.43
C ASN B 559 5.88 -8.71 -19.77
N GLY B 560 6.65 -9.16 -20.74
CA GLY B 560 6.70 -8.52 -22.04
C GLY B 560 5.56 -8.96 -22.93
N ARG B 561 5.69 -8.65 -24.22
CA ARG B 561 4.65 -8.98 -25.18
C ARG B 561 5.09 -9.94 -26.27
N TYR B 562 6.40 -10.06 -26.53
CA TYR B 562 6.91 -11.09 -27.44
C TYR B 562 7.54 -12.19 -26.60
N VAL B 563 7.05 -13.41 -26.76
CA VAL B 563 7.48 -14.49 -25.87
C VAL B 563 7.71 -15.79 -26.65
N PRO B 564 8.95 -16.26 -26.76
CA PRO B 564 9.17 -17.63 -27.24
C PRO B 564 9.02 -18.60 -26.07
N PHE B 565 8.26 -19.66 -26.27
CA PHE B 565 7.90 -20.52 -25.16
C PHE B 565 8.09 -22.00 -25.48
N HIS B 566 8.00 -22.80 -24.42
CA HIS B 566 8.43 -24.19 -24.44
C HIS B 566 7.68 -24.91 -23.33
N ILE B 567 6.70 -25.74 -23.68
CA ILE B 567 5.74 -26.27 -22.71
C ILE B 567 5.59 -27.78 -22.87
N GLN B 568 4.96 -28.39 -21.86
CA GLN B 568 4.55 -29.78 -21.89
C GLN B 568 3.07 -29.90 -21.57
N VAL B 569 2.35 -30.63 -22.40
CA VAL B 569 0.91 -30.81 -22.28
C VAL B 569 0.64 -32.25 -21.92
N PRO B 570 -0.22 -32.52 -20.94
CA PRO B 570 -0.53 -33.89 -20.57
C PRO B 570 -1.47 -34.54 -21.59
N GLN B 571 -1.83 -35.79 -21.31
CA GLN B 571 -2.86 -36.51 -22.03
C GLN B 571 -3.97 -36.82 -21.05
N LYS B 572 -5.21 -36.46 -21.41
CA LYS B 572 -6.29 -36.40 -20.44
C LYS B 572 -7.47 -37.30 -20.74
N PHE B 573 -7.45 -38.06 -21.83
CA PHE B 573 -8.56 -38.96 -22.10
C PHE B 573 -8.44 -40.18 -21.19
N PHE B 574 -9.48 -40.42 -20.40
CA PHE B 574 -9.38 -41.45 -19.36
C PHE B 574 -9.15 -42.84 -19.95
N ALA B 575 -9.89 -43.17 -21.00
CA ALA B 575 -9.88 -44.54 -21.53
C ALA B 575 -8.50 -44.98 -22.00
N ILE B 576 -7.53 -44.09 -22.10
CA ILE B 576 -6.15 -44.52 -22.27
C ILE B 576 -5.25 -43.74 -21.32
N LYS B 577 -5.85 -43.04 -20.36
CA LYS B 577 -5.05 -42.24 -19.43
C LYS B 577 -4.09 -43.08 -18.62
N ASN B 578 -4.50 -44.28 -18.20
CA ASN B 578 -3.69 -45.15 -17.36
C ASN B 578 -3.36 -46.49 -17.99
N LEU B 579 -3.82 -46.74 -19.22
CA LEU B 579 -3.66 -48.06 -19.82
C LEU B 579 -2.21 -48.46 -19.91
N LEU B 580 -1.91 -49.69 -19.48
CA LEU B 580 -0.56 -50.24 -19.54
C LEU B 580 -0.36 -50.91 -20.89
N LEU B 581 0.48 -50.32 -21.73
CA LEU B 581 0.69 -50.86 -23.06
C LEU B 581 1.65 -52.05 -23.00
N LEU B 582 1.63 -52.84 -24.07
CA LEU B 582 2.43 -54.05 -24.20
C LEU B 582 3.15 -54.03 -25.53
N PRO B 583 4.22 -54.80 -25.68
CA PRO B 583 5.15 -54.59 -26.79
C PRO B 583 4.48 -54.56 -28.15
N GLY B 584 4.99 -53.72 -29.03
CA GLY B 584 4.51 -53.65 -30.39
C GLY B 584 4.76 -52.27 -30.99
N SER B 585 4.18 -52.07 -32.17
CA SER B 585 4.32 -50.83 -32.92
C SER B 585 2.95 -50.22 -33.14
N TYR B 586 2.79 -48.97 -32.73
CA TYR B 586 1.49 -48.33 -32.69
C TYR B 586 1.56 -47.00 -33.43
N THR B 587 0.41 -46.58 -33.94
CA THR B 587 0.25 -45.26 -34.53
C THR B 587 -0.53 -44.40 -33.56
N TYR B 588 0.06 -43.25 -33.22
CA TYR B 588 -0.45 -42.38 -32.16
C TYR B 588 -0.48 -40.96 -32.70
N GLU B 589 -1.67 -40.38 -32.86
CA GLU B 589 -1.75 -39.11 -33.55
C GLU B 589 -2.91 -38.27 -33.02
N TRP B 590 -2.76 -36.95 -33.11
CA TRP B 590 -3.68 -36.05 -32.43
C TRP B 590 -3.65 -34.67 -33.06
N ASN B 591 -4.69 -33.88 -32.75
CA ASN B 591 -4.91 -32.57 -33.34
C ASN B 591 -4.86 -31.47 -32.28
N PHE B 592 -4.43 -30.28 -32.70
CA PHE B 592 -4.29 -29.14 -31.81
C PHE B 592 -4.95 -27.92 -32.43
N ARG B 593 -5.33 -26.98 -31.56
CA ARG B 593 -6.03 -25.77 -31.93
C ARG B 593 -5.06 -24.64 -32.24
N LYS B 594 -5.47 -23.77 -33.17
CA LYS B 594 -4.72 -22.57 -33.48
C LYS B 594 -5.46 -21.30 -33.13
N ASP B 595 -6.72 -21.40 -32.71
CA ASP B 595 -7.49 -20.24 -32.29
C ASP B 595 -6.76 -19.51 -31.17
N VAL B 596 -7.12 -18.24 -30.97
CA VAL B 596 -6.37 -17.37 -30.07
C VAL B 596 -7.15 -16.95 -28.85
N ASN B 597 -8.46 -17.19 -28.80
CA ASN B 597 -9.20 -16.98 -27.56
C ASN B 597 -9.52 -18.28 -26.85
N MET B 598 -9.33 -19.43 -27.50
CA MET B 598 -9.54 -20.69 -26.81
C MET B 598 -8.30 -21.06 -26.00
N VAL B 599 -7.15 -21.09 -26.65
CA VAL B 599 -5.92 -21.52 -25.98
C VAL B 599 -5.38 -20.47 -25.02
N LEU B 600 -5.95 -19.28 -24.99
CA LEU B 600 -5.52 -18.20 -24.10
C LEU B 600 -6.66 -17.79 -23.19
N GLN B 601 -6.37 -16.86 -22.30
CA GLN B 601 -7.41 -16.32 -21.43
C GLN B 601 -6.96 -14.98 -20.88
N SER B 602 -7.89 -14.02 -20.83
CA SER B 602 -7.63 -12.66 -20.41
C SER B 602 -7.90 -12.50 -18.93
N SER B 603 -7.98 -11.26 -18.47
CA SER B 603 -8.43 -10.96 -17.12
C SER B 603 -9.75 -10.21 -17.10
N LEU B 604 -10.08 -9.47 -18.15
CA LEU B 604 -11.28 -8.65 -18.20
C LEU B 604 -12.40 -9.32 -18.98
N GLY B 605 -12.11 -9.83 -20.17
CA GLY B 605 -13.13 -10.52 -20.93
C GLY B 605 -13.25 -10.02 -22.35
N ASN B 606 -12.30 -9.19 -22.76
CA ASN B 606 -12.34 -8.60 -24.08
C ASN B 606 -11.99 -9.63 -25.14
N ASP B 607 -12.46 -9.39 -26.35
CA ASP B 607 -12.11 -10.26 -27.45
C ASP B 607 -10.62 -10.19 -27.72
N LEU B 608 -10.12 -11.19 -28.45
CA LEU B 608 -8.70 -11.28 -28.78
C LEU B 608 -8.41 -11.39 -30.26
N ARG B 609 -9.40 -11.70 -31.10
CA ARG B 609 -9.17 -11.62 -32.53
C ARG B 609 -9.11 -10.18 -33.00
N VAL B 610 -9.87 -9.30 -32.35
CA VAL B 610 -9.86 -7.89 -32.73
C VAL B 610 -8.47 -7.30 -32.50
N ASP B 611 -7.91 -7.53 -31.32
CA ASP B 611 -6.68 -6.85 -30.95
C ASP B 611 -5.44 -7.49 -31.54
N GLY B 612 -5.56 -8.65 -32.16
CA GLY B 612 -4.41 -9.19 -32.88
C GLY B 612 -3.29 -9.70 -31.99
N ALA B 613 -3.53 -10.80 -31.28
CA ALA B 613 -2.49 -11.55 -30.60
C ALA B 613 -2.36 -12.92 -31.27
N SER B 614 -1.15 -13.26 -31.69
CA SER B 614 -0.96 -14.43 -32.54
C SER B 614 -0.07 -15.45 -31.86
N ILE B 615 -0.08 -16.67 -32.41
CA ILE B 615 0.63 -17.78 -31.80
C ILE B 615 1.00 -18.77 -32.90
N LYS B 616 2.26 -19.18 -32.92
CA LYS B 616 2.79 -20.00 -33.99
C LYS B 616 3.59 -21.16 -33.41
N PHE B 617 3.28 -22.37 -33.86
CA PHE B 617 3.88 -23.59 -33.34
C PHE B 617 5.00 -24.04 -34.27
N ASP B 618 6.23 -24.13 -33.75
CA ASP B 618 7.34 -24.47 -34.63
C ASP B 618 7.65 -25.95 -34.61
N SER B 619 8.01 -26.48 -33.44
CA SER B 619 8.41 -27.87 -33.32
C SER B 619 7.64 -28.51 -32.20
N ILE B 620 7.23 -29.76 -32.41
CA ILE B 620 6.58 -30.57 -31.39
C ILE B 620 7.21 -31.95 -31.42
N CYS B 621 7.70 -32.40 -30.28
CA CYS B 621 8.37 -33.69 -30.16
C CYS B 621 7.77 -34.44 -28.99
N LEU B 622 7.83 -35.78 -29.03
CA LEU B 622 7.16 -36.61 -28.04
C LEU B 622 8.16 -37.29 -27.12
N TYR B 623 7.92 -37.25 -25.82
CA TYR B 623 8.80 -37.92 -24.87
C TYR B 623 8.06 -39.05 -24.17
N ALA B 624 8.82 -40.05 -23.73
CA ALA B 624 8.24 -41.18 -22.99
C ALA B 624 9.29 -41.79 -22.10
N THR B 625 8.83 -42.44 -21.03
CA THR B 625 9.70 -43.03 -20.02
C THR B 625 9.40 -44.52 -19.86
N PHE B 626 10.42 -45.28 -19.52
CA PHE B 626 10.30 -46.72 -19.36
C PHE B 626 10.79 -47.13 -17.97
N PHE B 627 10.65 -48.41 -17.66
CA PHE B 627 11.17 -48.98 -16.43
C PHE B 627 12.24 -49.99 -16.80
N PRO B 628 13.43 -49.90 -16.24
CA PRO B 628 14.44 -50.90 -16.55
C PRO B 628 14.15 -52.25 -15.90
N MET B 629 12.96 -52.81 -16.18
CA MET B 629 12.59 -54.08 -15.60
C MET B 629 13.50 -55.19 -16.12
N ALA B 630 13.74 -56.18 -15.28
CA ALA B 630 14.55 -57.32 -15.68
C ALA B 630 13.89 -58.03 -16.86
N HIS B 631 14.72 -58.65 -17.70
CA HIS B 631 14.22 -59.22 -18.95
C HIS B 631 13.14 -60.26 -18.69
N ASN B 632 13.51 -61.36 -18.02
CA ASN B 632 12.60 -62.50 -17.94
C ASN B 632 11.36 -62.17 -17.12
N THR B 633 11.50 -61.32 -16.10
CA THR B 633 10.33 -60.91 -15.34
C THR B 633 9.34 -60.19 -16.24
N ALA B 634 9.83 -59.30 -17.10
CA ALA B 634 8.94 -58.61 -18.02
C ALA B 634 8.31 -59.58 -18.99
N SER B 635 9.08 -60.57 -19.46
CA SER B 635 8.51 -61.55 -20.37
C SER B 635 7.38 -62.33 -19.69
N THR B 636 7.60 -62.73 -18.45
CA THR B 636 6.57 -63.43 -17.69
C THR B 636 5.32 -62.58 -17.55
N LEU B 637 5.49 -61.32 -17.14
CA LEU B 637 4.35 -60.45 -16.95
C LEU B 637 3.60 -60.22 -18.26
N GLU B 638 4.34 -60.04 -19.35
CA GLU B 638 3.70 -59.84 -20.65
C GLU B 638 2.86 -61.05 -21.04
N ALA B 639 3.44 -62.25 -20.96
CA ALA B 639 2.69 -63.44 -21.32
C ALA B 639 1.48 -63.61 -20.40
N MET B 640 1.64 -63.30 -19.11
CA MET B 640 0.53 -63.44 -18.19
C MET B 640 -0.58 -62.47 -18.50
N LEU B 641 -0.24 -61.25 -18.91
CA LEU B 641 -1.24 -60.22 -19.15
C LEU B 641 -1.86 -60.30 -20.54
N ARG B 642 -1.29 -61.09 -21.45
CA ARG B 642 -1.95 -61.22 -22.73
C ARG B 642 -3.18 -62.11 -22.69
N ASN B 643 -3.42 -62.79 -21.57
CA ASN B 643 -4.50 -63.76 -21.53
C ASN B 643 -5.85 -63.05 -21.51
N ASP B 644 -6.89 -63.79 -21.91
CA ASP B 644 -8.20 -63.20 -22.08
C ASP B 644 -8.80 -62.72 -20.76
N THR B 645 -8.65 -63.50 -19.71
CA THR B 645 -9.52 -63.32 -18.54
C THR B 645 -9.03 -62.25 -17.58
N ASN B 646 -7.92 -61.58 -17.84
CA ASN B 646 -7.40 -60.58 -16.93
C ASN B 646 -7.18 -59.25 -17.63
N ASP B 647 -8.19 -58.80 -18.38
CA ASP B 647 -8.07 -57.63 -19.23
C ASP B 647 -8.16 -56.35 -18.41
N GLN B 648 -8.26 -55.22 -19.11
CA GLN B 648 -8.24 -53.92 -18.47
C GLN B 648 -9.63 -53.32 -18.39
N SER B 649 -9.97 -52.78 -17.22
CA SER B 649 -11.23 -52.09 -17.01
C SER B 649 -10.95 -50.63 -16.67
N PHE B 650 -11.71 -49.72 -17.27
CA PHE B 650 -11.49 -48.31 -16.98
C PHE B 650 -12.81 -47.57 -16.88
N ASN B 651 -12.81 -46.54 -16.04
CA ASN B 651 -14.02 -45.82 -15.67
C ASN B 651 -13.69 -44.35 -15.49
N ASP B 652 -14.30 -43.50 -16.30
CA ASP B 652 -14.09 -42.06 -16.21
C ASP B 652 -14.62 -41.53 -14.88
N TYR B 653 -13.99 -40.48 -14.38
CA TYR B 653 -14.40 -39.95 -13.07
C TYR B 653 -15.83 -39.44 -13.11
N LEU B 654 -16.15 -38.57 -14.05
CA LEU B 654 -17.42 -37.87 -13.98
C LEU B 654 -18.57 -38.80 -14.29
N SER B 655 -18.44 -39.60 -15.35
CA SER B 655 -19.44 -40.58 -15.74
C SER B 655 -20.84 -39.97 -15.78
N ALA B 656 -21.02 -39.04 -16.71
CA ALA B 656 -22.31 -38.37 -16.83
C ALA B 656 -22.56 -38.07 -18.30
N ALA B 657 -23.81 -37.76 -18.59
CA ALA B 657 -24.19 -37.23 -19.89
C ALA B 657 -23.98 -35.72 -19.89
N ASN B 658 -24.48 -35.03 -20.91
CA ASN B 658 -24.44 -33.57 -20.93
C ASN B 658 -25.60 -33.06 -21.76
N MET B 659 -26.49 -32.30 -21.14
CA MET B 659 -27.58 -31.68 -21.87
C MET B 659 -27.58 -30.19 -21.57
N LEU B 660 -27.76 -29.40 -22.63
CA LEU B 660 -27.76 -27.94 -22.55
C LEU B 660 -29.05 -27.44 -23.18
N TYR B 661 -29.82 -26.65 -22.43
CA TYR B 661 -31.06 -26.18 -23.01
C TYR B 661 -31.11 -24.66 -23.03
N PRO B 662 -31.63 -24.06 -24.09
CA PRO B 662 -31.65 -22.59 -24.17
C PRO B 662 -32.62 -21.99 -23.18
N ILE B 663 -32.33 -20.76 -22.78
CA ILE B 663 -33.18 -19.98 -21.88
C ILE B 663 -33.25 -18.56 -22.43
N PRO B 664 -34.33 -18.20 -23.12
CA PRO B 664 -34.44 -16.85 -23.64
C PRO B 664 -34.56 -15.84 -22.51
N ALA B 665 -34.14 -14.61 -22.81
CA ALA B 665 -34.02 -13.60 -21.78
C ALA B 665 -35.36 -13.30 -21.12
N ASN B 666 -35.32 -13.07 -19.81
CA ASN B 666 -36.48 -12.69 -19.01
C ASN B 666 -37.58 -13.75 -19.08
N ALA B 667 -37.21 -14.97 -18.71
CA ALA B 667 -38.16 -16.07 -18.59
C ALA B 667 -37.83 -16.87 -17.35
N THR B 668 -38.85 -17.34 -16.65
CA THR B 668 -38.69 -18.04 -15.38
C THR B 668 -39.40 -19.38 -15.41
N ASN B 669 -39.22 -20.14 -16.49
CA ASN B 669 -39.90 -21.42 -16.63
C ASN B 669 -39.20 -22.22 -17.71
N VAL B 670 -38.71 -23.40 -17.38
CA VAL B 670 -38.07 -24.23 -18.40
C VAL B 670 -38.60 -25.65 -18.30
N PRO B 671 -39.39 -26.12 -19.26
CA PRO B 671 -39.78 -27.52 -19.29
C PRO B 671 -38.89 -28.36 -20.19
N ILE B 672 -38.58 -29.56 -19.74
CA ILE B 672 -37.82 -30.52 -20.55
C ILE B 672 -38.49 -31.87 -20.46
N SER B 673 -38.65 -32.52 -21.61
CA SER B 673 -39.29 -33.82 -21.68
C SER B 673 -38.36 -34.78 -22.39
N ILE B 674 -38.30 -36.01 -21.88
CA ILE B 674 -37.52 -37.08 -22.45
C ILE B 674 -38.48 -38.21 -22.80
N PRO B 675 -38.51 -38.66 -24.04
CA PRO B 675 -39.51 -39.65 -24.45
C PRO B 675 -39.29 -40.98 -23.77
N SER B 676 -40.18 -41.94 -24.00
CA SER B 676 -40.14 -43.20 -23.27
C SER B 676 -38.82 -43.92 -23.47
N ARG B 677 -38.27 -44.44 -22.39
CA ARG B 677 -37.04 -45.25 -22.45
C ARG B 677 -36.79 -45.89 -21.09
N ASN B 678 -35.89 -46.87 -21.07
CA ASN B 678 -35.56 -47.56 -19.83
C ASN B 678 -34.41 -46.86 -19.11
N TRP B 679 -34.35 -47.06 -17.80
CA TRP B 679 -33.44 -46.32 -16.93
C TRP B 679 -32.61 -47.25 -16.06
N ALA B 680 -31.99 -48.25 -16.66
CA ALA B 680 -31.23 -49.21 -15.88
C ALA B 680 -29.98 -48.58 -15.29
N ALA B 681 -29.83 -48.71 -13.97
CA ALA B 681 -28.59 -48.36 -13.27
C ALA B 681 -28.30 -46.87 -13.30
N PHE B 682 -29.33 -46.06 -13.15
CA PHE B 682 -29.16 -44.62 -13.05
C PHE B 682 -28.38 -44.27 -11.79
N ARG B 683 -27.88 -43.04 -11.73
CA ARG B 683 -27.24 -42.56 -10.51
C ARG B 683 -27.88 -41.30 -9.96
N GLY B 684 -28.08 -40.27 -10.78
CA GLY B 684 -28.68 -39.06 -10.28
C GLY B 684 -28.47 -37.89 -11.20
N TRP B 685 -29.10 -36.78 -10.83
CA TRP B 685 -29.02 -35.52 -11.57
C TRP B 685 -28.07 -34.57 -10.88
N ALA B 686 -27.31 -33.85 -11.68
CA ALA B 686 -26.61 -32.66 -11.24
C ALA B 686 -27.03 -31.52 -12.16
N PHE B 687 -27.12 -30.31 -11.63
CA PHE B 687 -27.43 -29.23 -12.55
C PHE B 687 -26.88 -27.91 -12.07
N THR B 688 -26.84 -26.96 -13.01
CA THR B 688 -26.44 -25.59 -12.77
C THR B 688 -26.92 -24.73 -13.94
N ARG B 689 -26.52 -23.46 -13.95
CA ARG B 689 -26.95 -22.49 -14.94
C ARG B 689 -25.73 -21.79 -15.55
N LEU B 690 -25.87 -21.29 -16.78
CA LEU B 690 -24.74 -20.72 -17.50
C LEU B 690 -25.18 -19.52 -18.33
N LYS B 691 -24.22 -18.64 -18.62
CA LYS B 691 -24.42 -17.51 -19.51
C LYS B 691 -24.06 -17.89 -20.93
N THR B 692 -24.95 -17.59 -21.88
CA THR B 692 -24.70 -17.98 -23.26
C THR B 692 -23.48 -17.28 -23.83
N LYS B 693 -23.25 -16.04 -23.43
CA LYS B 693 -22.12 -15.30 -23.96
C LYS B 693 -20.79 -15.93 -23.60
N GLU B 694 -20.76 -16.81 -22.61
CA GLU B 694 -19.52 -17.40 -22.12
C GLU B 694 -19.47 -18.90 -22.36
N THR B 695 -19.96 -19.35 -23.50
CA THR B 695 -19.92 -20.78 -23.76
C THR B 695 -19.85 -21.07 -25.25
N PRO B 696 -18.73 -21.61 -25.73
CA PRO B 696 -18.63 -21.94 -27.14
C PRO B 696 -19.56 -23.08 -27.48
N SER B 697 -19.78 -23.26 -28.78
CA SER B 697 -20.58 -24.38 -29.23
C SER B 697 -19.77 -25.66 -29.20
N LEU B 698 -20.46 -26.78 -29.06
CA LEU B 698 -19.81 -28.07 -28.88
C LEU B 698 -19.39 -28.64 -30.22
N GLY B 699 -18.40 -29.53 -30.16
CA GLY B 699 -18.05 -30.31 -31.32
C GLY B 699 -17.35 -29.53 -32.42
N SER B 700 -17.97 -28.47 -32.89
CA SER B 700 -17.43 -27.73 -34.03
C SER B 700 -16.02 -27.24 -33.75
N GLY B 701 -15.14 -27.40 -34.73
CA GLY B 701 -13.74 -27.08 -34.55
C GLY B 701 -13.44 -25.61 -34.38
N TYR B 702 -14.40 -24.73 -34.71
CA TYR B 702 -14.18 -23.29 -34.58
C TYR B 702 -15.53 -22.62 -34.56
N ASP B 703 -15.79 -21.84 -33.51
CA ASP B 703 -17.08 -21.18 -33.32
C ASP B 703 -16.91 -19.70 -33.65
N PRO B 704 -17.17 -19.29 -34.89
CA PRO B 704 -16.94 -17.88 -35.25
C PRO B 704 -17.75 -16.91 -34.42
N TYR B 705 -18.92 -17.30 -33.97
CA TYR B 705 -19.77 -16.39 -33.21
C TYR B 705 -19.31 -16.22 -31.78
N TYR B 706 -18.11 -16.67 -31.45
CA TYR B 706 -17.60 -16.62 -30.09
C TYR B 706 -16.67 -15.42 -29.96
N THR B 707 -17.01 -14.48 -29.09
CA THR B 707 -16.28 -13.23 -28.95
C THR B 707 -16.06 -12.88 -27.50
N TYR B 708 -15.56 -13.83 -26.70
CA TYR B 708 -15.31 -13.56 -25.29
C TYR B 708 -14.16 -14.43 -24.82
N SER B 709 -13.13 -13.81 -24.28
CA SER B 709 -11.90 -14.51 -23.91
C SER B 709 -11.67 -14.47 -22.41
N GLY B 710 -12.71 -14.72 -21.62
CA GLY B 710 -12.57 -14.71 -20.19
C GLY B 710 -12.24 -16.09 -19.64
N SER B 711 -13.17 -16.69 -18.90
CA SER B 711 -12.94 -18.01 -18.31
C SER B 711 -14.21 -18.83 -18.46
N ILE B 712 -14.17 -19.85 -19.31
CA ILE B 712 -15.36 -20.68 -19.49
C ILE B 712 -15.64 -21.45 -18.20
N PRO B 713 -16.86 -21.41 -17.68
CA PRO B 713 -17.19 -22.31 -16.58
C PRO B 713 -17.43 -23.73 -17.04
N TYR B 714 -17.99 -23.89 -18.23
CA TYR B 714 -18.32 -25.21 -18.75
C TYR B 714 -17.10 -26.08 -18.96
N LEU B 715 -15.90 -25.51 -18.96
CA LEU B 715 -14.69 -26.28 -19.20
C LEU B 715 -13.68 -26.25 -18.07
N ASP B 716 -13.90 -25.50 -17.00
CA ASP B 716 -13.04 -25.69 -15.84
C ASP B 716 -13.77 -25.57 -14.51
N GLY B 717 -15.09 -25.61 -14.49
CA GLY B 717 -15.80 -25.63 -13.24
C GLY B 717 -15.70 -24.37 -12.41
N THR B 718 -16.33 -23.28 -12.87
CA THR B 718 -16.40 -22.03 -12.12
C THR B 718 -17.81 -21.50 -12.25
N PHE B 719 -18.67 -21.83 -11.30
CA PHE B 719 -20.08 -21.49 -11.39
C PHE B 719 -20.43 -20.45 -10.34
N TYR B 720 -21.35 -19.56 -10.67
CA TYR B 720 -21.80 -18.55 -9.74
C TYR B 720 -23.30 -18.30 -9.77
N LEU B 721 -24.04 -18.92 -10.67
CA LEU B 721 -25.45 -18.65 -10.82
C LEU B 721 -26.32 -19.51 -9.91
N ASN B 722 -25.71 -20.35 -9.08
CA ASN B 722 -26.46 -21.34 -8.33
C ASN B 722 -27.52 -20.72 -7.44
N HIS B 723 -27.35 -19.49 -7.03
CA HIS B 723 -28.34 -18.81 -6.19
C HIS B 723 -29.53 -18.32 -6.98
N THR B 724 -29.51 -18.41 -8.29
CA THR B 724 -30.55 -17.83 -9.13
C THR B 724 -31.70 -18.79 -9.39
N PHE B 725 -31.87 -19.81 -8.56
CA PHE B 725 -32.89 -20.83 -8.77
C PHE B 725 -34.07 -20.64 -7.82
N LYS B 726 -35.21 -21.20 -8.22
CA LYS B 726 -36.38 -21.23 -7.36
C LYS B 726 -36.74 -22.66 -6.96
N LYS B 727 -36.99 -23.54 -7.93
CA LYS B 727 -37.40 -24.90 -7.59
C LYS B 727 -37.45 -25.75 -8.85
N VAL B 728 -37.65 -27.05 -8.64
CA VAL B 728 -37.68 -28.03 -9.71
C VAL B 728 -38.71 -29.10 -9.36
N ALA B 729 -39.26 -29.73 -10.38
CA ALA B 729 -40.23 -30.79 -10.18
C ALA B 729 -40.03 -31.88 -11.23
N ILE B 730 -40.22 -33.14 -10.82
CA ILE B 730 -39.91 -34.30 -11.63
C ILE B 730 -41.13 -35.21 -11.72
N THR B 731 -41.24 -35.95 -12.81
CA THR B 731 -42.35 -36.86 -12.96
C THR B 731 -42.00 -37.97 -13.94
N PHE B 732 -42.44 -39.19 -13.61
CA PHE B 732 -42.38 -40.34 -14.51
C PHE B 732 -43.78 -40.58 -15.07
N ASP B 733 -43.90 -40.57 -16.39
CA ASP B 733 -45.17 -40.76 -17.09
C ASP B 733 -46.22 -39.73 -16.64
N SER B 734 -45.77 -38.50 -16.42
CA SER B 734 -46.60 -37.31 -16.39
C SER B 734 -47.70 -37.34 -15.32
N SER B 735 -47.74 -38.36 -14.48
CA SER B 735 -48.75 -38.36 -13.44
C SER B 735 -48.27 -38.79 -12.07
N VAL B 736 -47.09 -39.39 -11.95
CA VAL B 736 -46.60 -39.91 -10.68
C VAL B 736 -45.35 -39.14 -10.32
N SER B 737 -45.48 -38.20 -9.38
CA SER B 737 -44.33 -37.44 -8.95
C SER B 737 -43.31 -38.35 -8.28
N TRP B 738 -42.06 -37.92 -8.23
CA TRP B 738 -41.01 -38.69 -7.60
C TRP B 738 -40.22 -37.87 -6.60
N PRO B 739 -40.80 -37.51 -5.51
CA PRO B 739 -40.13 -37.76 -4.25
C PRO B 739 -40.76 -39.00 -3.66
N GLY B 740 -41.86 -39.37 -4.29
CA GLY B 740 -42.69 -40.48 -3.87
C GLY B 740 -43.41 -40.24 -2.56
N ASN B 741 -44.60 -40.83 -2.44
CA ASN B 741 -45.19 -41.20 -1.17
C ASN B 741 -45.12 -40.14 -0.08
N ASP B 742 -45.08 -38.87 -0.46
CA ASP B 742 -45.15 -37.75 0.48
C ASP B 742 -44.02 -37.84 1.51
N ARG B 743 -42.80 -37.69 0.99
CA ARG B 743 -41.66 -37.57 1.89
C ARG B 743 -41.36 -36.12 2.26
N LEU B 744 -41.24 -35.26 1.25
CA LEU B 744 -40.81 -33.90 1.47
C LEU B 744 -41.93 -33.07 2.08
N LEU B 745 -41.54 -31.98 2.76
CA LEU B 745 -42.51 -31.13 3.44
C LEU B 745 -43.48 -30.51 2.45
N THR B 746 -42.99 -30.06 1.31
CA THR B 746 -43.90 -29.69 0.25
C THR B 746 -44.42 -30.94 -0.44
N PRO B 747 -45.60 -30.88 -1.02
CA PRO B 747 -46.16 -32.07 -1.67
C PRO B 747 -45.35 -32.61 -2.84
N ASN B 748 -45.12 -31.82 -3.90
CA ASN B 748 -44.57 -32.39 -5.12
C ASN B 748 -43.53 -31.48 -5.74
N GLU B 749 -42.63 -30.92 -4.94
CA GLU B 749 -41.65 -30.01 -5.51
C GLU B 749 -40.54 -29.75 -4.51
N PHE B 750 -39.30 -29.70 -4.98
CA PHE B 750 -38.16 -29.37 -4.13
C PHE B 750 -38.10 -27.86 -3.98
N GLU B 751 -38.55 -27.33 -2.84
CA GLU B 751 -38.64 -25.89 -2.65
C GLU B 751 -37.26 -25.38 -2.22
N ILE B 752 -36.46 -24.97 -3.19
CA ILE B 752 -35.08 -24.59 -2.91
C ILE B 752 -35.03 -23.36 -2.01
N LYS B 753 -35.56 -22.26 -2.49
CA LYS B 753 -35.53 -21.01 -1.74
C LYS B 753 -36.91 -20.38 -1.73
N ARG B 754 -37.28 -19.80 -0.60
CA ARG B 754 -38.52 -19.07 -0.47
C ARG B 754 -38.22 -17.59 -0.35
N SER B 755 -39.17 -16.77 -0.79
CA SER B 755 -39.09 -15.34 -0.54
C SER B 755 -39.51 -15.10 0.91
N VAL B 756 -39.60 -13.83 1.31
CA VAL B 756 -39.84 -13.50 2.72
C VAL B 756 -41.19 -14.02 3.21
N ASP B 757 -42.09 -14.36 2.29
CA ASP B 757 -43.40 -14.85 2.68
C ASP B 757 -43.35 -16.23 3.33
N GLY B 758 -42.22 -16.91 3.27
CA GLY B 758 -42.11 -18.25 3.84
C GLY B 758 -41.92 -18.19 5.33
N GLU B 759 -43.01 -17.93 6.06
CA GLU B 759 -42.93 -17.57 7.45
C GLU B 759 -42.39 -18.67 8.35
N GLY B 760 -42.39 -19.93 7.91
CA GLY B 760 -42.02 -20.99 8.83
C GLY B 760 -40.97 -21.97 8.36
N TYR B 761 -40.40 -21.76 7.18
CA TYR B 761 -39.54 -22.77 6.60
C TYR B 761 -38.14 -22.30 6.25
N ASN B 762 -37.84 -21.03 6.38
CA ASN B 762 -36.47 -20.58 6.19
C ASN B 762 -35.58 -21.13 7.31
N VAL B 763 -34.41 -21.64 6.93
CA VAL B 763 -33.53 -22.30 7.88
C VAL B 763 -32.12 -21.75 7.71
N ALA B 764 -31.31 -21.97 8.75
CA ALA B 764 -29.91 -21.52 8.77
C ALA B 764 -29.80 -20.00 8.69
N GLN B 765 -30.76 -19.28 9.27
CA GLN B 765 -30.71 -17.82 9.37
C GLN B 765 -30.61 -17.14 8.01
N CYS B 766 -31.14 -17.79 6.98
CA CYS B 766 -30.90 -17.33 5.63
C CYS B 766 -32.12 -17.66 4.77
N ASN B 767 -31.94 -17.65 3.46
CA ASN B 767 -33.07 -17.76 2.54
C ASN B 767 -33.56 -19.21 2.43
N MET B 768 -32.66 -20.19 2.53
CA MET B 768 -32.95 -21.54 2.08
C MET B 768 -33.97 -22.24 2.97
N THR B 769 -34.64 -23.24 2.42
CA THR B 769 -35.58 -24.08 3.17
C THR B 769 -34.85 -25.25 3.81
N LYS B 770 -35.46 -25.79 4.86
CA LYS B 770 -34.84 -26.90 5.58
C LYS B 770 -34.63 -28.10 4.67
N ASP B 771 -35.68 -28.50 3.96
CA ASP B 771 -35.63 -29.78 3.25
C ASP B 771 -34.56 -29.78 2.17
N TRP B 772 -34.40 -28.67 1.45
CA TRP B 772 -33.35 -28.67 0.45
C TRP B 772 -31.98 -28.76 1.11
N PHE B 773 -31.83 -28.11 2.26
CA PHE B 773 -30.59 -28.24 3.02
C PHE B 773 -30.34 -29.69 3.39
N LEU B 774 -31.37 -30.38 3.85
CA LEU B 774 -31.26 -31.78 4.24
C LEU B 774 -30.82 -32.62 3.05
N VAL B 775 -31.47 -32.41 1.90
CA VAL B 775 -31.15 -33.21 0.72
C VAL B 775 -29.69 -33.02 0.33
N GLN B 776 -29.24 -31.77 0.29
CA GLN B 776 -27.86 -31.54 -0.11
C GLN B 776 -26.90 -32.14 0.90
N MET B 777 -27.16 -31.95 2.19
CA MET B 777 -26.23 -32.48 3.18
C MET B 777 -26.15 -34.00 3.14
N LEU B 778 -27.29 -34.67 3.00
CA LEU B 778 -27.25 -36.12 2.80
C LEU B 778 -26.40 -36.46 1.60
N ALA B 779 -26.80 -35.98 0.43
CA ALA B 779 -26.17 -36.44 -0.80
C ALA B 779 -24.69 -36.09 -0.88
N ASN B 780 -24.21 -35.16 -0.05
CA ASN B 780 -22.78 -34.90 -0.08
C ASN B 780 -22.02 -35.60 1.04
N TYR B 781 -22.55 -35.62 2.26
CA TYR B 781 -21.78 -36.07 3.40
C TYR B 781 -22.43 -37.21 4.17
N ASN B 782 -23.60 -37.68 3.74
CA ASN B 782 -24.35 -38.69 4.48
C ASN B 782 -24.56 -38.25 5.92
N ILE B 783 -24.78 -36.94 6.10
CA ILE B 783 -25.15 -36.37 7.38
C ILE B 783 -26.57 -35.87 7.27
N GLY B 784 -27.31 -35.92 8.36
CA GLY B 784 -28.63 -35.35 8.34
C GLY B 784 -29.72 -36.05 9.11
N TYR B 785 -29.58 -37.35 9.34
CA TYR B 785 -30.60 -38.06 10.10
C TYR B 785 -30.33 -38.05 11.60
N GLN B 786 -29.22 -37.48 12.03
CA GLN B 786 -28.86 -37.48 13.43
C GLN B 786 -28.30 -36.14 13.84
N GLY B 787 -28.90 -35.06 13.36
CA GLY B 787 -28.44 -33.73 13.68
C GLY B 787 -27.22 -33.35 12.86
N PHE B 788 -27.17 -32.11 12.40
CA PHE B 788 -26.07 -31.69 11.55
C PHE B 788 -24.87 -31.30 12.41
N TYR B 789 -23.72 -31.22 11.75
CA TYR B 789 -22.51 -30.67 12.33
C TYR B 789 -21.48 -30.54 11.22
N ILE B 790 -20.29 -30.07 11.57
CA ILE B 790 -19.31 -29.74 10.56
C ILE B 790 -18.59 -31.01 10.13
N PRO B 791 -18.71 -31.43 8.89
CA PRO B 791 -18.05 -32.67 8.47
C PRO B 791 -16.55 -32.53 8.50
N GLU B 792 -15.88 -33.67 8.57
CA GLU B 792 -14.44 -33.69 8.76
C GLU B 792 -13.74 -33.04 7.57
N SER B 793 -12.49 -32.64 7.80
CA SER B 793 -11.73 -31.92 6.78
C SER B 793 -11.52 -32.77 5.54
N TYR B 794 -10.82 -33.90 5.69
CA TYR B 794 -10.42 -34.68 4.52
C TYR B 794 -11.60 -35.22 3.73
N LYS B 795 -12.78 -35.27 4.34
CA LYS B 795 -13.98 -35.70 3.64
C LYS B 795 -14.63 -34.59 2.83
N ASP B 796 -14.11 -33.36 2.93
CA ASP B 796 -14.77 -32.18 2.36
C ASP B 796 -13.75 -31.36 1.62
N ARG B 797 -13.83 -31.35 0.29
CA ARG B 797 -12.79 -30.80 -0.54
C ARG B 797 -13.23 -29.47 -1.16
N MET B 798 -12.41 -28.93 -2.05
CA MET B 798 -12.58 -27.56 -2.53
C MET B 798 -13.93 -27.37 -3.21
N TYR B 799 -14.28 -28.25 -4.11
CA TYR B 799 -15.52 -28.09 -4.86
C TYR B 799 -16.72 -28.65 -4.14
N SER B 800 -16.68 -28.78 -2.83
CA SER B 800 -17.78 -29.40 -2.12
C SER B 800 -18.92 -28.40 -1.96
N PHE B 801 -19.89 -28.74 -1.11
CA PHE B 801 -20.96 -27.82 -0.77
C PHE B 801 -20.57 -26.93 0.40
N PHE B 802 -20.27 -27.54 1.54
CA PHE B 802 -20.14 -26.77 2.76
C PHE B 802 -18.93 -25.86 2.77
N ARG B 803 -17.90 -26.17 1.98
CA ARG B 803 -16.77 -25.26 1.91
C ARG B 803 -17.14 -23.96 1.19
N ASN B 804 -18.22 -23.96 0.42
CA ASN B 804 -18.58 -22.85 -0.44
C ASN B 804 -20.01 -22.38 -0.19
N PHE B 805 -20.34 -22.16 1.07
CA PHE B 805 -21.68 -21.74 1.45
C PHE B 805 -21.56 -20.46 2.25
N GLN B 806 -22.33 -19.44 1.88
CA GLN B 806 -22.26 -18.19 2.62
C GLN B 806 -23.64 -17.57 2.79
N PRO B 807 -24.17 -17.49 4.00
CA PRO B 807 -25.40 -16.72 4.21
C PRO B 807 -25.09 -15.28 4.56
N MET B 808 -25.96 -14.37 4.10
CA MET B 808 -25.76 -12.94 4.26
C MET B 808 -27.10 -12.29 4.52
N SER B 809 -27.08 -11.18 5.26
CA SER B 809 -28.30 -10.47 5.55
C SER B 809 -27.97 -9.01 5.86
N ARG B 810 -28.98 -8.16 5.69
CA ARG B 810 -28.80 -6.73 5.91
C ARG B 810 -30.16 -6.09 6.15
N GLN B 811 -30.14 -4.80 6.48
CA GLN B 811 -31.35 -4.00 6.60
C GLN B 811 -31.27 -2.79 5.69
N VAL B 812 -32.42 -2.32 5.26
CA VAL B 812 -32.55 -1.09 4.51
C VAL B 812 -33.75 -0.33 5.07
N VAL B 813 -33.98 0.86 4.52
CA VAL B 813 -34.95 1.80 5.07
C VAL B 813 -36.30 1.60 4.37
N ASP B 814 -37.35 1.48 5.18
CA ASP B 814 -38.69 1.25 4.66
C ASP B 814 -39.17 2.48 3.90
N ASP B 815 -40.17 2.26 3.04
CA ASP B 815 -40.82 3.36 2.34
C ASP B 815 -42.14 3.76 2.96
N THR B 816 -43.07 2.82 3.07
CA THR B 816 -44.45 3.18 3.36
C THR B 816 -44.66 3.58 4.81
N LYS B 817 -43.88 3.03 5.74
CA LYS B 817 -44.10 3.26 7.16
C LYS B 817 -43.11 4.24 7.76
N TYR B 818 -42.39 4.98 6.94
CA TYR B 818 -41.55 6.08 7.39
C TYR B 818 -42.22 7.39 6.95
N LYS B 819 -42.36 8.32 7.88
CA LYS B 819 -43.16 9.52 7.61
C LYS B 819 -42.57 10.35 6.48
N ASP B 820 -41.26 10.55 6.49
CA ASP B 820 -40.62 11.52 5.60
C ASP B 820 -39.65 10.86 4.64
N TYR B 821 -40.04 9.73 4.06
CA TYR B 821 -39.20 9.13 3.04
C TYR B 821 -39.15 10.03 1.82
N GLN B 822 -37.94 10.28 1.31
CA GLN B 822 -37.76 11.15 0.15
C GLN B 822 -36.69 10.55 -0.74
N GLN B 823 -37.09 10.02 -1.88
CA GLN B 823 -36.15 9.34 -2.76
C GLN B 823 -35.23 10.34 -3.41
N VAL B 824 -33.94 10.21 -3.17
CA VAL B 824 -32.95 11.11 -3.73
C VAL B 824 -32.10 10.31 -4.70
N GLY B 825 -32.02 10.79 -5.94
CA GLY B 825 -31.21 10.13 -6.93
C GLY B 825 -29.73 10.19 -6.59
N ILE B 826 -28.92 9.84 -7.58
CA ILE B 826 -27.48 9.84 -7.40
C ILE B 826 -26.87 11.21 -7.67
N ILE B 827 -27.42 11.94 -8.64
CA ILE B 827 -26.83 13.19 -9.08
C ILE B 827 -27.03 14.27 -8.03
N HIS B 828 -27.62 13.91 -6.90
CA HIS B 828 -27.96 14.87 -5.88
C HIS B 828 -27.56 14.36 -4.50
N GLN B 829 -26.36 13.81 -4.39
CA GLN B 829 -25.85 13.29 -3.13
C GLN B 829 -24.55 14.00 -2.79
N HIS B 830 -24.60 14.86 -1.78
CA HIS B 830 -23.41 15.59 -1.35
C HIS B 830 -22.96 15.04 -0.01
N ASN B 831 -22.16 13.99 -0.05
CA ASN B 831 -21.54 13.42 1.13
C ASN B 831 -20.03 13.47 0.96
N ASN B 832 -19.33 13.83 2.04
CA ASN B 832 -17.96 14.31 1.93
C ASN B 832 -17.84 15.34 0.83
N SER B 833 -18.89 16.13 0.66
CA SER B 833 -18.90 17.19 -0.34
C SER B 833 -17.86 18.24 0.02
N GLY B 834 -17.26 18.81 -1.00
CA GLY B 834 -16.19 19.73 -0.77
C GLY B 834 -14.84 19.09 -0.60
N PHE B 835 -14.74 17.78 -0.79
CA PHE B 835 -13.45 17.11 -0.73
C PHE B 835 -13.29 16.01 -1.76
N VAL B 836 -14.25 15.80 -2.64
CA VAL B 836 -14.16 14.82 -3.71
C VAL B 836 -14.58 15.49 -5.01
N GLY B 837 -14.63 14.75 -6.09
CA GLY B 837 -15.03 15.34 -7.36
C GLY B 837 -16.51 15.36 -7.58
N TYR B 838 -16.95 15.20 -8.82
CA TYR B 838 -18.37 15.11 -9.11
C TYR B 838 -18.54 14.02 -10.12
N LEU B 839 -19.30 13.00 -9.77
CA LEU B 839 -19.50 11.87 -10.66
C LEU B 839 -18.33 11.67 -11.57
N ALA B 840 -17.14 11.60 -10.99
CA ALA B 840 -15.95 11.35 -11.78
C ALA B 840 -14.77 11.31 -10.88
N PRO B 841 -13.72 10.58 -11.27
CA PRO B 841 -12.53 10.64 -10.44
C PRO B 841 -11.64 11.86 -10.73
N THR B 842 -12.03 13.07 -10.36
CA THR B 842 -11.22 14.25 -10.73
C THR B 842 -10.97 15.28 -9.61
N MET B 843 -10.29 16.39 -9.89
CA MET B 843 -9.90 17.32 -8.84
C MET B 843 -11.10 17.70 -7.98
N ARG B 844 -10.84 17.91 -6.69
CA ARG B 844 -11.90 18.21 -5.74
C ARG B 844 -12.57 19.55 -6.08
N GLU B 845 -13.66 19.82 -5.36
CA GLU B 845 -14.45 21.02 -5.57
C GLU B 845 -15.51 21.07 -4.48
N GLY B 846 -16.28 22.15 -4.48
CA GLY B 846 -17.42 22.28 -3.60
C GLY B 846 -17.05 22.81 -2.22
N GLN B 847 -18.05 23.39 -1.56
CA GLN B 847 -17.87 23.94 -0.23
C GLN B 847 -18.11 22.85 0.82
N ALA B 848 -17.99 23.23 2.08
CA ALA B 848 -18.23 22.32 3.19
C ALA B 848 -19.65 22.53 3.70
N TYR B 849 -20.39 21.43 3.87
CA TYR B 849 -21.81 21.55 4.15
C TYR B 849 -22.33 20.22 4.64
N PRO B 850 -23.30 20.21 5.56
CA PRO B 850 -23.79 18.95 6.09
C PRO B 850 -24.28 18.01 5.01
N ALA B 851 -23.92 16.73 5.15
CA ALA B 851 -24.18 15.72 4.14
C ALA B 851 -25.62 15.22 4.24
N ASN B 852 -26.09 14.60 3.15
CA ASN B 852 -27.50 14.29 3.01
C ASN B 852 -27.80 12.81 3.05
N VAL B 853 -27.23 11.99 2.17
CA VAL B 853 -27.87 10.68 2.00
C VAL B 853 -26.89 9.50 2.05
N PRO B 854 -26.28 9.22 3.17
CA PRO B 854 -26.33 7.85 3.70
C PRO B 854 -27.38 7.79 4.78
N TYR B 855 -28.36 6.93 4.67
CA TYR B 855 -29.37 7.08 5.71
C TYR B 855 -28.88 6.51 7.03
N PRO B 856 -29.41 6.98 8.15
CA PRO B 856 -29.01 6.43 9.45
C PRO B 856 -29.93 5.31 9.90
N LEU B 857 -29.32 4.28 10.49
CA LEU B 857 -30.06 3.13 10.97
C LEU B 857 -29.84 2.86 12.44
N ILE B 858 -29.03 3.66 13.13
CA ILE B 858 -28.65 3.41 14.49
C ILE B 858 -28.93 4.66 15.30
N GLY B 859 -28.58 4.63 16.58
CA GLY B 859 -28.62 5.83 17.40
C GLY B 859 -30.03 6.22 17.79
N LYS B 860 -30.12 7.31 18.56
CA LYS B 860 -31.39 7.75 19.12
C LYS B 860 -32.40 8.12 18.05
N THR B 861 -31.98 8.36 16.82
CA THR B 861 -32.85 8.86 15.76
C THR B 861 -32.86 7.91 14.57
N ALA B 862 -32.91 6.61 14.82
CA ALA B 862 -32.84 5.64 13.75
C ALA B 862 -34.17 5.56 13.02
N VAL B 863 -34.11 5.57 11.69
CA VAL B 863 -35.31 5.48 10.87
C VAL B 863 -35.89 4.08 10.96
N ASP B 864 -37.10 3.90 10.46
CA ASP B 864 -37.70 2.58 10.42
C ASP B 864 -37.20 1.78 9.22
N SER B 865 -37.20 0.46 9.37
CA SER B 865 -36.39 -0.37 8.49
C SER B 865 -37.06 -1.70 8.23
N ILE B 866 -36.61 -2.36 7.16
CA ILE B 866 -36.96 -3.74 6.85
C ILE B 866 -35.67 -4.51 6.55
N THR B 867 -35.81 -5.83 6.42
CA THR B 867 -34.67 -6.74 6.44
C THR B 867 -34.67 -7.67 5.25
N GLN B 868 -33.49 -7.91 4.68
CA GLN B 868 -33.31 -8.79 3.54
C GLN B 868 -32.22 -9.81 3.82
N LYS B 869 -32.32 -10.97 3.16
CA LYS B 869 -31.42 -12.08 3.39
C LYS B 869 -31.24 -12.88 2.10
N LYS B 870 -30.02 -13.36 1.88
CA LYS B 870 -29.70 -14.11 0.67
C LYS B 870 -28.34 -14.79 0.86
N PHE B 871 -28.09 -15.80 0.03
CA PHE B 871 -26.91 -16.65 0.21
C PHE B 871 -26.16 -16.80 -1.10
N LEU B 872 -24.89 -17.18 -0.96
CA LEU B 872 -23.99 -17.43 -2.08
C LEU B 872 -23.47 -18.86 -2.03
N CYS B 873 -23.44 -19.49 -3.19
CA CYS B 873 -23.05 -20.89 -3.37
C CYS B 873 -22.08 -21.00 -4.53
N ASP B 874 -21.02 -20.19 -4.48
CA ASP B 874 -20.03 -20.18 -5.55
C ASP B 874 -19.40 -21.54 -5.74
N ARG B 875 -19.11 -21.89 -7.00
CA ARG B 875 -18.18 -22.96 -7.34
C ARG B 875 -18.63 -24.30 -6.77
N THR B 876 -19.74 -24.81 -7.28
CA THR B 876 -20.23 -26.13 -6.91
C THR B 876 -21.13 -26.65 -8.01
N LEU B 877 -21.88 -27.70 -7.68
CA LEU B 877 -22.97 -28.19 -8.50
C LEU B 877 -24.13 -28.48 -7.56
N TRP B 878 -25.35 -28.48 -8.09
CA TRP B 878 -26.45 -28.96 -7.26
C TRP B 878 -26.71 -30.42 -7.59
N ARG B 879 -26.84 -31.25 -6.56
CA ARG B 879 -26.96 -32.69 -6.72
C ARG B 879 -28.31 -33.19 -6.23
N ILE B 880 -28.83 -34.22 -6.90
CA ILE B 880 -29.94 -35.02 -6.42
C ILE B 880 -29.69 -36.46 -6.85
N PRO B 881 -29.32 -37.36 -5.93
CA PRO B 881 -29.02 -38.73 -6.31
C PRO B 881 -30.26 -39.63 -6.27
N PHE B 882 -30.17 -40.72 -7.02
CA PHE B 882 -31.33 -41.57 -7.30
C PHE B 882 -31.50 -42.70 -6.28
N SER B 883 -31.47 -42.37 -5.00
CA SER B 883 -31.77 -43.38 -3.99
C SER B 883 -33.26 -43.38 -3.71
N SER B 884 -33.66 -44.17 -2.73
CA SER B 884 -34.99 -44.03 -2.15
C SER B 884 -34.95 -43.39 -0.78
N ASN B 885 -33.76 -43.11 -0.26
CA ASN B 885 -33.62 -42.39 1.00
C ASN B 885 -32.61 -41.25 0.89
N PHE B 886 -32.25 -40.85 -0.32
CA PHE B 886 -31.35 -39.72 -0.56
C PHE B 886 -29.97 -39.93 0.04
N MET B 887 -29.58 -41.16 0.30
CA MET B 887 -28.23 -41.45 0.75
C MET B 887 -27.40 -42.03 -0.38
N SER B 888 -26.12 -42.22 -0.10
CA SER B 888 -25.21 -42.91 -1.02
C SER B 888 -24.66 -44.13 -0.31
N MET B 889 -25.20 -45.29 -0.62
CA MET B 889 -24.80 -46.56 -0.02
C MET B 889 -24.13 -47.46 -1.05
N GLY B 890 -23.29 -46.90 -1.90
CA GLY B 890 -22.64 -47.67 -2.93
C GLY B 890 -22.91 -47.09 -4.30
N ALA B 891 -21.99 -47.29 -5.24
CA ALA B 891 -22.09 -46.62 -6.52
C ALA B 891 -23.39 -46.98 -7.23
N LEU B 892 -23.54 -48.24 -7.60
CA LEU B 892 -24.75 -48.69 -8.29
C LEU B 892 -25.88 -48.65 -7.27
N THR B 893 -26.74 -47.65 -7.38
CA THR B 893 -27.74 -47.42 -6.35
C THR B 893 -28.86 -48.45 -6.42
N ASP B 894 -29.54 -48.64 -5.29
CA ASP B 894 -30.54 -49.69 -5.18
C ASP B 894 -31.67 -49.48 -6.16
N LEU B 895 -32.19 -48.26 -6.23
CA LEU B 895 -33.28 -48.02 -7.17
C LEU B 895 -32.84 -48.23 -8.61
N GLY B 896 -31.53 -48.19 -8.87
CA GLY B 896 -31.07 -48.37 -10.22
C GLY B 896 -31.26 -49.78 -10.76
N GLN B 897 -31.44 -50.76 -9.87
CA GLN B 897 -31.60 -52.14 -10.29
C GLN B 897 -32.94 -52.73 -9.91
N ASN B 898 -33.79 -52.01 -9.19
CA ASN B 898 -35.11 -52.51 -8.89
C ASN B 898 -35.82 -52.93 -10.18
N LEU B 899 -36.73 -53.89 -10.06
CA LEU B 899 -37.40 -54.40 -11.25
C LEU B 899 -38.22 -53.32 -11.94
N LEU B 900 -38.70 -52.34 -11.17
CA LEU B 900 -39.61 -51.35 -11.74
C LEU B 900 -38.93 -50.52 -12.82
N TYR B 901 -37.66 -50.13 -12.61
CA TYR B 901 -36.98 -49.21 -13.50
C TYR B 901 -35.94 -49.87 -14.38
N ALA B 902 -35.98 -51.20 -14.52
CA ALA B 902 -34.96 -51.89 -15.29
C ALA B 902 -35.50 -52.87 -16.32
N ASN B 903 -36.78 -53.18 -16.28
CA ASN B 903 -37.36 -54.16 -17.19
C ASN B 903 -38.62 -53.60 -17.84
N SER B 904 -38.60 -52.34 -18.21
CA SER B 904 -39.77 -51.66 -18.74
C SER B 904 -39.34 -50.28 -19.22
N ALA B 905 -40.29 -49.54 -19.78
CA ALA B 905 -40.05 -48.23 -20.36
C ALA B 905 -40.66 -47.15 -19.47
N HIS B 906 -40.13 -45.94 -19.61
CA HIS B 906 -40.63 -44.81 -18.82
C HIS B 906 -40.29 -43.51 -19.52
N ALA B 907 -41.11 -42.50 -19.25
CA ALA B 907 -40.97 -41.19 -19.88
C ALA B 907 -40.77 -40.14 -18.79
N LEU B 908 -39.90 -39.18 -19.07
CA LEU B 908 -39.41 -38.27 -18.03
C LEU B 908 -39.88 -36.85 -18.29
N ASP B 909 -40.35 -36.17 -17.24
CA ASP B 909 -40.78 -34.78 -17.36
C ASP B 909 -40.19 -33.97 -16.22
N MET B 910 -39.42 -32.92 -16.56
CA MET B 910 -38.84 -32.04 -15.58
C MET B 910 -39.29 -30.61 -15.84
N THR B 911 -39.59 -29.88 -14.76
CA THR B 911 -40.03 -28.51 -14.84
C THR B 911 -39.18 -27.66 -13.91
N PHE B 912 -38.65 -26.56 -14.43
CA PHE B 912 -37.74 -25.69 -13.69
C PHE B 912 -38.35 -24.31 -13.51
N GLU B 913 -38.20 -23.75 -12.31
CA GLU B 913 -38.57 -22.37 -12.03
C GLU B 913 -37.34 -21.66 -11.50
N VAL B 914 -36.98 -20.54 -12.13
CA VAL B 914 -35.71 -19.86 -11.91
C VAL B 914 -35.94 -18.39 -11.61
N ASP B 915 -34.87 -17.62 -11.52
CA ASP B 915 -34.94 -16.18 -11.34
C ASP B 915 -34.59 -15.46 -12.62
N PRO B 916 -35.35 -14.43 -13.01
CA PRO B 916 -35.18 -13.84 -14.34
C PRO B 916 -33.86 -13.09 -14.46
N MET B 917 -33.38 -13.01 -15.70
CA MET B 917 -32.15 -12.30 -16.02
C MET B 917 -32.40 -11.49 -17.28
N ASP B 918 -31.34 -10.97 -17.88
CA ASP B 918 -31.48 -10.13 -19.06
C ASP B 918 -30.78 -10.66 -20.30
N GLU B 919 -29.77 -11.51 -20.16
CA GLU B 919 -29.10 -12.01 -21.35
C GLU B 919 -29.43 -13.48 -21.57
N PRO B 920 -29.33 -13.98 -22.79
CA PRO B 920 -29.68 -15.37 -23.04
C PRO B 920 -28.81 -16.30 -22.21
N THR B 921 -29.39 -17.41 -21.75
CA THR B 921 -28.67 -18.28 -20.84
C THR B 921 -28.86 -19.73 -21.25
N LEU B 922 -28.16 -20.62 -20.55
CA LEU B 922 -28.27 -22.06 -20.78
C LEU B 922 -28.50 -22.77 -19.47
N LEU B 923 -29.35 -23.78 -19.50
CA LEU B 923 -29.57 -24.67 -18.38
C LEU B 923 -28.70 -25.90 -18.59
N TYR B 924 -27.82 -26.18 -17.63
CA TYR B 924 -26.82 -27.24 -17.73
C TYR B 924 -27.29 -28.40 -16.89
N VAL B 925 -27.78 -29.45 -17.55
CA VAL B 925 -28.32 -30.62 -16.90
C VAL B 925 -27.34 -31.76 -17.09
N LEU B 926 -27.07 -32.50 -16.03
CA LEU B 926 -26.13 -33.60 -16.00
C LEU B 926 -26.89 -34.85 -15.56
N PHE B 927 -27.21 -35.71 -16.50
CA PHE B 927 -27.66 -37.04 -16.18
C PHE B 927 -26.44 -37.89 -15.85
N GLU B 928 -26.50 -38.64 -14.76
CA GLU B 928 -25.38 -39.45 -14.31
C GLU B 928 -25.63 -40.91 -14.66
N VAL B 929 -24.71 -41.51 -15.42
CA VAL B 929 -24.80 -42.90 -15.80
C VAL B 929 -23.44 -43.54 -15.62
N PHE B 930 -23.30 -44.79 -16.05
CA PHE B 930 -22.03 -45.48 -16.03
C PHE B 930 -21.33 -45.36 -17.37
N ASP B 931 -20.02 -45.23 -17.34
CA ASP B 931 -19.20 -45.26 -18.54
C ASP B 931 -18.00 -46.13 -18.23
N VAL B 932 -17.91 -47.30 -18.86
CA VAL B 932 -16.82 -48.23 -18.62
C VAL B 932 -16.29 -48.75 -19.93
N VAL B 933 -15.03 -49.16 -19.92
CA VAL B 933 -14.36 -49.66 -21.12
C VAL B 933 -13.53 -50.87 -20.76
N ARG B 934 -13.61 -51.92 -21.56
CA ARG B 934 -12.78 -53.10 -21.40
C ARG B 934 -11.80 -53.18 -22.56
N VAL B 935 -10.52 -53.34 -22.22
CA VAL B 935 -9.43 -53.31 -23.19
C VAL B 935 -8.72 -54.65 -23.16
N HIS B 936 -8.60 -55.26 -24.34
CA HIS B 936 -8.01 -56.58 -24.53
C HIS B 936 -6.93 -56.47 -25.59
N GLN B 937 -5.89 -57.28 -25.48
CA GLN B 937 -4.79 -57.24 -26.45
C GLN B 937 -4.11 -58.60 -26.54
N PRO B 938 -4.56 -59.44 -27.44
CA PRO B 938 -4.04 -60.81 -27.48
C PRO B 938 -2.60 -60.94 -27.96
N HIS B 939 -2.30 -60.41 -29.14
CA HIS B 939 -1.03 -60.67 -29.81
C HIS B 939 -0.11 -59.46 -29.70
N ARG B 940 1.00 -59.52 -30.40
CA ARG B 940 2.00 -58.46 -30.35
C ARG B 940 1.52 -57.29 -31.20
N GLY B 941 1.42 -56.12 -30.59
CA GLY B 941 1.08 -54.93 -31.34
C GLY B 941 -0.29 -54.95 -31.97
N VAL B 942 -1.30 -55.39 -31.23
CA VAL B 942 -2.69 -55.31 -31.66
C VAL B 942 -3.52 -55.08 -30.43
N ILE B 943 -4.29 -54.00 -30.40
CA ILE B 943 -5.05 -53.62 -29.22
C ILE B 943 -6.49 -53.40 -29.63
N GLU B 944 -7.42 -53.97 -28.87
CA GLU B 944 -8.84 -53.86 -29.16
C GLU B 944 -9.56 -53.45 -27.89
N THR B 945 -10.67 -52.74 -28.05
CA THR B 945 -11.42 -52.24 -26.91
C THR B 945 -12.90 -52.36 -27.17
N VAL B 946 -13.67 -52.21 -26.09
CA VAL B 946 -15.12 -52.10 -26.19
C VAL B 946 -15.59 -51.17 -25.10
N TYR B 947 -16.60 -50.36 -25.40
CA TYR B 947 -17.15 -49.40 -24.45
C TYR B 947 -18.59 -49.76 -24.10
N LEU B 948 -18.99 -49.37 -22.89
CA LEU B 948 -20.39 -49.41 -22.51
C LEU B 948 -20.74 -48.12 -21.80
N ARG B 949 -21.76 -47.43 -22.29
CA ARG B 949 -22.35 -46.30 -21.59
C ARG B 949 -23.84 -46.60 -21.44
N THR B 950 -24.23 -47.05 -20.26
CA THR B 950 -25.60 -47.39 -19.93
C THR B 950 -26.40 -46.10 -19.93
N PRO B 951 -27.73 -46.07 -19.63
CA PRO B 951 -28.68 -45.40 -20.52
C PRO B 951 -28.23 -44.07 -21.07
N PHE B 952 -28.72 -43.72 -22.26
CA PHE B 952 -28.03 -42.89 -23.23
C PHE B 952 -26.82 -43.66 -23.75
N SER B 953 -27.12 -44.77 -24.42
CA SER B 953 -26.15 -45.69 -24.98
C SER B 953 -25.84 -45.34 -26.44
N ALA B 954 -24.85 -46.02 -26.98
CA ALA B 954 -24.45 -45.83 -28.36
C ALA B 954 -25.01 -46.94 -29.24
N THR C 3 -32.78 -57.98 -10.21
CA THR C 3 -33.14 -58.21 -11.61
C THR C 3 -32.16 -59.14 -12.29
N PRO C 4 -32.65 -60.23 -12.84
CA PRO C 4 -31.75 -61.21 -13.48
C PRO C 4 -31.43 -60.91 -14.93
N SER C 5 -32.30 -60.21 -15.66
CA SER C 5 -32.14 -60.10 -17.10
C SER C 5 -30.85 -59.38 -17.46
N MET C 6 -30.50 -58.34 -16.72
CA MET C 6 -29.30 -57.58 -17.00
C MET C 6 -28.10 -58.11 -16.23
N MET C 7 -28.26 -59.18 -15.45
CA MET C 7 -27.15 -59.68 -14.66
C MET C 7 -25.96 -60.14 -15.50
N PRO C 8 -26.12 -60.84 -16.62
CA PRO C 8 -24.91 -61.28 -17.35
C PRO C 8 -24.08 -60.13 -17.87
N GLN C 9 -24.70 -59.20 -18.58
CA GLN C 9 -23.95 -58.11 -19.19
C GLN C 9 -23.24 -57.27 -18.13
N TRP C 10 -23.95 -56.91 -17.07
CA TRP C 10 -23.31 -56.16 -16.01
C TRP C 10 -22.13 -56.91 -15.42
N SER C 11 -22.17 -58.24 -15.44
CA SER C 11 -21.03 -59.00 -14.94
C SER C 11 -19.82 -58.82 -15.83
N TYR C 12 -20.02 -58.75 -17.14
CA TYR C 12 -18.88 -58.68 -18.05
C TYR C 12 -18.13 -57.37 -17.89
N MET C 13 -18.84 -56.25 -17.89
CA MET C 13 -18.20 -54.94 -17.84
C MET C 13 -17.85 -54.52 -16.43
N HIS C 14 -17.91 -55.42 -15.46
CA HIS C 14 -17.52 -55.13 -14.08
C HIS C 14 -18.32 -53.97 -13.50
N ILE C 15 -19.55 -53.80 -13.97
CA ILE C 15 -20.44 -52.84 -13.32
C ILE C 15 -20.98 -53.42 -12.03
N SER C 16 -21.12 -54.73 -11.96
CA SER C 16 -21.52 -55.41 -10.74
C SER C 16 -21.07 -56.85 -10.83
N GLY C 17 -20.56 -57.38 -9.72
CA GLY C 17 -20.02 -58.73 -9.74
C GLY C 17 -18.90 -58.95 -8.74
N GLN C 18 -17.75 -59.40 -9.21
CA GLN C 18 -16.64 -59.74 -8.35
C GLN C 18 -15.57 -58.66 -8.40
N ASP C 19 -14.95 -58.40 -7.26
CA ASP C 19 -13.89 -57.40 -7.18
C ASP C 19 -12.64 -57.93 -7.86
N ALA C 20 -11.58 -57.14 -7.82
CA ALA C 20 -10.35 -57.51 -8.52
C ALA C 20 -9.75 -58.78 -7.95
N SER C 21 -9.75 -58.92 -6.64
CA SER C 21 -9.03 -60.01 -6.00
C SER C 21 -9.66 -61.33 -6.21
N GLU C 22 -10.63 -61.41 -7.10
CA GLU C 22 -11.44 -62.61 -7.25
C GLU C 22 -11.33 -63.23 -8.63
N TYR C 23 -11.46 -62.43 -9.70
CA TYR C 23 -11.60 -62.98 -11.03
C TYR C 23 -10.29 -63.01 -11.81
N LEU C 24 -9.15 -62.87 -11.14
CA LEU C 24 -7.87 -62.89 -11.83
C LEU C 24 -7.15 -64.21 -11.60
N SER C 25 -6.34 -64.60 -12.56
CA SER C 25 -5.51 -65.77 -12.40
C SER C 25 -4.58 -65.53 -11.22
N PRO C 26 -4.59 -66.39 -10.20
CA PRO C 26 -3.98 -66.02 -8.92
C PRO C 26 -2.51 -65.66 -9.01
N GLY C 27 -1.79 -66.21 -9.99
CA GLY C 27 -0.40 -65.84 -10.16
C GLY C 27 -0.22 -64.35 -10.31
N LEU C 28 -1.09 -63.73 -11.11
CA LEU C 28 -1.05 -62.28 -11.25
C LEU C 28 -1.34 -61.58 -9.93
N VAL C 29 -2.26 -62.12 -9.14
CA VAL C 29 -2.58 -61.46 -7.87
C VAL C 29 -1.36 -61.42 -6.98
N GLN C 30 -0.69 -62.56 -6.85
CA GLN C 30 0.52 -62.59 -6.04
C GLN C 30 1.59 -61.68 -6.62
N PHE C 31 1.67 -61.63 -7.95
CA PHE C 31 2.62 -60.73 -8.59
C PHE C 31 2.36 -59.29 -8.19
N ALA C 32 1.12 -58.84 -8.31
CA ALA C 32 0.79 -57.46 -8.01
C ALA C 32 1.06 -57.14 -6.55
N ARG C 33 0.71 -58.05 -5.65
CA ARG C 33 1.05 -57.83 -4.25
C ARG C 33 2.55 -57.81 -4.03
N ALA C 34 3.31 -58.45 -4.91
CA ALA C 34 4.74 -58.59 -4.68
C ALA C 34 5.47 -57.27 -4.86
N THR C 35 5.18 -56.55 -5.94
CA THR C 35 5.93 -55.36 -6.32
C THR C 35 5.16 -54.08 -6.06
N GLU C 36 4.33 -54.08 -5.03
CA GLU C 36 3.48 -52.92 -4.77
C GLU C 36 4.30 -51.71 -4.36
N THR C 37 5.40 -51.91 -3.64
CA THR C 37 6.10 -50.80 -3.01
C THR C 37 6.67 -49.84 -4.03
N TYR C 38 7.25 -50.36 -5.11
CA TYR C 38 7.96 -49.51 -6.05
C TYR C 38 7.32 -49.42 -7.43
N PHE C 39 6.45 -50.34 -7.82
CA PHE C 39 5.82 -50.29 -9.13
C PHE C 39 4.35 -50.67 -8.97
N SER C 40 3.49 -49.67 -8.89
CA SER C 40 2.07 -49.93 -8.65
C SER C 40 1.46 -50.73 -9.78
N LEU C 41 0.38 -51.45 -9.46
CA LEU C 41 -0.40 -52.09 -10.50
C LEU C 41 -1.89 -52.11 -10.18
N ASN C 42 -2.35 -51.31 -9.23
CA ASN C 42 -3.63 -51.59 -8.60
C ASN C 42 -4.75 -50.65 -9.01
N ASN C 43 -4.57 -49.85 -10.06
CA ASN C 43 -5.67 -49.01 -10.54
C ASN C 43 -6.00 -49.27 -12.00
N LYS C 44 -5.54 -50.38 -12.54
CA LYS C 44 -5.87 -50.79 -13.89
C LYS C 44 -7.13 -51.65 -13.94
N PHE C 45 -7.77 -51.90 -12.81
CA PHE C 45 -8.93 -52.79 -12.77
C PHE C 45 -9.99 -52.20 -11.86
N ARG C 46 -11.23 -52.62 -12.06
CA ARG C 46 -12.37 -52.08 -11.34
C ARG C 46 -12.77 -52.99 -10.19
N ASN C 47 -13.31 -52.38 -9.13
CA ASN C 47 -13.81 -53.10 -7.96
C ASN C 47 -15.24 -52.63 -7.70
N PRO C 48 -16.22 -53.20 -8.38
CA PRO C 48 -17.57 -52.64 -8.31
C PRO C 48 -18.17 -52.74 -6.92
N THR C 49 -19.13 -51.86 -6.65
CA THR C 49 -19.86 -51.85 -5.39
C THR C 49 -21.35 -51.80 -5.68
N VAL C 50 -22.15 -52.22 -4.70
CA VAL C 50 -23.60 -52.26 -4.80
C VAL C 50 -24.18 -51.79 -3.47
N ALA C 51 -25.50 -51.80 -3.38
CA ALA C 51 -26.25 -51.44 -2.18
C ALA C 51 -27.32 -52.49 -1.94
N PRO C 52 -27.82 -52.59 -0.71
CA PRO C 52 -28.90 -53.55 -0.45
C PRO C 52 -30.10 -53.21 -1.30
N THR C 53 -30.79 -54.25 -1.76
CA THR C 53 -31.91 -54.06 -2.67
C THR C 53 -33.26 -54.24 -2.01
N HIS C 54 -33.29 -54.51 -0.71
CA HIS C 54 -34.54 -54.77 -0.02
C HIS C 54 -34.28 -54.79 1.48
N ASP C 55 -35.37 -54.72 2.25
CA ASP C 55 -35.33 -54.84 3.71
C ASP C 55 -34.55 -53.71 4.37
N VAL C 56 -34.51 -52.53 3.74
CA VAL C 56 -33.87 -51.39 4.37
C VAL C 56 -34.83 -50.22 4.45
N THR C 57 -35.28 -49.74 3.30
CA THR C 57 -36.09 -48.55 3.19
C THR C 57 -37.52 -48.95 2.85
N THR C 58 -38.47 -48.45 3.62
CA THR C 58 -39.86 -48.79 3.36
C THR C 58 -40.31 -48.24 2.03
N ASP C 59 -41.52 -48.61 1.64
CA ASP C 59 -42.15 -48.00 0.49
C ASP C 59 -43.62 -47.71 0.71
N ARG C 60 -44.16 -47.97 1.90
CA ARG C 60 -45.42 -47.36 2.23
C ARG C 60 -45.20 -45.87 2.47
N SER C 61 -46.24 -45.08 2.24
CA SER C 61 -46.12 -43.64 2.31
C SER C 61 -45.88 -43.20 3.74
N GLN C 62 -44.67 -42.72 4.04
CA GLN C 62 -44.35 -42.20 5.36
C GLN C 62 -43.66 -40.86 5.25
N ARG C 63 -44.06 -39.92 6.10
CA ARG C 63 -43.45 -38.59 6.12
C ARG C 63 -42.00 -38.67 6.56
N LEU C 64 -41.25 -37.62 6.25
CA LEU C 64 -39.82 -37.58 6.50
C LEU C 64 -39.42 -36.57 7.57
N THR C 65 -40.29 -35.62 7.90
CA THR C 65 -39.99 -34.62 8.91
C THR C 65 -41.27 -34.28 9.63
N LEU C 66 -41.16 -33.88 10.90
CA LEU C 66 -42.34 -33.56 11.68
C LEU C 66 -42.16 -32.24 12.41
N ARG C 67 -43.29 -31.54 12.57
CA ARG C 67 -43.33 -30.22 13.17
C ARG C 67 -44.46 -30.20 14.17
N PHE C 68 -44.15 -29.89 15.42
CA PHE C 68 -45.13 -29.89 16.50
C PHE C 68 -45.35 -28.48 17.01
N ILE C 69 -46.61 -28.14 17.24
CA ILE C 69 -47.00 -26.87 17.84
C ILE C 69 -47.43 -27.12 19.28
N PRO C 70 -47.10 -26.24 20.20
CA PRO C 70 -47.33 -26.54 21.62
C PRO C 70 -48.81 -26.63 21.94
N VAL C 71 -49.11 -27.20 23.10
CA VAL C 71 -50.45 -27.21 23.64
C VAL C 71 -50.60 -26.33 24.86
N ASP C 72 -49.50 -25.90 25.49
CA ASP C 72 -49.55 -24.85 26.48
C ASP C 72 -48.32 -23.97 26.35
N ARG C 73 -48.55 -22.65 26.38
CA ARG C 73 -47.52 -21.64 26.34
C ARG C 73 -47.79 -20.65 27.46
N GLU C 74 -46.80 -20.42 28.30
CA GLU C 74 -46.96 -19.53 29.44
C GLU C 74 -45.88 -18.47 29.40
N ASP C 75 -46.30 -17.21 29.56
CA ASP C 75 -45.45 -16.05 29.37
C ASP C 75 -45.60 -15.13 30.57
N THR C 76 -44.47 -14.64 31.08
CA THR C 76 -44.46 -13.80 32.26
C THR C 76 -43.43 -12.69 32.06
N ALA C 77 -43.06 -12.05 33.18
CA ALA C 77 -42.14 -10.93 33.15
C ALA C 77 -40.86 -11.28 32.39
N TYR C 78 -40.26 -12.43 32.70
CA TYR C 78 -38.96 -12.76 32.13
C TYR C 78 -38.87 -14.18 31.58
N SER C 79 -39.89 -15.00 31.76
CA SER C 79 -39.79 -16.42 31.43
C SER C 79 -40.81 -16.78 30.38
N TYR C 80 -40.53 -17.85 29.66
CA TYR C 80 -41.45 -18.32 28.62
C TYR C 80 -41.31 -19.81 28.51
N LYS C 81 -42.38 -20.55 28.83
CA LYS C 81 -42.30 -22.01 28.88
C LYS C 81 -43.35 -22.64 27.98
N ALA C 82 -43.01 -23.78 27.42
CA ALA C 82 -43.85 -24.45 26.44
C ALA C 82 -43.91 -25.95 26.71
N ARG C 83 -45.06 -26.54 26.37
CA ARG C 83 -45.27 -27.98 26.50
C ARG C 83 -45.69 -28.58 25.17
N PHE C 84 -45.12 -29.74 24.84
CA PHE C 84 -45.36 -30.42 23.58
C PHE C 84 -45.74 -31.86 23.84
N THR C 85 -46.66 -32.38 23.04
CA THR C 85 -46.94 -33.80 23.00
C THR C 85 -46.20 -34.38 21.80
N LEU C 86 -45.25 -35.27 22.08
CA LEU C 86 -44.36 -35.82 21.07
C LEU C 86 -44.71 -37.29 20.89
N ALA C 87 -45.10 -37.67 19.68
CA ALA C 87 -45.62 -39.01 19.44
C ALA C 87 -44.78 -39.70 18.38
N VAL C 88 -44.23 -40.86 18.73
CA VAL C 88 -43.50 -41.69 17.79
C VAL C 88 -44.37 -42.91 17.53
N GLY C 89 -44.86 -43.02 16.31
CA GLY C 89 -45.72 -44.12 15.95
C GLY C 89 -44.95 -45.39 15.70
N ASP C 90 -45.69 -46.48 15.55
CA ASP C 90 -45.08 -47.79 15.42
C ASP C 90 -44.24 -47.88 14.16
N ASN C 91 -43.25 -48.76 14.19
CA ASN C 91 -42.34 -48.95 13.05
C ASN C 91 -41.55 -47.68 12.76
N ARG C 92 -41.14 -46.98 13.82
CA ARG C 92 -40.33 -45.79 13.65
C ARG C 92 -39.40 -45.65 14.85
N VAL C 93 -38.23 -45.08 14.61
CA VAL C 93 -37.29 -44.81 15.69
C VAL C 93 -36.86 -43.35 15.58
N LEU C 94 -36.93 -42.64 16.69
CA LEU C 94 -36.56 -41.25 16.75
C LEU C 94 -35.21 -41.11 17.44
N ASP C 95 -34.29 -40.41 16.81
CA ASP C 95 -32.95 -40.20 17.33
C ASP C 95 -32.89 -38.76 17.81
N MET C 96 -32.88 -38.56 19.12
CA MET C 96 -33.11 -37.22 19.65
C MET C 96 -31.99 -36.25 19.34
N ALA C 97 -30.85 -36.71 18.83
CA ALA C 97 -29.83 -35.76 18.43
C ALA C 97 -30.28 -34.89 17.27
N SER C 98 -31.37 -35.24 16.61
CA SER C 98 -31.87 -34.51 15.46
C SER C 98 -33.15 -33.77 15.77
N THR C 99 -33.25 -33.19 16.96
CA THR C 99 -34.37 -32.33 17.29
C THR C 99 -33.85 -31.03 17.87
N TYR C 100 -34.56 -29.95 17.56
CA TYR C 100 -34.18 -28.62 17.97
C TYR C 100 -35.43 -27.77 18.02
N PHE C 101 -35.37 -26.72 18.82
CA PHE C 101 -36.52 -25.83 18.93
C PHE C 101 -36.41 -24.73 17.88
N ASP C 102 -37.56 -24.23 17.44
CA ASP C 102 -37.64 -23.20 16.41
C ASP C 102 -38.25 -21.95 17.03
N ILE C 103 -37.65 -20.80 16.79
CA ILE C 103 -38.05 -19.55 17.45
C ILE C 103 -38.14 -18.43 16.43
N ARG C 104 -39.16 -17.57 16.59
CA ARG C 104 -39.33 -16.40 15.73
C ARG C 104 -39.84 -15.24 16.56
N GLY C 105 -39.38 -14.03 16.24
CA GLY C 105 -39.90 -12.88 16.96
C GLY C 105 -39.15 -11.60 16.65
N VAL C 106 -39.16 -10.69 17.62
CA VAL C 106 -38.71 -9.30 17.44
C VAL C 106 -37.60 -8.99 18.42
N LEU C 107 -36.61 -8.22 17.96
CA LEU C 107 -35.46 -7.86 18.77
C LEU C 107 -35.16 -6.38 18.57
N ASP C 108 -34.79 -5.70 19.67
CA ASP C 108 -34.49 -4.28 19.66
C ASP C 108 -33.13 -4.11 20.32
N ARG C 109 -32.11 -3.84 19.52
CA ARG C 109 -30.74 -3.86 20.04
C ARG C 109 -30.43 -2.67 20.93
N GLY C 110 -31.10 -1.54 20.74
CA GLY C 110 -30.93 -0.42 21.66
C GLY C 110 -30.34 0.84 21.05
N PRO C 111 -30.27 1.89 21.85
CA PRO C 111 -29.72 3.16 21.36
C PRO C 111 -28.22 3.26 21.51
N THR C 112 -27.56 2.13 21.72
CA THR C 112 -26.11 2.12 21.84
C THR C 112 -25.46 1.15 20.86
N PHE C 113 -26.18 0.74 19.83
CA PHE C 113 -25.62 -0.19 18.87
C PHE C 113 -24.83 0.57 17.82
N LYS C 114 -23.60 0.14 17.59
CA LYS C 114 -22.76 0.93 16.69
C LYS C 114 -21.62 0.10 16.13
N PRO C 115 -21.83 -0.61 15.05
CA PRO C 115 -20.83 -1.52 14.50
C PRO C 115 -19.94 -0.95 13.40
N TYR C 116 -19.27 0.16 13.68
CA TYR C 116 -18.24 0.59 12.74
C TYR C 116 -17.33 1.61 13.38
N SER C 117 -16.03 1.35 13.34
CA SER C 117 -15.05 2.34 13.76
C SER C 117 -14.93 3.40 12.68
N GLY C 118 -14.95 4.67 13.09
CA GLY C 118 -14.93 5.75 12.14
C GLY C 118 -16.22 6.54 12.23
N THR C 119 -16.67 7.12 11.13
CA THR C 119 -17.94 7.83 11.12
C THR C 119 -18.53 7.80 9.73
N ALA C 120 -19.78 8.24 9.64
CA ALA C 120 -20.59 8.01 8.46
C ALA C 120 -20.63 9.16 7.48
N TYR C 121 -20.41 10.39 7.92
CA TYR C 121 -20.66 11.55 7.08
C TYR C 121 -19.47 12.51 7.10
N ASN C 122 -19.11 13.00 5.92
CA ASN C 122 -18.04 13.96 5.76
C ASN C 122 -16.76 13.47 6.45
N ALA C 123 -16.42 12.21 6.18
CA ALA C 123 -15.30 11.60 6.87
C ALA C 123 -13.99 12.29 6.55
N LEU C 124 -13.79 12.67 5.28
CA LEU C 124 -12.53 13.31 4.93
C LEU C 124 -12.41 14.71 5.49
N ALA C 125 -13.50 15.30 5.94
CA ALA C 125 -13.45 16.69 6.38
C ALA C 125 -12.49 16.84 7.55
N PRO C 126 -11.65 17.87 7.54
CA PRO C 126 -10.69 18.04 8.63
C PRO C 126 -11.39 18.11 9.97
N LYS C 127 -10.73 17.57 10.98
CA LYS C 127 -11.36 17.36 12.28
C LYS C 127 -11.51 18.62 13.10
N GLY C 128 -11.31 19.80 12.49
CA GLY C 128 -11.57 21.03 13.21
C GLY C 128 -12.29 22.04 12.33
N ALA C 129 -12.46 21.70 11.07
CA ALA C 129 -13.00 22.66 10.11
C ALA C 129 -14.50 22.82 10.29
N PRO C 130 -15.01 24.04 10.40
CA PRO C 130 -16.42 24.24 10.69
C PRO C 130 -17.25 24.31 9.41
N ASN C 131 -18.55 24.41 9.59
CA ASN C 131 -19.47 24.64 8.49
C ASN C 131 -19.38 26.10 8.07
N SER C 132 -20.31 26.52 7.20
CA SER C 132 -20.44 27.91 6.80
C SER C 132 -21.66 28.47 7.52
N CYS C 133 -21.45 29.38 8.47
CA CYS C 133 -22.51 29.81 9.35
C CYS C 133 -22.40 31.31 9.57
N GLU C 134 -23.22 31.81 10.50
CA GLU C 134 -23.21 33.23 10.80
C GLU C 134 -23.81 33.45 12.18
N TRP C 135 -23.13 34.24 13.00
CA TRP C 135 -23.52 34.44 14.39
C TRP C 135 -23.70 35.92 14.67
N ASP C 136 -23.99 36.24 15.94
CA ASP C 136 -24.31 37.59 16.36
C ASP C 136 -23.27 38.11 17.35
N GLU C 137 -23.09 39.42 17.33
CA GLU C 137 -22.20 40.11 18.25
C GLU C 137 -22.80 41.48 18.57
N ASP C 138 -22.20 42.15 19.55
CA ASP C 138 -22.65 43.47 19.97
C ASP C 138 -21.51 44.48 19.80
N ASP C 139 -21.74 45.70 20.28
CA ASP C 139 -20.73 46.74 20.26
C ASP C 139 -20.66 47.47 21.61
N GLY C 165 -24.22 47.90 18.55
CA GLY C 165 -25.44 47.14 18.72
C GLY C 165 -25.35 45.75 18.14
N LYS C 166 -26.48 45.06 18.09
CA LYS C 166 -26.52 43.70 17.57
C LYS C 166 -26.23 43.69 16.07
N LYS C 167 -25.22 42.93 15.66
CA LYS C 167 -24.89 42.79 14.25
C LYS C 167 -24.44 41.36 13.98
N THR C 168 -24.36 41.01 12.71
CA THR C 168 -24.16 39.63 12.28
C THR C 168 -22.80 39.50 11.60
N HIS C 169 -22.14 38.36 11.84
CA HIS C 169 -20.91 38.04 11.13
C HIS C 169 -21.08 36.71 10.42
N VAL C 170 -20.46 36.58 9.25
CA VAL C 170 -20.63 35.41 8.40
C VAL C 170 -19.27 34.81 8.08
N TYR C 171 -19.16 33.49 8.20
CA TYR C 171 -18.00 32.75 7.70
C TYR C 171 -18.54 31.72 6.72
N ALA C 172 -18.17 31.85 5.46
CA ALA C 172 -18.83 31.04 4.44
C ALA C 172 -17.94 30.95 3.21
N GLN C 173 -18.52 30.53 2.09
CA GLN C 173 -17.78 30.29 0.86
C GLN C 173 -18.75 30.39 -0.31
N ALA C 174 -18.22 30.41 -1.51
CA ALA C 174 -19.03 30.53 -2.73
C ALA C 174 -18.27 29.94 -3.90
N PRO C 175 -18.59 28.75 -4.30
CA PRO C 175 -17.82 28.10 -5.37
C PRO C 175 -18.30 28.38 -6.78
N PHE C 176 -19.60 28.59 -6.98
CA PHE C 176 -20.18 28.42 -8.30
C PHE C 176 -19.96 29.66 -9.16
N ALA C 177 -19.33 29.46 -10.31
CA ALA C 177 -19.05 30.55 -11.23
C ALA C 177 -20.28 30.82 -12.08
N GLY C 178 -21.10 31.75 -11.62
CA GLY C 178 -22.28 32.15 -12.36
C GLY C 178 -21.91 33.09 -13.50
N GLU C 179 -22.90 33.81 -13.99
CA GLU C 179 -22.68 34.79 -15.05
C GLU C 179 -23.06 36.19 -14.63
N ALA C 180 -24.23 36.39 -14.04
CA ALA C 180 -24.67 37.73 -13.67
C ALA C 180 -25.54 37.66 -12.42
N ILE C 181 -25.62 38.78 -11.73
CA ILE C 181 -26.47 38.94 -10.56
C ILE C 181 -27.36 40.14 -10.80
N ASN C 182 -28.64 40.01 -10.45
CA ASN C 182 -29.54 41.15 -10.42
C ASN C 182 -30.50 40.94 -9.26
N LYS C 183 -31.39 41.92 -9.05
CA LYS C 183 -32.31 41.80 -7.94
C LYS C 183 -33.18 40.56 -8.03
N ASN C 184 -33.34 40.01 -9.23
CA ASN C 184 -34.10 38.78 -9.37
C ASN C 184 -33.35 37.59 -8.79
N GLY C 185 -32.04 37.57 -8.91
CA GLY C 185 -31.25 36.49 -8.35
C GLY C 185 -29.97 36.33 -9.15
N LEU C 186 -29.45 35.10 -9.10
CA LEU C 186 -28.24 34.72 -9.81
C LEU C 186 -28.62 34.00 -11.11
N GLN C 187 -27.95 34.36 -12.20
CA GLN C 187 -28.27 33.81 -13.52
C GLN C 187 -27.29 32.69 -13.84
N ILE C 188 -27.83 31.48 -14.03
CA ILE C 188 -27.01 30.32 -14.36
C ILE C 188 -27.17 29.87 -15.79
N GLY C 189 -28.07 30.48 -16.55
CA GLY C 189 -28.23 30.09 -17.94
C GLY C 189 -29.12 31.08 -18.66
N THR C 190 -29.08 31.00 -19.98
CA THR C 190 -29.94 31.81 -20.83
C THR C 190 -30.55 30.92 -21.89
N ASN C 191 -31.86 31.09 -22.11
CA ASN C 191 -32.61 30.23 -23.01
C ASN C 191 -32.44 30.70 -24.46
N GLY C 192 -32.17 29.74 -25.35
CA GLY C 192 -32.00 30.08 -26.76
C GLY C 192 -33.28 30.58 -27.41
N ALA C 193 -34.39 29.91 -27.15
CA ALA C 193 -35.68 30.27 -27.72
C ALA C 193 -36.39 31.34 -26.92
N ALA C 194 -35.63 32.11 -26.14
CA ALA C 194 -36.21 33.10 -25.24
C ALA C 194 -37.02 34.13 -26.00
N THR C 195 -38.20 34.44 -25.46
CA THR C 195 -39.13 35.37 -26.11
C THR C 195 -39.43 36.60 -25.26
N GLU C 196 -39.69 36.43 -23.96
CA GLU C 196 -39.95 37.56 -23.08
C GLU C 196 -38.62 38.27 -22.84
N GLY C 197 -38.28 39.16 -23.75
CA GLY C 197 -36.91 39.66 -23.84
C GLY C 197 -36.02 38.49 -24.21
N ASN C 198 -34.97 38.28 -23.43
CA ASN C 198 -34.15 37.09 -23.66
C ASN C 198 -34.28 36.23 -22.41
N LYS C 199 -35.51 36.04 -21.94
CA LYS C 199 -35.75 35.27 -20.73
C LYS C 199 -34.53 34.55 -20.23
N GLU C 200 -34.06 34.93 -19.06
CA GLU C 200 -32.92 34.25 -18.49
C GLU C 200 -33.39 33.32 -17.40
N ILE C 201 -32.70 32.20 -17.22
CA ILE C 201 -33.05 31.28 -16.15
C ILE C 201 -32.11 31.48 -15.01
N TYR C 202 -32.64 31.87 -13.88
CA TYR C 202 -31.81 32.08 -12.75
C TYR C 202 -31.75 30.76 -12.01
N ALA C 203 -31.80 30.76 -10.70
CA ALA C 203 -31.61 29.53 -9.94
C ALA C 203 -32.76 29.15 -9.04
N ASP C 204 -32.89 27.86 -8.76
CA ASP C 204 -34.00 27.41 -7.94
C ASP C 204 -33.53 27.42 -6.54
N LYS C 205 -34.09 28.31 -5.76
CA LYS C 205 -33.58 28.49 -4.42
C LYS C 205 -33.76 27.25 -3.56
N THR C 206 -34.62 26.32 -3.95
CA THR C 206 -34.81 25.12 -3.14
C THR C 206 -33.53 24.31 -3.07
N TYR C 207 -32.94 23.99 -4.23
CA TYR C 207 -31.86 23.03 -4.27
C TYR C 207 -30.65 23.47 -5.07
N GLN C 208 -30.54 24.75 -5.42
CA GLN C 208 -29.40 25.19 -6.21
C GLN C 208 -28.74 26.39 -5.56
N PRO C 209 -27.42 26.54 -5.74
CA PRO C 209 -26.53 25.55 -6.35
C PRO C 209 -26.14 24.48 -5.34
N GLU C 210 -25.83 23.28 -5.82
CA GLU C 210 -25.57 22.19 -4.90
C GLU C 210 -24.15 22.28 -4.34
N PRO C 211 -23.97 21.91 -3.08
CA PRO C 211 -22.69 22.17 -2.41
C PRO C 211 -21.49 21.49 -3.02
N GLN C 212 -21.67 20.43 -3.81
CA GLN C 212 -20.52 19.70 -4.33
C GLN C 212 -20.16 20.09 -5.75
N ILE C 213 -20.76 21.15 -6.28
CA ILE C 213 -20.42 21.65 -7.60
C ILE C 213 -19.48 22.82 -7.42
N GLY C 214 -18.29 22.74 -8.03
CA GLY C 214 -17.29 23.78 -7.85
C GLY C 214 -16.55 24.18 -9.10
N GLU C 215 -15.30 24.61 -8.95
CA GLU C 215 -14.47 24.91 -10.11
C GLU C 215 -14.15 23.62 -10.86
N SER C 216 -13.40 23.74 -11.96
CA SER C 216 -13.18 22.55 -12.78
C SER C 216 -11.77 22.41 -13.33
N GLN C 217 -10.77 23.08 -12.77
CA GLN C 217 -9.38 22.81 -13.10
C GLN C 217 -8.49 23.56 -12.13
N TRP C 218 -7.21 23.22 -12.13
CA TRP C 218 -6.33 23.67 -11.06
C TRP C 218 -5.96 25.15 -11.20
N ASN C 219 -5.68 25.61 -12.42
CA ASN C 219 -5.31 27.01 -12.58
C ASN C 219 -6.55 27.88 -12.66
N GLU C 220 -7.36 27.70 -13.70
CA GLU C 220 -8.76 28.12 -13.74
C GLU C 220 -8.91 29.58 -13.32
N ALA C 221 -8.45 30.47 -14.20
CA ALA C 221 -8.61 31.90 -14.02
C ALA C 221 -10.00 32.25 -13.49
N GLU C 222 -10.04 33.25 -12.61
CA GLU C 222 -11.21 33.56 -11.81
C GLU C 222 -12.41 33.93 -12.68
N SER C 223 -13.55 34.07 -12.03
CA SER C 223 -14.80 34.42 -12.66
C SER C 223 -15.29 35.76 -12.09
N SER C 224 -16.48 36.17 -12.52
CA SER C 224 -17.00 37.49 -12.19
C SER C 224 -17.83 37.49 -10.91
N VAL C 225 -18.85 36.63 -10.85
CA VAL C 225 -19.73 36.55 -9.70
C VAL C 225 -19.81 35.10 -9.24
N ALA C 226 -20.22 34.91 -7.99
CA ALA C 226 -20.31 33.57 -7.44
C ALA C 226 -21.41 33.51 -6.38
N GLY C 227 -21.88 32.29 -6.13
CA GLY C 227 -22.93 32.05 -5.17
C GLY C 227 -22.58 30.92 -4.24
N GLY C 228 -23.37 30.81 -3.18
CA GLY C 228 -23.15 29.77 -2.20
C GLY C 228 -24.36 29.60 -1.31
N ARG C 229 -24.30 28.60 -0.44
CA ARG C 229 -25.33 28.35 0.55
C ARG C 229 -24.73 28.48 1.94
N VAL C 230 -25.57 28.82 2.91
CA VAL C 230 -25.10 29.12 4.26
C VAL C 230 -26.23 28.91 5.24
N LEU C 231 -25.89 28.75 6.52
CA LEU C 231 -26.84 28.42 7.56
C LEU C 231 -27.18 29.65 8.39
N LYS C 232 -28.47 29.82 8.66
CA LYS C 232 -28.91 30.93 9.50
C LYS C 232 -28.34 30.80 10.91
N LYS C 233 -28.57 31.84 11.71
CA LYS C 233 -28.05 31.87 13.06
C LYS C 233 -28.89 31.05 14.03
N THR C 234 -30.06 30.56 13.62
CA THR C 234 -30.89 29.78 14.53
C THR C 234 -30.32 28.38 14.74
N THR C 235 -29.82 27.77 13.69
CA THR C 235 -29.28 26.42 13.79
C THR C 235 -27.94 26.44 14.53
N PRO C 236 -27.79 25.64 15.58
CA PRO C 236 -26.53 25.67 16.35
C PRO C 236 -25.36 25.17 15.51
N MET C 237 -24.19 25.70 15.80
CA MET C 237 -22.99 25.33 15.06
C MET C 237 -22.50 23.95 15.46
N LYS C 238 -22.04 23.19 14.47
CA LYS C 238 -21.37 21.93 14.67
C LYS C 238 -20.23 21.83 13.65
N PRO C 239 -19.18 21.09 13.96
CA PRO C 239 -18.14 20.87 12.96
C PRO C 239 -18.69 20.07 11.80
N CYS C 240 -18.07 20.28 10.63
CA CYS C 240 -18.55 19.60 9.43
C CYS C 240 -18.45 18.10 9.57
N TYR C 241 -17.36 17.62 10.16
CA TYR C 241 -17.15 16.21 10.43
C TYR C 241 -18.33 15.62 11.17
N GLY C 242 -19.00 14.66 10.56
CA GLY C 242 -20.12 14.02 11.20
C GLY C 242 -21.27 14.97 11.40
N SER C 243 -21.93 15.37 10.32
CA SER C 243 -23.08 16.25 10.42
C SER C 243 -24.00 15.97 9.23
N TYR C 244 -25.20 15.49 9.52
CA TYR C 244 -26.15 15.11 8.49
C TYR C 244 -27.50 15.74 8.81
N ALA C 245 -28.24 16.10 7.76
CA ALA C 245 -29.54 16.71 7.92
C ALA C 245 -30.48 16.16 6.86
N ARG C 246 -31.63 15.68 7.29
CA ARG C 246 -32.50 14.88 6.44
C ARG C 246 -32.91 15.65 5.19
N PRO C 247 -32.84 15.06 4.01
CA PRO C 247 -33.37 15.72 2.81
C PRO C 247 -34.86 15.91 2.93
N THR C 248 -35.34 17.03 2.40
CA THR C 248 -36.72 17.43 2.64
C THR C 248 -37.55 17.60 1.38
N ASN C 249 -36.97 18.06 0.29
CA ASN C 249 -37.68 18.08 -0.98
C ASN C 249 -37.39 16.78 -1.72
N SER C 250 -37.72 16.74 -3.01
CA SER C 250 -37.51 15.55 -3.82
C SER C 250 -36.28 15.64 -4.70
N ASN C 251 -35.43 16.64 -4.53
CA ASN C 251 -34.23 16.77 -5.34
C ASN C 251 -32.94 16.84 -4.55
N GLY C 252 -33.00 17.06 -3.24
CA GLY C 252 -31.78 16.97 -2.46
C GLY C 252 -31.46 18.16 -1.59
N GLY C 253 -32.45 18.99 -1.30
CA GLY C 253 -32.25 20.12 -0.42
C GLY C 253 -32.72 19.82 0.99
N GLN C 254 -32.35 20.71 1.90
CA GLN C 254 -32.63 20.50 3.32
C GLN C 254 -33.30 21.73 3.92
N GLY C 255 -34.19 22.37 3.16
CA GLY C 255 -34.92 23.51 3.69
C GLY C 255 -35.98 23.06 4.66
N VAL C 256 -36.03 23.69 5.83
CA VAL C 256 -36.98 23.27 6.85
C VAL C 256 -38.36 23.81 6.52
N MET C 257 -39.17 22.99 5.87
CA MET C 257 -40.47 23.45 5.38
C MET C 257 -41.36 23.87 6.54
N VAL C 258 -42.15 24.93 6.32
CA VAL C 258 -43.11 25.40 7.32
C VAL C 258 -44.46 25.63 6.62
N GLU C 259 -45.53 25.55 7.41
CA GLU C 259 -46.89 25.61 6.91
C GLU C 259 -47.42 27.02 7.00
N GLN C 260 -47.61 27.66 5.84
CA GLN C 260 -48.24 28.97 5.75
C GLN C 260 -49.49 28.85 4.90
N ASN C 261 -50.58 29.46 5.35
CA ASN C 261 -51.86 29.41 4.67
C ASN C 261 -52.37 27.98 4.50
N GLY C 262 -51.90 27.05 5.32
CA GLY C 262 -52.28 25.67 5.15
C GLY C 262 -51.58 24.95 4.03
N LYS C 263 -50.46 25.49 3.53
CA LYS C 263 -49.64 24.82 2.53
C LYS C 263 -48.18 24.98 2.90
N LEU C 264 -47.37 23.97 2.56
CA LEU C 264 -45.97 24.01 2.91
C LEU C 264 -45.22 24.97 1.99
N GLU C 265 -44.24 25.67 2.56
CA GLU C 265 -43.33 26.49 1.78
C GLU C 265 -41.98 26.52 2.48
N SER C 266 -40.96 26.97 1.75
CA SER C 266 -39.62 27.09 2.29
C SER C 266 -39.38 28.50 2.80
N GLN C 267 -38.29 28.65 3.56
CA GLN C 267 -37.99 29.91 4.22
C GLN C 267 -36.62 30.46 3.83
N VAL C 268 -36.14 30.11 2.65
CA VAL C 268 -34.80 30.56 2.25
C VAL C 268 -34.81 32.07 2.03
N GLU C 269 -33.72 32.73 2.41
CA GLU C 269 -33.51 34.12 2.08
C GLU C 269 -32.26 34.24 1.21
N MET C 270 -32.14 35.36 0.52
CA MET C 270 -30.96 35.65 -0.27
C MET C 270 -30.29 36.90 0.29
N GLN C 271 -28.96 36.86 0.38
CA GLN C 271 -28.19 38.01 0.85
C GLN C 271 -27.08 38.30 -0.14
N PHE C 272 -26.86 39.59 -0.40
CA PHE C 272 -25.94 40.03 -1.42
C PHE C 272 -24.71 40.66 -0.77
N PHE C 273 -23.56 40.53 -1.45
CA PHE C 273 -22.32 41.07 -0.94
C PHE C 273 -21.50 41.66 -2.08
N SER C 274 -20.75 42.71 -1.75
CA SER C 274 -19.97 43.47 -2.70
C SER C 274 -18.52 43.54 -2.24
N THR C 275 -17.68 44.13 -3.08
CA THR C 275 -16.27 44.22 -2.76
C THR C 275 -16.05 45.13 -1.56
N SER C 276 -14.92 44.98 -0.95
CA SER C 276 -14.75 45.77 0.23
C SER C 276 -14.41 47.17 -0.17
N VAL C 277 -14.22 47.40 -1.46
CA VAL C 277 -13.81 48.73 -1.86
C VAL C 277 -14.87 49.66 -1.35
N ASN C 278 -16.04 49.11 -1.11
CA ASN C 278 -17.09 49.91 -0.52
C ASN C 278 -16.54 50.63 0.68
N ALA C 279 -15.49 50.07 1.28
CA ALA C 279 -14.89 50.69 2.45
C ALA C 279 -13.50 51.24 2.15
N MET C 280 -12.93 50.91 1.01
CA MET C 280 -11.63 51.48 0.65
C MET C 280 -11.73 52.57 -0.41
N ASN C 281 -12.58 52.39 -1.40
CA ASN C 281 -12.67 53.35 -2.50
C ASN C 281 -13.75 54.40 -2.29
N GLU C 282 -14.14 55.07 -3.38
CA GLU C 282 -15.13 56.12 -3.27
C GLU C 282 -16.13 56.09 -4.42
N ALA C 283 -15.89 55.24 -5.42
CA ALA C 283 -16.82 55.11 -6.54
C ALA C 283 -18.23 54.83 -6.05
N ASN C 284 -19.20 54.77 -6.97
CA ASN C 284 -20.61 54.59 -6.56
C ASN C 284 -21.26 53.39 -7.19
N ALA C 285 -20.50 52.68 -7.98
CA ALA C 285 -21.09 51.57 -8.66
C ALA C 285 -21.11 50.39 -7.73
N ILE C 286 -21.43 50.61 -6.47
CA ILE C 286 -21.53 49.41 -5.65
C ILE C 286 -22.31 48.35 -6.40
N GLN C 287 -21.66 47.22 -6.67
CA GLN C 287 -22.29 46.15 -7.42
C GLN C 287 -22.30 44.87 -6.61
N PRO C 288 -23.32 44.04 -6.78
CA PRO C 288 -23.24 42.69 -6.23
C PRO C 288 -22.04 41.95 -6.78
N LYS C 289 -21.37 41.23 -5.91
CA LYS C 289 -20.28 40.37 -6.33
C LYS C 289 -20.31 39.01 -5.67
N LEU C 290 -21.32 38.72 -4.85
CA LEU C 290 -21.43 37.42 -4.21
C LEU C 290 -22.85 37.26 -3.70
N LEU C 291 -23.40 36.07 -3.84
CA LEU C 291 -24.77 35.81 -3.42
C LEU C 291 -24.82 34.60 -2.53
N LEU C 292 -25.27 34.78 -1.29
CA LEU C 292 -25.38 33.69 -0.33
C LEU C 292 -26.84 33.39 -0.04
N TYR C 293 -27.22 32.13 -0.21
CA TYR C 293 -28.55 31.66 0.15
C TYR C 293 -28.54 31.23 1.61
N SER C 294 -29.25 31.96 2.45
CA SER C 294 -29.36 31.60 3.85
C SER C 294 -30.54 30.65 4.01
N GLU C 295 -30.28 29.50 4.63
CA GLU C 295 -31.31 28.53 4.93
C GLU C 295 -31.03 27.97 6.31
N ASP C 296 -31.72 26.88 6.65
CA ASP C 296 -31.52 26.23 7.93
C ASP C 296 -31.95 24.78 7.83
N VAL C 297 -31.34 23.94 8.65
CA VAL C 297 -31.62 22.51 8.64
C VAL C 297 -31.77 22.04 10.07
N ASN C 298 -32.31 20.84 10.23
CA ASN C 298 -32.39 20.18 11.53
C ASN C 298 -31.13 19.34 11.68
N MET C 299 -30.09 19.97 12.23
CA MET C 299 -28.79 19.33 12.33
C MET C 299 -28.82 18.20 13.34
N GLU C 300 -28.03 17.15 13.07
CA GLU C 300 -27.92 16.01 13.96
C GLU C 300 -26.50 15.47 13.91
N THR C 301 -26.08 14.81 14.99
CA THR C 301 -24.78 14.17 15.08
C THR C 301 -24.99 12.75 15.58
N PRO C 302 -25.37 11.83 14.68
CA PRO C 302 -25.77 10.49 15.14
C PRO C 302 -24.67 9.70 15.82
N ASP C 303 -23.39 9.97 15.55
CA ASP C 303 -22.37 9.05 15.98
C ASP C 303 -21.08 9.65 16.51
N THR C 304 -20.98 10.98 16.65
CA THR C 304 -19.75 11.59 17.14
C THR C 304 -20.07 12.55 18.27
N HIS C 305 -19.04 12.87 19.06
CA HIS C 305 -19.22 13.83 20.13
C HIS C 305 -18.06 14.82 20.12
N LEU C 306 -18.15 15.83 20.98
CA LEU C 306 -17.20 16.93 20.97
C LEU C 306 -16.01 16.60 21.85
N SER C 307 -14.81 16.81 21.31
CA SER C 307 -13.59 16.55 22.05
C SER C 307 -13.00 17.79 22.69
N TYR C 308 -13.26 18.97 22.13
CA TYR C 308 -12.83 20.23 22.73
C TYR C 308 -13.88 21.28 22.47
N LYS C 309 -14.41 21.87 23.54
CA LYS C 309 -15.50 22.84 23.47
C LYS C 309 -15.15 24.01 24.38
N PRO C 310 -14.52 25.06 23.84
CA PRO C 310 -14.02 26.13 24.71
C PRO C 310 -15.10 26.78 25.55
N GLY C 311 -16.27 26.99 24.99
CA GLY C 311 -17.29 27.71 25.71
C GLY C 311 -18.01 26.86 26.73
N LYS C 312 -18.61 27.52 27.71
CA LYS C 312 -19.56 26.87 28.60
C LYS C 312 -20.96 26.93 28.02
N SER C 313 -21.48 28.14 27.84
CA SER C 313 -22.75 28.31 27.16
C SER C 313 -22.56 28.02 25.68
N ASP C 314 -23.53 27.32 25.09
CA ASP C 314 -23.36 26.76 23.75
C ASP C 314 -24.00 27.59 22.65
N ASP C 315 -24.42 28.82 22.94
CA ASP C 315 -25.01 29.65 21.89
C ASP C 315 -23.98 29.97 20.83
N ASN C 316 -24.44 30.18 19.60
CA ASN C 316 -23.53 30.47 18.51
C ASN C 316 -22.69 31.69 18.82
N SER C 317 -21.37 31.57 18.68
CA SER C 317 -20.46 32.66 18.92
C SER C 317 -19.15 32.35 18.22
N LYS C 318 -18.31 33.39 18.08
CA LYS C 318 -17.14 33.28 17.23
C LYS C 318 -16.19 32.20 17.74
N ALA C 319 -15.98 32.12 19.05
CA ALA C 319 -15.07 31.14 19.59
C ALA C 319 -15.45 29.73 19.14
N MET C 320 -16.75 29.44 19.10
CA MET C 320 -17.21 28.11 18.72
C MET C 320 -16.79 27.70 17.32
N LEU C 321 -16.17 28.59 16.55
CA LEU C 321 -15.63 28.16 15.28
C LEU C 321 -14.48 27.19 15.44
N GLY C 322 -13.92 27.05 16.63
CA GLY C 322 -12.81 26.15 16.82
C GLY C 322 -13.15 24.81 17.42
N GLN C 323 -14.41 24.55 17.75
CA GLN C 323 -14.76 23.31 18.43
C GLN C 323 -14.54 22.12 17.50
N GLN C 324 -14.00 21.04 18.07
CA GLN C 324 -13.60 19.87 17.30
C GLN C 324 -14.26 18.62 17.89
N SER C 325 -14.36 17.58 17.07
CA SER C 325 -15.16 16.41 17.41
C SER C 325 -14.44 15.13 17.01
N MET C 326 -14.82 14.03 17.64
CA MET C 326 -14.28 12.71 17.35
C MET C 326 -15.39 11.67 17.40
N PRO C 327 -15.21 10.54 16.72
CA PRO C 327 -16.30 9.57 16.59
C PRO C 327 -16.52 8.79 17.88
N ASN C 328 -17.61 8.01 17.87
CA ASN C 328 -17.94 7.16 19.00
C ASN C 328 -17.23 5.83 18.92
N ARG C 329 -16.89 5.29 20.08
CA ARG C 329 -16.23 4.00 20.14
C ARG C 329 -17.13 2.91 19.57
N PRO C 330 -16.60 1.99 18.78
CA PRO C 330 -17.43 0.94 18.20
C PRO C 330 -17.97 0.04 19.30
N ASN C 331 -19.14 -0.52 19.05
CA ASN C 331 -19.75 -1.38 20.06
C ASN C 331 -20.71 -2.35 19.36
N TYR C 332 -20.25 -3.57 19.14
CA TYR C 332 -21.10 -4.57 18.51
C TYR C 332 -22.06 -5.19 19.53
N ILE C 333 -22.95 -6.02 19.05
CA ILE C 333 -23.88 -6.74 19.91
C ILE C 333 -24.52 -7.86 19.11
N ALA C 334 -24.75 -9.00 19.74
CA ALA C 334 -25.36 -10.13 19.03
C ALA C 334 -25.79 -11.18 20.04
N PHE C 335 -26.19 -12.35 19.52
CA PHE C 335 -26.55 -13.50 20.32
C PHE C 335 -25.30 -14.28 20.72
N ARG C 336 -25.26 -14.71 21.98
CA ARG C 336 -24.07 -15.34 22.50
C ARG C 336 -23.80 -16.65 21.77
N ASP C 337 -22.68 -17.29 22.09
CA ASP C 337 -22.26 -18.47 21.36
C ASP C 337 -23.14 -19.66 21.67
N ASN C 338 -23.41 -20.46 20.64
CA ASN C 338 -24.27 -21.65 20.77
C ASN C 338 -25.58 -21.30 21.47
N PHE C 339 -25.96 -20.03 21.41
CA PHE C 339 -27.12 -19.51 22.12
C PHE C 339 -27.04 -19.80 23.62
N ILE C 340 -25.82 -19.75 24.16
CA ILE C 340 -25.62 -19.94 25.59
C ILE C 340 -26.57 -19.07 26.37
N GLY C 341 -27.03 -19.57 27.51
CA GLY C 341 -27.90 -18.82 28.38
C GLY C 341 -29.34 -18.73 27.94
N LEU C 342 -29.63 -19.03 26.68
CA LEU C 342 -30.99 -18.87 26.19
C LEU C 342 -31.96 -19.79 26.93
N MET C 343 -31.62 -21.08 27.01
CA MET C 343 -32.52 -22.06 27.62
C MET C 343 -32.09 -22.39 29.03
N TYR C 344 -32.97 -22.25 30.01
CA TYR C 344 -32.55 -22.44 31.36
C TYR C 344 -31.88 -23.76 31.40
N TYR C 345 -30.98 -23.97 32.33
CA TYR C 345 -30.23 -25.20 32.35
C TYR C 345 -29.44 -25.22 33.63
N ASN C 346 -29.77 -26.10 34.56
CA ASN C 346 -29.08 -26.23 35.82
C ASN C 346 -29.65 -25.35 36.90
N SER C 347 -30.97 -25.25 36.99
CA SER C 347 -31.59 -24.50 38.06
C SER C 347 -32.87 -25.18 38.45
N THR C 348 -32.89 -25.84 39.60
CA THR C 348 -34.05 -26.63 39.95
C THR C 348 -35.32 -25.84 40.05
N GLY C 349 -35.27 -24.55 39.81
CA GLY C 349 -36.51 -23.84 39.81
C GLY C 349 -37.37 -24.15 38.59
N ASN C 350 -36.73 -24.30 37.43
CA ASN C 350 -37.46 -24.43 36.17
C ASN C 350 -36.84 -25.51 35.29
N MET C 351 -36.55 -26.66 35.87
CA MET C 351 -35.96 -27.75 35.10
C MET C 351 -36.95 -28.25 34.06
N GLY C 352 -36.40 -28.76 32.95
CA GLY C 352 -37.22 -29.25 31.87
C GLY C 352 -37.73 -30.66 32.12
N VAL C 353 -38.68 -31.07 31.30
CA VAL C 353 -39.38 -32.33 31.53
C VAL C 353 -39.43 -33.12 30.24
N LEU C 354 -39.06 -34.41 30.32
CA LEU C 354 -39.26 -35.38 29.24
C LEU C 354 -39.81 -36.64 29.90
N ALA C 355 -41.11 -36.87 29.77
CA ALA C 355 -41.73 -37.97 30.49
C ALA C 355 -42.69 -38.73 29.60
N GLY C 356 -43.20 -39.84 30.13
CA GLY C 356 -44.20 -40.59 29.41
C GLY C 356 -45.57 -39.96 29.52
N GLN C 357 -46.34 -40.10 28.44
CA GLN C 357 -47.67 -39.49 28.38
C GLN C 357 -48.58 -40.00 29.48
N ALA C 358 -48.36 -41.22 29.95
CA ALA C 358 -49.23 -41.82 30.95
C ALA C 358 -48.57 -41.99 32.30
N SER C 359 -47.27 -42.25 32.34
CA SER C 359 -46.61 -42.41 33.64
C SER C 359 -46.52 -41.09 34.37
N GLN C 360 -46.29 -40.00 33.63
CA GLN C 360 -46.08 -38.67 34.21
C GLN C 360 -44.92 -38.66 35.20
N LEU C 361 -43.97 -39.56 35.03
CA LEU C 361 -42.80 -39.67 35.89
C LEU C 361 -41.61 -39.09 35.15
N ASN C 362 -41.10 -37.97 35.64
CA ASN C 362 -40.03 -37.27 34.95
C ASN C 362 -38.81 -38.17 34.80
N ALA C 363 -38.11 -38.00 33.68
CA ALA C 363 -36.93 -38.78 33.36
C ALA C 363 -35.68 -37.93 33.30
N VAL C 364 -35.76 -36.65 33.64
CA VAL C 364 -34.64 -35.74 33.57
C VAL C 364 -34.47 -35.09 34.93
N VAL C 365 -33.52 -35.57 35.70
CA VAL C 365 -33.25 -35.07 37.04
C VAL C 365 -31.94 -34.32 37.00
N ASP C 366 -31.94 -33.07 37.47
CA ASP C 366 -30.72 -32.23 37.43
C ASP C 366 -30.25 -31.77 38.80
N LEU C 367 -29.01 -31.34 38.89
CA LEU C 367 -28.49 -30.98 40.19
C LEU C 367 -27.79 -29.62 40.16
N GLN C 368 -27.94 -28.83 41.19
CA GLN C 368 -27.39 -27.49 41.19
C GLN C 368 -25.90 -27.44 41.23
N ASP C 369 -25.21 -28.29 40.49
CA ASP C 369 -23.77 -28.14 40.47
C ASP C 369 -23.13 -28.90 39.38
N ARG C 370 -23.80 -29.01 38.27
CA ARG C 370 -23.19 -29.66 37.15
C ARG C 370 -23.36 -28.72 35.99
N ASN C 371 -22.42 -27.82 35.77
CA ASN C 371 -22.55 -26.84 34.69
C ASN C 371 -22.68 -27.50 33.36
N THR C 372 -23.90 -27.61 32.86
CA THR C 372 -24.10 -28.30 31.61
C THR C 372 -23.32 -27.66 30.52
N GLU C 373 -23.37 -26.35 30.43
CA GLU C 373 -22.76 -25.71 29.31
C GLU C 373 -21.32 -25.97 29.13
N LEU C 374 -20.49 -25.34 29.93
CA LEU C 374 -19.06 -25.48 29.81
C LEU C 374 -18.68 -26.84 29.27
N SER C 375 -19.37 -27.88 29.72
CA SER C 375 -19.09 -29.22 29.25
C SER C 375 -19.34 -29.34 27.76
N TYR C 376 -20.44 -28.76 27.29
CA TYR C 376 -20.69 -28.78 25.85
C TYR C 376 -19.56 -28.08 25.10
N GLN C 377 -19.09 -26.94 25.62
CA GLN C 377 -17.99 -26.27 24.94
C GLN C 377 -16.78 -27.17 24.84
N LEU C 378 -16.42 -27.82 25.95
CA LEU C 378 -15.24 -28.67 25.94
C LEU C 378 -15.41 -29.83 24.98
N LEU C 379 -16.58 -30.47 24.98
CA LEU C 379 -16.82 -31.59 24.10
C LEU C 379 -16.69 -31.18 22.65
N LEU C 380 -17.30 -30.04 22.30
CA LEU C 380 -17.21 -29.55 20.93
C LEU C 380 -15.77 -29.29 20.55
N ASP C 381 -14.97 -28.78 21.49
CA ASP C 381 -13.56 -28.60 21.18
C ASP C 381 -12.90 -29.94 20.91
N SER C 382 -13.22 -30.95 21.69
CA SER C 382 -12.48 -32.20 21.60
C SER C 382 -12.80 -32.95 20.30
N ILE C 383 -14.08 -33.21 20.03
CA ILE C 383 -14.37 -34.15 18.95
C ILE C 383 -14.12 -33.55 17.57
N GLY C 384 -14.02 -32.23 17.45
CA GLY C 384 -13.90 -31.61 16.15
C GLY C 384 -13.17 -30.28 16.19
N ASP C 385 -13.20 -29.54 15.09
CA ASP C 385 -12.49 -28.27 15.02
C ASP C 385 -13.40 -27.12 15.43
N ARG C 386 -12.78 -25.98 15.70
CA ARG C 386 -13.54 -24.78 16.04
C ARG C 386 -13.08 -23.53 15.30
N THR C 387 -11.99 -23.57 14.57
CA THR C 387 -11.62 -22.43 13.76
C THR C 387 -12.44 -22.35 12.49
N ARG C 388 -13.54 -23.08 12.43
CA ARG C 388 -14.51 -22.94 11.35
C ARG C 388 -15.86 -22.67 11.97
N TYR C 389 -16.46 -21.53 11.64
CA TYR C 389 -17.76 -21.17 12.17
C TYR C 389 -18.84 -21.86 11.36
N PHE C 390 -19.94 -22.21 12.03
CA PHE C 390 -21.07 -22.86 11.40
C PHE C 390 -22.31 -22.03 11.68
N SER C 391 -23.04 -21.70 10.62
CA SER C 391 -24.13 -20.73 10.74
C SER C 391 -25.32 -21.32 11.48
N MET C 392 -25.69 -22.54 11.15
CA MET C 392 -26.99 -23.06 11.56
C MET C 392 -27.18 -22.99 13.07
N TRP C 393 -26.23 -23.52 13.82
CA TRP C 393 -26.32 -23.42 15.26
C TRP C 393 -25.82 -22.09 15.77
N ASN C 394 -25.27 -21.24 14.91
CA ASN C 394 -24.56 -20.05 15.34
C ASN C 394 -23.36 -20.47 16.19
N GLN C 395 -22.46 -21.20 15.56
CA GLN C 395 -21.22 -21.64 16.19
C GLN C 395 -20.10 -20.71 15.77
N ALA C 396 -19.50 -20.04 16.73
CA ALA C 396 -18.30 -19.25 16.49
C ALA C 396 -17.45 -19.30 17.74
N VAL C 397 -16.17 -18.97 17.58
CA VAL C 397 -15.24 -19.03 18.69
C VAL C 397 -14.72 -17.63 18.94
N ASP C 398 -15.05 -17.07 20.10
CA ASP C 398 -14.73 -15.68 20.39
C ASP C 398 -13.25 -15.53 20.69
N SER C 399 -12.44 -15.53 19.65
CA SER C 399 -11.01 -15.41 19.82
C SER C 399 -10.64 -13.97 20.19
N TYR C 400 -9.34 -13.71 20.23
CA TYR C 400 -8.83 -12.35 20.34
C TYR C 400 -7.63 -12.23 19.43
N ASP C 401 -7.30 -11.00 19.07
CA ASP C 401 -6.17 -10.80 18.18
C ASP C 401 -4.89 -11.19 18.88
N PRO C 402 -3.92 -11.76 18.17
CA PRO C 402 -2.64 -12.08 18.81
C PRO C 402 -1.81 -10.86 19.13
N ASP C 403 -2.04 -9.72 18.46
CA ASP C 403 -1.18 -8.56 18.65
C ASP C 403 -1.74 -7.56 19.65
N VAL C 404 -3.05 -7.56 19.88
CA VAL C 404 -3.58 -6.74 20.96
C VAL C 404 -3.10 -7.23 22.31
N ARG C 405 -2.95 -8.56 22.45
CA ARG C 405 -2.59 -9.13 23.74
C ARG C 405 -1.15 -8.82 24.10
N ILE C 406 -0.23 -9.02 23.16
CA ILE C 406 1.18 -8.77 23.40
C ILE C 406 1.64 -7.68 22.45
N ILE C 407 2.18 -6.59 23.01
CA ILE C 407 2.70 -5.49 22.21
C ILE C 407 4.08 -5.90 21.70
N GLU C 408 4.22 -5.94 20.38
CA GLU C 408 5.46 -6.39 19.77
C GLU C 408 5.95 -5.26 18.87
N ASN C 409 6.67 -4.32 19.46
CA ASN C 409 6.99 -3.05 18.81
C ASN C 409 8.38 -3.12 18.20
N HIS C 410 8.46 -2.93 16.89
CA HIS C 410 9.73 -2.98 16.18
C HIS C 410 10.12 -1.64 15.58
N GLY C 411 9.43 -0.56 15.96
CA GLY C 411 9.55 0.64 15.20
C GLY C 411 8.91 0.43 13.84
N THR C 412 9.02 1.45 13.00
CA THR C 412 8.49 1.39 11.66
C THR C 412 9.59 1.70 10.67
N GLU C 413 9.41 1.22 9.44
CA GLU C 413 10.41 1.37 8.40
C GLU C 413 10.18 2.69 7.68
N ASP C 414 11.05 3.66 7.95
CA ASP C 414 10.91 4.98 7.33
C ASP C 414 12.33 5.54 7.17
N GLU C 415 12.90 5.32 6.00
CA GLU C 415 14.18 5.91 5.66
C GLU C 415 14.06 7.03 4.64
N LEU C 416 12.92 7.17 4.00
CA LEU C 416 12.68 8.22 3.06
C LEU C 416 11.62 9.15 3.59
N PRO C 417 11.85 10.46 3.59
CA PRO C 417 10.77 11.39 3.91
C PRO C 417 9.67 11.30 2.87
N ASN C 418 8.43 11.50 3.23
CA ASN C 418 7.43 11.50 2.20
C ASN C 418 6.93 12.93 2.04
N TYR C 419 6.98 13.50 0.84
CA TYR C 419 6.62 14.89 0.67
C TYR C 419 5.32 15.09 -0.04
N CYS C 420 4.59 16.18 0.20
CA CYS C 420 3.37 16.47 -0.57
C CYS C 420 3.60 17.73 -1.38
N PHE C 421 2.84 17.95 -2.45
CA PHE C 421 3.16 19.08 -3.29
C PHE C 421 2.02 20.10 -3.55
N PRO C 422 2.23 21.08 -4.46
CA PRO C 422 1.21 22.06 -4.78
C PRO C 422 0.32 21.51 -5.82
N LEU C 423 -0.97 21.76 -5.74
CA LEU C 423 -1.85 21.07 -6.67
C LEU C 423 -1.40 21.25 -8.10
N GLY C 424 -0.67 22.33 -8.40
CA GLY C 424 -0.23 22.60 -9.75
C GLY C 424 1.17 22.16 -10.05
N GLY C 425 2.01 21.98 -9.03
CA GLY C 425 3.36 21.51 -9.23
C GLY C 425 4.45 22.55 -9.11
N ILE C 426 4.19 23.81 -9.40
CA ILE C 426 5.27 24.80 -9.39
C ILE C 426 4.98 25.70 -8.29
N GLY C 427 5.99 26.10 -7.59
CA GLY C 427 5.72 26.85 -6.40
C GLY C 427 5.12 28.22 -6.46
N VAL C 428 5.92 29.20 -6.06
CA VAL C 428 5.46 30.55 -6.09
C VAL C 428 5.45 30.98 -7.50
N THR C 429 5.77 32.24 -7.71
CA THR C 429 5.86 32.70 -9.06
C THR C 429 6.30 34.13 -9.06
N ASP C 430 6.84 34.58 -10.18
CA ASP C 430 7.29 35.94 -10.29
C ASP C 430 7.28 36.30 -11.72
N THR C 431 6.74 37.44 -12.04
CA THR C 431 6.62 37.82 -13.41
C THR C 431 8.00 37.95 -13.97
N TYR C 432 8.16 37.66 -15.24
CA TYR C 432 9.44 37.83 -15.88
C TYR C 432 9.24 38.35 -17.29
N GLN C 433 10.30 38.76 -17.96
CA GLN C 433 10.21 39.36 -19.28
C GLN C 433 11.37 38.92 -20.15
N ALA C 434 11.09 38.63 -21.41
CA ALA C 434 12.11 38.17 -22.33
C ALA C 434 13.01 39.32 -22.78
N ILE C 435 14.24 38.96 -23.16
CA ILE C 435 15.23 39.91 -23.62
C ILE C 435 15.88 39.25 -24.78
N LYS C 436 16.79 39.92 -25.46
CA LYS C 436 17.41 39.35 -26.66
C LYS C 436 18.87 39.55 -26.56
N ALA C 437 19.51 39.99 -27.64
CA ALA C 437 20.94 40.30 -27.50
C ALA C 437 21.59 41.05 -28.65
N THR C 438 21.13 42.27 -28.91
CA THR C 438 21.77 43.07 -29.93
C THR C 438 23.21 43.08 -29.57
N ASN C 439 24.05 42.83 -30.53
CA ASN C 439 25.47 42.74 -30.25
C ASN C 439 25.96 43.91 -29.46
N GLY C 440 27.02 43.70 -28.68
CA GLY C 440 27.63 44.80 -27.96
C GLY C 440 28.80 45.24 -28.80
N ASN C 441 28.54 46.06 -29.82
CA ASN C 441 29.60 46.44 -30.76
C ASN C 441 30.70 47.28 -30.15
N GLY C 442 31.96 46.92 -30.43
CA GLY C 442 33.08 47.59 -29.82
C GLY C 442 33.05 47.63 -28.31
N GLY C 443 31.92 47.28 -27.69
CA GLY C 443 31.81 47.29 -26.24
C GLY C 443 31.20 46.01 -25.70
N ALA C 444 30.78 46.06 -24.44
CA ALA C 444 30.27 44.85 -23.78
C ALA C 444 29.14 44.17 -24.50
N THR C 445 27.94 44.38 -24.02
CA THR C 445 26.84 43.69 -24.59
C THR C 445 25.57 44.41 -24.34
N THR C 446 24.81 44.59 -25.39
CA THR C 446 23.55 45.22 -25.23
C THR C 446 22.64 44.25 -24.61
N TRP C 447 21.37 44.60 -24.54
CA TRP C 447 20.42 43.74 -23.91
C TRP C 447 19.10 44.42 -24.07
N ALA C 448 18.39 44.12 -25.13
CA ALA C 448 17.15 44.81 -25.35
C ALA C 448 15.98 43.98 -24.97
N GLN C 449 14.80 44.37 -25.41
CA GLN C 449 13.67 43.54 -25.16
C GLN C 449 13.05 43.11 -26.45
N ASP C 450 13.10 41.81 -26.78
CA ASP C 450 12.43 41.29 -27.96
C ASP C 450 10.92 41.44 -27.83
N ASN C 451 10.25 41.53 -28.98
CA ASN C 451 8.81 41.69 -29.01
C ASN C 451 8.06 40.39 -29.27
N THR C 452 8.76 39.31 -29.62
CA THR C 452 8.08 38.08 -29.99
C THR C 452 7.42 37.41 -28.80
N PHE C 453 7.98 37.55 -27.61
CA PHE C 453 7.46 36.92 -26.42
C PHE C 453 6.61 37.90 -25.63
N ALA C 454 5.37 37.52 -25.33
CA ALA C 454 4.53 38.34 -24.49
C ALA C 454 5.23 38.58 -23.16
N GLU C 455 5.17 39.83 -22.69
CA GLU C 455 6.11 40.30 -21.70
C GLU C 455 5.64 40.12 -20.27
N ARG C 456 4.83 39.10 -20.00
CA ARG C 456 4.50 38.72 -18.64
C ARG C 456 4.48 37.19 -18.57
N ASN C 457 5.58 36.59 -18.14
CA ASN C 457 5.64 35.14 -18.05
C ASN C 457 5.82 34.68 -16.61
N GLU C 458 5.28 33.51 -16.30
CA GLU C 458 5.36 32.94 -14.97
C GLU C 458 6.63 32.12 -14.84
N ILE C 459 7.32 32.26 -13.72
CA ILE C 459 8.48 31.41 -13.47
C ILE C 459 8.80 31.34 -11.98
N GLY C 460 9.07 30.14 -11.47
CA GLY C 460 9.69 29.98 -10.18
C GLY C 460 11.18 29.69 -10.34
N VAL C 461 11.91 29.76 -9.24
CA VAL C 461 13.33 29.48 -9.25
C VAL C 461 13.69 28.63 -8.04
N GLY C 462 14.84 27.96 -8.15
CA GLY C 462 15.22 27.00 -7.12
C GLY C 462 14.33 25.78 -7.16
N ASN C 463 14.09 25.22 -5.98
CA ASN C 463 13.16 24.11 -5.84
C ASN C 463 11.74 24.65 -5.81
N ASN C 464 10.79 23.81 -5.42
CA ASN C 464 9.39 24.22 -5.36
C ASN C 464 8.82 23.94 -3.98
N PHE C 465 7.75 24.65 -3.66
CA PHE C 465 7.11 24.54 -2.36
C PHE C 465 6.73 23.10 -2.07
N ALA C 466 6.97 22.66 -0.85
CA ALA C 466 6.81 21.25 -0.51
C ALA C 466 6.64 21.10 1.00
N MET C 467 5.87 20.09 1.39
CA MET C 467 5.66 19.82 2.82
C MET C 467 5.96 18.36 3.12
N GLU C 468 6.40 18.10 4.35
CA GLU C 468 6.89 16.80 4.76
C GLU C 468 5.83 16.06 5.58
N ILE C 469 5.92 14.73 5.70
CA ILE C 469 5.00 13.95 6.55
C ILE C 469 5.43 12.52 6.70
N ASN C 470 5.30 11.91 7.88
CA ASN C 470 5.81 10.51 8.11
C ASN C 470 4.78 9.40 8.10
N LEU C 471 4.50 8.90 6.91
CA LEU C 471 3.43 7.94 6.73
C LEU C 471 3.39 6.75 7.68
N ASN C 472 4.40 5.92 7.64
CA ASN C 472 4.32 4.71 8.44
C ASN C 472 4.18 5.03 9.90
N ALA C 473 4.91 6.02 10.39
CA ALA C 473 4.87 6.22 11.82
C ALA C 473 3.52 6.65 12.18
N ASN C 474 2.99 7.55 11.40
CA ASN C 474 1.69 8.06 11.79
C ASN C 474 0.70 6.92 11.82
N LEU C 475 0.76 5.99 10.89
CA LEU C 475 -0.27 4.96 10.92
C LEU C 475 -0.15 4.13 12.20
N TRP C 476 1.05 3.82 12.59
CA TRP C 476 1.23 2.95 13.74
C TRP C 476 0.66 3.54 14.97
N ARG C 477 0.74 4.84 15.10
CA ARG C 477 0.29 5.41 16.33
C ARG C 477 -1.19 5.33 16.34
N ASN C 478 -1.84 5.74 15.27
CA ASN C 478 -3.26 5.64 15.20
C ASN C 478 -3.57 4.31 15.72
N PHE C 479 -2.91 3.30 15.18
CA PHE C 479 -3.25 1.95 15.58
C PHE C 479 -3.14 1.71 17.05
N LEU C 480 -1.93 1.76 17.59
CA LEU C 480 -1.81 1.42 18.98
C LEU C 480 -2.90 2.13 19.68
N TYR C 481 -3.12 3.37 19.40
CA TYR C 481 -4.11 4.06 20.17
C TYR C 481 -5.43 3.35 20.08
N SER C 482 -6.08 3.52 18.96
CA SER C 482 -7.40 2.95 18.83
C SER C 482 -7.54 1.54 19.32
N ASN C 483 -6.46 0.78 19.37
CA ASN C 483 -6.66 -0.62 19.77
C ASN C 483 -6.16 -0.97 21.17
N ILE C 484 -5.30 -0.15 21.75
CA ILE C 484 -4.90 -0.53 23.10
C ILE C 484 -5.18 0.59 24.09
N ALA C 485 -5.14 1.83 23.63
CA ALA C 485 -5.17 2.94 24.57
C ALA C 485 -6.52 3.07 25.27
N LEU C 486 -7.62 2.92 24.51
CA LEU C 486 -8.93 3.22 25.07
C LEU C 486 -9.33 2.23 26.15
N TYR C 487 -8.95 0.98 26.00
CA TYR C 487 -9.41 -0.06 26.90
C TYR C 487 -8.67 -0.09 28.23
N LEU C 488 -7.96 0.97 28.59
CA LEU C 488 -7.21 0.99 29.83
C LEU C 488 -8.16 0.95 31.02
N PRO C 489 -7.66 0.58 32.20
CA PRO C 489 -8.52 0.58 33.38
C PRO C 489 -9.08 1.96 33.66
N ASP C 490 -10.31 1.96 34.19
CA ASP C 490 -11.03 3.21 34.37
C ASP C 490 -10.23 4.23 35.17
N LYS C 491 -9.52 3.79 36.20
CA LYS C 491 -8.92 4.75 37.11
C LYS C 491 -7.84 5.61 36.46
N LEU C 492 -7.36 5.26 35.28
CA LEU C 492 -6.34 6.05 34.61
C LEU C 492 -6.93 7.09 33.68
N LYS C 493 -8.13 7.59 33.97
CA LYS C 493 -8.78 8.55 33.09
C LYS C 493 -9.39 9.68 33.92
N TYR C 494 -9.60 10.81 33.27
CA TYR C 494 -10.18 11.99 33.91
C TYR C 494 -11.38 12.46 33.09
N ASN C 495 -12.32 13.11 33.78
CA ASN C 495 -13.56 13.54 33.15
C ASN C 495 -13.30 14.64 32.13
N PRO C 496 -14.14 14.75 31.12
CA PRO C 496 -13.93 15.81 30.13
C PRO C 496 -14.32 17.16 30.68
N THR C 497 -14.16 18.20 29.88
CA THR C 497 -14.40 19.57 30.34
C THR C 497 -15.69 20.12 29.72
N ASN C 498 -16.55 20.66 30.57
CA ASN C 498 -17.72 21.43 30.15
C ASN C 498 -18.68 20.61 29.30
N VAL C 499 -18.75 19.30 29.51
CA VAL C 499 -19.72 18.45 28.86
C VAL C 499 -20.34 17.54 29.91
N GLU C 500 -21.62 17.24 29.76
CA GLU C 500 -22.31 16.38 30.72
C GLU C 500 -21.83 14.94 30.61
N ILE C 501 -21.84 14.25 31.73
CA ILE C 501 -21.49 12.83 31.80
C ILE C 501 -22.35 12.18 32.86
N SER C 502 -22.98 11.06 32.52
CA SER C 502 -23.81 10.37 33.48
C SER C 502 -22.97 9.82 34.62
N ASP C 503 -23.49 9.88 35.83
CA ASP C 503 -22.76 9.42 36.99
C ASP C 503 -22.78 7.91 37.14
N ASN C 504 -23.64 7.22 36.42
CA ASN C 504 -23.71 5.77 36.52
C ASN C 504 -22.52 5.15 35.80
N PRO C 505 -21.59 4.53 36.53
CA PRO C 505 -20.31 4.14 35.93
C PRO C 505 -20.39 2.93 35.02
N ASN C 506 -21.57 2.51 34.60
CA ASN C 506 -21.71 1.36 33.70
C ASN C 506 -22.20 1.72 32.32
N THR C 507 -23.17 2.63 32.21
CA THR C 507 -23.87 2.84 30.95
C THR C 507 -22.93 3.33 29.85
N TYR C 508 -23.45 3.33 28.63
CA TYR C 508 -22.63 3.67 27.47
C TYR C 508 -22.06 5.08 27.59
N ASP C 509 -22.89 6.02 28.04
CA ASP C 509 -22.48 7.42 28.04
C ASP C 509 -21.19 7.61 28.81
N TYR C 510 -21.12 7.10 30.04
CA TYR C 510 -19.88 7.17 30.79
C TYR C 510 -18.78 6.42 30.06
N MET C 511 -19.07 5.21 29.58
CA MET C 511 -18.04 4.40 28.97
C MET C 511 -17.38 5.12 27.81
N ASN C 512 -18.09 6.07 27.20
CA ASN C 512 -17.60 6.76 26.03
C ASN C 512 -16.97 8.11 26.37
N LYS C 513 -17.71 8.98 27.03
CA LYS C 513 -17.34 10.39 27.13
C LYS C 513 -16.16 10.65 28.05
N ARG C 514 -15.47 9.63 28.52
CA ARG C 514 -14.22 9.88 29.21
C ARG C 514 -13.07 9.96 28.21
N VAL C 515 -11.94 10.47 28.67
CA VAL C 515 -10.80 10.76 27.81
C VAL C 515 -9.55 10.19 28.43
N VAL C 516 -8.70 9.60 27.60
CA VAL C 516 -7.47 8.96 28.05
C VAL C 516 -6.30 9.53 27.26
N ALA C 517 -5.29 9.99 27.97
CA ALA C 517 -4.19 10.73 27.37
C ALA C 517 -3.37 9.84 26.44
N PRO C 518 -3.23 10.19 25.15
CA PRO C 518 -2.37 9.40 24.27
C PRO C 518 -0.90 9.46 24.60
N GLY C 519 -0.52 10.16 25.67
CA GLY C 519 0.87 10.14 26.09
C GLY C 519 1.28 8.90 26.86
N LEU C 520 0.31 8.21 27.48
CA LEU C 520 0.64 7.00 28.23
C LEU C 520 1.25 5.95 27.31
N VAL C 521 0.65 5.74 26.14
CA VAL C 521 1.12 4.76 25.18
C VAL C 521 1.50 5.52 23.90
N ASP C 522 2.69 5.28 23.40
CA ASP C 522 3.23 6.07 22.31
C ASP C 522 3.85 5.17 21.25
N CYS C 523 4.58 5.74 20.31
CA CYS C 523 5.36 4.93 19.40
C CYS C 523 6.63 4.40 20.04
N TYR C 524 6.78 4.55 21.35
CA TYR C 524 8.00 4.12 22.01
C TYR C 524 7.76 3.36 23.30
N ILE C 525 6.53 2.91 23.56
CA ILE C 525 6.29 2.17 24.80
C ILE C 525 7.01 0.83 24.71
N ASN C 526 7.80 0.53 25.75
CA ASN C 526 8.59 -0.71 25.81
C ASN C 526 9.19 -1.06 24.48
N LEU C 527 9.72 -0.07 23.76
CA LEU C 527 10.07 -0.26 22.37
C LEU C 527 11.14 -1.34 22.22
N GLY C 528 10.92 -2.23 21.26
CA GLY C 528 11.84 -3.31 20.98
C GLY C 528 11.68 -4.54 21.83
N ALA C 529 10.68 -4.59 22.71
CA ALA C 529 10.51 -5.71 23.62
C ALA C 529 9.15 -6.35 23.43
N ARG C 530 9.14 -7.66 23.25
CA ARG C 530 7.91 -8.43 23.17
C ARG C 530 7.34 -8.55 24.58
N TRP C 531 6.23 -7.88 24.85
CA TRP C 531 5.83 -7.68 26.22
C TRP C 531 4.37 -7.25 26.25
N SER C 532 3.79 -7.25 27.45
CA SER C 532 2.42 -6.83 27.64
C SER C 532 2.32 -5.95 28.88
N LEU C 533 1.38 -5.01 28.83
CA LEU C 533 1.33 -3.95 29.82
C LEU C 533 0.62 -4.39 31.09
N ASP C 534 1.11 -3.90 32.23
CA ASP C 534 0.64 -4.37 33.52
C ASP C 534 -0.86 -4.15 33.69
N TYR C 535 -1.33 -2.96 33.36
CA TYR C 535 -2.74 -2.67 33.60
C TYR C 535 -3.65 -3.53 32.74
N MET C 536 -3.13 -4.06 31.63
CA MET C 536 -3.98 -4.76 30.68
C MET C 536 -4.19 -6.23 31.01
N ASP C 537 -3.25 -6.85 31.72
CA ASP C 537 -3.33 -8.29 31.96
C ASP C 537 -4.62 -8.67 32.66
N ASN C 538 -4.90 -8.03 33.79
CA ASN C 538 -6.07 -8.39 34.56
C ASN C 538 -7.35 -7.74 34.06
N VAL C 539 -7.34 -7.27 32.81
CA VAL C 539 -8.52 -6.71 32.17
C VAL C 539 -8.86 -7.61 31.00
N ASN C 540 -10.13 -7.95 30.86
CA ASN C 540 -10.52 -8.99 29.93
C ASN C 540 -10.10 -8.66 28.51
N PRO C 541 -9.40 -9.55 27.83
CA PRO C 541 -9.08 -9.34 26.41
C PRO C 541 -10.05 -9.97 25.43
N PHE C 542 -11.18 -10.52 25.88
CA PHE C 542 -12.21 -10.98 24.97
C PHE C 542 -13.27 -9.93 24.72
N ASN C 543 -13.27 -8.84 25.48
CA ASN C 543 -14.18 -7.72 25.28
C ASN C 543 -13.43 -6.69 24.47
N HIS C 544 -13.47 -6.84 23.15
CA HIS C 544 -12.59 -6.07 22.28
C HIS C 544 -13.09 -6.17 20.85
N HIS C 545 -13.24 -5.03 20.18
CA HIS C 545 -13.82 -5.04 18.85
C HIS C 545 -12.94 -5.73 17.82
N ARG C 546 -11.67 -5.99 18.12
CA ARG C 546 -10.87 -6.79 17.20
C ARG C 546 -11.25 -8.25 17.21
N ASN C 547 -12.27 -8.62 17.97
CA ASN C 547 -12.72 -9.99 18.06
C ASN C 547 -13.21 -10.48 16.70
N ALA C 548 -13.02 -11.76 16.44
CA ALA C 548 -13.50 -12.30 15.18
C ALA C 548 -14.90 -12.86 15.31
N GLY C 549 -15.10 -13.74 16.28
CA GLY C 549 -16.38 -14.40 16.42
C GLY C 549 -17.50 -13.41 16.76
N LEU C 550 -17.20 -12.44 17.62
CA LEU C 550 -18.21 -11.46 17.97
C LEU C 550 -18.59 -10.62 16.76
N ARG C 551 -17.62 -10.23 15.95
CA ARG C 551 -17.94 -9.51 14.73
C ARG C 551 -18.80 -10.34 13.81
N TYR C 552 -18.44 -11.61 13.62
CA TYR C 552 -19.21 -12.48 12.74
C TYR C 552 -20.64 -12.62 13.22
N ARG C 553 -20.83 -12.84 14.52
CA ARG C 553 -22.17 -13.00 15.06
C ARG C 553 -22.95 -11.69 15.02
N SER C 554 -22.28 -10.56 15.21
CA SER C 554 -22.99 -9.29 15.13
C SER C 554 -23.45 -9.01 13.72
N MET C 555 -22.61 -9.30 12.73
CA MET C 555 -23.01 -9.02 11.36
C MET C 555 -24.05 -10.00 10.86
N LEU C 556 -24.08 -11.23 11.38
CA LEU C 556 -24.98 -12.23 10.82
C LEU C 556 -26.44 -11.83 10.95
N LEU C 557 -26.83 -11.23 12.07
CA LEU C 557 -28.20 -10.75 12.20
C LEU C 557 -28.50 -9.68 11.16
N GLY C 558 -27.54 -8.83 10.89
CA GLY C 558 -27.68 -7.65 10.06
C GLY C 558 -26.86 -6.53 10.64
N ASN C 559 -27.25 -5.29 10.34
CA ASN C 559 -26.55 -4.17 10.95
C ASN C 559 -27.49 -3.05 11.37
N GLY C 560 -28.77 -3.31 11.49
CA GLY C 560 -29.74 -2.30 11.84
C GLY C 560 -29.86 -2.09 13.33
N ARG C 561 -31.08 -1.77 13.76
CA ARG C 561 -31.38 -1.59 15.16
C ARG C 561 -32.67 -2.28 15.60
N TYR C 562 -33.57 -2.59 14.67
CA TYR C 562 -34.79 -3.33 14.97
C TYR C 562 -34.79 -4.54 14.05
N VAL C 563 -34.60 -5.72 14.61
CA VAL C 563 -34.29 -6.91 13.84
C VAL C 563 -35.37 -7.96 14.10
N PRO C 564 -36.05 -8.47 13.07
CA PRO C 564 -36.92 -9.64 13.24
C PRO C 564 -36.10 -10.92 13.09
N PHE C 565 -36.05 -11.71 14.14
CA PHE C 565 -35.12 -12.84 14.16
C PHE C 565 -35.85 -14.17 14.07
N HIS C 566 -35.10 -15.19 13.64
CA HIS C 566 -35.67 -16.48 13.31
C HIS C 566 -34.54 -17.51 13.43
N ILE C 567 -34.61 -18.35 14.46
CA ILE C 567 -33.50 -19.23 14.82
C ILE C 567 -33.99 -20.64 15.10
N GLN C 568 -33.05 -21.57 15.17
CA GLN C 568 -33.29 -22.91 15.68
C GLN C 568 -32.21 -23.23 16.69
N VAL C 569 -32.59 -23.69 17.86
CA VAL C 569 -31.70 -23.83 19.01
C VAL C 569 -31.57 -25.31 19.35
N PRO C 570 -30.36 -25.79 19.64
CA PRO C 570 -30.16 -27.22 19.88
C PRO C 570 -30.43 -27.65 21.31
N GLN C 571 -30.13 -28.91 21.62
CA GLN C 571 -30.33 -29.50 22.93
C GLN C 571 -28.99 -30.00 23.46
N LYS C 572 -28.73 -29.78 24.75
CA LYS C 572 -27.39 -29.95 25.28
C LYS C 572 -27.25 -30.87 26.48
N PHE C 573 -28.32 -31.50 26.95
CA PHE C 573 -28.22 -32.34 28.13
C PHE C 573 -27.71 -33.72 27.76
N PHE C 574 -26.72 -34.22 28.52
CA PHE C 574 -26.17 -35.53 28.20
C PHE C 574 -27.16 -36.66 28.43
N ALA C 575 -28.17 -36.44 29.26
CA ALA C 575 -29.12 -37.50 29.53
C ALA C 575 -30.01 -37.78 28.32
N ILE C 576 -30.29 -36.77 27.51
CA ILE C 576 -31.15 -37.00 26.35
C ILE C 576 -30.54 -36.40 25.08
N LYS C 577 -29.22 -36.26 25.05
CA LYS C 577 -28.61 -35.70 23.84
C LYS C 577 -28.71 -36.67 22.68
N ASN C 578 -28.36 -37.94 22.89
CA ASN C 578 -28.31 -38.91 21.81
C ASN C 578 -29.17 -40.14 22.06
N LEU C 579 -30.06 -40.09 23.05
CA LEU C 579 -30.86 -41.26 23.39
C LEU C 579 -31.79 -41.62 22.24
N LEU C 580 -31.80 -42.88 21.86
CA LEU C 580 -32.60 -43.36 20.75
C LEU C 580 -33.96 -43.80 21.29
N LEU C 581 -34.98 -42.99 21.06
CA LEU C 581 -36.29 -43.30 21.61
C LEU C 581 -36.95 -44.42 20.82
N LEU C 582 -37.97 -45.00 21.42
CA LEU C 582 -38.73 -46.11 20.87
C LEU C 582 -40.20 -45.79 20.98
N PRO C 583 -41.05 -46.40 20.16
CA PRO C 583 -42.38 -45.84 19.92
C PRO C 583 -43.14 -45.56 21.20
N GLY C 584 -43.92 -44.48 21.19
CA GLY C 584 -44.66 -44.10 22.38
C GLY C 584 -45.18 -42.68 22.27
N SER C 585 -45.56 -42.13 23.43
CA SER C 585 -46.13 -40.80 23.52
C SER C 585 -45.55 -40.11 24.74
N TYR C 586 -45.05 -38.89 24.57
CA TYR C 586 -44.24 -38.27 25.59
C TYR C 586 -44.61 -36.81 25.76
N THR C 587 -44.30 -36.28 26.93
CA THR C 587 -44.48 -34.88 27.27
C THR C 587 -43.12 -34.22 27.33
N TYR C 588 -42.95 -33.15 26.56
CA TYR C 588 -41.67 -32.46 26.40
C TYR C 588 -41.90 -30.99 26.73
N GLU C 589 -41.32 -30.50 27.82
CA GLU C 589 -41.61 -29.14 28.27
C GLU C 589 -40.33 -28.43 28.67
N TRP C 590 -40.25 -27.14 28.36
CA TRP C 590 -38.99 -26.43 28.56
C TRP C 590 -39.22 -24.94 28.74
N ASN C 591 -38.16 -24.25 29.20
CA ASN C 591 -38.22 -22.85 29.63
C ASN C 591 -37.15 -22.01 28.94
N PHE C 592 -37.44 -20.72 28.78
CA PHE C 592 -36.50 -19.77 28.21
C PHE C 592 -36.56 -18.44 28.96
N ARG C 593 -35.45 -17.71 28.91
CA ARG C 593 -35.29 -16.44 29.59
C ARG C 593 -35.72 -15.27 28.70
N LYS C 594 -35.92 -14.11 29.34
CA LYS C 594 -36.16 -12.87 28.62
C LYS C 594 -35.16 -11.78 28.94
N ASP C 595 -34.29 -11.97 29.93
CA ASP C 595 -33.35 -10.92 30.29
C ASP C 595 -32.45 -10.61 29.11
N VAL C 596 -32.13 -9.33 28.96
CA VAL C 596 -31.33 -8.91 27.82
C VAL C 596 -29.84 -9.05 28.06
N ASN C 597 -29.39 -9.07 29.32
CA ASN C 597 -27.97 -9.22 29.57
C ASN C 597 -27.48 -10.60 29.15
N MET C 598 -28.27 -11.64 29.43
CA MET C 598 -27.76 -13.00 29.28
C MET C 598 -27.70 -13.43 27.82
N VAL C 599 -28.84 -13.40 27.12
CA VAL C 599 -28.85 -13.95 25.78
C VAL C 599 -28.09 -13.09 24.79
N LEU C 600 -27.81 -11.83 25.14
CA LEU C 600 -27.09 -10.90 24.27
C LEU C 600 -25.68 -10.69 24.79
N GLN C 601 -24.75 -10.42 23.89
CA GLN C 601 -23.43 -9.99 24.30
C GLN C 601 -23.04 -8.73 23.55
N SER C 602 -22.30 -7.87 24.25
CA SER C 602 -21.86 -6.58 23.76
C SER C 602 -20.35 -6.51 23.89
N SER C 603 -19.69 -5.95 22.88
CA SER C 603 -18.24 -5.93 22.90
C SER C 603 -17.69 -5.18 24.11
N LEU C 604 -18.45 -4.22 24.63
CA LEU C 604 -17.93 -3.36 25.68
C LEU C 604 -18.19 -3.89 27.07
N GLY C 605 -19.43 -4.26 27.37
CA GLY C 605 -19.79 -4.69 28.70
C GLY C 605 -20.61 -3.69 29.48
N ASN C 606 -21.29 -2.77 28.83
CA ASN C 606 -22.24 -1.90 29.50
C ASN C 606 -23.48 -2.69 29.88
N ASP C 607 -24.23 -2.16 30.82
CA ASP C 607 -25.54 -2.73 31.11
C ASP C 607 -26.43 -2.61 29.88
N LEU C 608 -27.31 -3.58 29.71
CA LEU C 608 -28.29 -3.52 28.63
C LEU C 608 -29.72 -3.42 29.12
N ARG C 609 -29.93 -3.29 30.42
CA ARG C 609 -31.27 -3.05 30.93
C ARG C 609 -31.54 -1.56 31.10
N VAL C 610 -30.50 -0.78 31.37
CA VAL C 610 -30.65 0.67 31.44
C VAL C 610 -30.80 1.26 30.05
N ASP C 611 -30.00 0.78 29.09
CA ASP C 611 -30.00 1.40 27.77
C ASP C 611 -31.30 1.13 27.03
N GLY C 612 -31.82 -0.08 27.11
CA GLY C 612 -33.17 -0.28 26.62
C GLY C 612 -33.33 -1.29 25.51
N ALA C 613 -32.37 -2.19 25.35
CA ALA C 613 -32.55 -3.29 24.42
C ALA C 613 -33.63 -4.24 24.94
N SER C 614 -34.41 -4.80 24.03
CA SER C 614 -35.57 -5.59 24.42
C SER C 614 -35.75 -6.72 23.43
N ILE C 615 -36.57 -7.69 23.82
CA ILE C 615 -36.69 -8.94 23.07
C ILE C 615 -38.10 -9.47 23.27
N LYS C 616 -38.62 -10.16 22.26
CA LYS C 616 -39.97 -10.70 22.39
C LYS C 616 -40.14 -11.86 21.43
N PHE C 617 -40.80 -12.91 21.90
CA PHE C 617 -41.06 -14.12 21.13
C PHE C 617 -42.50 -14.13 20.65
N ASP C 618 -42.71 -14.60 19.42
CA ASP C 618 -44.06 -14.74 18.91
C ASP C 618 -44.46 -16.19 18.68
N SER C 619 -43.70 -16.93 17.90
CA SER C 619 -44.00 -18.33 17.64
C SER C 619 -42.82 -19.19 18.04
N ILE C 620 -43.12 -20.42 18.44
CA ILE C 620 -42.09 -21.40 18.74
C ILE C 620 -42.64 -22.78 18.46
N CYS C 621 -41.93 -23.54 17.63
CA CYS C 621 -42.39 -24.85 17.18
C CYS C 621 -41.22 -25.81 17.28
N LEU C 622 -41.53 -27.11 17.34
CA LEU C 622 -40.51 -28.14 17.55
C LEU C 622 -40.35 -29.00 16.31
N TYR C 623 -39.11 -29.13 15.84
CA TYR C 623 -38.81 -29.87 14.63
C TYR C 623 -38.16 -31.20 14.98
N ALA C 624 -38.46 -32.22 14.17
CA ALA C 624 -37.85 -33.53 14.36
C ALA C 624 -37.75 -34.25 13.02
N THR C 625 -36.84 -35.21 12.95
CA THR C 625 -36.64 -35.99 11.74
C THR C 625 -36.63 -37.46 12.09
N PHE C 626 -37.02 -38.28 11.13
CA PHE C 626 -37.07 -39.72 11.29
C PHE C 626 -36.13 -40.38 10.31
N PHE C 627 -36.18 -41.70 10.24
CA PHE C 627 -35.49 -42.44 9.20
C PHE C 627 -36.55 -43.34 8.58
N PRO C 628 -36.77 -43.27 7.29
CA PRO C 628 -37.72 -44.21 6.68
C PRO C 628 -37.18 -45.62 6.67
N MET C 629 -36.93 -46.17 7.86
CA MET C 629 -36.45 -47.53 7.99
C MET C 629 -37.57 -48.51 7.65
N ALA C 630 -37.20 -49.65 7.06
CA ALA C 630 -38.19 -50.63 6.66
C ALA C 630 -39.02 -51.07 7.86
N HIS C 631 -40.31 -51.25 7.64
CA HIS C 631 -41.25 -51.51 8.73
C HIS C 631 -40.81 -52.69 9.58
N ASN C 632 -40.70 -53.88 8.97
CA ASN C 632 -40.47 -55.08 9.75
C ASN C 632 -39.11 -55.05 10.44
N THR C 633 -38.09 -54.55 9.74
CA THR C 633 -36.78 -54.45 10.35
C THR C 633 -36.80 -53.54 11.57
N ALA C 634 -37.48 -52.41 11.48
CA ALA C 634 -37.60 -51.55 12.64
C ALA C 634 -38.39 -52.22 13.75
N SER C 635 -39.37 -53.05 13.42
CA SER C 635 -40.08 -53.79 14.45
C SER C 635 -39.13 -54.74 15.18
N THR C 636 -38.31 -55.47 14.43
CA THR C 636 -37.36 -56.37 15.07
C THR C 636 -36.38 -55.58 15.93
N LEU C 637 -35.95 -54.42 15.46
CA LEU C 637 -35.02 -53.61 16.25
C LEU C 637 -35.68 -53.13 17.54
N GLU C 638 -36.94 -52.68 17.45
CA GLU C 638 -37.65 -52.27 18.65
C GLU C 638 -37.72 -53.39 19.66
N ALA C 639 -38.09 -54.59 19.19
CA ALA C 639 -38.14 -55.72 20.12
C ALA C 639 -36.77 -56.03 20.68
N MET C 640 -35.73 -55.91 19.86
CA MET C 640 -34.40 -56.24 20.30
C MET C 640 -33.94 -55.29 21.40
N LEU C 641 -34.33 -54.04 21.33
CA LEU C 641 -33.78 -53.00 22.20
C LEU C 641 -34.60 -52.82 23.46
N ARG C 642 -35.19 -53.87 24.00
CA ARG C 642 -35.95 -53.75 25.23
C ARG C 642 -35.61 -54.80 26.28
N ASN C 643 -34.64 -55.67 26.04
CA ASN C 643 -34.18 -56.56 27.09
C ASN C 643 -33.45 -55.77 28.16
N ASP C 644 -33.46 -56.29 29.38
CA ASP C 644 -32.79 -55.58 30.46
C ASP C 644 -31.29 -55.46 30.24
N THR C 645 -30.71 -56.24 29.33
CA THR C 645 -29.28 -56.21 29.08
C THR C 645 -28.91 -55.37 27.89
N ASN C 646 -29.84 -54.59 27.36
CA ASN C 646 -29.58 -53.70 26.23
C ASN C 646 -30.02 -52.28 26.58
N ASP C 647 -29.61 -51.81 27.76
CA ASP C 647 -29.94 -50.46 28.18
C ASP C 647 -29.09 -49.48 27.38
N GLN C 648 -29.14 -48.21 27.77
CA GLN C 648 -28.27 -47.20 27.19
C GLN C 648 -27.50 -46.50 28.27
N SER C 649 -26.18 -46.38 28.09
CA SER C 649 -25.32 -45.71 29.06
C SER C 649 -24.92 -44.34 28.53
N PHE C 650 -24.78 -43.37 29.42
CA PHE C 650 -24.33 -42.04 29.01
C PHE C 650 -23.55 -41.36 30.11
N ASN C 651 -22.48 -40.65 29.72
CA ASN C 651 -21.66 -39.91 30.67
C ASN C 651 -21.32 -38.54 30.10
N ASP C 652 -21.36 -37.54 30.98
CA ASP C 652 -21.05 -36.16 30.65
C ASP C 652 -19.57 -36.04 30.29
N TYR C 653 -19.22 -34.99 29.56
CA TYR C 653 -17.81 -34.79 29.26
C TYR C 653 -17.07 -34.18 30.45
N LEU C 654 -17.47 -32.99 30.87
CA LEU C 654 -16.74 -32.35 31.96
C LEU C 654 -16.77 -33.22 33.21
N SER C 655 -17.95 -33.64 33.64
CA SER C 655 -18.11 -34.70 34.62
C SER C 655 -17.39 -34.36 35.92
N ALA C 656 -17.87 -33.33 36.59
CA ALA C 656 -17.28 -32.96 37.86
C ALA C 656 -18.36 -32.34 38.73
N ALA C 657 -17.96 -31.98 39.94
CA ALA C 657 -18.74 -31.12 40.82
C ALA C 657 -18.01 -29.80 40.96
N ASN C 658 -18.75 -28.70 41.10
CA ASN C 658 -18.16 -27.38 40.99
C ASN C 658 -18.53 -26.51 42.18
N MET C 659 -17.54 -25.81 42.73
CA MET C 659 -17.75 -24.92 43.85
C MET C 659 -17.07 -23.58 43.58
N LEU C 660 -17.64 -22.52 44.16
CA LEU C 660 -17.11 -21.18 43.99
C LEU C 660 -17.02 -20.52 45.36
N TYR C 661 -15.83 -20.02 45.70
CA TYR C 661 -15.63 -19.43 47.01
C TYR C 661 -15.27 -17.94 46.88
N PRO C 662 -15.79 -17.10 47.77
CA PRO C 662 -15.59 -15.66 47.62
C PRO C 662 -14.22 -15.24 48.15
N ILE C 663 -13.51 -14.45 47.35
CA ILE C 663 -12.18 -13.94 47.65
C ILE C 663 -12.29 -12.44 47.85
N PRO C 664 -12.26 -11.95 49.09
CA PRO C 664 -12.32 -10.51 49.33
C PRO C 664 -11.15 -9.79 48.71
N ALA C 665 -11.36 -8.52 48.40
CA ALA C 665 -10.40 -7.73 47.66
C ALA C 665 -9.14 -7.48 48.48
N ASN C 666 -8.01 -7.45 47.79
CA ASN C 666 -6.70 -7.28 48.43
C ASN C 666 -6.43 -8.34 49.48
N ALA C 667 -6.85 -9.57 49.22
CA ALA C 667 -6.55 -10.70 50.09
C ALA C 667 -5.41 -11.52 49.51
N THR C 668 -4.77 -12.29 50.37
CA THR C 668 -3.64 -13.10 49.94
C THR C 668 -3.98 -14.58 49.85
N ASN C 669 -4.53 -15.18 50.90
CA ASN C 669 -4.74 -16.61 50.92
C ASN C 669 -6.18 -16.96 51.26
N VAL C 670 -6.64 -18.07 50.69
CA VAL C 670 -7.98 -18.59 50.92
C VAL C 670 -7.86 -20.03 51.41
N PRO C 671 -8.31 -20.35 52.61
CA PRO C 671 -8.36 -21.74 53.06
C PRO C 671 -9.74 -22.35 52.84
N ILE C 672 -9.77 -23.64 52.51
CA ILE C 672 -11.01 -24.39 52.40
C ILE C 672 -10.87 -25.72 53.10
N SER C 673 -12.02 -26.25 53.52
CA SER C 673 -12.09 -27.57 54.15
C SER C 673 -13.33 -28.30 53.67
N ILE C 674 -13.27 -29.62 53.72
CA ILE C 674 -14.36 -30.48 53.29
C ILE C 674 -14.53 -31.62 54.28
N PRO C 675 -15.72 -31.80 54.83
CA PRO C 675 -15.90 -32.74 55.94
C PRO C 675 -15.75 -34.18 55.50
N SER C 676 -15.47 -35.03 56.48
CA SER C 676 -15.02 -36.39 56.22
C SER C 676 -16.08 -37.20 55.47
N ARG C 677 -15.61 -38.10 54.62
CA ARG C 677 -16.49 -38.86 53.74
C ARG C 677 -15.70 -39.98 53.08
N ASN C 678 -16.38 -40.70 52.20
CA ASN C 678 -15.75 -41.67 51.32
C ASN C 678 -15.05 -40.95 50.18
N TRP C 679 -14.01 -41.57 49.64
CA TRP C 679 -13.23 -40.96 48.56
C TRP C 679 -12.88 -42.01 47.50
N ALA C 680 -13.85 -42.82 47.11
CA ALA C 680 -13.64 -43.84 46.10
C ALA C 680 -13.84 -43.27 44.70
N ALA C 681 -12.98 -43.67 43.77
CA ALA C 681 -13.07 -43.31 42.36
C ALA C 681 -12.88 -41.82 42.10
N PHE C 682 -12.35 -41.08 43.07
CA PHE C 682 -11.96 -39.70 42.83
C PHE C 682 -10.89 -39.64 41.74
N ARG C 683 -10.95 -38.61 40.90
CA ARG C 683 -10.06 -38.56 39.74
C ARG C 683 -9.07 -37.41 39.75
N GLY C 684 -9.42 -36.25 40.27
CA GLY C 684 -8.47 -35.16 40.30
C GLY C 684 -9.14 -33.81 40.52
N TRP C 685 -8.28 -32.79 40.54
CA TRP C 685 -8.69 -31.40 40.74
C TRP C 685 -8.57 -30.65 39.43
N ALA C 686 -9.41 -29.63 39.28
CA ALA C 686 -9.19 -28.58 38.31
C ALA C 686 -9.55 -27.27 38.98
N PHE C 687 -8.93 -26.17 38.57
CA PHE C 687 -9.31 -24.92 39.19
C PHE C 687 -8.89 -23.75 38.30
N THR C 688 -9.49 -22.60 38.62
CA THR C 688 -9.11 -21.30 38.07
C THR C 688 -9.79 -20.21 38.89
N ARG C 689 -9.72 -18.96 38.40
CA ARG C 689 -10.13 -17.77 39.15
C ARG C 689 -10.92 -16.83 38.26
N LEU C 690 -11.97 -16.21 38.81
CA LEU C 690 -12.89 -15.36 38.06
C LEU C 690 -13.13 -14.05 38.79
N LYS C 691 -13.64 -13.06 38.05
CA LYS C 691 -14.09 -11.81 38.63
C LYS C 691 -15.53 -11.94 39.12
N THR C 692 -15.82 -11.34 40.27
CA THR C 692 -17.12 -11.55 40.90
C THR C 692 -18.25 -11.00 40.04
N LYS C 693 -18.15 -9.74 39.65
CA LYS C 693 -19.25 -9.14 38.92
C LYS C 693 -19.41 -9.72 37.53
N GLU C 694 -18.54 -10.64 37.12
CA GLU C 694 -18.63 -11.32 35.83
C GLU C 694 -19.17 -12.73 35.97
N THR C 695 -20.04 -12.99 36.93
CA THR C 695 -20.58 -14.34 37.05
C THR C 695 -21.99 -14.31 37.60
N PRO C 696 -22.96 -14.80 36.86
CA PRO C 696 -24.35 -14.68 37.30
C PRO C 696 -24.57 -15.46 38.58
N SER C 697 -25.49 -14.97 39.41
CA SER C 697 -25.97 -15.74 40.54
C SER C 697 -27.08 -16.65 40.02
N LEU C 698 -26.65 -17.75 39.38
CA LEU C 698 -27.57 -18.68 38.77
C LEU C 698 -28.44 -19.36 39.83
N GLY C 699 -29.38 -20.15 39.36
CA GLY C 699 -30.27 -20.84 40.26
C GLY C 699 -31.56 -20.09 40.49
N SER C 700 -31.48 -18.91 41.08
CA SER C 700 -32.66 -18.10 41.25
C SER C 700 -33.24 -17.75 39.89
N GLY C 701 -34.55 -17.49 39.85
CA GLY C 701 -35.22 -17.33 38.57
C GLY C 701 -34.66 -16.17 37.76
N TYR C 702 -34.52 -15.01 38.40
CA TYR C 702 -34.08 -13.81 37.71
C TYR C 702 -33.16 -13.05 38.64
N ASP C 703 -32.02 -12.58 38.12
CA ASP C 703 -31.02 -11.92 38.93
C ASP C 703 -31.02 -10.43 38.65
N PRO C 704 -31.75 -9.63 39.43
CA PRO C 704 -31.73 -8.18 39.20
C PRO C 704 -30.39 -7.55 39.49
N TYR C 705 -29.50 -8.18 40.23
CA TYR C 705 -28.26 -7.53 40.59
C TYR C 705 -27.13 -7.84 39.61
N TYR C 706 -27.44 -8.47 38.49
CA TYR C 706 -26.47 -8.73 37.44
C TYR C 706 -26.54 -7.56 36.46
N THR C 707 -25.45 -6.81 36.36
CA THR C 707 -25.41 -5.54 35.65
C THR C 707 -24.26 -5.50 34.67
N TYR C 708 -24.15 -6.52 33.82
CA TYR C 708 -22.99 -6.65 32.97
C TYR C 708 -23.37 -7.45 31.74
N SER C 709 -22.57 -7.33 30.68
CA SER C 709 -22.91 -8.03 29.45
C SER C 709 -21.73 -8.61 28.69
N GLY C 710 -20.51 -8.54 29.20
CA GLY C 710 -19.39 -9.11 28.51
C GLY C 710 -19.40 -10.62 28.61
N SER C 711 -18.37 -11.23 28.02
CA SER C 711 -18.29 -12.69 27.98
C SER C 711 -18.22 -13.24 29.40
N ILE C 712 -18.90 -14.35 29.62
CA ILE C 712 -19.01 -14.92 30.96
C ILE C 712 -18.12 -16.16 31.03
N PRO C 713 -16.95 -16.07 31.64
CA PRO C 713 -16.02 -17.20 31.61
C PRO C 713 -16.60 -18.46 32.21
N TYR C 714 -17.27 -18.33 33.35
CA TYR C 714 -17.85 -19.48 34.02
C TYR C 714 -18.83 -20.24 33.13
N LEU C 715 -19.21 -19.71 31.99
CA LEU C 715 -20.07 -20.44 31.07
C LEU C 715 -19.42 -20.67 29.72
N ASP C 716 -18.82 -19.67 29.11
CA ASP C 716 -18.33 -19.84 27.74
C ASP C 716 -17.05 -20.65 27.70
N GLY C 717 -16.15 -20.45 28.66
CA GLY C 717 -14.87 -21.11 28.66
C GLY C 717 -13.67 -20.19 28.56
N THR C 718 -13.86 -18.89 28.38
CA THR C 718 -12.77 -17.94 28.23
C THR C 718 -12.19 -17.62 29.60
N PHE C 719 -11.04 -18.19 29.92
CA PHE C 719 -10.37 -17.94 31.19
C PHE C 719 -9.16 -17.04 30.95
N TYR C 720 -9.00 -16.01 31.78
CA TYR C 720 -7.94 -15.04 31.54
C TYR C 720 -7.22 -14.61 32.79
N LEU C 721 -7.32 -15.33 33.90
CA LEU C 721 -6.70 -14.88 35.14
C LEU C 721 -5.74 -15.90 35.72
N ASN C 722 -5.30 -16.88 34.93
CA ASN C 722 -4.54 -17.99 35.46
C ASN C 722 -3.25 -17.54 36.14
N HIS C 723 -2.61 -16.51 35.63
CA HIS C 723 -1.29 -16.19 36.12
C HIS C 723 -1.28 -15.59 37.50
N THR C 724 -2.39 -15.60 38.22
CA THR C 724 -2.48 -14.93 39.50
C THR C 724 -2.34 -15.86 40.70
N PHE C 725 -1.85 -17.08 40.49
CA PHE C 725 -1.76 -18.08 41.56
C PHE C 725 -0.32 -18.20 42.04
N LYS C 726 -0.13 -18.17 43.36
CA LYS C 726 1.21 -18.33 43.90
C LYS C 726 1.51 -19.78 44.26
N LYS C 727 0.64 -20.42 45.04
CA LYS C 727 0.83 -21.83 45.35
C LYS C 727 -0.44 -22.40 45.96
N VAL C 728 -0.46 -23.73 46.06
CA VAL C 728 -1.60 -24.46 46.59
C VAL C 728 -1.07 -25.64 47.41
N ALA C 729 -1.69 -25.88 48.55
CA ALA C 729 -1.29 -26.96 49.44
C ALA C 729 -2.48 -27.84 49.78
N ILE C 730 -2.26 -29.15 49.74
CA ILE C 730 -3.28 -30.14 50.02
C ILE C 730 -2.91 -30.90 51.29
N THR C 731 -3.92 -31.32 52.04
CA THR C 731 -3.65 -32.01 53.30
C THR C 731 -4.83 -32.89 53.66
N PHE C 732 -4.55 -34.12 54.03
CA PHE C 732 -5.55 -35.10 54.42
C PHE C 732 -5.51 -35.31 55.92
N ASP C 733 -6.67 -35.22 56.56
CA ASP C 733 -6.84 -35.61 57.96
C ASP C 733 -5.87 -34.89 58.89
N SER C 734 -5.60 -33.62 58.60
CA SER C 734 -4.92 -32.71 59.52
C SER C 734 -3.45 -33.02 59.77
N SER C 735 -2.94 -34.14 59.27
CA SER C 735 -1.50 -34.37 59.39
C SER C 735 -0.87 -35.02 58.17
N VAL C 736 -1.52 -35.22 57.03
CA VAL C 736 -0.81 -35.79 55.83
C VAL C 736 -0.11 -34.88 54.76
N SER C 737 -0.32 -35.11 53.44
CA SER C 737 0.28 -34.33 52.31
C SER C 737 0.20 -35.13 51.00
N TRP C 738 -0.87 -35.03 50.21
CA TRP C 738 -1.08 -35.93 49.05
C TRP C 738 -0.07 -36.03 47.98
N PRO C 739 0.68 -34.99 47.78
CA PRO C 739 1.72 -35.24 46.81
C PRO C 739 2.47 -36.24 47.57
N GLY C 740 2.86 -35.90 48.79
CA GLY C 740 3.53 -36.84 49.67
C GLY C 740 4.77 -37.58 49.32
N ASN C 741 5.33 -38.25 50.30
CA ASN C 741 6.50 -39.06 50.07
C ASN C 741 7.57 -38.41 49.23
N ASP C 742 8.42 -37.59 49.83
CA ASP C 742 9.54 -36.97 49.13
C ASP C 742 9.54 -37.11 47.64
N ARG C 743 8.42 -36.85 47.03
CA ARG C 743 8.27 -36.98 45.58
C ARG C 743 8.87 -35.80 44.84
N LEU C 744 8.52 -34.57 45.25
CA LEU C 744 8.84 -33.37 44.52
C LEU C 744 9.98 -32.58 45.17
N LEU C 745 10.52 -31.63 44.40
CA LEU C 745 11.61 -30.81 44.93
C LEU C 745 11.18 -30.03 46.15
N THR C 746 9.99 -29.45 46.12
CA THR C 746 9.45 -28.76 47.27
C THR C 746 8.30 -29.59 47.81
N PRO C 747 8.60 -30.65 48.55
CA PRO C 747 7.63 -31.75 48.70
C PRO C 747 6.31 -31.35 49.32
N ASN C 748 6.26 -30.31 50.15
CA ASN C 748 5.05 -30.05 50.89
C ASN C 748 3.94 -29.46 50.02
N GLU C 749 4.29 -28.70 48.98
CA GLU C 749 3.26 -28.09 48.15
C GLU C 749 3.84 -27.70 46.81
N PHE C 750 2.95 -27.47 45.84
CA PHE C 750 3.36 -27.11 44.50
C PHE C 750 3.65 -25.62 44.40
N GLU C 751 4.74 -25.27 43.73
CA GLU C 751 5.11 -23.87 43.53
C GLU C 751 5.04 -23.54 42.05
N ILE C 752 4.32 -22.47 41.72
CA ILE C 752 4.02 -22.14 40.34
C ILE C 752 4.80 -20.91 39.88
N LYS C 753 5.18 -20.05 40.82
CA LYS C 753 6.03 -18.92 40.47
C LYS C 753 6.79 -18.46 41.70
N ARG C 754 7.89 -17.75 41.48
CA ARG C 754 8.81 -17.42 42.56
C ARG C 754 9.31 -15.98 42.45
N SER C 755 9.80 -15.49 43.57
CA SER C 755 10.59 -14.28 43.67
C SER C 755 12.07 -14.64 43.49
N VAL C 756 12.96 -13.75 43.90
CA VAL C 756 14.36 -13.75 43.44
C VAL C 756 15.00 -15.12 43.64
N ASP C 757 15.12 -15.56 44.89
CA ASP C 757 16.06 -16.63 45.23
C ASP C 757 15.78 -17.91 44.47
N GLY C 758 14.56 -18.08 43.99
CA GLY C 758 14.21 -19.26 43.24
C GLY C 758 14.72 -19.18 41.82
N GLU C 759 15.82 -18.48 41.62
CA GLU C 759 16.42 -18.39 40.31
C GLU C 759 17.11 -19.67 39.87
N GLY C 760 17.23 -20.66 40.77
CA GLY C 760 17.76 -21.95 40.37
C GLY C 760 16.72 -22.87 39.78
N TYR C 761 15.46 -22.69 40.15
CA TYR C 761 14.42 -23.67 39.87
C TYR C 761 13.50 -23.30 38.72
N ASN C 762 13.83 -22.28 37.94
CA ASN C 762 12.92 -21.84 36.89
C ASN C 762 13.30 -22.47 35.54
N VAL C 763 12.31 -22.66 34.69
CA VAL C 763 12.53 -23.34 33.42
C VAL C 763 11.79 -22.59 32.32
N ALA C 764 12.31 -22.73 31.10
CA ALA C 764 11.72 -22.16 29.88
C ALA C 764 11.85 -20.65 29.83
N GLN C 765 12.91 -20.10 30.42
CA GLN C 765 13.19 -18.68 30.36
C GLN C 765 12.00 -17.86 30.83
N CYS C 766 11.46 -18.23 31.99
CA CYS C 766 10.36 -17.51 32.60
C CYS C 766 10.49 -17.70 34.10
N ASN C 767 9.41 -17.42 34.83
CA ASN C 767 9.43 -17.56 36.29
C ASN C 767 8.62 -18.76 36.75
N MET C 768 8.61 -19.84 35.97
CA MET C 768 7.85 -21.04 36.30
C MET C 768 8.79 -22.11 36.86
N THR C 769 8.44 -22.63 38.03
CA THR C 769 9.24 -23.68 38.66
C THR C 769 9.20 -24.94 37.82
N LYS C 770 10.29 -25.70 37.86
CA LYS C 770 10.40 -26.88 37.01
C LYS C 770 9.27 -27.84 37.27
N ASP C 771 8.98 -28.12 38.54
CA ASP C 771 8.08 -29.22 38.85
C ASP C 771 6.68 -28.96 38.34
N TRP C 772 6.22 -27.71 38.38
CA TRP C 772 4.88 -27.46 37.84
C TRP C 772 4.85 -27.68 36.34
N PHE C 773 5.90 -27.27 35.63
CA PHE C 773 5.97 -27.56 34.22
C PHE C 773 5.88 -29.06 33.99
N LEU C 774 6.63 -29.83 34.78
CA LEU C 774 6.60 -31.28 34.66
C LEU C 774 5.19 -31.81 34.88
N VAL C 775 4.53 -31.38 35.96
CA VAL C 775 3.23 -31.92 36.29
C VAL C 775 2.24 -31.65 35.16
N GLN C 776 2.25 -30.43 34.65
CA GLN C 776 1.27 -30.10 33.62
C GLN C 776 1.57 -30.84 32.33
N MET C 777 2.83 -30.91 31.94
CA MET C 777 3.16 -31.66 30.75
C MET C 777 2.67 -33.11 30.85
N LEU C 778 2.99 -33.77 31.97
CA LEU C 778 2.55 -35.14 32.15
C LEU C 778 1.04 -35.24 32.09
N ALA C 779 0.35 -34.55 32.99
CA ALA C 779 -1.08 -34.75 33.13
C ALA C 779 -1.84 -34.33 31.88
N ASN C 780 -1.23 -33.56 30.99
CA ASN C 780 -1.97 -33.28 29.77
C ASN C 780 -1.63 -34.24 28.65
N TYR C 781 -0.36 -34.62 28.49
CA TYR C 781 -0.01 -35.42 27.34
C TYR C 781 0.89 -36.61 27.65
N ASN C 782 1.00 -37.01 28.92
CA ASN C 782 1.76 -38.19 29.30
C ASN C 782 3.18 -38.15 28.72
N ILE C 783 3.77 -36.97 28.75
CA ILE C 783 5.11 -36.76 28.20
C ILE C 783 5.97 -36.09 29.25
N GLY C 784 7.20 -36.56 29.40
CA GLY C 784 8.08 -35.98 30.39
C GLY C 784 9.04 -36.95 31.06
N TYR C 785 8.73 -38.24 31.01
CA TYR C 785 9.71 -39.21 31.48
C TYR C 785 10.72 -39.56 30.41
N GLN C 786 10.59 -39.00 29.22
CA GLN C 786 11.47 -39.28 28.10
C GLN C 786 11.94 -38.00 27.44
N GLY C 787 12.07 -36.92 28.22
CA GLY C 787 12.51 -35.66 27.67
C GLY C 787 11.41 -34.94 26.93
N PHE C 788 11.40 -33.61 27.00
CA PHE C 788 10.30 -32.84 26.46
C PHE C 788 10.49 -32.59 24.97
N TYR C 789 9.38 -32.29 24.31
CA TYR C 789 9.36 -31.85 22.91
C TYR C 789 7.93 -31.41 22.61
N ILE C 790 7.67 -31.08 21.35
CA ILE C 790 6.39 -30.49 20.96
C ILE C 790 5.41 -31.62 20.65
N PRO C 791 4.33 -31.76 21.41
CA PRO C 791 3.36 -32.80 21.12
C PRO C 791 2.70 -32.58 19.77
N GLU C 792 2.27 -33.67 19.15
CA GLU C 792 1.74 -33.61 17.80
C GLU C 792 0.45 -32.80 17.77
N SER C 793 0.03 -32.44 16.55
CA SER C 793 -1.09 -31.52 16.39
C SER C 793 -2.39 -32.13 16.88
N TYR C 794 -2.61 -33.41 16.61
CA TYR C 794 -3.89 -34.02 16.99
C TYR C 794 -4.06 -34.05 18.50
N LYS C 795 -2.99 -34.34 19.23
CA LYS C 795 -3.08 -34.59 20.66
C LYS C 795 -3.19 -33.32 21.46
N ASP C 796 -3.12 -32.16 20.81
CA ASP C 796 -3.18 -30.86 21.47
C ASP C 796 -4.28 -30.03 20.81
N ARG C 797 -5.46 -30.00 21.43
CA ARG C 797 -6.59 -29.27 20.86
C ARG C 797 -6.54 -27.83 21.31
N MET C 798 -7.62 -27.08 21.06
CA MET C 798 -7.61 -25.63 21.26
C MET C 798 -7.45 -25.26 22.73
N TYR C 799 -8.15 -25.94 23.62
CA TYR C 799 -8.05 -25.61 25.05
C TYR C 799 -6.97 -26.44 25.72
N SER C 800 -5.78 -26.49 25.15
CA SER C 800 -4.74 -27.31 25.71
C SER C 800 -3.95 -26.51 26.73
N PHE C 801 -2.80 -27.03 27.16
CA PHE C 801 -1.85 -26.24 27.92
C PHE C 801 -0.71 -25.74 27.06
N PHE C 802 -0.44 -26.36 25.92
CA PHE C 802 0.68 -25.94 25.12
C PHE C 802 0.28 -25.15 23.89
N ARG C 803 -1.01 -24.97 23.66
CA ARG C 803 -1.40 -23.97 22.68
C ARG C 803 -1.24 -22.57 23.23
N ASN C 804 -1.31 -22.41 24.55
CA ASN C 804 -1.49 -21.12 25.19
C ASN C 804 -0.34 -20.68 26.07
N PHE C 805 0.78 -21.39 26.08
CA PHE C 805 1.91 -20.95 26.91
C PHE C 805 2.57 -19.74 26.28
N GLN C 806 2.90 -18.74 27.12
CA GLN C 806 3.63 -17.57 26.63
C GLN C 806 4.63 -17.06 27.67
N PRO C 807 5.92 -17.07 27.37
CA PRO C 807 6.90 -16.37 28.21
C PRO C 807 7.22 -14.98 27.71
N MET C 808 7.57 -14.08 28.63
CA MET C 808 7.82 -12.68 28.28
C MET C 808 8.90 -12.11 29.18
N SER C 809 9.70 -11.19 28.61
CA SER C 809 10.82 -10.58 29.32
C SER C 809 11.05 -9.16 28.80
N ARG C 810 11.70 -8.35 29.64
CA ARG C 810 12.07 -6.99 29.24
C ARG C 810 13.11 -6.43 30.23
N GLN C 811 13.63 -5.24 29.89
CA GLN C 811 14.53 -4.51 30.76
C GLN C 811 13.93 -3.16 31.11
N VAL C 812 14.37 -2.60 32.24
CA VAL C 812 14.10 -1.23 32.61
C VAL C 812 15.35 -0.66 33.28
N VAL C 813 15.26 0.58 33.70
CA VAL C 813 16.37 1.31 34.29
C VAL C 813 16.44 1.04 35.78
N ASP C 814 17.66 0.86 36.29
CA ASP C 814 17.87 0.70 37.73
C ASP C 814 17.49 1.99 38.45
N ASP C 815 17.09 1.84 39.72
CA ASP C 815 16.69 2.99 40.52
C ASP C 815 17.74 3.45 41.50
N THR C 816 18.83 2.71 41.65
CA THR C 816 19.83 3.05 42.66
C THR C 816 21.22 3.12 42.06
N LYS C 817 21.48 2.34 41.03
CA LYS C 817 22.80 2.34 40.42
C LYS C 817 22.96 3.38 39.33
N TYR C 818 21.87 4.02 38.91
CA TYR C 818 21.94 5.13 37.96
C TYR C 818 21.92 6.42 38.75
N LYS C 819 23.01 7.18 38.66
CA LYS C 819 23.17 8.33 39.55
C LYS C 819 22.12 9.40 39.32
N ASP C 820 21.58 9.50 38.10
CA ASP C 820 20.78 10.66 37.73
C ASP C 820 19.29 10.37 37.64
N TYR C 821 18.84 9.22 38.12
CA TYR C 821 17.43 8.85 37.95
C TYR C 821 16.53 9.91 38.55
N GLN C 822 15.55 10.36 37.75
CA GLN C 822 14.64 11.42 38.15
C GLN C 822 13.23 11.02 37.74
N GLN C 823 12.40 10.67 38.72
CA GLN C 823 11.04 10.25 38.44
C GLN C 823 10.24 11.39 37.83
N VAL C 824 9.95 11.31 36.54
CA VAL C 824 9.20 12.32 35.84
C VAL C 824 7.78 11.82 35.65
N GLY C 825 6.81 12.58 36.13
CA GLY C 825 5.42 12.18 36.02
C GLY C 825 4.96 12.09 34.58
N ILE C 826 3.65 11.91 34.44
CA ILE C 826 3.06 11.89 33.10
C ILE C 826 2.91 13.30 32.56
N ILE C 827 2.51 14.24 33.42
CA ILE C 827 2.19 15.57 32.96
C ILE C 827 3.40 16.24 32.32
N HIS C 828 4.59 15.98 32.81
CA HIS C 828 5.78 16.70 32.37
C HIS C 828 6.64 15.87 31.42
N GLN C 829 6.05 15.08 30.56
CA GLN C 829 6.79 14.34 29.55
C GLN C 829 6.57 14.99 28.19
N HIS C 830 7.60 14.98 27.35
CA HIS C 830 7.41 15.47 25.98
C HIS C 830 8.36 14.74 25.04
N ASN C 831 7.78 13.91 24.17
CA ASN C 831 8.49 13.34 23.05
C ASN C 831 7.61 13.54 21.83
N ASN C 832 8.24 13.78 20.69
CA ASN C 832 7.55 14.39 19.55
C ASN C 832 6.83 15.64 19.99
N SER C 833 7.48 16.41 20.85
CA SER C 833 6.91 17.65 21.31
C SER C 833 6.70 18.61 20.15
N GLY C 834 5.61 19.34 20.19
CA GLY C 834 5.35 20.30 19.14
C GLY C 834 4.68 19.75 17.91
N PHE C 835 4.19 18.51 17.93
CA PHE C 835 3.44 18.01 16.80
C PHE C 835 2.25 17.14 17.20
N VAL C 836 1.87 17.11 18.47
CA VAL C 836 0.74 16.30 18.91
C VAL C 836 0.05 16.99 20.07
N GLY C 837 -1.04 16.42 20.54
CA GLY C 837 -1.82 17.04 21.59
C GLY C 837 -1.07 17.10 22.90
N TYR C 838 -1.80 17.54 23.92
CA TYR C 838 -1.29 17.59 25.29
C TYR C 838 -2.32 16.94 26.19
N LEU C 839 -2.07 15.69 26.57
CA LEU C 839 -2.98 14.92 27.41
C LEU C 839 -4.37 14.89 26.81
N ALA C 840 -4.43 14.68 25.51
CA ALA C 840 -5.69 14.54 24.80
C ALA C 840 -5.44 14.20 23.33
N PRO C 841 -6.44 13.73 22.62
CA PRO C 841 -6.36 13.68 21.15
C PRO C 841 -6.93 14.93 20.50
N THR C 842 -6.20 16.03 20.57
CA THR C 842 -6.72 17.32 20.13
C THR C 842 -5.81 17.95 19.09
N MET C 843 -6.08 19.22 18.80
CA MET C 843 -5.28 20.00 17.86
C MET C 843 -3.82 19.98 18.28
N ARG C 844 -2.93 19.80 17.31
CA ARG C 844 -1.51 19.83 17.59
C ARG C 844 -1.13 21.17 18.23
N GLU C 845 0.02 21.19 18.89
CA GLU C 845 0.43 22.36 19.64
C GLU C 845 1.92 22.26 19.93
N GLY C 846 2.47 23.34 20.49
CA GLY C 846 3.79 23.33 21.06
C GLY C 846 4.90 23.59 20.05
N GLN C 847 6.05 24.01 20.58
CA GLN C 847 7.22 24.22 19.75
C GLN C 847 7.99 22.94 19.66
N ALA C 848 9.25 23.02 19.28
CA ALA C 848 10.08 21.82 19.26
C ALA C 848 11.11 22.04 20.32
N TYR C 849 11.97 21.06 20.59
CA TYR C 849 12.96 21.17 21.62
C TYR C 849 13.23 19.75 21.97
N PRO C 850 14.49 19.37 22.02
CA PRO C 850 14.86 17.98 22.30
C PRO C 850 13.98 17.29 23.35
N ALA C 851 13.77 15.98 23.24
CA ALA C 851 12.88 15.25 24.13
C ALA C 851 13.47 14.72 25.40
N ASN C 852 12.60 14.31 26.32
CA ASN C 852 13.07 13.84 27.60
C ASN C 852 12.38 12.61 28.10
N VAL C 853 12.41 11.48 27.41
CA VAL C 853 11.70 10.37 27.99
C VAL C 853 12.22 8.97 27.77
N PRO C 854 11.87 8.37 26.65
CA PRO C 854 12.30 6.98 26.59
C PRO C 854 13.76 6.94 26.89
N TYR C 855 14.16 6.49 28.08
CA TYR C 855 15.57 6.55 28.44
C TYR C 855 16.31 5.74 27.43
N PRO C 856 17.61 5.87 27.41
CA PRO C 856 18.25 5.14 26.33
C PRO C 856 18.71 3.80 26.82
N LEU C 857 18.20 2.71 26.26
CA LEU C 857 18.52 1.38 26.74
C LEU C 857 19.64 0.73 25.94
N ILE C 858 19.96 1.26 24.77
CA ILE C 858 20.97 0.67 23.90
C ILE C 858 22.03 1.72 23.64
N GLY C 859 23.03 1.40 22.84
CA GLY C 859 23.94 2.41 22.36
C GLY C 859 25.04 2.74 23.33
N LYS C 860 25.92 3.64 22.88
CA LYS C 860 27.22 3.82 23.50
C LYS C 860 27.12 4.20 24.97
N THR C 861 26.02 4.83 25.38
CA THR C 861 25.89 5.32 26.75
C THR C 861 24.55 4.92 27.34
N ALA C 862 24.21 3.64 27.21
CA ALA C 862 22.94 3.16 27.74
C ALA C 862 22.95 3.17 29.27
N VAL C 863 21.76 3.23 29.84
CA VAL C 863 21.57 3.27 31.28
C VAL C 863 21.86 1.89 31.88
N ASP C 864 21.94 1.82 33.20
CA ASP C 864 22.11 0.54 33.90
C ASP C 864 20.75 -0.10 34.13
N SER C 865 20.63 -1.37 33.76
CA SER C 865 19.34 -2.00 33.60
C SER C 865 19.13 -3.13 34.59
N ILE C 866 17.84 -3.41 34.84
CA ILE C 866 17.41 -4.61 35.53
C ILE C 866 16.35 -5.29 34.66
N THR C 867 16.05 -6.54 34.98
CA THR C 867 15.27 -7.40 34.12
C THR C 867 13.97 -7.84 34.78
N GLN C 868 12.94 -8.03 33.96
CA GLN C 868 11.66 -8.52 34.46
C GLN C 868 11.14 -9.61 33.53
N LYS C 869 10.62 -10.68 34.13
CA LYS C 869 10.11 -11.84 33.42
C LYS C 869 8.74 -12.23 33.97
N LYS C 870 7.89 -12.75 33.09
CA LYS C 870 6.62 -13.33 33.53
C LYS C 870 6.07 -14.19 32.39
N PHE C 871 4.84 -14.68 32.59
CA PHE C 871 4.25 -15.58 31.60
C PHE C 871 2.76 -15.31 31.53
N LEU C 872 2.13 -15.95 30.55
CA LEU C 872 0.71 -15.76 30.27
C LEU C 872 0.19 -17.03 29.61
N CYS C 873 -0.81 -17.65 30.23
CA CYS C 873 -1.42 -18.86 29.71
C CYS C 873 -2.93 -18.83 29.86
N ASP C 874 -3.56 -17.74 29.43
CA ASP C 874 -5.01 -17.66 29.48
C ASP C 874 -5.66 -18.79 28.67
N ARG C 875 -6.95 -19.00 28.94
CA ARG C 875 -7.77 -19.91 28.13
C ARG C 875 -7.34 -21.37 28.31
N THR C 876 -7.03 -21.76 29.55
CA THR C 876 -6.73 -23.14 29.89
C THR C 876 -6.98 -23.34 31.37
N LEU C 877 -7.17 -24.58 31.75
CA LEU C 877 -7.57 -24.91 33.11
C LEU C 877 -6.40 -25.47 33.90
N TRP C 878 -6.22 -24.98 35.13
CA TRP C 878 -5.13 -25.49 35.94
C TRP C 878 -5.56 -26.81 36.57
N ARG C 879 -5.04 -27.93 36.08
CA ARG C 879 -5.52 -29.24 36.52
C ARG C 879 -4.48 -29.98 37.33
N ILE C 880 -4.91 -31.10 37.91
CA ILE C 880 -4.07 -31.94 38.75
C ILE C 880 -4.69 -33.33 38.78
N PRO C 881 -3.93 -34.38 38.49
CA PRO C 881 -4.48 -35.74 38.51
C PRO C 881 -4.24 -36.44 39.83
N PHE C 882 -5.18 -37.34 40.15
CA PHE C 882 -5.17 -38.09 41.42
C PHE C 882 -4.51 -39.45 41.25
N SER C 883 -3.31 -39.50 40.72
CA SER C 883 -2.62 -40.76 40.49
C SER C 883 -1.35 -40.82 41.31
N SER C 884 -0.62 -41.90 41.14
CA SER C 884 0.62 -42.06 41.89
C SER C 884 1.82 -41.47 41.16
N ASN C 885 1.79 -41.46 39.84
CA ASN C 885 2.89 -40.90 39.06
C ASN C 885 2.37 -39.94 38.00
N PHE C 886 1.25 -39.30 38.27
CA PHE C 886 0.75 -38.14 37.52
C PHE C 886 0.43 -38.45 36.07
N MET C 887 0.59 -39.68 35.62
CA MET C 887 0.28 -40.03 34.25
C MET C 887 -1.20 -40.38 34.15
N SER C 888 -1.70 -40.41 32.93
CA SER C 888 -3.08 -40.81 32.67
C SER C 888 -3.07 -42.22 32.08
N MET C 889 -3.00 -43.22 32.95
CA MET C 889 -2.94 -44.61 32.50
C MET C 889 -4.31 -45.22 32.27
N GLY C 890 -5.37 -44.53 32.65
CA GLY C 890 -6.70 -45.04 32.41
C GLY C 890 -7.73 -44.17 33.08
N ALA C 891 -8.98 -44.41 32.87
CA ALA C 891 -9.88 -43.53 33.55
C ALA C 891 -10.35 -43.99 34.91
N LEU C 892 -9.50 -44.43 35.81
CA LEU C 892 -9.99 -44.80 37.14
C LEU C 892 -8.93 -44.52 38.13
N THR C 893 -7.71 -44.66 37.71
CA THR C 893 -6.61 -44.27 38.56
C THR C 893 -6.25 -45.16 39.73
N ASP C 894 -5.03 -45.64 39.71
CA ASP C 894 -4.57 -46.46 40.79
C ASP C 894 -5.11 -46.01 42.10
N LEU C 895 -4.66 -44.88 42.56
CA LEU C 895 -5.04 -44.41 43.87
C LEU C 895 -6.51 -44.31 44.03
N GLY C 896 -7.28 -44.74 43.06
CA GLY C 896 -8.70 -44.72 43.28
C GLY C 896 -9.16 -46.14 43.45
N GLN C 897 -8.59 -47.04 42.68
CA GLN C 897 -9.02 -48.40 42.71
C GLN C 897 -8.51 -48.89 43.99
N ASN C 898 -7.53 -48.24 44.58
CA ASN C 898 -7.13 -48.71 45.88
C ASN C 898 -8.44 -48.78 46.54
N LEU C 899 -9.41 -48.02 46.06
CA LEU C 899 -10.76 -48.04 46.61
C LEU C 899 -10.53 -47.63 47.97
N LEU C 900 -9.30 -47.29 48.23
CA LEU C 900 -9.02 -47.04 49.56
C LEU C 900 -9.54 -48.38 50.16
N TYR C 901 -9.02 -49.52 49.69
CA TYR C 901 -9.49 -50.83 50.16
C TYR C 901 -10.89 -50.61 50.38
N ALA C 902 -11.51 -50.02 49.38
CA ALA C 902 -12.90 -49.69 49.50
C ALA C 902 -13.42 -49.63 50.95
N ASN C 903 -12.64 -49.11 51.90
CA ASN C 903 -13.16 -48.93 53.25
C ASN C 903 -12.27 -48.06 54.06
N SER C 904 -12.65 -46.81 54.21
CA SER C 904 -11.90 -45.87 55.04
C SER C 904 -12.69 -44.58 55.10
N ALA C 905 -11.98 -43.46 55.21
CA ALA C 905 -12.67 -42.19 55.30
C ALA C 905 -11.73 -41.03 55.56
N HIS C 906 -12.00 -39.85 55.01
CA HIS C 906 -11.20 -38.67 55.33
C HIS C 906 -11.83 -37.31 55.07
N ALA C 907 -11.27 -36.25 55.66
CA ALA C 907 -11.66 -34.87 55.42
C ALA C 907 -10.47 -34.12 54.85
N LEU C 908 -10.74 -33.12 54.01
CA LEU C 908 -9.72 -32.53 53.16
C LEU C 908 -9.51 -31.05 53.47
N ASP C 909 -8.26 -30.63 53.60
CA ASP C 909 -7.89 -29.24 53.78
C ASP C 909 -7.09 -28.77 52.58
N MET C 910 -7.43 -27.60 52.04
CA MET C 910 -6.66 -26.99 50.98
C MET C 910 -6.37 -25.54 51.35
N THR C 911 -5.22 -25.06 50.90
CA THR C 911 -4.84 -23.67 51.13
C THR C 911 -4.35 -23.09 49.82
N PHE C 912 -4.86 -21.92 49.46
CA PHE C 912 -4.48 -21.25 48.22
C PHE C 912 -3.81 -19.93 48.55
N GLU C 913 -2.65 -19.68 47.97
CA GLU C 913 -1.99 -18.38 48.05
C GLU C 913 -1.95 -17.78 46.65
N VAL C 914 -2.51 -16.58 46.52
CA VAL C 914 -2.75 -15.95 45.23
C VAL C 914 -2.17 -14.54 45.23
N ASP C 915 -2.24 -13.90 44.07
CA ASP C 915 -1.82 -12.53 43.87
C ASP C 915 -2.94 -11.57 44.25
N PRO C 916 -2.60 -10.35 44.64
CA PRO C 916 -3.63 -9.42 45.11
C PRO C 916 -4.36 -8.76 43.95
N MET C 917 -5.64 -8.52 44.16
CA MET C 917 -6.47 -7.80 43.21
C MET C 917 -7.41 -6.89 43.96
N ASP C 918 -7.83 -5.82 43.30
CA ASP C 918 -8.56 -4.72 43.92
C ASP C 918 -10.05 -4.82 43.69
N GLU C 919 -10.58 -6.04 43.68
CA GLU C 919 -11.98 -6.24 43.39
C GLU C 919 -12.34 -7.64 43.86
N PRO C 920 -13.48 -7.82 44.53
CA PRO C 920 -13.83 -9.15 45.00
C PRO C 920 -13.87 -10.14 43.84
N THR C 921 -13.42 -11.36 44.09
CA THR C 921 -13.31 -12.34 43.03
C THR C 921 -13.87 -13.68 43.49
N LEU C 922 -14.00 -14.60 42.54
CA LEU C 922 -14.51 -15.92 42.82
C LEU C 922 -13.45 -16.96 42.52
N LEU C 923 -13.30 -17.92 43.42
CA LEU C 923 -12.37 -19.02 43.26
C LEU C 923 -13.15 -20.23 42.79
N TYR C 924 -12.77 -20.77 41.63
CA TYR C 924 -13.55 -21.79 40.95
C TYR C 924 -12.83 -23.11 41.03
N VAL C 925 -13.44 -24.08 41.71
CA VAL C 925 -12.82 -25.37 41.99
C VAL C 925 -13.70 -26.48 41.41
N LEU C 926 -13.08 -27.36 40.65
CA LEU C 926 -13.73 -28.52 40.05
C LEU C 926 -13.17 -29.80 40.65
N PHE C 927 -14.06 -30.66 41.11
CA PHE C 927 -13.70 -31.98 41.62
C PHE C 927 -14.16 -33.01 40.60
N GLU C 928 -13.21 -33.68 39.94
CA GLU C 928 -13.57 -34.64 38.92
C GLU C 928 -14.11 -35.90 39.56
N VAL C 929 -15.24 -36.40 39.04
CA VAL C 929 -15.88 -37.60 39.54
C VAL C 929 -16.40 -38.39 38.34
N PHE C 930 -17.05 -39.52 38.63
CA PHE C 930 -17.74 -40.31 37.63
C PHE C 930 -19.22 -40.02 37.71
N ASP C 931 -19.81 -39.60 36.59
CA ASP C 931 -21.24 -39.30 36.55
C ASP C 931 -21.86 -40.01 35.35
N VAL C 932 -22.75 -40.97 35.62
CA VAL C 932 -23.31 -41.80 34.57
C VAL C 932 -24.82 -41.90 34.74
N VAL C 933 -25.49 -42.16 33.62
CA VAL C 933 -26.92 -42.45 33.63
C VAL C 933 -27.16 -43.71 32.81
N ARG C 934 -28.06 -44.55 33.30
CA ARG C 934 -28.52 -45.72 32.56
C ARG C 934 -30.01 -45.57 32.26
N VAL C 935 -30.38 -45.79 31.01
CA VAL C 935 -31.72 -45.56 30.50
C VAL C 935 -32.30 -46.89 30.06
N HIS C 936 -33.53 -47.18 30.49
CA HIS C 936 -34.17 -48.47 30.27
C HIS C 936 -35.65 -48.23 30.03
N GLN C 937 -36.18 -48.76 28.92
CA GLN C 937 -37.54 -48.48 28.47
C GLN C 937 -38.26 -49.76 28.07
N PRO C 938 -38.80 -50.49 29.03
CA PRO C 938 -39.38 -51.80 28.72
C PRO C 938 -40.55 -51.81 27.76
N HIS C 939 -41.65 -51.16 28.13
CA HIS C 939 -42.90 -51.31 27.40
C HIS C 939 -43.03 -50.21 26.34
N ARG C 940 -44.23 -50.08 25.78
CA ARG C 940 -44.50 -49.05 24.79
C ARG C 940 -44.94 -47.77 25.51
N GLY C 941 -44.03 -46.82 25.62
CA GLY C 941 -44.39 -45.53 26.18
C GLY C 941 -44.00 -45.35 27.62
N VAL C 942 -42.88 -45.91 28.04
CA VAL C 942 -42.36 -45.76 29.40
C VAL C 942 -40.86 -45.56 29.31
N ILE C 943 -40.32 -44.67 30.13
CA ILE C 943 -38.88 -44.47 30.18
C ILE C 943 -38.44 -44.41 31.64
N GLU C 944 -37.44 -45.19 31.99
CA GLU C 944 -36.94 -45.27 33.35
C GLU C 944 -35.45 -44.99 33.35
N THR C 945 -34.99 -44.45 34.46
CA THR C 945 -33.64 -43.92 34.56
C THR C 945 -32.98 -44.40 35.84
N VAL C 946 -31.65 -44.41 35.82
CA VAL C 946 -30.85 -44.64 37.02
C VAL C 946 -29.64 -43.73 36.94
N TYR C 947 -29.49 -42.86 37.94
CA TYR C 947 -28.41 -41.88 37.98
C TYR C 947 -27.38 -42.27 39.03
N LEU C 948 -26.10 -42.14 38.69
CA LEU C 948 -25.05 -42.32 39.66
C LEU C 948 -24.02 -41.22 39.51
N ARG C 949 -23.71 -40.55 40.61
CA ARG C 949 -22.64 -39.57 40.66
C ARG C 949 -21.77 -39.94 41.85
N THR C 950 -20.54 -40.37 41.58
CA THR C 950 -19.67 -40.91 42.61
C THR C 950 -18.29 -40.32 42.47
N PRO C 951 -17.70 -39.78 43.54
CA PRO C 951 -18.30 -39.58 44.85
C PRO C 951 -19.27 -38.41 44.86
N PHE C 952 -19.55 -37.86 46.04
CA PHE C 952 -20.50 -36.76 46.18
C PHE C 952 -21.85 -37.11 45.59
N SER C 953 -22.50 -38.08 46.21
CA SER C 953 -23.75 -38.61 45.70
C SER C 953 -24.86 -37.57 45.79
N ALA C 954 -26.04 -37.96 45.33
CA ALA C 954 -27.21 -37.10 45.44
C ALA C 954 -28.48 -37.93 45.53
N ALA D 41 5.79 41.82 3.96
CA ALA D 41 6.73 42.24 2.93
C ALA D 41 6.58 41.37 1.70
N ASN D 42 7.39 40.31 1.64
CA ASN D 42 7.34 39.33 0.56
C ASN D 42 7.41 37.92 1.14
N SER D 43 6.66 37.67 2.21
CA SER D 43 6.67 36.36 2.89
C SER D 43 6.06 35.26 2.05
N PHE D 44 6.02 34.04 2.57
CA PHE D 44 5.53 32.93 1.76
C PHE D 44 4.01 33.04 1.53
N LEU D 45 3.23 31.99 1.79
CA LEU D 45 1.79 32.02 1.50
C LEU D 45 1.41 33.42 1.10
N CGU D 46 1.48 34.37 2.02
CA CGU D 46 1.23 35.74 1.66
C CGU D 46 1.15 35.88 0.20
O CGU D 46 0.03 35.90 -0.35
CB CGU D 46 2.51 36.45 2.04
CG CGU D 46 2.37 37.98 2.15
CD1 CGU D 46 2.90 38.66 0.92
CD2 CGU D 46 3.09 38.54 3.34
OE11 CGU D 46 3.72 38.03 0.22
OE12 CGU D 46 2.53 39.83 0.67
OE21 CGU D 46 3.11 37.88 4.41
OE22 CGU D 46 3.66 39.66 3.24
N CGU D 47 2.28 35.98 -0.47
CA CGU D 47 2.30 36.21 -1.91
C CGU D 47 1.89 34.99 -2.68
O CGU D 47 2.53 34.66 -3.71
CB CGU D 47 3.70 36.61 -2.40
CG CGU D 47 3.75 37.94 -3.17
CD1 CGU D 47 2.75 38.99 -2.77
CD2 CGU D 47 3.73 37.72 -4.66
OE11 CGU D 47 3.06 39.85 -1.92
OE12 CGU D 47 1.63 38.99 -3.32
OE21 CGU D 47 2.98 36.83 -5.11
OE22 CGU D 47 4.45 38.44 -5.37
N MET D 48 0.85 34.32 -2.23
CA MET D 48 0.34 33.20 -2.97
C MET D 48 -1.07 33.60 -3.24
N LYS D 49 -1.31 34.90 -3.16
CA LYS D 49 -2.64 35.40 -3.45
C LYS D 49 -2.55 36.66 -4.30
N LYS D 50 -3.09 37.75 -3.79
CA LYS D 50 -3.04 39.03 -4.47
C LYS D 50 -2.73 40.13 -3.46
N GLY D 51 -2.01 41.15 -3.90
CA GLY D 51 -1.63 42.21 -3.00
C GLY D 51 -2.79 43.12 -2.66
N HIS D 52 -2.63 43.87 -1.57
CA HIS D 52 -3.59 44.88 -1.15
C HIS D 52 -2.85 46.12 -0.70
N LEU D 53 -3.30 47.27 -1.19
CA LEU D 53 -2.54 48.51 -1.04
C LEU D 53 -2.53 49.04 0.40
N CGU D 54 -3.39 48.47 1.25
CA CGU D 54 -3.38 48.82 2.69
C CGU D 54 -2.65 47.72 3.47
O CGU D 54 -1.79 48.03 4.35
CB CGU D 54 -4.80 49.00 3.25
CG CGU D 54 -4.82 48.95 4.80
CD1 CGU D 54 -5.77 49.99 5.39
CD2 CGU D 54 -5.18 47.56 5.34
OE11 CGU D 54 -6.61 50.58 4.64
OE12 CGU D 54 -5.72 50.25 6.61
OE21 CGU D 54 -5.25 46.57 4.56
OE22 CGU D 54 -5.41 47.41 6.56
N ARG D 55 -2.99 46.48 3.17
CA ARG D 55 -2.41 45.30 3.83
C ARG D 55 -0.89 45.30 3.79
N CGU D 56 -0.34 45.32 2.59
CA CGU D 56 1.12 45.28 2.41
C CGU D 56 1.69 46.70 2.29
O CGU D 56 2.31 47.23 3.25
CB CGU D 56 1.47 44.44 1.17
CG CGU D 56 1.14 42.97 1.41
CD1 CGU D 56 2.16 42.34 2.34
CD2 CGU D 56 1.01 42.15 0.11
OE11 CGU D 56 1.77 41.65 3.33
OE12 CGU D 56 3.39 42.54 2.13
OE21 CGU D 56 0.09 41.29 0.00
OE22 CGU D 56 1.81 42.34 -0.83
N CYS D 57 1.49 47.32 1.13
CA CYS D 57 2.17 48.57 0.81
C CYS D 57 1.71 49.74 1.66
N MET D 58 2.19 49.76 2.90
CA MET D 58 2.17 50.92 3.77
C MET D 58 2.88 50.53 5.05
N CGU D 59 2.23 49.68 5.85
CA CGU D 59 2.81 49.20 7.11
C CGU D 59 4.06 48.33 6.82
O CGU D 59 4.85 48.05 7.76
CB CGU D 59 1.77 48.40 7.94
CG CGU D 59 0.31 48.65 7.50
CD1 CGU D 59 -0.46 49.48 8.53
CD2 CGU D 59 -0.44 47.32 7.29
OE11 CGU D 59 0.06 49.73 9.65
OE12 CGU D 59 -1.62 49.88 8.27
OE21 CGU D 59 0.17 46.22 7.40
OE22 CGU D 59 -1.66 47.35 7.00
N CGU D 60 4.23 47.91 5.58
CA CGU D 60 5.37 47.06 5.21
C CGU D 60 6.38 47.83 4.36
O CGU D 60 6.10 49.00 3.95
CB CGU D 60 4.91 45.80 4.46
CG CGU D 60 4.59 44.67 5.42
CD1 CGU D 60 5.49 44.74 6.65
CD2 CGU D 60 4.72 43.28 4.75
OE11 CGU D 60 6.70 44.38 6.56
OE12 CGU D 60 5.02 45.15 7.74
OE21 CGU D 60 3.94 42.35 5.08
OE22 CGU D 60 5.60 43.10 3.86
N THR D 61 7.54 47.22 4.11
CA THR D 61 8.61 47.87 3.36
C THR D 61 8.17 48.24 1.96
N CYS D 62 7.26 47.43 1.38
CA CYS D 62 6.68 47.70 0.07
C CYS D 62 7.77 47.96 -0.97
N SER D 63 8.61 46.95 -1.17
CA SER D 63 9.79 47.12 -2.02
C SER D 63 9.40 47.57 -3.41
N TYR D 64 8.49 46.85 -4.05
CA TYR D 64 7.93 47.16 -5.36
C TYR D 64 6.97 46.03 -5.66
N CGU D 65 7.20 45.35 -6.78
CA CGU D 65 6.44 44.13 -7.24
C CGU D 65 5.05 44.05 -6.63
O CGU D 65 4.03 44.27 -7.34
CB CGU D 65 7.23 42.85 -6.90
CG CGU D 65 7.13 41.83 -8.04
CD1 CGU D 65 7.70 40.46 -7.63
CD2 CGU D 65 7.78 42.32 -9.34
OE11 CGU D 65 6.92 39.52 -7.35
OE12 CGU D 65 8.95 40.30 -7.57
OE21 CGU D 65 7.08 42.80 -10.28
OE22 CGU D 65 9.04 42.23 -9.48
N CGU D 66 4.98 43.77 -5.32
CA CGU D 66 3.68 43.74 -4.62
C CGU D 66 3.02 45.14 -4.67
O CGU D 66 1.80 45.29 -4.35
CB CGU D 66 3.82 43.27 -3.14
CG CGU D 66 5.23 43.42 -2.57
CD1 CGU D 66 6.02 42.11 -2.67
CD2 CGU D 66 5.18 43.90 -1.09
OE11 CGU D 66 7.21 42.12 -3.11
OE12 CGU D 66 5.48 41.03 -2.32
OE21 CGU D 66 6.20 44.38 -0.52
OE22 CGU D 66 4.10 43.80 -0.46
N ALA D 67 3.79 46.15 -5.06
CA ALA D 67 3.28 47.50 -5.24
C ALA D 67 2.73 47.67 -6.64
N ARG D 68 2.89 46.61 -7.42
CA ARG D 68 2.64 46.73 -8.84
C ARG D 68 1.65 45.72 -9.32
N CGU D 69 1.55 44.63 -8.60
CA CGU D 69 0.49 43.85 -8.92
C CGU D 69 -0.89 44.51 -8.39
O CGU D 69 -1.84 43.67 -8.29
CB CGU D 69 0.68 42.40 -8.34
CG CGU D 69 2.16 41.90 -8.47
CD1 CGU D 69 2.36 40.77 -9.53
CD2 CGU D 69 2.80 41.47 -7.10
OE11 CGU D 69 1.40 40.02 -9.85
OE12 CGU D 69 3.50 40.60 -10.05
OE21 CGU D 69 2.08 41.41 -6.07
OE22 CGU D 69 4.03 41.20 -7.06
N VAL D 70 -1.07 45.81 -8.07
CA VAL D 70 -2.39 45.86 -7.45
C VAL D 70 -3.08 46.42 -8.68
N PHE D 71 -2.39 47.30 -9.39
CA PHE D 71 -2.87 47.83 -10.65
C PHE D 71 -2.54 46.96 -11.86
N CGU D 72 -1.31 46.45 -11.97
CA CGU D 72 -0.86 45.64 -13.16
C CGU D 72 -0.91 46.51 -14.44
O CGU D 72 -1.80 46.31 -15.32
CB CGU D 72 -1.72 44.34 -13.37
CG CGU D 72 -0.85 43.10 -13.74
CD1 CGU D 72 -1.68 41.97 -14.37
CD2 CGU D 72 -0.08 42.57 -12.54
OE11 CGU D 72 -2.90 42.15 -14.66
OE12 CGU D 72 -1.14 40.85 -14.58
OE21 CGU D 72 -0.50 41.56 -11.91
OE22 CGU D 72 0.99 43.13 -12.20
N ASP D 73 0.02 47.45 -14.54
CA ASP D 73 0.02 48.45 -15.61
C ASP D 73 1.28 49.31 -15.50
N SER D 74 1.17 50.56 -15.94
CA SER D 74 2.21 51.55 -15.74
C SER D 74 1.67 52.90 -15.29
N ASP D 75 0.34 53.09 -15.28
CA ASP D 75 -0.25 54.41 -15.11
C ASP D 75 -0.10 54.96 -13.69
N LYS D 76 -0.36 54.13 -12.68
CA LYS D 76 -0.36 54.60 -11.30
C LYS D 76 0.79 54.08 -10.46
N THR D 77 1.45 53.00 -10.88
CA THR D 77 2.45 52.36 -10.02
C THR D 77 3.64 53.27 -9.74
N ASN D 78 4.16 53.93 -10.78
CA ASN D 78 5.33 54.79 -10.62
C ASN D 78 5.06 55.93 -9.64
N CGU D 79 4.05 56.72 -9.93
CA CGU D 79 3.67 57.92 -9.13
C CGU D 79 3.41 57.54 -7.68
O CGU D 79 3.94 58.19 -6.73
CB CGU D 79 2.40 58.59 -9.72
CG CGU D 79 2.63 59.32 -11.05
CD1 CGU D 79 1.28 59.61 -11.70
CD2 CGU D 79 3.53 58.53 -12.05
OE11 CGU D 79 0.25 59.03 -11.26
OE12 CGU D 79 1.22 60.41 -12.66
OE21 CGU D 79 4.78 58.75 -12.09
OE22 CGU D 79 2.99 57.68 -12.80
N PHE D 80 2.60 56.50 -7.49
CA PHE D 80 2.26 55.99 -6.18
C PHE D 80 3.49 55.57 -5.38
N TRP D 81 4.36 54.77 -6.01
CA TRP D 81 5.57 54.30 -5.34
C TRP D 81 6.52 55.44 -4.99
N ASN D 82 6.52 56.52 -5.78
CA ASN D 82 7.50 57.60 -5.60
C ASN D 82 7.35 58.31 -4.26
N LYS D 83 6.24 58.12 -3.57
CA LYS D 83 5.92 58.91 -2.39
C LYS D 83 6.20 58.17 -1.08
N TYR D 84 6.81 56.99 -1.13
CA TYR D 84 7.04 56.22 0.09
C TYR D 84 8.51 56.10 0.49
N LYS D 85 9.45 56.41 -0.41
CA LYS D 85 10.84 56.54 0.02
C LYS D 85 11.05 57.83 0.83
N ASP D 86 10.54 58.95 0.32
CA ASP D 86 10.72 60.23 0.99
C ASP D 86 9.50 61.14 0.97
N GLY D 87 8.38 60.71 0.40
CA GLY D 87 7.18 61.52 0.36
C GLY D 87 6.81 61.93 -1.06
N ASP D 88 5.68 62.62 -1.15
CA ASP D 88 5.15 63.11 -2.41
C ASP D 88 5.67 64.52 -2.68
N GLN D 89 5.99 64.81 -3.95
CA GLN D 89 6.51 66.11 -4.33
C GLN D 89 5.42 67.12 -4.66
N CYS D 90 4.22 66.67 -5.03
CA CYS D 90 3.13 67.59 -5.32
C CYS D 90 2.41 68.07 -4.07
N GLU D 91 2.82 67.59 -2.89
CA GLU D 91 2.31 68.16 -1.64
C GLU D 91 2.70 69.63 -1.53
N THR D 92 3.95 69.97 -1.92
CA THR D 92 4.47 71.31 -1.72
C THR D 92 3.93 72.31 -2.74
N SER D 93 3.34 71.83 -3.83
CA SER D 93 2.87 72.68 -4.92
C SER D 93 4.02 73.53 -5.45
N PRO D 94 5.06 72.92 -6.02
CA PRO D 94 6.24 73.69 -6.40
C PRO D 94 6.07 74.52 -7.66
N CYS D 95 5.41 73.97 -8.67
CA CYS D 95 5.25 74.67 -9.95
C CYS D 95 4.32 75.86 -9.80
N GLN D 96 4.49 76.84 -10.67
CA GLN D 96 3.70 78.06 -10.64
C GLN D 96 2.73 78.12 -11.82
N ASN D 97 1.63 78.86 -11.60
CA ASN D 97 0.63 79.15 -12.62
C ASN D 97 0.14 77.87 -13.30
N GLN D 98 -0.42 76.98 -12.47
CA GLN D 98 -1.10 75.77 -12.94
C GLN D 98 -0.16 74.88 -13.75
N GLY D 99 1.15 75.03 -13.54
CA GLY D 99 2.11 74.13 -14.17
C GLY D 99 1.95 72.72 -13.66
N LYS D 100 1.76 71.78 -14.59
CA LYS D 100 1.47 70.40 -14.21
C LYS D 100 2.56 69.82 -13.31
N CYS D 101 2.14 69.17 -12.23
CA CYS D 101 3.08 68.58 -11.29
C CYS D 101 3.24 67.09 -11.60
N LYS D 102 4.48 66.67 -11.81
CA LYS D 102 4.81 65.26 -12.03
C LYS D 102 5.79 64.83 -10.94
N ASP D 103 5.42 63.78 -10.20
CA ASP D 103 6.25 63.32 -9.11
C ASP D 103 7.40 62.47 -9.64
N GLY D 104 8.29 62.08 -8.74
CA GLY D 104 9.41 61.23 -9.10
C GLY D 104 10.23 60.93 -7.87
N LEU D 105 11.14 59.98 -8.03
CA LEU D 105 11.97 59.51 -6.91
C LEU D 105 13.02 60.58 -6.63
N GLY D 106 12.64 61.60 -5.90
CA GLY D 106 13.55 62.65 -5.51
C GLY D 106 13.48 63.94 -6.32
N GLU D 107 12.51 64.06 -7.22
CA GLU D 107 12.37 65.28 -8.00
C GLU D 107 10.91 65.49 -8.36
N TYR D 108 10.56 66.72 -8.70
CA TYR D 108 9.27 67.05 -9.28
C TYR D 108 9.50 67.65 -10.66
N THR D 109 8.68 67.26 -11.62
CA THR D 109 8.78 67.73 -13.00
C THR D 109 7.56 68.58 -13.33
N CYS D 110 7.79 69.78 -13.83
CA CYS D 110 6.73 70.72 -14.14
C CYS D 110 6.51 70.78 -15.65
N THR D 111 5.25 70.80 -16.05
CA THR D 111 4.85 71.02 -17.44
C THR D 111 3.84 72.16 -17.43
N CYS D 112 4.33 73.38 -17.66
CA CYS D 112 3.54 74.58 -17.42
C CYS D 112 2.57 74.83 -18.58
N LEU D 113 1.98 76.02 -18.61
CA LEU D 113 1.14 76.47 -19.71
C LEU D 113 2.02 76.99 -20.85
N GLU D 114 1.41 77.69 -21.79
CA GLU D 114 2.15 78.25 -22.92
C GLU D 114 3.05 79.39 -22.46
N GLY D 115 4.31 79.37 -22.90
CA GLY D 115 5.22 80.47 -22.68
C GLY D 115 5.78 80.59 -21.28
N PHE D 116 5.97 79.49 -20.56
CA PHE D 116 6.51 79.49 -19.21
C PHE D 116 7.71 78.56 -19.13
N GLU D 117 8.79 79.06 -18.52
CA GLU D 117 10.02 78.29 -18.34
C GLU D 117 10.41 78.29 -16.87
N GLY D 118 11.60 77.79 -16.56
CA GLY D 118 12.14 77.87 -15.22
C GLY D 118 11.96 76.58 -14.43
N LYS D 119 12.49 76.59 -13.21
CA LYS D 119 12.46 75.40 -12.38
C LYS D 119 11.08 75.14 -11.79
N ASN D 120 10.38 76.18 -11.35
CA ASN D 120 9.07 76.03 -10.72
C ASN D 120 7.98 76.72 -11.53
N CYS D 121 8.16 76.82 -12.84
CA CYS D 121 7.27 77.60 -13.72
C CYS D 121 7.12 79.04 -13.21
N GLU D 122 8.12 79.53 -12.49
CA GLU D 122 8.08 80.90 -11.98
C GLU D 122 8.57 81.91 -13.00
N LEU D 123 9.31 81.47 -14.01
CA LEU D 123 9.84 82.37 -15.03
C LEU D 123 8.81 82.55 -16.14
N PHE D 124 8.47 83.81 -16.41
CA PHE D 124 7.55 84.15 -17.48
C PHE D 124 8.38 84.42 -18.73
N THR D 125 8.38 83.47 -19.66
CA THR D 125 9.31 83.51 -20.78
C THR D 125 9.09 84.73 -21.65
N ARG D 126 10.17 85.34 -22.08
CA ARG D 126 10.12 86.50 -22.96
C ARG D 126 10.29 86.05 -24.40
N LYS D 127 9.41 86.52 -25.28
CA LYS D 127 9.48 86.23 -26.70
C LYS D 127 10.35 87.28 -27.37
N LEU D 128 11.39 86.84 -28.07
CA LEU D 128 12.34 87.74 -28.73
C LEU D 128 12.42 87.39 -30.21
N CYS D 129 13.06 88.28 -30.99
CA CYS D 129 13.26 87.99 -32.40
C CYS D 129 14.18 86.79 -32.60
N SER D 130 15.21 86.66 -31.76
CA SER D 130 16.01 85.44 -31.80
C SER D 130 15.21 84.24 -31.28
N LEU D 131 14.35 84.45 -30.29
CA LEU D 131 13.54 83.37 -29.70
C LEU D 131 12.25 83.25 -30.50
N ASP D 132 12.34 82.50 -31.60
CA ASP D 132 11.18 82.13 -32.43
C ASP D 132 10.60 83.33 -33.18
N ASN D 133 11.49 84.18 -33.72
CA ASN D 133 11.14 85.35 -34.54
C ASN D 133 10.13 86.27 -33.86
N GLY D 134 10.05 86.23 -32.54
CA GLY D 134 8.97 86.95 -31.88
C GLY D 134 7.59 86.51 -32.31
N ASP D 135 7.48 85.28 -32.84
CA ASP D 135 6.23 84.70 -33.34
C ASP D 135 5.71 85.43 -34.58
N CYS D 136 6.42 86.45 -35.06
CA CYS D 136 6.02 87.14 -36.27
C CYS D 136 6.35 86.29 -37.49
N ASP D 137 5.47 86.34 -38.50
CA ASP D 137 5.64 85.52 -39.69
C ASP D 137 6.80 86.02 -40.55
N GLN D 138 6.84 87.33 -40.82
CA GLN D 138 7.85 87.89 -41.72
C GLN D 138 8.73 88.93 -41.03
N PHE D 139 8.15 89.94 -40.38
CA PHE D 139 8.92 91.03 -39.79
C PHE D 139 8.79 91.01 -38.28
N CYS D 140 9.92 90.92 -37.59
CA CYS D 140 9.96 90.93 -36.13
C CYS D 140 10.60 92.22 -35.63
N HIS D 141 10.26 92.57 -34.39
CA HIS D 141 10.89 93.68 -33.70
C HIS D 141 11.10 93.29 -32.24
N GLU D 142 12.12 93.87 -31.62
CA GLU D 142 12.40 93.68 -30.21
C GLU D 142 12.18 95.02 -29.54
N GLU D 143 10.93 95.31 -29.18
CA GLU D 143 10.52 96.61 -28.67
C GLU D 143 10.27 96.51 -27.17
N GLN D 144 11.21 97.04 -26.39
CA GLN D 144 11.03 97.23 -24.95
C GLN D 144 10.73 95.90 -24.24
N ASN D 145 11.71 95.00 -24.28
CA ASN D 145 11.65 93.70 -23.61
C ASN D 145 10.46 92.86 -24.09
N SER D 146 10.07 93.04 -25.35
CA SER D 146 8.95 92.31 -25.93
C SER D 146 9.14 92.25 -27.43
N VAL D 147 8.09 91.83 -28.14
CA VAL D 147 8.09 91.82 -29.59
C VAL D 147 6.77 92.43 -30.07
N VAL D 148 6.87 93.44 -30.94
CA VAL D 148 5.73 94.04 -31.61
C VAL D 148 5.93 93.85 -33.11
N CYS D 149 5.08 93.04 -33.72
CA CYS D 149 5.28 92.63 -35.10
C CYS D 149 4.82 93.71 -36.08
N SER D 150 5.57 93.85 -37.18
CA SER D 150 5.14 94.65 -38.30
C SER D 150 5.14 93.77 -39.54
N CYS D 151 4.91 94.36 -40.72
CA CYS D 151 4.86 93.61 -41.96
C CYS D 151 5.43 94.47 -43.09
N ALA D 152 5.64 93.84 -44.24
CA ALA D 152 6.19 94.57 -45.38
C ALA D 152 5.07 95.14 -46.25
N ARG D 153 5.44 95.64 -47.43
CA ARG D 153 4.44 96.19 -48.34
C ARG D 153 3.35 95.18 -48.63
N GLY D 154 2.09 95.61 -48.58
CA GLY D 154 0.98 94.72 -48.85
C GLY D 154 0.72 93.78 -47.70
N TYR D 155 1.22 94.13 -46.51
CA TYR D 155 1.02 93.29 -45.34
C TYR D 155 0.73 94.11 -44.09
N THR D 156 -0.28 93.69 -43.33
CA THR D 156 -0.60 94.37 -42.07
C THR D 156 -0.65 93.32 -40.97
N LEU D 157 -0.78 93.76 -39.73
CA LEU D 157 -0.82 92.82 -38.62
C LEU D 157 -2.23 92.60 -38.11
N ALA D 158 -2.61 91.34 -37.92
CA ALA D 158 -3.95 91.03 -37.43
C ALA D 158 -4.01 91.18 -35.91
N ASP D 159 -5.20 91.00 -35.36
CA ASP D 159 -5.41 91.20 -33.92
C ASP D 159 -4.63 90.21 -33.06
N ASN D 160 -4.20 89.09 -33.63
CA ASN D 160 -3.41 88.12 -32.87
C ASN D 160 -2.07 88.67 -32.43
N GLY D 161 -1.63 89.80 -33.01
CA GLY D 161 -0.41 90.46 -32.60
C GLY D 161 0.86 89.86 -33.18
N LYS D 162 0.77 88.78 -33.92
CA LYS D 162 1.98 88.14 -34.44
C LYS D 162 1.93 87.89 -35.94
N ALA D 163 0.78 87.50 -36.49
CA ALA D 163 0.70 87.09 -37.87
C ALA D 163 0.28 88.25 -38.77
N CYS D 164 0.82 88.29 -39.98
CA CYS D 164 0.54 89.41 -40.88
C CYS D 164 -0.70 89.25 -41.72
N ILE D 165 -0.90 90.19 -42.65
CA ILE D 165 -2.07 90.14 -43.52
C ILE D 165 -1.65 90.32 -44.96
N PRO D 166 -1.71 89.24 -45.75
CA PRO D 166 -1.36 89.33 -47.18
C PRO D 166 -2.40 90.12 -47.95
N THR D 167 -2.54 91.41 -47.64
CA THR D 167 -3.54 92.24 -48.31
C THR D 167 -3.59 91.97 -49.81
N GLY D 168 -2.45 92.08 -50.48
CA GLY D 168 -2.41 91.85 -51.92
C GLY D 168 -3.02 90.52 -52.31
N PRO D 169 -3.85 90.53 -53.37
CA PRO D 169 -4.46 89.28 -53.85
C PRO D 169 -3.42 88.20 -53.91
N TYR D 170 -2.32 88.47 -54.58
CA TYR D 170 -1.22 87.50 -54.63
C TYR D 170 -0.04 88.09 -53.87
N PRO D 171 0.07 87.81 -52.57
CA PRO D 171 1.17 88.38 -51.78
C PRO D 171 2.51 87.90 -52.28
N CYS D 172 3.52 88.75 -52.11
CA CYS D 172 4.87 88.41 -52.53
C CYS D 172 5.39 87.22 -51.73
N GLY D 173 6.35 86.51 -52.31
CA GLY D 173 7.03 85.46 -51.59
C GLY D 173 6.30 84.13 -51.49
N LYS D 174 5.32 83.89 -52.35
CA LYS D 174 4.62 82.61 -52.38
C LYS D 174 4.69 82.02 -53.79
N GLN D 175 4.57 80.70 -53.88
CA GLN D 175 4.63 80.01 -55.17
C GLN D 175 3.24 80.06 -55.81
N THR D 176 3.01 81.08 -56.63
CA THR D 176 1.70 81.28 -57.26
C THR D 176 1.40 80.20 -58.30
N ASN D 230 18.03 60.89 -67.23
CA ASN D 230 19.29 61.63 -67.20
C ASN D 230 19.43 62.54 -68.41
N ASN D 231 19.06 63.80 -68.25
CA ASN D 231 19.13 64.77 -69.34
C ASN D 231 20.54 65.33 -69.43
N LEU D 232 21.17 65.14 -70.59
CA LEU D 232 22.49 65.69 -70.87
C LEU D 232 22.39 67.13 -71.33
N THR D 233 23.47 67.66 -71.91
CA THR D 233 23.51 68.97 -72.55
C THR D 233 23.30 70.10 -71.53
N ARG D 234 24.25 70.17 -70.59
CA ARG D 234 24.52 71.35 -69.79
C ARG D 234 23.29 71.82 -69.00
N ILE D 235 22.80 70.93 -68.14
CA ILE D 235 21.85 71.29 -67.10
C ILE D 235 22.63 71.25 -65.79
N VAL D 236 23.11 72.41 -65.34
CA VAL D 236 24.02 72.46 -64.20
C VAL D 236 23.15 72.51 -62.95
N GLY D 237 22.68 71.34 -62.53
CA GLY D 237 21.82 71.21 -61.37
C GLY D 237 20.59 72.10 -61.38
N GLY D 238 20.35 72.79 -62.49
CA GLY D 238 19.28 73.76 -62.54
C GLY D 238 17.91 73.12 -62.57
N GLN D 239 16.92 73.87 -62.10
CA GLN D 239 15.54 73.42 -62.07
C GLN D 239 14.69 74.37 -62.90
N GLU D 240 13.81 73.80 -63.73
CA GLU D 240 12.80 74.60 -64.40
C GLU D 240 11.77 75.06 -63.37
N CYS D 241 11.54 76.36 -63.32
CA CYS D 241 10.57 76.91 -62.38
C CYS D 241 9.19 76.34 -62.66
N LYS D 242 8.49 75.94 -61.61
CA LYS D 242 7.10 75.51 -61.76
C LYS D 242 6.23 76.73 -62.11
N ASP D 243 5.03 76.44 -62.60
CA ASP D 243 4.12 77.50 -63.03
C ASP D 243 3.78 78.41 -61.86
N GLY D 244 4.28 79.64 -61.89
CA GLY D 244 4.10 80.58 -60.82
C GLY D 244 5.09 80.45 -59.68
N GLU D 245 6.04 79.50 -59.76
CA GLU D 245 7.00 79.31 -58.68
C GLU D 245 8.03 80.44 -58.65
N CYS D 246 8.29 81.07 -59.79
CA CYS D 246 9.27 82.17 -59.89
C CYS D 246 8.60 83.35 -60.56
N PRO D 247 7.68 84.03 -59.85
CA PRO D 247 6.90 85.10 -60.51
C PRO D 247 7.58 86.46 -60.48
N TRP D 248 8.53 86.66 -59.56
CA TRP D 248 9.29 87.90 -59.54
C TRP D 248 10.35 87.95 -60.62
N GLN D 249 10.42 86.94 -61.47
CA GLN D 249 11.44 86.91 -62.53
C GLN D 249 11.22 88.06 -63.49
N ALA D 250 12.16 89.01 -63.49
CA ALA D 250 12.15 90.14 -64.41
C ALA D 250 13.29 89.99 -65.41
N LEU D 251 13.01 90.37 -66.65
CA LEU D 251 13.96 90.17 -67.75
C LEU D 251 14.17 91.48 -68.49
N LEU D 252 15.40 91.68 -68.97
CA LEU D 252 15.78 92.85 -69.72
C LEU D 252 16.12 92.43 -71.15
N ILE D 253 15.39 92.99 -72.13
CA ILE D 253 15.48 92.56 -73.52
C ILE D 253 16.08 93.71 -74.34
N ASN D 254 17.07 93.39 -75.15
CA ASN D 254 17.74 94.38 -75.99
C ASN D 254 16.91 94.66 -77.24
N GLU D 255 17.51 95.35 -78.20
CA GLU D 255 16.80 95.69 -79.43
C GLU D 255 16.47 94.47 -80.27
N GLU D 256 17.39 93.50 -80.32
CA GLU D 256 17.29 92.38 -81.25
C GLU D 256 16.53 91.18 -80.67
N ASN D 257 15.62 91.42 -79.72
CA ASN D 257 14.68 90.40 -79.24
C ASN D 257 15.37 89.24 -78.55
N GLU D 258 16.38 89.52 -77.72
CA GLU D 258 17.13 88.49 -77.01
C GLU D 258 17.36 88.96 -75.58
N GLY D 259 16.48 88.56 -74.67
CA GLY D 259 16.60 88.98 -73.28
C GLY D 259 17.84 88.40 -72.63
N PHE D 260 18.52 89.21 -71.82
CA PHE D 260 19.83 88.85 -71.29
C PHE D 260 19.87 88.75 -69.78
N CYS D 261 19.45 89.79 -69.05
CA CYS D 261 19.66 89.88 -67.62
C CYS D 261 18.39 89.50 -66.87
N GLY D 262 18.56 88.60 -65.89
CA GLY D 262 17.47 88.28 -64.98
C GLY D 262 17.26 89.38 -63.96
N GLY D 263 16.11 89.33 -63.31
CA GLY D 263 15.77 90.37 -62.36
C GLY D 263 14.60 89.99 -61.48
N THR D 264 14.48 90.68 -60.36
CA THR D 264 13.41 90.47 -59.40
C THR D 264 12.37 91.55 -59.59
N ILE D 265 11.11 91.16 -59.78
CA ILE D 265 10.03 92.10 -60.06
C ILE D 265 9.68 92.82 -58.77
N LEU D 266 9.99 94.12 -58.71
CA LEU D 266 9.72 94.90 -57.51
C LEU D 266 8.25 95.31 -57.45
N SER D 267 7.75 95.94 -58.51
CA SER D 267 6.41 96.52 -58.49
C SER D 267 5.94 96.67 -59.93
N GLU D 268 4.85 97.44 -60.11
CA GLU D 268 4.29 97.66 -61.43
C GLU D 268 5.08 98.66 -62.25
N PHE D 269 5.79 99.58 -61.58
CA PHE D 269 6.39 100.72 -62.26
C PHE D 269 7.91 100.66 -62.35
N TYR D 270 8.61 100.27 -61.28
CA TYR D 270 10.07 100.33 -61.24
C TYR D 270 10.64 98.92 -61.17
N ILE D 271 11.71 98.68 -61.93
CA ILE D 271 12.35 97.38 -62.02
C ILE D 271 13.83 97.51 -61.68
N LEU D 272 14.27 96.78 -60.67
CA LEU D 272 15.68 96.71 -60.31
C LEU D 272 16.48 95.97 -61.38
N THR D 273 17.76 96.35 -61.50
CA THR D 273 18.66 95.64 -62.39
C THR D 273 20.09 95.96 -61.97
N ALA D 274 21.03 95.25 -62.59
CA ALA D 274 22.43 95.56 -62.38
C ALA D 274 22.80 96.86 -63.09
N ALA D 275 23.75 97.60 -62.51
CA ALA D 275 24.20 98.83 -63.13
C ALA D 275 24.90 98.56 -64.46
N HIS D 276 25.68 97.49 -64.54
CA HIS D 276 26.40 97.17 -65.76
C HIS D 276 25.56 96.36 -66.75
N CYS D 277 24.41 95.82 -66.34
CA CYS D 277 23.48 95.28 -67.33
C CYS D 277 23.02 96.36 -68.29
N LEU D 278 23.08 97.63 -67.87
CA LEU D 278 22.73 98.74 -68.74
C LEU D 278 23.84 99.04 -69.74
N TYR D 279 25.07 98.63 -69.43
CA TYR D 279 26.21 98.89 -70.32
C TYR D 279 26.10 98.13 -71.63
N GLN D 280 25.19 97.16 -71.72
CA GLN D 280 25.05 96.37 -72.93
C GLN D 280 24.53 97.21 -74.10
N ALA D 281 23.66 98.17 -73.84
CA ALA D 281 23.13 99.01 -74.90
C ALA D 281 22.62 100.32 -74.30
N LYS D 282 22.50 101.33 -75.17
CA LYS D 282 21.87 102.58 -74.74
C LYS D 282 20.36 102.44 -74.69
N ARG D 283 19.80 101.50 -75.44
CA ARG D 283 18.37 101.25 -75.48
C ARG D 283 18.10 99.77 -75.25
N PHE D 284 17.17 99.47 -74.34
CA PHE D 284 16.60 98.14 -74.21
C PHE D 284 15.29 98.29 -73.43
N LYS D 285 14.45 97.26 -73.53
CA LYS D 285 13.14 97.26 -72.92
C LYS D 285 13.06 96.17 -71.86
N VAL D 286 11.87 96.07 -71.24
CA VAL D 286 11.60 95.07 -70.21
C VAL D 286 10.46 94.18 -70.70
N ARG D 287 10.66 92.86 -70.61
CA ARG D 287 9.59 91.89 -70.77
C ARG D 287 9.56 91.01 -69.53
N VAL D 288 8.41 90.94 -68.88
CA VAL D 288 8.25 90.15 -67.67
C VAL D 288 7.37 88.94 -67.97
N GLY D 289 7.51 87.91 -67.16
CA GLY D 289 6.79 86.67 -67.37
C GLY D 289 7.38 85.74 -68.40
N ASP D 290 8.55 86.05 -68.93
CA ASP D 290 9.17 85.19 -69.94
C ASP D 290 9.59 83.87 -69.30
N ARG D 291 9.16 82.76 -69.91
CA ARG D 291 9.54 81.43 -69.45
C ARG D 291 10.11 80.60 -70.60
N ASN D 292 9.57 80.79 -71.80
CA ASN D 292 10.08 80.15 -73.00
C ASN D 292 9.87 81.14 -74.14
N THR D 293 10.96 81.71 -74.64
CA THR D 293 10.87 82.75 -75.65
C THR D 293 10.24 82.28 -76.95
N GLU D 294 10.54 81.05 -77.39
CA GLU D 294 10.12 80.59 -78.72
C GLU D 294 8.69 80.06 -78.74
N GLN D 295 8.27 79.35 -77.70
CA GLN D 295 6.90 78.83 -77.59
C GLN D 295 6.11 79.74 -76.67
N GLU D 296 5.05 80.34 -77.19
CA GLU D 296 4.29 81.35 -76.48
C GLU D 296 2.97 80.78 -75.99
N GLU D 297 2.68 80.96 -74.70
CA GLU D 297 1.39 80.65 -74.11
C GLU D 297 0.48 81.87 -74.02
N GLY D 298 0.99 83.05 -74.37
CA GLY D 298 0.26 84.29 -74.22
C GLY D 298 0.36 84.94 -72.86
N GLY D 299 1.18 84.38 -71.95
CA GLY D 299 1.26 84.88 -70.59
C GLY D 299 2.50 85.69 -70.27
N GLU D 300 2.91 86.55 -71.19
CA GLU D 300 4.03 87.45 -70.98
C GLU D 300 3.58 88.91 -71.10
N ALA D 301 4.22 89.77 -70.32
CA ALA D 301 3.90 91.19 -70.32
C ALA D 301 5.16 92.00 -70.61
N VAL D 302 5.05 92.95 -71.54
CA VAL D 302 6.19 93.75 -71.99
C VAL D 302 5.95 95.19 -71.59
N HIS D 303 6.91 95.78 -70.88
CA HIS D 303 6.82 97.14 -70.37
C HIS D 303 8.09 97.89 -70.72
N GLU D 304 7.94 99.06 -71.36
CA GLU D 304 9.10 99.81 -71.81
C GLU D 304 9.87 100.42 -70.65
N VAL D 305 11.16 100.60 -70.84
CA VAL D 305 12.03 101.21 -69.84
C VAL D 305 11.97 102.72 -70.00
N GLU D 306 11.61 103.42 -68.92
CA GLU D 306 11.33 104.85 -68.99
C GLU D 306 12.53 105.71 -68.62
N VAL D 307 13.02 105.59 -67.38
CA VAL D 307 14.11 106.41 -66.88
C VAL D 307 15.11 105.51 -66.18
N VAL D 308 16.39 105.77 -66.40
CA VAL D 308 17.47 104.98 -65.81
C VAL D 308 17.77 105.54 -64.43
N ILE D 309 17.74 104.67 -63.42
CA ILE D 309 18.08 105.03 -62.04
C ILE D 309 19.14 104.04 -61.58
N LYS D 310 20.41 104.39 -61.77
CA LYS D 310 21.51 103.46 -61.53
C LYS D 310 22.42 103.98 -60.42
N HIS D 311 23.49 103.23 -60.19
CA HIS D 311 24.45 103.54 -59.13
C HIS D 311 25.44 104.61 -59.60
N ASN D 312 25.88 105.44 -58.66
CA ASN D 312 26.78 106.54 -59.00
C ASN D 312 28.24 106.12 -58.91
N ARG D 313 28.64 105.53 -57.79
CA ARG D 313 30.04 105.21 -57.51
C ARG D 313 30.46 103.84 -58.03
N PHE D 314 29.78 103.34 -59.06
CA PHE D 314 30.10 102.02 -59.59
C PHE D 314 31.48 102.00 -60.21
N THR D 315 32.15 100.84 -60.10
CA THR D 315 33.47 100.62 -60.67
C THR D 315 33.36 99.58 -61.79
N LYS D 316 33.81 99.94 -62.98
CA LYS D 316 33.68 99.05 -64.13
C LYS D 316 34.75 97.97 -64.18
N GLU D 317 35.78 98.06 -63.33
CA GLU D 317 36.79 97.02 -63.24
C GLU D 317 36.66 96.17 -61.98
N THR D 318 36.63 96.82 -60.81
CA THR D 318 36.61 96.10 -59.53
C THR D 318 35.20 95.66 -59.12
N TYR D 319 34.19 95.98 -59.93
CA TYR D 319 32.81 95.55 -59.68
C TYR D 319 32.31 95.97 -58.30
N ASP D 320 32.64 97.20 -57.90
CA ASP D 320 32.12 97.77 -56.67
C ASP D 320 30.79 98.48 -56.97
N PHE D 321 29.77 98.17 -56.18
CA PHE D 321 28.48 98.86 -56.23
C PHE D 321 27.81 98.72 -57.60
N ASP D 322 27.46 97.48 -57.94
CA ASP D 322 26.80 97.16 -59.21
C ASP D 322 25.31 96.97 -58.94
N ILE D 323 24.53 98.02 -59.19
CA ILE D 323 23.08 97.95 -59.02
C ILE D 323 22.44 99.11 -59.78
N ALA D 324 21.20 98.92 -60.22
CA ALA D 324 20.49 99.94 -60.98
C ALA D 324 18.99 99.72 -60.86
N VAL D 325 18.23 100.73 -61.25
CA VAL D 325 16.76 100.70 -61.24
C VAL D 325 16.25 101.24 -62.56
N LEU D 326 15.27 100.55 -63.15
CA LEU D 326 14.64 100.94 -64.40
C LEU D 326 13.13 100.96 -64.23
N ARG D 327 12.47 101.89 -64.90
CA ARG D 327 11.04 102.09 -64.73
C ARG D 327 10.25 101.41 -65.85
N LEU D 328 9.06 100.91 -65.51
CA LEU D 328 8.15 100.29 -66.45
C LEU D 328 7.10 101.31 -66.92
N LYS D 329 6.87 101.33 -68.24
CA LYS D 329 5.88 102.27 -68.78
C LYS D 329 4.46 101.82 -68.47
N THR D 330 4.17 100.53 -68.61
CA THR D 330 2.85 100.01 -68.30
C THR D 330 2.88 99.29 -66.97
N PRO D 331 1.88 99.50 -66.12
CA PRO D 331 1.88 98.83 -64.81
C PRO D 331 1.71 97.33 -64.95
N ILE D 332 2.32 96.59 -64.03
CA ILE D 332 2.15 95.14 -63.97
C ILE D 332 0.90 94.85 -63.16
N THR D 333 -0.11 94.28 -63.80
CA THR D 333 -1.27 93.76 -63.09
C THR D 333 -0.87 92.43 -62.48
N PHE D 334 -0.77 92.39 -61.15
CA PHE D 334 -0.30 91.20 -60.48
C PHE D 334 -1.19 90.01 -60.79
N ARG D 335 -0.60 88.96 -61.35
CA ARG D 335 -1.31 87.72 -61.64
C ARG D 335 -0.36 86.56 -61.39
N MET D 336 -0.76 85.36 -61.82
CA MET D 336 -0.05 84.15 -61.41
C MET D 336 1.39 84.14 -61.89
N ASN D 337 1.64 84.60 -63.12
CA ASN D 337 3.00 84.61 -63.66
C ASN D 337 3.77 85.87 -63.31
N VAL D 338 3.12 86.88 -62.72
CA VAL D 338 3.77 88.15 -62.39
C VAL D 338 3.36 88.49 -60.95
N ALA D 339 4.21 88.15 -59.99
CA ALA D 339 3.96 88.51 -58.60
C ALA D 339 5.20 89.18 -58.02
N PRO D 340 5.02 90.18 -57.16
CA PRO D 340 6.17 90.90 -56.60
C PRO D 340 6.95 90.01 -55.63
N ALA D 341 8.11 90.52 -55.22
CA ALA D 341 8.95 89.87 -54.23
C ALA D 341 9.05 90.76 -53.00
N CYS D 342 8.89 90.18 -51.82
CA CYS D 342 8.82 90.96 -50.60
C CYS D 342 10.14 91.64 -50.31
N LEU D 343 10.08 92.94 -50.01
CA LEU D 343 11.27 93.71 -49.69
C LEU D 343 11.50 93.65 -48.17
N PRO D 344 12.61 93.08 -47.70
CA PRO D 344 12.89 93.10 -46.26
C PRO D 344 13.38 94.47 -45.80
N GLU D 345 13.78 94.59 -44.54
CA GLU D 345 14.35 95.83 -44.03
C GLU D 345 15.87 95.72 -43.95
N ARG D 346 16.52 96.88 -43.84
CA ARG D 346 17.98 96.93 -43.90
C ARG D 346 18.60 96.15 -42.75
N ASP D 347 18.10 96.36 -41.53
CA ASP D 347 18.63 95.63 -40.38
C ASP D 347 18.14 94.19 -40.35
N TRP D 348 16.84 93.96 -40.64
CA TRP D 348 16.25 92.66 -40.42
C TRP D 348 16.87 91.59 -41.32
N ALA D 349 17.15 91.92 -42.58
CA ALA D 349 17.73 90.93 -43.47
C ALA D 349 19.18 90.61 -43.13
N GLU D 350 19.82 91.45 -42.31
CA GLU D 350 21.18 91.19 -41.86
C GLU D 350 21.23 90.46 -40.52
N SER D 351 20.10 90.39 -39.80
CA SER D 351 20.08 89.72 -38.51
C SER D 351 19.47 88.32 -38.58
N THR D 352 18.45 88.12 -39.41
CA THR D 352 17.80 86.82 -39.52
C THR D 352 17.82 86.24 -40.92
N LEU D 353 17.54 87.05 -41.94
CA LEU D 353 17.29 86.50 -43.28
C LEU D 353 18.52 85.82 -43.85
N MET D 354 19.65 86.53 -43.89
CA MET D 354 20.85 85.99 -44.50
C MET D 354 21.68 85.17 -43.52
N THR D 355 21.27 85.08 -42.25
CA THR D 355 21.88 84.18 -41.29
C THR D 355 21.33 82.76 -41.39
N GLN D 356 20.31 82.54 -42.24
CA GLN D 356 19.86 81.19 -42.53
C GLN D 356 20.85 80.48 -43.45
N LYS D 357 20.72 79.15 -43.50
CA LYS D 357 21.72 78.34 -44.18
C LYS D 357 21.60 78.44 -45.71
N THR D 358 20.36 78.47 -46.22
CA THR D 358 20.13 78.21 -47.63
C THR D 358 19.52 79.41 -48.34
N GLY D 359 19.61 79.37 -49.68
CA GLY D 359 18.95 80.33 -50.54
C GLY D 359 18.69 79.73 -51.90
N ILE D 360 18.11 80.53 -52.78
CA ILE D 360 17.77 80.11 -54.14
C ILE D 360 18.37 81.10 -55.13
N VAL D 361 18.98 80.58 -56.19
CA VAL D 361 19.59 81.38 -57.24
C VAL D 361 18.87 81.10 -58.55
N SER D 362 18.48 82.16 -59.26
CA SER D 362 17.77 82.01 -60.52
C SER D 362 18.26 83.07 -61.50
N GLY D 363 18.03 82.80 -62.78
CA GLY D 363 18.42 83.74 -63.81
C GLY D 363 18.32 83.11 -65.19
N PHE D 364 18.69 83.92 -66.18
CA PHE D 364 18.64 83.52 -67.58
C PHE D 364 20.01 83.69 -68.26
N GLY D 365 21.08 83.56 -67.50
CA GLY D 365 22.41 83.74 -68.03
C GLY D 365 22.92 82.50 -68.73
N ARG D 366 24.25 82.37 -68.75
CA ARG D 366 24.89 81.22 -69.33
C ARG D 366 24.87 80.04 -68.37
N THR D 367 24.62 78.84 -68.90
CA THR D 367 24.64 77.65 -68.06
C THR D 367 26.05 77.27 -67.64
N HIS D 368 27.04 77.50 -68.51
CA HIS D 368 28.43 77.17 -68.19
C HIS D 368 29.33 78.11 -68.97
N GLU D 369 30.60 78.17 -68.54
CA GLU D 369 31.59 79.01 -69.22
C GLU D 369 31.70 78.60 -70.68
N LYS D 370 31.70 79.59 -71.56
CA LYS D 370 31.73 79.39 -73.02
C LYS D 370 30.50 78.64 -73.51
N GLY D 371 29.40 78.69 -72.77
CA GLY D 371 28.19 77.97 -73.09
C GLY D 371 27.18 78.83 -73.84
N ARG D 372 25.97 78.28 -73.95
CA ARG D 372 24.90 78.93 -74.68
C ARG D 372 23.89 79.55 -73.71
N GLN D 373 22.94 80.31 -74.29
CA GLN D 373 21.85 80.87 -73.51
C GLN D 373 20.85 79.79 -73.14
N SER D 374 20.00 80.09 -72.15
CA SER D 374 18.98 79.18 -71.66
C SER D 374 17.61 79.80 -71.84
N THR D 375 16.69 79.05 -72.47
CA THR D 375 15.36 79.57 -72.76
C THR D 375 14.33 79.19 -71.72
N ARG D 376 14.29 77.92 -71.30
CA ARG D 376 13.39 77.51 -70.24
C ARG D 376 13.73 78.23 -68.94
N LEU D 377 12.71 78.68 -68.21
CA LEU D 377 12.94 79.42 -66.98
C LEU D 377 13.63 78.52 -65.96
N LYS D 378 14.78 78.95 -65.46
CA LYS D 378 15.65 78.13 -64.63
C LYS D 378 15.70 78.66 -63.20
N MET D 379 15.98 77.76 -62.27
CA MET D 379 16.25 78.10 -60.88
C MET D 379 17.23 77.09 -60.32
N LEU D 380 17.85 77.43 -59.19
CA LEU D 380 18.90 76.61 -58.59
C LEU D 380 18.73 76.59 -57.07
N GLU D 381 19.32 75.57 -56.45
CA GLU D 381 19.29 75.42 -55.00
C GLU D 381 20.72 75.27 -54.47
N VAL D 382 21.16 76.23 -53.67
CA VAL D 382 22.48 76.19 -53.04
C VAL D 382 22.40 76.86 -51.68
N PRO D 383 23.30 76.48 -50.77
CA PRO D 383 23.33 77.09 -49.44
C PRO D 383 24.29 78.28 -49.37
N TYR D 384 24.20 78.98 -48.24
CA TYR D 384 25.11 80.09 -47.94
C TYR D 384 26.22 79.61 -47.02
N VAL D 385 27.44 80.09 -47.29
CA VAL D 385 28.62 79.68 -46.56
C VAL D 385 29.24 80.90 -45.89
N ASP D 386 30.21 80.65 -45.01
CA ASP D 386 30.74 81.67 -44.13
C ASP D 386 31.65 82.65 -44.88
N ARG D 387 31.94 83.76 -44.22
CA ARG D 387 32.81 84.79 -44.78
C ARG D 387 34.29 84.41 -44.69
N ASN D 388 34.69 83.68 -43.65
CA ASN D 388 36.11 83.43 -43.43
C ASN D 388 36.72 82.60 -44.56
N SER D 389 35.89 81.91 -45.35
CA SER D 389 36.35 81.29 -46.58
C SER D 389 36.04 82.12 -47.82
N CYS D 390 35.43 83.30 -47.66
CA CYS D 390 35.04 84.09 -48.82
C CYS D 390 36.20 84.89 -49.38
N LYS D 391 37.06 85.43 -48.50
CA LYS D 391 38.17 86.25 -48.96
C LYS D 391 39.16 85.45 -49.81
N LEU D 392 39.44 84.22 -49.40
CA LEU D 392 40.42 83.39 -50.08
C LEU D 392 39.93 82.93 -51.46
N SER D 393 38.66 83.15 -51.77
CA SER D 393 38.09 82.63 -53.02
C SER D 393 38.44 83.49 -54.22
N SER D 394 38.21 84.80 -54.14
CA SER D 394 38.25 85.66 -55.32
C SER D 394 39.62 86.33 -55.47
N SER D 395 39.87 86.83 -56.69
CA SER D 395 41.09 87.53 -57.04
C SER D 395 40.92 89.04 -57.09
N PHE D 396 39.72 89.56 -56.82
CA PHE D 396 39.49 90.98 -56.73
C PHE D 396 39.76 91.45 -55.29
N ILE D 397 39.33 92.67 -54.98
CA ILE D 397 39.31 93.16 -53.61
C ILE D 397 37.89 92.96 -53.09
N ILE D 398 37.73 92.11 -52.08
CA ILE D 398 36.43 91.78 -51.52
C ILE D 398 36.19 92.69 -50.32
N THR D 399 35.09 93.44 -50.37
CA THR D 399 34.74 94.39 -49.33
C THR D 399 33.45 93.94 -48.63
N GLN D 400 32.95 94.80 -47.73
CA GLN D 400 31.77 94.46 -46.93
C GLN D 400 30.52 94.26 -47.77
N ASN D 401 30.53 94.71 -49.03
CA ASN D 401 29.38 94.59 -49.91
C ASN D 401 29.36 93.27 -50.67
N MET D 402 30.30 92.36 -50.40
CA MET D 402 30.39 91.11 -51.13
C MET D 402 30.32 89.93 -50.17
N PHE D 403 29.51 88.94 -50.53
CA PHE D 403 29.40 87.70 -49.77
C PHE D 403 29.45 86.52 -50.74
N CYS D 404 29.69 85.33 -50.18
CA CYS D 404 29.91 84.12 -50.96
C CYS D 404 28.75 83.16 -50.75
N ALA D 405 28.26 82.58 -51.85
CA ALA D 405 27.16 81.63 -51.79
C ALA D 405 27.35 80.59 -52.87
N GLY D 406 27.19 79.32 -52.49
CA GLY D 406 27.36 78.21 -53.39
C GLY D 406 28.16 77.10 -52.75
N TYR D 407 28.76 76.25 -53.58
CA TYR D 407 29.55 75.13 -53.13
C TYR D 407 30.98 75.22 -53.66
N ASP D 408 31.92 74.73 -52.87
CA ASP D 408 33.27 74.47 -53.36
C ASP D 408 33.33 73.17 -54.17
N THR D 409 32.51 72.19 -53.81
CA THR D 409 32.52 70.88 -54.45
C THR D 409 31.46 70.76 -55.53
N LYS D 410 30.20 70.95 -55.18
CA LYS D 410 29.11 70.72 -56.14
C LYS D 410 29.14 71.78 -57.23
N GLN D 411 29.21 71.34 -58.48
CA GLN D 411 29.48 72.20 -59.62
C GLN D 411 28.16 72.60 -60.27
N GLU D 412 27.51 73.59 -59.67
CA GLU D 412 26.28 74.19 -60.21
C GLU D 412 26.35 75.68 -59.87
N ASP D 413 26.88 76.47 -60.80
CA ASP D 413 27.13 77.88 -60.56
C ASP D 413 26.63 78.71 -61.74
N ALA D 414 26.04 79.86 -61.42
CA ALA D 414 25.53 80.76 -62.44
C ALA D 414 26.67 81.52 -63.11
N CYS D 415 26.38 82.06 -64.29
CA CYS D 415 27.43 82.61 -65.15
C CYS D 415 27.09 84.01 -65.68
N GLN D 416 27.88 84.49 -66.64
CA GLN D 416 27.65 85.80 -67.22
C GLN D 416 26.27 85.89 -67.86
N GLY D 417 25.63 87.04 -67.70
CA GLY D 417 24.27 87.26 -68.14
C GLY D 417 23.24 87.12 -67.05
N ASP D 418 23.60 86.50 -65.92
CA ASP D 418 22.71 86.37 -64.77
C ASP D 418 22.74 87.58 -63.85
N SER D 419 23.49 88.62 -64.22
CA SER D 419 23.61 89.80 -63.37
C SER D 419 22.25 90.46 -63.16
N GLY D 420 21.96 90.79 -61.90
CA GLY D 420 20.68 91.35 -61.53
C GLY D 420 19.58 90.33 -61.25
N GLY D 421 19.86 89.04 -61.43
CA GLY D 421 18.87 88.01 -61.29
C GLY D 421 18.36 87.84 -59.87
N PRO D 422 17.18 87.25 -59.72
CA PRO D 422 16.58 87.11 -58.38
C PRO D 422 17.33 86.09 -57.53
N HIS D 423 17.82 86.53 -56.39
CA HIS D 423 18.53 85.70 -55.41
C HIS D 423 17.78 85.84 -54.10
N VAL D 424 16.80 84.97 -53.90
CA VAL D 424 15.87 85.09 -52.78
C VAL D 424 16.12 83.97 -51.78
N THR D 425 15.66 84.18 -50.55
CA THR D 425 15.70 83.17 -49.50
C THR D 425 14.28 82.94 -49.00
N ARG D 426 13.89 81.68 -48.89
CA ARG D 426 12.58 81.32 -48.38
C ARG D 426 12.60 81.44 -46.85
N PHE D 427 11.96 82.48 -46.34
CA PHE D 427 11.90 82.74 -44.90
C PHE D 427 10.84 81.81 -44.29
N LYS D 428 10.41 82.10 -43.06
CA LYS D 428 9.52 81.20 -42.33
C LYS D 428 8.30 80.82 -43.18
N ASP D 429 7.69 81.79 -43.84
CA ASP D 429 6.58 81.49 -44.74
C ASP D 429 6.59 82.31 -46.03
N THR D 430 7.63 83.11 -46.29
CA THR D 430 7.59 84.05 -47.39
C THR D 430 9.00 84.30 -47.91
N TYR D 431 9.10 84.55 -49.22
CA TYR D 431 10.38 84.88 -49.83
C TYR D 431 10.78 86.33 -49.55
N PHE D 432 12.09 86.56 -49.43
CA PHE D 432 12.64 87.90 -49.33
C PHE D 432 13.98 87.91 -50.07
N VAL D 433 14.18 88.92 -50.92
CA VAL D 433 15.36 88.95 -51.79
C VAL D 433 16.61 89.17 -50.96
N THR D 434 17.74 88.60 -51.41
CA THR D 434 19.00 88.70 -50.68
C THR D 434 20.17 89.20 -51.54
N GLY D 435 20.25 88.78 -52.80
CA GLY D 435 21.43 89.05 -53.60
C GLY D 435 21.10 89.51 -55.00
N ILE D 436 22.08 90.17 -55.61
CA ILE D 436 22.00 90.65 -56.99
C ILE D 436 23.32 90.33 -57.68
N VAL D 437 23.26 89.59 -58.77
CA VAL D 437 24.47 89.12 -59.43
C VAL D 437 25.14 90.26 -60.18
N SER D 438 26.47 90.28 -60.13
CA SER D 438 27.26 91.15 -61.00
C SER D 438 28.26 90.37 -61.84
N TRP D 439 29.03 89.47 -61.23
CA TRP D 439 30.16 88.84 -61.90
C TRP D 439 30.46 87.50 -61.26
N GLY D 440 31.55 86.88 -61.71
CA GLY D 440 32.03 85.63 -61.17
C GLY D 440 33.37 85.27 -61.78
N GLU D 441 34.34 84.88 -60.94
CA GLU D 441 35.69 84.57 -61.41
C GLU D 441 35.64 83.25 -62.16
N GLY D 442 35.22 83.33 -63.41
CA GLY D 442 34.84 82.14 -64.15
C GLY D 442 33.47 81.69 -63.70
N CYS D 443 33.13 80.45 -64.08
CA CYS D 443 31.86 79.87 -63.72
C CYS D 443 32.08 78.41 -63.35
N ALA D 444 31.68 78.04 -62.14
CA ALA D 444 31.86 76.69 -61.60
C ALA D 444 33.35 76.31 -61.57
N ARG D 445 34.11 77.04 -60.76
CA ARG D 445 35.50 76.73 -60.50
C ARG D 445 35.65 76.23 -59.06
N LYS D 446 36.55 75.26 -58.87
CA LYS D 446 36.72 74.63 -57.56
C LYS D 446 37.19 75.65 -56.52
N GLY D 447 36.51 75.65 -55.38
CA GLY D 447 36.81 76.57 -54.30
C GLY D 447 36.28 77.97 -54.46
N LYS D 448 35.54 78.24 -55.54
CA LYS D 448 35.03 79.56 -55.84
C LYS D 448 33.55 79.66 -55.54
N TYR D 449 33.06 80.90 -55.50
CA TYR D 449 31.67 81.19 -55.20
C TYR D 449 31.13 82.18 -56.21
N GLY D 450 29.81 82.15 -56.42
CA GLY D 450 29.15 83.17 -57.21
C GLY D 450 28.96 84.44 -56.39
N ILE D 451 29.19 85.58 -57.04
CA ILE D 451 29.16 86.88 -56.37
C ILE D 451 27.78 87.49 -56.53
N TYR D 452 27.19 87.89 -55.41
CA TYR D 452 25.91 88.58 -55.37
C TYR D 452 26.04 89.81 -54.48
N THR D 453 25.46 90.92 -54.90
CA THR D 453 25.49 92.12 -54.09
C THR D 453 24.39 92.08 -53.05
N LYS D 454 24.68 92.59 -51.85
CA LYS D 454 23.76 92.48 -50.72
C LYS D 454 22.54 93.36 -50.95
N VAL D 455 21.36 92.75 -50.97
CA VAL D 455 20.14 93.51 -51.20
C VAL D 455 19.81 94.40 -50.00
N THR D 456 19.98 93.88 -48.78
CA THR D 456 19.69 94.68 -47.59
C THR D 456 20.67 95.84 -47.44
N ALA D 457 21.91 95.67 -47.92
CA ALA D 457 22.83 96.80 -48.02
C ALA D 457 22.42 97.76 -49.12
N PHE D 458 21.44 97.37 -49.95
CA PHE D 458 20.88 98.23 -50.98
C PHE D 458 19.37 98.46 -50.79
N LEU D 459 18.76 97.86 -49.77
CA LEU D 459 17.32 98.06 -49.56
C LEU D 459 17.01 99.50 -49.19
N LYS D 460 17.79 100.11 -48.31
CA LYS D 460 17.64 101.54 -48.07
C LYS D 460 17.94 102.33 -49.34
N TRP D 461 18.83 101.82 -50.18
CA TRP D 461 19.00 102.38 -51.52
C TRP D 461 17.74 102.17 -52.36
N ILE D 462 17.16 100.97 -52.30
CA ILE D 462 15.98 100.66 -53.12
C ILE D 462 14.80 101.51 -52.68
N ASP D 463 14.56 101.60 -51.36
CA ASP D 463 13.42 102.35 -50.86
C ASP D 463 13.57 103.85 -51.14
N ARG D 464 14.81 104.34 -51.26
CA ARG D 464 15.01 105.73 -51.66
C ARG D 464 14.55 105.97 -53.10
N SER D 465 14.51 104.91 -53.91
CA SER D 465 14.23 105.07 -55.34
C SER D 465 12.77 105.42 -55.61
N MET D 466 11.88 105.15 -54.66
CA MET D 466 10.45 105.30 -54.93
C MET D 466 9.90 106.64 -54.43
N LYS D 467 10.53 107.25 -53.43
CA LYS D 467 10.02 108.49 -52.86
C LYS D 467 10.74 109.73 -53.37
N THR D 468 11.51 109.61 -54.44
CA THR D 468 12.13 110.78 -55.09
C THR D 468 11.45 111.10 -56.42
N ARG D 469 11.22 110.09 -57.25
CA ARG D 469 10.53 110.23 -58.53
C ARG D 469 9.43 109.18 -58.67
N GLY D 470 8.60 109.04 -57.65
CA GLY D 470 7.53 108.06 -57.66
C GLY D 470 6.24 108.57 -58.25
CA CA E . 6.50 40.60 -11.21
CA CA F . 3.94 38.01 -7.94
CA CA G . 0.20 40.56 -4.80
CA CA H . 1.71 41.49 -3.72
CA CA I . -0.15 40.54 2.36
CA CA J . 2.24 41.64 6.57
CA CA K . -3.60 51.16 7.51
#